data_9EFI
#
_entry.id   9EFI
#
_cell.length_a   1.00
_cell.length_b   1.00
_cell.length_c   1.00
_cell.angle_alpha   90.00
_cell.angle_beta   90.00
_cell.angle_gamma   90.00
#
_symmetry.space_group_name_H-M   'P 1'
#
_entity_poly.entity_id   1
_entity_poly.type   'polypeptide(L)'
_entity_poly.pdbx_seq_one_letter_code
;MHHHHHHHHHHGTETVRFQSKQNNNFSVRALPSFIDVFNGIYGFATGIQDIFNMIFGTDTGDLTLEEVLKNQELLYDISG
KLEGISGDLSEIIAQGNLNTELAKELLKIANEQNNVLTDVNNKLNAINSMLHIYLPKITNMLSDVMKQNYALSLQIEYLS
KQLQEISDKLDVINLNVLINCTCTEITPAYQRIKYVNEKFDELTLATEKTLRAKQGSEDIIANDTLENLTELTELAKSVT
KNDMDSFEFYLHTFHDVLIGNNLFGRSALKTAAELITKDEIKTSGSEIGKVYSFLIVLTCLQAKAFLTLTACRKLLGLSD
IDYTNILNQHLNDEKNVFRDNILPTLSNKFSNPNYVKTIGSDNYAKVILEAEPGYALVGFEIINDRIPVLKAYKAKLKQN
YQVDHQSLSEIVYLDIDKLFCPKNSEQKYYTKSLTFPDGYVITKITFEKKLNNLRYEATANFYDPSTGDIDLNEKQVEST
FLQADYISINVSDDDGVYMPLGVISETFLSPINSFELEVDEKSKILTLTCKSYLREYLLESDLINKETSLIAPPNVFISN
IVENWNIEADNLEPWVANNKNAYVDSTGGIEGSKALFTQGDGEFSQFIGDKLKPNTDYIIQYTVKGKPAIYLKNKNTGYT
MYEDTNGSSEEFQTIAVNYTSETDPSQTHLVFKSQSGYEAWGDNFIILECKAFETPEGPELIKFDDWISFGTTYIRDDVL
TIDPSRGGYFRQSLKLDSYSTYNLSFSFSGLWAKVIIKNSHGVVLFEKVSQQSSYVDISESFTTTSNKEGFFIELTGDSR
GGFGSFRDFSMKEKFE
;
_entity_poly.pdbx_strand_id   A,B,C,D
#
# COMPACT_ATOMS: atom_id res chain seq x y z
N SER A 33 -4.55 32.43 -30.69
CA SER A 33 -4.95 33.71 -30.13
C SER A 33 -4.16 34.02 -28.86
N PHE A 34 -3.15 33.18 -28.59
CA PHE A 34 -2.23 33.29 -27.46
C PHE A 34 -2.91 33.01 -26.12
N ILE A 35 -4.21 32.75 -26.09
CA ILE A 35 -4.95 32.53 -24.86
C ILE A 35 -5.50 31.11 -24.89
N ASP A 36 -5.16 30.33 -23.87
CA ASP A 36 -5.66 28.95 -23.75
C ASP A 36 -6.79 28.95 -22.72
N VAL A 37 -7.99 29.30 -23.19
CA VAL A 37 -9.16 29.36 -22.33
C VAL A 37 -9.65 27.94 -22.05
N PHE A 38 -9.88 27.64 -20.78
CA PHE A 38 -10.35 26.34 -20.34
C PHE A 38 -11.82 26.44 -19.96
N ASN A 39 -12.64 25.59 -20.57
CA ASN A 39 -14.09 25.67 -20.44
C ASN A 39 -14.63 24.90 -19.23
N GLY A 40 -13.76 24.29 -18.43
CA GLY A 40 -14.18 23.65 -17.20
C GLY A 40 -14.62 22.21 -17.39
N ILE A 41 -14.85 21.56 -16.24
CA ILE A 41 -15.36 20.19 -16.25
C ILE A 41 -16.72 20.14 -16.91
N TYR A 42 -17.57 21.14 -16.64
CA TYR A 42 -18.87 21.21 -17.30
C TYR A 42 -18.73 21.34 -18.80
N GLY A 43 -17.79 22.17 -19.26
CA GLY A 43 -17.56 22.29 -20.69
C GLY A 43 -17.07 21.00 -21.31
N PHE A 44 -16.17 20.29 -20.62
CA PHE A 44 -15.69 19.01 -21.13
C PHE A 44 -16.82 18.00 -21.21
N ALA A 45 -17.68 17.95 -20.20
CA ALA A 45 -18.82 17.04 -20.22
C ALA A 45 -19.78 17.40 -21.34
N THR A 46 -20.01 18.69 -21.57
CA THR A 46 -20.87 19.11 -22.67
C THR A 46 -20.29 18.70 -24.02
N GLY A 47 -18.97 18.84 -24.19
CA GLY A 47 -18.34 18.37 -25.41
C GLY A 47 -18.48 16.88 -25.59
N ILE A 48 -18.32 16.12 -24.51
CA ILE A 48 -18.48 14.67 -24.58
C ILE A 48 -19.91 14.31 -24.97
N GLN A 49 -20.89 15.04 -24.42
CA GLN A 49 -22.29 14.81 -24.79
C GLN A 49 -22.53 15.13 -26.26
N ASP A 50 -21.89 16.20 -26.77
CA ASP A 50 -22.01 16.51 -28.18
C ASP A 50 -21.44 15.40 -29.05
N ILE A 51 -20.29 14.85 -28.65
CA ILE A 51 -19.73 13.73 -29.40
C ILE A 51 -20.62 12.51 -29.31
N PHE A 52 -21.27 12.30 -28.16
CA PHE A 52 -22.24 11.21 -28.03
C PHE A 52 -23.38 11.37 -29.02
N ASN A 53 -23.92 12.59 -29.11
CA ASN A 53 -25.02 12.84 -30.04
C ASN A 53 -24.57 12.66 -31.48
N MET A 54 -23.34 13.06 -31.79
CA MET A 54 -22.80 12.83 -33.13
C MET A 54 -22.67 11.35 -33.42
N ILE A 55 -22.24 10.56 -32.44
CA ILE A 55 -22.10 9.11 -32.62
C ILE A 55 -23.46 8.48 -32.86
N PHE A 56 -24.45 8.85 -32.05
CA PHE A 56 -25.78 8.27 -32.18
C PHE A 56 -26.47 8.66 -33.48
N GLY A 57 -25.97 9.69 -34.18
CA GLY A 57 -26.56 10.08 -35.44
C GLY A 57 -26.28 9.13 -36.57
N THR A 58 -25.21 8.33 -36.48
CA THR A 58 -24.86 7.39 -37.53
C THR A 58 -25.68 6.12 -37.34
N ASP A 59 -26.55 5.83 -38.30
CA ASP A 59 -27.41 4.65 -38.25
C ASP A 59 -26.69 3.48 -38.89
N THR A 60 -26.34 2.47 -38.09
CA THR A 60 -25.64 1.29 -38.58
C THR A 60 -26.58 0.18 -38.98
N GLY A 61 -27.89 0.34 -38.80
CA GLY A 61 -28.84 -0.70 -39.14
C GLY A 61 -29.44 -1.35 -37.91
N ASP A 62 -29.86 -2.61 -38.05
CA ASP A 62 -30.45 -3.35 -36.95
C ASP A 62 -29.71 -4.63 -36.61
N LEU A 63 -28.58 -4.90 -37.27
CA LEU A 63 -27.82 -6.13 -37.06
C LEU A 63 -26.43 -5.79 -36.54
N THR A 64 -26.00 -6.54 -35.54
CA THR A 64 -24.64 -6.40 -35.02
C THR A 64 -23.63 -6.81 -36.09
N LEU A 65 -22.46 -6.14 -36.08
CA LEU A 65 -21.43 -6.45 -37.05
C LEU A 65 -21.02 -7.92 -36.98
N GLU A 66 -20.93 -8.47 -35.76
CA GLU A 66 -20.63 -9.89 -35.61
C GLU A 66 -21.73 -10.74 -36.22
N GLU A 67 -22.99 -10.35 -36.01
CA GLU A 67 -24.10 -11.08 -36.63
C GLU A 67 -24.04 -10.99 -38.14
N VAL A 68 -23.69 -9.81 -38.67
CA VAL A 68 -23.56 -9.66 -40.11
C VAL A 68 -22.48 -10.57 -40.67
N LEU A 69 -21.32 -10.63 -39.99
CA LEU A 69 -20.24 -11.50 -40.45
C LEU A 69 -20.64 -12.97 -40.36
N LYS A 70 -21.34 -13.36 -39.29
CA LYS A 70 -21.78 -14.74 -39.17
C LYS A 70 -22.77 -15.12 -40.28
N ASN A 71 -23.72 -14.23 -40.57
CA ASN A 71 -24.64 -14.47 -41.67
C ASN A 71 -23.89 -14.54 -42.99
N GLN A 72 -22.89 -13.68 -43.18
CA GLN A 72 -22.12 -13.69 -44.42
C GLN A 72 -21.38 -15.01 -44.60
N GLU A 73 -20.74 -15.51 -43.54
CA GLU A 73 -19.99 -16.75 -43.67
C GLU A 73 -20.93 -17.94 -43.86
N LEU A 74 -22.07 -17.95 -43.17
CA LEU A 74 -23.03 -19.03 -43.35
C LEU A 74 -23.55 -19.05 -44.78
N LEU A 75 -23.96 -17.89 -45.30
CA LEU A 75 -24.45 -17.82 -46.67
C LEU A 75 -23.35 -18.15 -47.67
N TYR A 76 -22.11 -17.77 -47.38
CA TYR A 76 -21.00 -18.09 -48.28
C TYR A 76 -20.79 -19.60 -48.36
N ASP A 77 -20.81 -20.28 -47.21
CA ASP A 77 -20.65 -21.73 -47.22
C ASP A 77 -21.80 -22.41 -47.95
N ILE A 78 -23.03 -21.97 -47.68
CA ILE A 78 -24.19 -22.57 -48.34
C ILE A 78 -24.13 -22.33 -49.83
N SER A 79 -23.77 -21.12 -50.25
CA SER A 79 -23.68 -20.79 -51.67
C SER A 79 -22.59 -21.60 -52.35
N GLY A 80 -21.44 -21.77 -51.69
CA GLY A 80 -20.39 -22.59 -52.28
C GLY A 80 -20.83 -24.03 -52.48
N LYS A 81 -21.46 -24.62 -51.46
CA LYS A 81 -21.93 -25.99 -51.59
C LYS A 81 -22.99 -26.12 -52.69
N LEU A 82 -23.93 -25.18 -52.74
CA LEU A 82 -24.97 -25.24 -53.76
C LEU A 82 -24.40 -25.01 -55.15
N GLU A 83 -23.39 -24.15 -55.28
CA GLU A 83 -22.72 -23.97 -56.57
C GLU A 83 -22.05 -25.25 -57.01
N GLY A 84 -21.38 -25.94 -56.08
CA GLY A 84 -20.78 -27.22 -56.43
C GLY A 84 -21.81 -28.24 -56.89
N ILE A 85 -22.93 -28.33 -56.17
CA ILE A 85 -23.96 -29.30 -56.55
C ILE A 85 -24.56 -28.94 -57.90
N SER A 86 -24.83 -27.67 -58.12
CA SER A 86 -25.40 -27.24 -59.40
C SER A 86 -24.43 -27.49 -60.55
N GLY A 87 -23.13 -27.26 -60.33
CA GLY A 87 -22.15 -27.55 -61.35
C GLY A 87 -22.09 -29.03 -61.68
N ASP A 88 -22.13 -29.88 -60.66
CA ASP A 88 -22.15 -31.32 -60.90
C ASP A 88 -23.39 -31.73 -61.68
N LEU A 89 -24.55 -31.19 -61.29
CA LEU A 89 -25.79 -31.53 -61.99
C LEU A 89 -25.76 -31.06 -63.43
N SER A 90 -25.24 -29.86 -63.68
CA SER A 90 -25.14 -29.36 -65.05
C SER A 90 -24.18 -30.19 -65.88
N GLU A 91 -23.05 -30.61 -65.30
CA GLU A 91 -22.08 -31.38 -66.07
C GLU A 91 -22.53 -32.82 -66.28
N ILE A 92 -23.45 -33.34 -65.44
CA ILE A 92 -23.99 -34.68 -65.69
C ILE A 92 -25.27 -34.65 -66.51
N ILE A 93 -25.90 -33.48 -66.67
CA ILE A 93 -27.12 -33.40 -67.46
C ILE A 93 -26.86 -33.06 -68.93
N ALA A 94 -25.69 -32.49 -69.25
CA ALA A 94 -25.36 -32.10 -70.61
C ALA A 94 -24.41 -33.08 -71.28
N GLN A 95 -24.25 -34.29 -70.72
CA GLN A 95 -23.34 -35.29 -71.25
C GLN A 95 -24.06 -36.48 -71.87
N GLY A 96 -24.95 -37.12 -71.13
CA GLY A 96 -25.66 -38.27 -71.63
C GLY A 96 -26.87 -37.90 -72.48
N ASN A 97 -27.50 -38.93 -73.03
CA ASN A 97 -28.71 -38.72 -73.83
C ASN A 97 -29.85 -38.20 -72.96
N LEU A 98 -30.00 -38.76 -71.75
CA LEU A 98 -31.00 -38.36 -70.77
C LEU A 98 -32.44 -38.56 -71.25
N ASN A 99 -32.64 -39.31 -72.34
CA ASN A 99 -33.97 -39.58 -72.87
C ASN A 99 -34.76 -38.29 -73.10
N THR A 100 -36.07 -38.34 -72.91
CA THR A 100 -36.93 -37.17 -73.08
C THR A 100 -37.58 -36.76 -71.77
N GLU A 101 -38.32 -37.65 -71.10
CA GLU A 101 -38.93 -37.29 -69.83
C GLU A 101 -37.87 -37.12 -68.74
N LEU A 102 -36.85 -37.99 -68.72
CA LEU A 102 -35.80 -37.86 -67.74
C LEU A 102 -35.04 -36.56 -67.90
N ALA A 103 -34.77 -36.16 -69.16
CA ALA A 103 -34.09 -34.89 -69.40
C ALA A 103 -34.93 -33.72 -68.92
N LYS A 104 -36.24 -33.75 -69.17
CA LYS A 104 -37.11 -32.67 -68.70
C LYS A 104 -37.14 -32.61 -67.17
N GLU A 105 -37.22 -33.76 -66.52
CA GLU A 105 -37.24 -33.77 -65.05
C GLU A 105 -35.93 -33.25 -64.48
N LEU A 106 -34.80 -33.67 -65.04
CA LEU A 106 -33.51 -33.16 -64.58
C LEU A 106 -33.38 -31.67 -64.84
N LEU A 107 -33.89 -31.19 -65.96
CA LEU A 107 -33.86 -29.75 -66.24
C LEU A 107 -34.70 -28.99 -65.22
N LYS A 108 -35.87 -29.52 -64.88
CA LYS A 108 -36.70 -28.85 -63.87
C LYS A 108 -36.02 -28.83 -62.51
N ILE A 109 -35.40 -29.96 -62.12
CA ILE A 109 -34.70 -30.01 -60.85
C ILE A 109 -33.53 -29.03 -60.84
N ALA A 110 -32.80 -28.95 -61.95
CA ALA A 110 -31.69 -27.99 -62.05
C ALA A 110 -32.20 -26.57 -61.97
N ASN A 111 -33.34 -26.28 -62.60
CA ASN A 111 -33.92 -24.94 -62.52
C ASN A 111 -34.29 -24.58 -61.09
N GLU A 112 -34.91 -25.52 -60.36
CA GLU A 112 -35.25 -25.26 -58.97
C GLU A 112 -34.01 -25.04 -58.12
N GLN A 113 -32.99 -25.87 -58.33
CA GLN A 113 -31.75 -25.73 -57.55
C GLN A 113 -31.05 -24.41 -57.86
N ASN A 114 -31.07 -24.00 -59.14
CA ASN A 114 -30.48 -22.71 -59.50
C ASN A 114 -31.30 -21.56 -58.95
N ASN A 115 -32.62 -21.70 -58.84
CA ASN A 115 -33.42 -20.67 -58.18
C ASN A 115 -33.04 -20.54 -56.72
N VAL A 116 -32.86 -21.66 -56.04
CA VAL A 116 -32.42 -21.62 -54.63
C VAL A 116 -31.05 -20.98 -54.53
N LEU A 117 -30.14 -21.35 -55.43
CA LEU A 117 -28.80 -20.79 -55.42
C LEU A 117 -28.81 -19.29 -55.67
N THR A 118 -29.67 -18.84 -56.59
CA THR A 118 -29.77 -17.41 -56.87
C THR A 118 -30.37 -16.66 -55.69
N ASP A 119 -31.32 -17.27 -54.98
CA ASP A 119 -31.84 -16.64 -53.76
C ASP A 119 -30.73 -16.50 -52.71
N VAL A 120 -29.94 -17.55 -52.54
CA VAL A 120 -28.84 -17.50 -51.57
C VAL A 120 -27.82 -16.43 -51.99
N ASN A 121 -27.50 -16.36 -53.27
CA ASN A 121 -26.55 -15.36 -53.76
C ASN A 121 -27.11 -13.95 -53.62
N ASN A 122 -28.42 -13.76 -53.82
CA ASN A 122 -29.02 -12.46 -53.62
C ASN A 122 -28.93 -12.04 -52.16
N LYS A 123 -29.20 -12.97 -51.24
CA LYS A 123 -29.04 -12.67 -49.82
C LYS A 123 -27.59 -12.32 -49.49
N LEU A 124 -26.64 -13.07 -50.05
CA LEU A 124 -25.23 -12.80 -49.81
C LEU A 124 -24.83 -11.45 -50.36
N ASN A 125 -25.33 -11.08 -51.54
CA ASN A 125 -25.01 -9.79 -52.13
C ASN A 125 -25.64 -8.66 -51.33
N ALA A 126 -26.84 -8.87 -50.80
CA ALA A 126 -27.44 -7.88 -49.91
C ALA A 126 -26.59 -7.68 -48.66
N ILE A 127 -26.10 -8.77 -48.08
CA ILE A 127 -25.22 -8.67 -46.92
C ILE A 127 -23.95 -7.92 -47.28
N ASN A 128 -23.37 -8.23 -48.45
CA ASN A 128 -22.14 -7.56 -48.87
C ASN A 128 -22.36 -6.07 -49.09
N SER A 129 -23.48 -5.70 -49.71
CA SER A 129 -23.78 -4.28 -49.92
C SER A 129 -24.02 -3.57 -48.60
N MET A 130 -24.72 -4.21 -47.67
CA MET A 130 -24.92 -3.63 -46.35
C MET A 130 -23.59 -3.41 -45.64
N LEU A 131 -22.68 -4.38 -45.73
CA LEU A 131 -21.36 -4.22 -45.13
C LEU A 131 -20.58 -3.10 -45.81
N HIS A 132 -20.66 -3.03 -47.15
CA HIS A 132 -19.91 -2.05 -47.92
C HIS A 132 -20.43 -0.63 -47.72
N ILE A 133 -21.68 -0.47 -47.29
CA ILE A 133 -22.16 0.86 -46.92
C ILE A 133 -22.01 1.12 -45.42
N TYR A 134 -21.93 0.07 -44.60
CA TYR A 134 -21.75 0.23 -43.16
C TYR A 134 -20.33 0.62 -42.80
N LEU A 135 -19.34 0.03 -43.46
CA LEU A 135 -17.94 0.31 -43.11
C LEU A 135 -17.55 1.78 -43.33
N PRO A 136 -17.84 2.42 -44.45
CA PRO A 136 -17.43 3.83 -44.60
C PRO A 136 -18.05 4.75 -43.57
N LYS A 137 -19.32 4.51 -43.20
CA LYS A 137 -19.94 5.32 -42.15
C LYS A 137 -19.22 5.14 -40.83
N ILE A 138 -18.82 3.90 -40.51
CA ILE A 138 -18.09 3.65 -39.27
C ILE A 138 -16.73 4.36 -39.29
N THR A 139 -16.04 4.30 -40.43
CA THR A 139 -14.74 4.96 -40.51
C THR A 139 -14.87 6.47 -40.38
N ASN A 140 -15.89 7.06 -41.02
CA ASN A 140 -16.12 8.49 -40.90
C ASN A 140 -16.45 8.87 -39.45
N MET A 141 -17.29 8.07 -38.79
CA MET A 141 -17.62 8.33 -37.40
C MET A 141 -16.38 8.25 -36.52
N LEU A 142 -15.51 7.26 -36.76
CA LEU A 142 -14.29 7.13 -35.98
C LEU A 142 -13.37 8.33 -36.20
N SER A 143 -13.26 8.79 -37.45
CA SER A 143 -12.42 9.96 -37.72
C SER A 143 -12.98 11.19 -37.02
N ASP A 144 -14.30 11.40 -37.07
CA ASP A 144 -14.90 12.55 -36.39
C ASP A 144 -14.71 12.46 -34.88
N VAL A 145 -14.86 11.26 -34.32
CA VAL A 145 -14.67 11.07 -32.89
C VAL A 145 -13.23 11.39 -32.51
N MET A 146 -12.27 10.93 -33.30
CA MET A 146 -10.87 11.23 -32.99
C MET A 146 -10.59 12.72 -33.07
N LYS A 147 -11.12 13.39 -34.10
CA LYS A 147 -10.89 14.83 -34.24
C LYS A 147 -11.48 15.59 -33.06
N GLN A 148 -12.72 15.30 -32.69
CA GLN A 148 -13.35 16.02 -31.59
C GLN A 148 -12.73 15.67 -30.25
N ASN A 149 -12.29 14.42 -30.07
CA ASN A 149 -11.60 14.05 -28.85
C ASN A 149 -10.26 14.76 -28.73
N TYR A 150 -9.53 14.89 -29.82
CA TYR A 150 -8.29 15.67 -29.80
C TYR A 150 -8.56 17.13 -29.48
N ALA A 151 -9.63 17.69 -30.07
CA ALA A 151 -9.99 19.07 -29.78
C ALA A 151 -10.30 19.27 -28.31
N LEU A 152 -11.04 18.34 -27.71
CA LEU A 152 -11.35 18.45 -26.28
C LEU A 152 -10.10 18.24 -25.42
N SER A 153 -9.25 17.29 -25.80
CA SER A 153 -8.06 17.00 -25.01
C SER A 153 -7.02 18.11 -25.10
N LEU A 154 -7.09 18.96 -26.13
CA LEU A 154 -6.18 20.10 -26.19
C LEU A 154 -6.35 21.02 -24.99
N GLN A 155 -7.53 21.02 -24.37
CA GLN A 155 -7.77 21.90 -23.23
C GLN A 155 -6.99 21.46 -22.00
N ILE A 156 -6.82 20.15 -21.81
CA ILE A 156 -6.30 19.63 -20.55
C ILE A 156 -4.79 19.43 -20.62
N GLU A 157 -4.16 19.86 -21.71
CA GLU A 157 -2.71 19.76 -21.81
C GLU A 157 -2.02 20.60 -20.74
N TYR A 158 -2.51 21.82 -20.52
CA TYR A 158 -1.93 22.67 -19.48
C TYR A 158 -2.11 22.06 -18.10
N LEU A 159 -3.27 21.46 -17.84
CA LEU A 159 -3.52 20.84 -16.54
C LEU A 159 -2.66 19.61 -16.35
N SER A 160 -2.43 18.84 -17.41
CA SER A 160 -1.51 17.71 -17.33
C SER A 160 -0.09 18.19 -17.04
N LYS A 161 0.32 19.28 -17.68
CA LYS A 161 1.64 19.86 -17.39
C LYS A 161 1.73 20.30 -15.93
N GLN A 162 0.69 20.94 -15.42
CA GLN A 162 0.70 21.38 -14.03
C GLN A 162 0.78 20.19 -13.08
N LEU A 163 0.01 19.13 -13.35
CA LEU A 163 0.06 17.94 -12.51
C LEU A 163 1.44 17.28 -12.57
N GLN A 164 2.06 17.26 -13.75
CA GLN A 164 3.40 16.71 -13.86
C GLN A 164 4.41 17.54 -13.06
N GLU A 165 4.29 18.86 -13.11
CA GLU A 165 5.17 19.71 -12.32
C GLU A 165 4.97 19.48 -10.82
N ILE A 166 3.72 19.34 -10.39
CA ILE A 166 3.44 19.06 -8.99
C ILE A 166 4.06 17.73 -8.58
N SER A 167 3.92 16.71 -9.43
CA SER A 167 4.51 15.41 -9.13
C SER A 167 6.02 15.48 -9.04
N ASP A 168 6.67 16.21 -9.97
CA ASP A 168 8.12 16.35 -9.93
C ASP A 168 8.56 17.08 -8.66
N LYS A 169 7.84 18.13 -8.29
CA LYS A 169 8.18 18.91 -7.10
C LYS A 169 7.71 18.23 -5.81
N LEU A 170 6.94 17.15 -5.91
CA LEU A 170 6.43 16.49 -4.72
C LEU A 170 7.57 15.84 -3.93
N ASP A 171 7.55 16.01 -2.61
CA ASP A 171 8.57 15.46 -1.74
C ASP A 171 8.18 14.03 -1.35
N VAL A 172 8.36 13.13 -2.31
CA VAL A 172 7.90 11.75 -2.17
C VAL A 172 8.74 10.92 -1.22
N ILE A 173 9.93 11.39 -0.84
CA ILE A 173 10.81 10.59 0.00
C ILE A 173 10.19 10.37 1.38
N ASN A 174 9.43 11.35 1.88
CA ASN A 174 8.77 11.22 3.17
C ASN A 174 7.25 11.17 3.07
N LEU A 175 6.70 11.35 1.87
CA LEU A 175 5.26 11.30 1.66
C LEU A 175 4.80 9.96 1.06
N ASN A 176 5.65 8.94 1.09
CA ASN A 176 5.27 7.64 0.57
C ASN A 176 4.10 7.03 1.33
N VAL A 177 3.87 7.44 2.58
CA VAL A 177 2.74 6.92 3.34
C VAL A 177 1.43 7.34 2.70
N LEU A 178 1.30 8.62 2.35
CA LEU A 178 0.07 9.10 1.73
C LEU A 178 -0.02 8.67 0.26
N ILE A 179 1.11 8.73 -0.46
CA ILE A 179 1.07 8.40 -1.89
C ILE A 179 0.79 6.92 -2.12
N ASN A 180 1.00 6.08 -1.11
CA ASN A 180 0.60 4.68 -1.17
C ASN A 180 -0.80 4.45 -0.59
N CYS A 181 -1.46 5.51 -0.13
CA CYS A 181 -2.85 5.43 0.29
C CYS A 181 -3.83 5.90 -0.77
N THR A 182 -3.42 6.84 -1.63
CA THR A 182 -4.28 7.29 -2.72
C THR A 182 -4.16 6.35 -3.93
N CYS A 183 -2.92 6.07 -4.34
CA CYS A 183 -2.68 5.24 -5.52
C CYS A 183 -2.43 3.80 -5.08
N THR A 184 -3.43 3.23 -4.41
CA THR A 184 -3.39 1.82 -4.05
C THR A 184 -4.69 1.14 -4.44
N GLU A 185 -5.78 1.91 -4.49
CA GLU A 185 -7.06 1.42 -4.95
C GLU A 185 -7.46 1.99 -6.30
N ILE A 186 -7.06 3.22 -6.61
CA ILE A 186 -7.37 3.81 -7.90
C ILE A 186 -6.41 3.35 -8.98
N THR A 187 -5.27 2.75 -8.62
CA THR A 187 -4.25 2.39 -9.60
C THR A 187 -4.74 1.38 -10.63
N PRO A 188 -5.40 0.27 -10.27
CA PRO A 188 -5.84 -0.66 -11.32
C PRO A 188 -6.82 -0.05 -12.30
N ALA A 189 -7.86 0.63 -11.80
CA ALA A 189 -8.84 1.25 -12.68
C ALA A 189 -8.18 2.33 -13.54
N TYR A 190 -7.30 3.12 -12.94
CA TYR A 190 -6.59 4.16 -13.69
C TYR A 190 -5.77 3.56 -14.82
N GLN A 191 -5.04 2.48 -14.53
CA GLN A 191 -4.22 1.84 -15.55
C GLN A 191 -5.09 1.27 -16.67
N ARG A 192 -6.19 0.60 -16.32
CA ARG A 192 -7.06 0.04 -17.34
C ARG A 192 -7.65 1.14 -18.23
N ILE A 193 -8.12 2.22 -17.61
CA ILE A 193 -8.74 3.30 -18.38
C ILE A 193 -7.72 3.96 -19.29
N LYS A 194 -6.52 4.25 -18.76
CA LYS A 194 -5.49 4.88 -19.58
C LYS A 194 -5.08 3.98 -20.73
N TYR A 195 -4.91 2.68 -20.47
CA TYR A 195 -4.55 1.76 -21.54
C TYR A 195 -5.62 1.71 -22.62
N VAL A 196 -6.89 1.63 -22.21
CA VAL A 196 -7.97 1.55 -23.19
C VAL A 196 -8.02 2.82 -24.03
N ASN A 197 -7.92 3.99 -23.38
CA ASN A 197 -8.00 5.25 -24.11
C ASN A 197 -6.84 5.39 -25.08
N GLU A 198 -5.61 5.10 -24.63
CA GLU A 198 -4.46 5.24 -25.50
C GLU A 198 -4.51 4.26 -26.67
N LYS A 199 -4.91 3.01 -26.40
CA LYS A 199 -5.01 2.03 -27.48
C LYS A 199 -6.09 2.42 -28.48
N PHE A 200 -7.23 2.93 -28.00
CA PHE A 200 -8.28 3.36 -28.91
C PHE A 200 -7.81 4.51 -29.78
N ASP A 201 -7.13 5.49 -29.18
CA ASP A 201 -6.61 6.61 -29.98
C ASP A 201 -5.60 6.14 -31.01
N GLU A 202 -4.69 5.25 -30.60
CA GLU A 202 -3.67 4.75 -31.53
C GLU A 202 -4.30 3.98 -32.68
N LEU A 203 -5.26 3.11 -32.38
CA LEU A 203 -5.90 2.32 -33.42
C LEU A 203 -6.73 3.20 -34.35
N THR A 204 -7.43 4.19 -33.81
CA THR A 204 -8.19 5.10 -34.66
C THR A 204 -7.26 5.90 -35.57
N LEU A 205 -6.14 6.36 -35.05
CA LEU A 205 -5.17 7.07 -35.89
C LEU A 205 -4.62 6.16 -36.98
N ALA A 206 -4.31 4.90 -36.64
CA ALA A 206 -3.80 3.97 -37.64
C ALA A 206 -4.83 3.71 -38.72
N THR A 207 -6.09 3.52 -38.34
CA THR A 207 -7.14 3.30 -39.33
C THR A 207 -7.34 4.53 -40.21
N GLU A 208 -7.28 5.71 -39.62
CA GLU A 208 -7.42 6.94 -40.41
C GLU A 208 -6.28 7.07 -41.40
N LYS A 209 -5.04 6.79 -40.97
CA LYS A 209 -3.91 6.86 -41.87
C LYS A 209 -4.02 5.84 -43.00
N THR A 210 -4.47 4.62 -42.67
CA THR A 210 -4.63 3.60 -43.69
C THR A 210 -5.70 4.00 -44.71
N LEU A 211 -6.82 4.54 -44.23
CA LEU A 211 -7.89 4.96 -45.14
C LEU A 211 -7.43 6.12 -46.02
N ARG A 212 -6.70 7.08 -45.45
CA ARG A 212 -6.19 8.19 -46.27
C ARG A 212 -5.18 7.70 -47.29
N ALA A 213 -4.32 6.78 -46.90
CA ALA A 213 -3.32 6.23 -47.82
C ALA A 213 -3.92 5.14 -48.70
N ILE A 221 -13.21 -3.88 -51.37
CA ILE A 221 -13.07 -2.73 -50.48
C ILE A 221 -13.46 -3.11 -49.07
N ALA A 222 -14.57 -3.83 -48.94
CA ALA A 222 -15.05 -4.23 -47.61
C ALA A 222 -14.08 -5.17 -46.92
N ASN A 223 -13.52 -6.13 -47.65
CA ASN A 223 -12.62 -7.11 -47.05
C ASN A 223 -11.35 -6.44 -46.53
N ASP A 224 -10.76 -5.54 -47.31
CA ASP A 224 -9.57 -4.83 -46.86
C ASP A 224 -9.89 -3.92 -45.68
N THR A 225 -11.08 -3.30 -45.69
CA THR A 225 -11.48 -2.47 -44.56
C THR A 225 -11.60 -3.31 -43.29
N LEU A 226 -12.17 -4.51 -43.40
CA LEU A 226 -12.23 -5.39 -42.24
C LEU A 226 -10.84 -5.82 -41.79
N GLU A 227 -9.95 -6.11 -42.74
CA GLU A 227 -8.59 -6.47 -42.38
C GLU A 227 -7.86 -5.33 -41.68
N ASN A 228 -8.20 -4.09 -42.03
CA ASN A 228 -7.61 -2.94 -41.36
C ASN A 228 -8.22 -2.71 -39.98
N LEU A 229 -9.51 -2.95 -39.83
CA LEU A 229 -10.24 -2.65 -38.61
C LEU A 229 -10.37 -3.85 -37.67
N THR A 230 -9.72 -4.97 -37.98
CA THR A 230 -9.84 -6.15 -37.11
C THR A 230 -9.33 -5.87 -35.71
N GLU A 231 -8.19 -5.18 -35.59
CA GLU A 231 -7.64 -4.90 -34.26
C GLU A 231 -8.55 -3.96 -33.48
N LEU A 232 -9.10 -2.94 -34.15
CA LEU A 232 -10.01 -2.02 -33.48
C LEU A 232 -11.28 -2.74 -33.04
N THR A 233 -11.78 -3.66 -33.87
CA THR A 233 -12.97 -4.41 -33.49
C THR A 233 -12.69 -5.35 -32.32
N GLU A 234 -11.48 -5.93 -32.29
CA GLU A 234 -11.11 -6.75 -31.13
C GLU A 234 -11.05 -5.92 -29.86
N LEU A 235 -10.48 -4.71 -29.95
CA LEU A 235 -10.48 -3.81 -28.80
C LEU A 235 -11.89 -3.45 -28.38
N ALA A 236 -12.77 -3.19 -29.34
CA ALA A 236 -14.16 -2.86 -29.02
C ALA A 236 -14.85 -4.03 -28.33
N LYS A 237 -14.61 -5.25 -28.81
CA LYS A 237 -15.18 -6.43 -28.14
C LYS A 237 -14.65 -6.57 -26.73
N SER A 238 -13.35 -6.31 -26.54
CA SER A 238 -12.78 -6.44 -25.20
C SER A 238 -13.36 -5.40 -24.24
N VAL A 239 -13.56 -4.17 -24.71
CA VAL A 239 -14.01 -3.12 -23.80
C VAL A 239 -15.53 -3.15 -23.60
N THR A 240 -16.28 -3.64 -24.59
CA THR A 240 -17.74 -3.67 -24.51
C THR A 240 -18.28 -5.02 -24.06
N LYS A 241 -17.41 -5.97 -23.73
CA LYS A 241 -17.86 -7.27 -23.26
C LYS A 241 -18.55 -7.11 -21.91
N ASN A 242 -19.87 -7.34 -21.90
CA ASN A 242 -20.67 -7.20 -20.70
C ASN A 242 -20.40 -8.40 -19.80
N ASP A 243 -19.27 -8.32 -19.09
CA ASP A 243 -18.81 -9.43 -18.26
C ASP A 243 -18.25 -8.88 -16.96
N MET A 244 -17.83 -9.78 -16.08
CA MET A 244 -17.18 -9.38 -14.84
C MET A 244 -15.83 -8.75 -15.16
N ASP A 245 -15.38 -7.86 -14.25
CA ASP A 245 -14.16 -7.07 -14.41
C ASP A 245 -14.01 -6.55 -15.84
N SER A 246 -15.09 -6.00 -16.37
CA SER A 246 -15.09 -5.42 -17.69
C SER A 246 -14.52 -4.00 -17.64
N PHE A 247 -14.51 -3.34 -18.80
CA PHE A 247 -14.10 -1.94 -18.83
C PHE A 247 -15.10 -1.08 -18.05
N GLU A 248 -16.38 -1.39 -18.16
CA GLU A 248 -17.38 -0.68 -17.38
C GLU A 248 -17.20 -0.93 -15.88
N PHE A 249 -16.75 -2.13 -15.50
CA PHE A 249 -16.49 -2.40 -14.09
C PHE A 249 -15.41 -1.46 -13.55
N TYR A 250 -14.28 -1.36 -14.26
CA TYR A 250 -13.22 -0.48 -13.82
C TYR A 250 -13.64 0.98 -13.89
N LEU A 251 -14.47 1.33 -14.87
CA LEU A 251 -14.98 2.69 -14.97
C LEU A 251 -15.82 3.05 -13.75
N HIS A 252 -16.64 2.11 -13.28
CA HIS A 252 -17.45 2.36 -12.09
C HIS A 252 -16.59 2.36 -10.82
N THR A 253 -15.62 1.46 -10.73
CA THR A 253 -14.80 1.41 -9.52
C THR A 253 -13.88 2.62 -9.42
N PHE A 254 -13.51 3.22 -10.55
CA PHE A 254 -12.77 4.48 -10.51
C PHE A 254 -13.55 5.54 -9.78
N HIS A 255 -14.82 5.73 -10.15
CA HIS A 255 -15.67 6.70 -9.47
C HIS A 255 -15.89 6.30 -8.02
N ASP A 256 -16.07 5.00 -7.76
CA ASP A 256 -16.31 4.56 -6.39
C ASP A 256 -15.11 4.87 -5.49
N VAL A 257 -13.90 4.63 -5.99
CA VAL A 257 -12.70 4.93 -5.22
C VAL A 257 -12.52 6.43 -5.05
N LEU A 258 -12.85 7.21 -6.09
CA LEU A 258 -12.74 8.67 -5.97
C LEU A 258 -13.69 9.20 -4.92
N ILE A 259 -14.92 8.69 -4.88
CA ILE A 259 -15.89 9.17 -3.92
C ILE A 259 -15.71 8.49 -2.56
N GLY A 260 -15.52 7.18 -2.57
CA GLY A 260 -15.41 6.42 -1.33
C GLY A 260 -16.75 5.93 -0.85
N ASN A 261 -17.54 5.33 -1.75
CA ASN A 261 -18.85 4.82 -1.36
C ASN A 261 -18.74 3.72 -0.32
N ASN A 262 -17.81 2.79 -0.52
CA ASN A 262 -17.65 1.68 0.41
C ASN A 262 -17.12 2.19 1.74
N LEU A 263 -17.57 1.54 2.82
CA LEU A 263 -17.14 1.95 4.15
C LEU A 263 -15.70 1.54 4.43
N PHE A 264 -15.22 0.48 3.78
CA PHE A 264 -13.85 0.01 4.03
C PHE A 264 -12.83 1.01 3.51
N GLY A 265 -12.99 1.47 2.28
CA GLY A 265 -12.01 2.33 1.65
C GLY A 265 -12.16 3.79 2.02
N ARG A 266 -11.22 4.58 1.54
CA ARG A 266 -11.20 6.02 1.75
C ARG A 266 -11.27 6.74 0.41
N SER A 267 -11.85 7.95 0.43
CA SER A 267 -12.00 8.72 -0.80
C SER A 267 -10.63 9.06 -1.36
N ALA A 268 -10.40 8.70 -2.63
CA ALA A 268 -9.11 8.98 -3.25
C ALA A 268 -8.90 10.47 -3.45
N LEU A 269 -9.97 11.21 -3.75
CA LEU A 269 -9.85 12.65 -3.93
C LEU A 269 -9.39 13.33 -2.65
N LYS A 270 -9.97 12.95 -1.51
CA LYS A 270 -9.61 13.60 -0.25
C LYS A 270 -8.17 13.32 0.14
N THR A 271 -7.74 12.07 0.04
CA THR A 271 -6.36 11.75 0.41
C THR A 271 -5.37 12.34 -0.58
N ALA A 272 -5.73 12.41 -1.87
CA ALA A 272 -4.85 13.06 -2.84
C ALA A 272 -4.73 14.55 -2.54
N ALA A 273 -5.84 15.20 -2.17
CA ALA A 273 -5.80 16.60 -1.79
C ALA A 273 -4.94 16.81 -0.55
N GLU A 274 -5.06 15.91 0.44
CA GLU A 274 -4.21 16.00 1.62
C GLU A 274 -2.73 15.84 1.25
N LEU A 275 -2.43 14.92 0.34
CA LEU A 275 -1.05 14.73 -0.10
C LEU A 275 -0.52 15.98 -0.80
N ILE A 276 -1.31 16.56 -1.69
CA ILE A 276 -0.85 17.72 -2.46
C ILE A 276 -0.70 18.94 -1.56
N THR A 277 -1.69 19.19 -0.71
CA THR A 277 -1.72 20.43 0.07
C THR A 277 -0.72 20.43 1.23
N LYS A 278 -0.49 19.28 1.84
CA LYS A 278 0.43 19.25 2.98
C LYS A 278 1.85 19.52 2.51
N ASP A 279 2.70 19.90 3.46
CA ASP A 279 4.07 20.35 3.18
C ASP A 279 3.96 21.58 2.27
N GLU A 280 4.98 21.84 1.45
CA GLU A 280 4.96 22.96 0.52
C GLU A 280 5.42 22.48 -0.85
N ILE A 281 4.58 22.66 -1.84
CA ILE A 281 4.90 22.35 -3.24
C ILE A 281 5.09 23.68 -3.95
N LYS A 282 6.34 24.01 -4.26
CA LYS A 282 6.68 25.31 -4.85
C LYS A 282 6.44 25.24 -6.35
N THR A 283 5.16 25.32 -6.73
CA THR A 283 4.75 25.35 -8.12
C THR A 283 3.73 26.47 -8.30
N SER A 284 3.38 26.71 -9.56
CA SER A 284 2.41 27.76 -9.87
C SER A 284 1.03 27.41 -9.32
N GLY A 285 0.32 28.43 -8.85
CA GLY A 285 -1.01 28.25 -8.33
C GLY A 285 -1.02 27.90 -6.85
N SER A 286 -2.22 28.03 -6.25
CA SER A 286 -2.41 27.73 -4.85
C SER A 286 -2.86 26.28 -4.69
N GLU A 287 -3.22 25.89 -3.46
CA GLU A 287 -3.72 24.55 -3.23
C GLU A 287 -5.02 24.31 -3.98
N ILE A 288 -5.88 25.33 -4.05
CA ILE A 288 -7.14 25.21 -4.78
C ILE A 288 -6.86 24.84 -6.23
N GLY A 289 -5.94 25.55 -6.87
CA GLY A 289 -5.64 25.29 -8.27
C GLY A 289 -5.06 23.90 -8.50
N LYS A 290 -4.16 23.46 -7.62
CA LYS A 290 -3.56 22.15 -7.77
C LYS A 290 -4.58 21.03 -7.62
N VAL A 291 -5.41 21.11 -6.57
CA VAL A 291 -6.42 20.07 -6.37
C VAL A 291 -7.45 20.11 -7.50
N TYR A 292 -7.80 21.30 -7.97
CA TYR A 292 -8.73 21.40 -9.08
C TYR A 292 -8.15 20.81 -10.35
N SER A 293 -6.85 21.02 -10.60
CA SER A 293 -6.22 20.44 -11.78
C SER A 293 -6.21 18.92 -11.69
N PHE A 294 -5.91 18.38 -10.51
CA PHE A 294 -5.96 16.93 -10.33
C PHE A 294 -7.37 16.38 -10.59
N LEU A 295 -8.37 17.06 -10.04
CA LEU A 295 -9.77 16.65 -10.26
C LEU A 295 -10.13 16.72 -11.74
N ILE A 296 -9.68 17.76 -12.43
CA ILE A 296 -9.96 17.90 -13.86
C ILE A 296 -9.32 16.77 -14.63
N VAL A 297 -8.07 16.42 -14.30
CA VAL A 297 -7.39 15.33 -14.99
C VAL A 297 -8.19 14.04 -14.84
N LEU A 298 -8.59 13.72 -13.61
CA LEU A 298 -9.35 12.50 -13.40
C LEU A 298 -10.70 12.53 -14.10
N THR A 299 -11.40 13.67 -14.03
CA THR A 299 -12.73 13.78 -14.63
C THR A 299 -12.65 13.65 -16.15
N CYS A 300 -11.67 14.31 -16.77
CA CYS A 300 -11.53 14.21 -18.22
C CYS A 300 -11.08 12.82 -18.64
N LEU A 301 -10.28 12.14 -17.80
CA LEU A 301 -9.97 10.74 -18.08
C LEU A 301 -11.23 9.88 -18.09
N GLN A 302 -12.12 10.09 -17.11
CA GLN A 302 -13.38 9.35 -17.07
C GLN A 302 -14.23 9.67 -18.29
N ALA A 303 -14.30 10.95 -18.67
CA ALA A 303 -15.11 11.34 -19.82
C ALA A 303 -14.58 10.71 -21.10
N LYS A 304 -13.26 10.71 -21.28
CA LYS A 304 -12.68 10.06 -22.46
C LYS A 304 -12.93 8.56 -22.43
N ALA A 305 -12.91 7.94 -21.24
CA ALA A 305 -13.21 6.52 -21.14
C ALA A 305 -14.64 6.23 -21.58
N PHE A 306 -15.59 7.05 -21.11
CA PHE A 306 -16.99 6.87 -21.53
C PHE A 306 -17.16 7.10 -23.02
N LEU A 307 -16.45 8.09 -23.56
CA LEU A 307 -16.51 8.32 -25.01
C LEU A 307 -15.96 7.13 -25.78
N THR A 308 -14.85 6.56 -25.31
CA THR A 308 -14.30 5.36 -25.95
C THR A 308 -15.29 4.20 -25.87
N LEU A 309 -15.95 4.03 -24.73
CA LEU A 309 -16.93 2.96 -24.59
C LEU A 309 -18.09 3.15 -25.57
N THR A 310 -18.61 4.37 -25.68
CA THR A 310 -19.71 4.62 -26.60
C THR A 310 -19.28 4.41 -28.05
N ALA A 311 -18.08 4.88 -28.41
CA ALA A 311 -17.60 4.71 -29.78
C ALA A 311 -17.39 3.24 -30.11
N CYS A 312 -16.89 2.46 -29.14
CA CYS A 312 -16.70 1.02 -29.38
C CYS A 312 -18.02 0.30 -29.47
N ARG A 313 -19.02 0.71 -28.69
CA ARG A 313 -20.35 0.12 -28.81
C ARG A 313 -20.95 0.39 -30.17
N LYS A 314 -20.79 1.62 -30.68
CA LYS A 314 -21.31 1.94 -32.01
C LYS A 314 -20.52 1.22 -33.09
N LEU A 315 -19.22 1.04 -32.90
CA LEU A 315 -18.39 0.37 -33.90
C LEU A 315 -18.85 -1.06 -34.15
N LEU A 316 -19.16 -1.78 -33.08
CA LEU A 316 -19.64 -3.15 -33.21
C LEU A 316 -21.09 -3.23 -33.67
N GLY A 317 -21.80 -2.11 -33.71
CA GLY A 317 -23.21 -2.14 -34.08
C GLY A 317 -24.13 -2.55 -32.97
N LEU A 318 -23.66 -2.54 -31.72
CA LEU A 318 -24.49 -2.95 -30.59
C LEU A 318 -25.59 -1.92 -30.34
N SER A 319 -26.47 -2.25 -29.40
CA SER A 319 -27.56 -1.34 -29.06
C SER A 319 -27.00 -0.05 -28.45
N ASP A 320 -27.62 1.07 -28.81
CA ASP A 320 -27.17 2.38 -28.35
C ASP A 320 -27.76 2.66 -26.97
N ILE A 321 -26.90 2.65 -25.95
CA ILE A 321 -27.29 3.04 -24.59
C ILE A 321 -26.55 4.33 -24.26
N ASP A 322 -27.29 5.35 -23.87
CA ASP A 322 -26.72 6.67 -23.63
C ASP A 322 -26.09 6.70 -22.25
N TYR A 323 -24.76 6.87 -22.21
CA TYR A 323 -24.03 7.00 -20.96
C TYR A 323 -23.99 8.44 -20.46
N THR A 324 -24.81 9.32 -21.02
CA THR A 324 -24.82 10.72 -20.59
C THR A 324 -25.22 10.83 -19.12
N ASN A 325 -26.27 10.11 -18.72
CA ASN A 325 -26.78 10.24 -17.36
C ASN A 325 -25.76 9.73 -16.34
N ILE A 326 -25.16 8.57 -16.59
CA ILE A 326 -24.23 8.00 -15.62
C ILE A 326 -22.94 8.80 -15.58
N LEU A 327 -22.46 9.27 -16.73
CA LEU A 327 -21.27 10.12 -16.75
C LEU A 327 -21.51 11.41 -15.99
N ASN A 328 -22.67 12.04 -16.22
CA ASN A 328 -23.00 13.27 -15.50
C ASN A 328 -23.12 12.99 -14.01
N GLN A 329 -23.69 11.86 -13.62
CA GLN A 329 -23.79 11.52 -12.21
C GLN A 329 -22.42 11.37 -11.58
N HIS A 330 -21.51 10.67 -12.25
CA HIS A 330 -20.16 10.50 -11.72
C HIS A 330 -19.44 11.84 -11.58
N LEU A 331 -19.51 12.67 -12.63
CA LEU A 331 -18.82 13.95 -12.58
C LEU A 331 -19.41 14.87 -11.52
N ASN A 332 -20.74 14.87 -11.39
CA ASN A 332 -21.40 15.68 -10.37
C ASN A 332 -21.04 15.21 -8.97
N ASP A 333 -20.98 13.90 -8.76
CA ASP A 333 -20.60 13.38 -7.45
C ASP A 333 -19.18 13.79 -7.11
N GLU A 334 -18.26 13.67 -8.06
CA GLU A 334 -16.87 14.06 -7.79
C GLU A 334 -16.74 15.55 -7.53
N LYS A 335 -17.43 16.37 -8.33
CA LYS A 335 -17.38 17.82 -8.11
C LYS A 335 -18.00 18.20 -6.77
N ASN A 336 -19.09 17.53 -6.39
CA ASN A 336 -19.71 17.81 -5.09
C ASN A 336 -18.79 17.42 -3.94
N VAL A 337 -18.10 16.28 -4.07
CA VAL A 337 -17.15 15.89 -3.03
C VAL A 337 -16.04 16.93 -2.91
N PHE A 338 -15.50 17.35 -4.05
CA PHE A 338 -14.44 18.36 -4.04
C PHE A 338 -14.95 19.69 -3.47
N ARG A 339 -16.20 20.04 -3.75
CA ARG A 339 -16.75 21.32 -3.33
C ARG A 339 -17.09 21.35 -1.85
N ASP A 340 -17.56 20.23 -1.30
CA ASP A 340 -18.08 20.21 0.06
C ASP A 340 -17.11 19.63 1.09
N ASN A 341 -16.15 18.81 0.68
CA ASN A 341 -15.24 18.18 1.62
C ASN A 341 -13.79 18.54 1.42
N ILE A 342 -13.44 19.26 0.35
CA ILE A 342 -12.06 19.60 0.04
C ILE A 342 -11.87 21.10 -0.11
N LEU A 343 -12.67 21.73 -0.97
CA LEU A 343 -12.45 23.14 -1.30
C LEU A 343 -12.48 24.08 -0.11
N PRO A 344 -13.46 24.02 0.80
CA PRO A 344 -13.46 24.99 1.91
C PRO A 344 -12.24 24.92 2.80
N THR A 345 -11.54 23.79 2.87
CA THR A 345 -10.36 23.66 3.69
C THR A 345 -9.07 24.04 2.95
N LEU A 346 -9.13 24.32 1.66
CA LEU A 346 -7.94 24.68 0.91
C LEU A 346 -7.61 26.16 1.08
N SER A 347 -6.37 26.51 0.77
CA SER A 347 -5.89 27.87 0.88
C SER A 347 -5.74 28.48 -0.51
N ASN A 348 -6.22 29.71 -0.66
CA ASN A 348 -6.12 30.44 -1.91
C ASN A 348 -4.83 31.26 -2.02
N LYS A 349 -3.78 30.85 -1.31
CA LYS A 349 -2.52 31.57 -1.28
C LYS A 349 -1.52 30.92 -2.22
N PHE A 350 -0.99 31.69 -3.15
CA PHE A 350 0.01 31.21 -4.10
C PHE A 350 1.23 32.11 -4.05
N SER A 351 2.41 31.50 -4.16
CA SER A 351 3.67 32.19 -4.15
C SER A 351 4.40 31.94 -5.47
N ASN A 352 5.60 32.50 -5.59
CA ASN A 352 6.39 32.33 -6.79
C ASN A 352 6.87 30.88 -6.90
N PRO A 353 7.00 30.37 -8.13
CA PRO A 353 7.44 28.96 -8.29
C PRO A 353 8.81 28.69 -7.71
N ASN A 354 9.84 29.44 -8.11
CA ASN A 354 11.19 29.16 -7.63
C ASN A 354 11.92 30.48 -7.42
N TYR A 355 13.23 30.40 -7.21
CA TYR A 355 14.06 31.57 -6.98
C TYR A 355 15.33 31.47 -7.81
N VAL A 356 15.89 32.63 -8.14
CA VAL A 356 17.15 32.71 -8.87
C VAL A 356 18.07 33.66 -8.10
N LYS A 357 19.30 33.21 -7.84
CA LYS A 357 20.27 34.01 -7.09
C LYS A 357 20.89 35.02 -8.03
N THR A 358 20.55 36.29 -7.85
CA THR A 358 21.05 37.37 -8.70
C THR A 358 21.51 38.54 -7.86
N ILE A 359 22.37 39.36 -8.46
CA ILE A 359 22.83 40.61 -7.87
C ILE A 359 22.13 41.74 -8.63
N GLY A 360 21.36 42.55 -7.92
CA GLY A 360 20.59 43.59 -8.55
C GLY A 360 21.39 44.85 -8.81
N SER A 361 20.83 46.00 -8.46
CA SER A 361 21.50 47.27 -8.67
C SER A 361 21.10 48.22 -7.54
N ASP A 362 21.40 49.51 -7.73
CA ASP A 362 21.11 50.52 -6.73
C ASP A 362 20.31 51.66 -7.36
N ASN A 363 20.19 52.78 -6.65
CA ASN A 363 19.54 54.00 -7.11
C ASN A 363 18.05 53.79 -7.37
N TYR A 364 17.38 54.83 -7.84
CA TYR A 364 15.93 54.83 -7.95
C TYR A 364 15.44 53.74 -8.90
N ALA A 365 14.33 53.12 -8.54
CA ALA A 365 13.71 52.09 -9.39
C ALA A 365 12.23 52.03 -9.04
N LYS A 366 11.38 52.53 -9.94
CA LYS A 366 9.94 52.60 -9.70
C LYS A 366 9.22 51.77 -10.76
N VAL A 367 8.32 50.90 -10.31
CA VAL A 367 7.42 50.17 -11.20
C VAL A 367 6.00 50.37 -10.71
N ILE A 368 5.07 50.51 -11.66
CA ILE A 368 3.65 50.74 -11.35
C ILE A 368 2.84 49.74 -12.17
N LEU A 369 2.25 48.76 -11.50
CA LEU A 369 1.39 47.78 -12.16
C LEU A 369 -0.05 48.27 -12.19
N GLU A 370 -0.25 49.50 -12.68
CA GLU A 370 -1.57 50.12 -12.70
C GLU A 370 -2.44 49.47 -13.76
N ALA A 371 -3.72 49.31 -13.42
CA ALA A 371 -4.72 48.83 -14.36
C ALA A 371 -5.73 49.94 -14.64
N GLU A 372 -6.25 49.96 -15.86
CA GLU A 372 -7.21 50.98 -16.26
C GLU A 372 -8.51 50.81 -15.48
N PRO A 373 -9.31 51.87 -15.37
CA PRO A 373 -10.61 51.73 -14.69
C PRO A 373 -11.45 50.62 -15.31
N GLY A 374 -12.05 49.82 -14.44
CA GLY A 374 -12.75 48.64 -14.87
C GLY A 374 -11.91 47.40 -15.01
N TYR A 375 -10.60 47.51 -14.82
CA TYR A 375 -9.68 46.38 -14.92
C TYR A 375 -9.16 45.99 -13.55
N ALA A 376 -8.63 44.78 -13.46
CA ALA A 376 -8.00 44.28 -12.25
C ALA A 376 -6.83 43.39 -12.63
N LEU A 377 -5.86 43.30 -11.72
CA LEU A 377 -4.71 42.44 -11.91
C LEU A 377 -5.08 40.99 -11.59
N VAL A 378 -4.64 40.08 -12.44
CA VAL A 378 -5.01 38.67 -12.31
C VAL A 378 -3.81 37.75 -12.14
N GLY A 379 -2.59 38.24 -12.35
CA GLY A 379 -1.41 37.40 -12.17
C GLY A 379 -0.17 38.17 -12.58
N PHE A 380 0.98 37.57 -12.28
CA PHE A 380 2.27 38.15 -12.61
C PHE A 380 3.20 37.05 -13.08
N GLU A 381 4.26 37.44 -13.79
CA GLU A 381 5.26 36.48 -14.21
C GLU A 381 6.62 37.15 -14.27
N ILE A 382 7.61 36.53 -13.62
CA ILE A 382 8.99 36.98 -13.67
C ILE A 382 9.78 35.96 -14.45
N ILE A 383 10.39 36.40 -15.55
CA ILE A 383 11.15 35.54 -16.46
C ILE A 383 12.59 36.01 -16.48
N ASN A 384 13.51 35.08 -16.27
CA ASN A 384 14.95 35.38 -16.27
C ASN A 384 15.63 34.45 -17.28
N ASP A 385 15.66 34.87 -18.54
CA ASP A 385 16.36 34.14 -19.59
C ASP A 385 17.55 34.93 -20.13
N ARG A 386 17.32 36.15 -20.59
CA ARG A 386 18.39 37.07 -20.97
C ARG A 386 18.39 38.33 -20.12
N ILE A 387 17.27 39.02 -20.04
CA ILE A 387 17.09 40.18 -19.18
C ILE A 387 15.86 39.93 -18.32
N PRO A 388 15.95 40.05 -17.00
CA PRO A 388 14.78 39.81 -16.16
C PRO A 388 13.64 40.77 -16.50
N VAL A 389 12.43 40.21 -16.63
CA VAL A 389 11.25 40.98 -16.97
C VAL A 389 10.12 40.60 -16.02
N LEU A 390 9.18 41.53 -15.86
CA LEU A 390 7.99 41.33 -15.04
C LEU A 390 6.76 41.55 -15.91
N LYS A 391 5.98 40.50 -16.10
CA LYS A 391 4.72 40.58 -16.83
C LYS A 391 3.58 40.59 -15.83
N ALA A 392 2.80 41.65 -15.83
CA ALA A 392 1.62 41.77 -14.98
C ALA A 392 0.39 41.74 -15.85
N TYR A 393 -0.50 40.77 -15.62
CA TYR A 393 -1.69 40.61 -16.43
C TYR A 393 -2.85 41.38 -15.81
N LYS A 394 -3.51 42.17 -16.63
CA LYS A 394 -4.68 42.94 -16.22
C LYS A 394 -5.82 42.65 -17.17
N ALA A 395 -7.04 42.57 -16.63
CA ALA A 395 -8.19 42.25 -17.46
C ALA A 395 -9.46 42.74 -16.77
N LYS A 396 -10.52 42.85 -17.57
CA LYS A 396 -11.83 43.16 -17.01
C LYS A 396 -12.40 41.92 -16.32
N LEU A 397 -13.47 42.13 -15.56
CA LEU A 397 -14.14 41.07 -14.83
C LEU A 397 -15.58 40.96 -15.30
N LYS A 398 -16.10 39.73 -15.34
CA LYS A 398 -17.40 39.43 -15.90
C LYS A 398 -18.27 38.67 -14.90
N GLN A 399 -18.37 39.22 -13.68
CA GLN A 399 -19.26 38.73 -12.64
C GLN A 399 -18.73 37.46 -11.99
N ASN A 400 -18.83 37.37 -10.67
CA ASN A 400 -18.34 36.23 -9.89
C ASN A 400 -16.85 36.02 -10.11
N TYR A 401 -16.09 37.12 -10.15
CA TYR A 401 -14.63 37.09 -10.26
C TYR A 401 -14.17 36.33 -11.50
N GLN A 402 -14.87 36.52 -12.61
CA GLN A 402 -14.52 35.87 -13.87
C GLN A 402 -13.63 36.79 -14.69
N VAL A 403 -12.49 36.28 -15.13
CA VAL A 403 -11.57 37.05 -15.94
C VAL A 403 -12.00 36.97 -17.39
N ASP A 404 -12.15 38.14 -18.03
CA ASP A 404 -12.60 38.22 -19.42
C ASP A 404 -11.41 38.05 -20.35
N HIS A 405 -11.42 36.97 -21.13
CA HIS A 405 -10.33 36.73 -22.07
C HIS A 405 -10.31 37.72 -23.22
N GLN A 406 -11.43 38.36 -23.52
CA GLN A 406 -11.47 39.33 -24.60
C GLN A 406 -10.62 40.56 -24.27
N SER A 407 -10.63 41.00 -23.02
CA SER A 407 -9.93 42.20 -22.59
C SER A 407 -8.62 41.90 -21.89
N LEU A 408 -8.13 40.67 -21.95
CA LEU A 408 -6.89 40.31 -21.27
C LEU A 408 -5.72 41.02 -21.92
N SER A 409 -4.94 41.73 -21.10
CA SER A 409 -3.75 42.45 -21.56
C SER A 409 -2.64 42.25 -20.53
N GLU A 410 -1.42 42.64 -20.91
CA GLU A 410 -0.27 42.50 -20.03
C GLU A 410 0.57 43.77 -20.08
N ILE A 411 1.30 44.01 -18.99
CA ILE A 411 2.26 45.10 -18.89
C ILE A 411 3.62 44.50 -18.60
N VAL A 412 4.62 44.89 -19.37
CA VAL A 412 5.96 44.34 -19.26
C VAL A 412 6.88 45.41 -18.69
N TYR A 413 7.55 45.08 -17.59
CA TYR A 413 8.54 45.95 -16.97
C TYR A 413 9.91 45.31 -17.10
N LEU A 414 10.88 46.08 -17.56
CA LEU A 414 12.23 45.60 -17.78
C LEU A 414 13.10 45.84 -16.55
N ASP A 415 14.11 44.98 -16.39
CA ASP A 415 15.09 45.07 -15.30
C ASP A 415 14.38 44.99 -13.94
N ILE A 416 13.73 43.86 -13.70
CA ILE A 416 13.08 43.64 -12.41
C ILE A 416 14.09 43.22 -11.34
N ASP A 417 15.26 42.73 -11.75
CA ASP A 417 16.28 42.36 -10.77
C ASP A 417 16.86 43.58 -10.07
N LYS A 418 16.94 44.71 -10.76
CA LYS A 418 17.45 45.94 -10.15
C LYS A 418 16.50 46.51 -9.10
N LEU A 419 15.28 46.00 -9.02
CA LEU A 419 14.30 46.50 -8.07
C LEU A 419 14.30 45.72 -6.76
N PHE A 420 14.58 44.41 -6.81
CA PHE A 420 14.49 43.57 -5.63
C PHE A 420 15.84 43.30 -4.96
N CYS A 421 16.94 43.53 -5.65
CA CYS A 421 18.24 43.17 -5.11
C CYS A 421 19.21 44.33 -5.19
N PRO A 422 20.18 44.40 -4.28
CA PRO A 422 21.20 45.46 -4.34
C PRO A 422 22.41 45.03 -5.15
N LYS A 423 23.38 45.93 -5.31
CA LYS A 423 24.61 45.63 -6.03
C LYS A 423 25.82 45.61 -5.12
N ASN A 424 26.09 46.71 -4.42
CA ASN A 424 27.25 46.79 -3.54
C ASN A 424 26.93 47.54 -2.24
N SER A 425 25.69 47.43 -1.77
CA SER A 425 25.28 48.11 -0.55
C SER A 425 24.25 47.23 0.16
N GLU A 426 23.60 47.80 1.18
CA GLU A 426 22.59 47.10 1.96
C GLU A 426 21.22 47.67 1.63
N GLN A 427 20.27 46.78 1.35
CA GLN A 427 18.91 47.18 0.98
C GLN A 427 17.96 46.86 2.12
N LYS A 428 17.08 47.82 2.42
CA LYS A 428 16.09 47.69 3.48
C LYS A 428 14.72 47.56 2.88
N TYR A 429 14.01 46.50 3.24
CA TYR A 429 12.68 46.20 2.72
C TYR A 429 11.64 46.53 3.78
N TYR A 430 10.63 47.29 3.40
CA TYR A 430 9.51 47.64 4.28
C TYR A 430 8.31 46.81 3.83
N THR A 431 8.19 45.60 4.37
CA THR A 431 7.23 44.62 3.91
C THR A 431 6.01 44.59 4.83
N LYS A 432 4.84 44.36 4.23
CA LYS A 432 3.60 44.23 4.98
C LYS A 432 2.62 43.43 4.12
N SER A 433 1.83 42.59 4.77
CA SER A 433 0.81 41.81 4.08
C SER A 433 -0.34 42.73 3.69
N LEU A 434 -0.33 43.23 2.46
CA LEU A 434 -1.35 44.17 1.99
C LEU A 434 -2.62 43.40 1.70
N THR A 435 -3.33 43.05 2.77
CA THR A 435 -4.56 42.27 2.68
C THR A 435 -5.75 43.21 2.67
N PHE A 436 -6.69 42.96 1.76
CA PHE A 436 -7.88 43.79 1.62
C PHE A 436 -9.13 42.98 1.96
N PRO A 437 -10.21 43.65 2.38
CA PRO A 437 -11.43 42.92 2.72
C PRO A 437 -12.01 42.20 1.52
N ASP A 438 -12.71 41.09 1.80
CA ASP A 438 -13.33 40.31 0.74
C ASP A 438 -14.30 41.18 -0.06
N GLY A 439 -14.26 41.04 -1.38
CA GLY A 439 -15.03 41.87 -2.27
C GLY A 439 -14.22 42.96 -2.96
N TYR A 440 -12.98 43.18 -2.54
CA TYR A 440 -12.09 44.14 -3.16
C TYR A 440 -11.11 43.43 -4.09
N VAL A 441 -10.87 44.03 -5.25
CA VAL A 441 -9.95 43.48 -6.24
C VAL A 441 -8.80 44.47 -6.41
N ILE A 442 -7.57 43.96 -6.35
CA ILE A 442 -6.40 44.81 -6.48
C ILE A 442 -6.27 45.31 -7.91
N THR A 443 -6.11 46.63 -8.06
CA THR A 443 -6.00 47.26 -9.36
C THR A 443 -4.59 47.75 -9.67
N LYS A 444 -3.96 48.45 -8.73
CA LYS A 444 -2.63 49.02 -8.95
C LYS A 444 -1.70 48.59 -7.83
N ILE A 445 -0.52 48.10 -8.22
CA ILE A 445 0.55 47.77 -7.28
C ILE A 445 1.78 48.56 -7.67
N THR A 446 2.36 49.28 -6.72
CA THR A 446 3.48 50.17 -6.96
C THR A 446 4.67 49.75 -6.11
N PHE A 447 5.83 49.58 -6.74
CA PHE A 447 7.08 49.35 -6.05
C PHE A 447 8.00 50.55 -6.27
N GLU A 448 8.63 51.00 -5.20
CA GLU A 448 9.58 52.11 -5.27
C GLU A 448 10.81 51.75 -4.45
N LYS A 449 11.97 51.72 -5.09
CA LYS A 449 13.25 51.49 -4.44
C LYS A 449 14.06 52.77 -4.55
N LYS A 450 14.16 53.49 -3.43
CA LYS A 450 14.87 54.77 -3.38
C LYS A 450 15.88 54.69 -2.24
N LEU A 451 17.16 54.86 -2.58
CA LEU A 451 18.26 54.69 -1.63
C LEU A 451 18.20 53.31 -0.96
N ASN A 452 17.94 52.28 -1.77
CA ASN A 452 17.84 50.90 -1.30
C ASN A 452 16.76 50.73 -0.23
N ASN A 453 15.69 51.50 -0.34
CA ASN A 453 14.52 51.38 0.55
C ASN A 453 13.34 50.94 -0.31
N LEU A 454 13.08 49.64 -0.31
CA LEU A 454 12.00 49.08 -1.14
C LEU A 454 10.70 49.19 -0.37
N ARG A 455 9.90 50.19 -0.72
CA ARG A 455 8.57 50.39 -0.15
C ARG A 455 7.54 50.19 -1.25
N TYR A 456 6.51 49.39 -0.97
CA TYR A 456 5.49 49.07 -1.96
C TYR A 456 4.11 49.28 -1.38
N GLU A 457 3.18 49.70 -2.24
CA GLU A 457 1.81 49.94 -1.86
C GLU A 457 0.87 49.32 -2.89
N ALA A 458 -0.36 49.05 -2.47
CA ALA A 458 -1.36 48.48 -3.35
C ALA A 458 -2.68 49.22 -3.16
N THR A 459 -3.50 49.21 -4.20
CA THR A 459 -4.84 49.80 -4.17
C THR A 459 -5.83 48.75 -4.64
N ALA A 460 -6.96 48.66 -3.93
CA ALA A 460 -8.00 47.69 -4.25
C ALA A 460 -9.34 48.39 -4.35
N ASN A 461 -10.04 48.15 -5.47
CA ASN A 461 -11.34 48.76 -5.71
C ASN A 461 -12.46 47.77 -5.39
N PHE A 462 -13.62 48.31 -5.04
CA PHE A 462 -14.77 47.47 -4.76
C PHE A 462 -15.25 46.80 -6.05
N TYR A 463 -15.73 45.56 -5.93
CA TYR A 463 -16.05 44.75 -7.10
C TYR A 463 -17.54 44.50 -7.29
N ASP A 464 -18.29 44.22 -6.22
CA ASP A 464 -19.71 43.91 -6.32
C ASP A 464 -19.91 42.71 -7.24
N PRO A 465 -19.55 41.49 -6.78
CA PRO A 465 -19.56 40.34 -7.70
C PRO A 465 -20.92 40.03 -8.31
N SER A 466 -22.02 40.52 -7.73
CA SER A 466 -23.34 40.26 -8.29
C SER A 466 -23.50 40.82 -9.69
N THR A 467 -22.73 41.84 -10.06
CA THR A 467 -22.82 42.43 -11.39
C THR A 467 -21.49 42.52 -12.12
N GLY A 468 -20.36 42.29 -11.45
CA GLY A 468 -19.07 42.36 -12.11
C GLY A 468 -18.67 43.74 -12.59
N ASP A 469 -18.94 44.77 -11.79
CA ASP A 469 -18.57 46.15 -12.13
C ASP A 469 -17.61 46.66 -11.08
N ILE A 470 -16.35 46.83 -11.47
CA ILE A 470 -15.31 47.31 -10.57
C ILE A 470 -15.56 48.80 -10.31
N ASP A 471 -16.09 49.11 -9.14
CA ASP A 471 -16.38 50.51 -8.80
C ASP A 471 -15.08 51.29 -8.63
N LEU A 472 -15.01 52.46 -9.24
CA LEU A 472 -13.81 53.29 -9.16
C LEU A 472 -13.84 54.24 -7.98
N ASN A 473 -15.04 54.60 -7.49
CA ASN A 473 -15.12 55.55 -6.39
C ASN A 473 -14.73 54.92 -5.06
N GLU A 474 -15.12 53.67 -4.85
CA GLU A 474 -14.87 52.98 -3.58
C GLU A 474 -13.58 52.17 -3.70
N LYS A 475 -12.54 52.61 -3.00
CA LYS A 475 -11.24 51.94 -3.05
C LYS A 475 -10.55 52.10 -1.71
N GLN A 476 -9.60 51.19 -1.46
CA GLN A 476 -8.76 51.22 -0.28
C GLN A 476 -7.30 51.14 -0.71
N VAL A 477 -6.43 51.73 0.10
CA VAL A 477 -4.99 51.75 -0.17
C VAL A 477 -4.27 51.14 1.03
N GLU A 478 -3.45 50.13 0.77
CA GLU A 478 -2.61 49.52 1.78
C GLU A 478 -1.16 49.80 1.40
N SER A 479 -0.49 50.65 2.18
CA SER A 479 0.80 51.18 1.80
C SER A 479 1.84 50.91 2.88
N THR A 480 3.09 50.79 2.45
CA THR A 480 4.24 50.70 3.34
C THR A 480 5.16 51.91 3.19
N PHE A 481 4.68 52.98 2.56
CA PHE A 481 5.50 54.18 2.36
C PHE A 481 5.80 54.90 3.66
N LEU A 482 5.02 54.66 4.71
CA LEU A 482 5.19 55.33 5.99
C LEU A 482 5.65 54.39 7.11
N GLN A 483 6.07 53.17 6.77
CA GLN A 483 6.55 52.26 7.78
C GLN A 483 7.94 52.69 8.29
N ALA A 484 8.24 52.28 9.52
CA ALA A 484 9.54 52.54 10.12
C ALA A 484 10.39 51.29 10.30
N ASP A 485 9.78 50.15 10.60
CA ASP A 485 10.51 48.89 10.74
C ASP A 485 10.79 48.30 9.37
N TYR A 486 11.97 47.72 9.21
CA TYR A 486 12.41 47.19 7.94
C TYR A 486 13.23 45.92 8.17
N ILE A 487 13.56 45.25 7.07
CA ILE A 487 14.43 44.08 7.07
C ILE A 487 15.62 44.40 6.17
N SER A 488 16.83 44.28 6.70
CA SER A 488 18.03 44.69 5.99
C SER A 488 18.78 43.48 5.45
N ILE A 489 19.17 43.55 4.18
CA ILE A 489 19.96 42.50 3.53
C ILE A 489 21.18 43.13 2.88
N ASN A 490 22.35 42.60 3.19
CA ASN A 490 23.61 43.04 2.58
C ASN A 490 23.95 42.11 1.42
N VAL A 491 24.33 42.70 0.28
CA VAL A 491 24.58 41.90 -0.91
C VAL A 491 25.78 40.98 -0.70
N SER A 492 26.86 41.49 -0.12
CA SER A 492 28.09 40.73 0.09
C SER A 492 28.58 40.11 -1.21
N ASP A 493 28.83 40.98 -2.19
CA ASP A 493 29.27 40.64 -3.55
C ASP A 493 28.56 39.42 -4.11
N ASP A 494 29.24 38.28 -4.17
CA ASP A 494 28.72 37.11 -4.86
C ASP A 494 27.48 36.52 -4.19
N ASP A 495 27.22 36.87 -2.93
CA ASP A 495 26.06 36.33 -2.20
C ASP A 495 24.78 37.07 -2.59
N GLY A 496 24.43 36.93 -3.86
CA GLY A 496 23.26 37.64 -4.37
C GLY A 496 21.97 37.16 -3.76
N VAL A 497 20.95 38.01 -3.86
CA VAL A 497 19.65 37.73 -3.28
C VAL A 497 18.87 36.80 -4.21
N TYR A 498 18.02 35.95 -3.62
CA TYR A 498 17.19 35.02 -4.39
C TYR A 498 15.93 35.75 -4.83
N MET A 499 15.99 36.34 -6.02
CA MET A 499 14.81 36.99 -6.58
C MET A 499 13.77 35.93 -6.96
N PRO A 500 12.49 36.20 -6.72
CA PRO A 500 11.45 35.25 -7.16
C PRO A 500 11.44 35.10 -8.66
N LEU A 501 11.12 33.89 -9.12
CA LEU A 501 11.15 33.55 -10.53
C LEU A 501 10.02 32.59 -10.84
N GLY A 502 9.36 32.82 -11.98
CA GLY A 502 8.28 31.96 -12.40
C GLY A 502 6.96 32.69 -12.53
N VAL A 503 5.86 31.95 -12.58
CA VAL A 503 4.53 32.53 -12.73
C VAL A 503 3.93 32.70 -11.34
N ILE A 504 3.84 33.94 -10.88
CA ILE A 504 3.18 34.24 -9.60
C ILE A 504 1.70 34.46 -9.95
N SER A 505 0.98 33.36 -10.04
CA SER A 505 -0.43 33.40 -10.40
C SER A 505 -1.08 32.10 -9.99
N GLU A 506 -2.41 32.14 -9.90
CA GLU A 506 -3.19 30.94 -9.70
C GLU A 506 -3.07 30.03 -10.92
N THR A 507 -3.51 28.78 -10.76
CA THR A 507 -3.50 27.86 -11.89
C THR A 507 -4.28 28.42 -13.06
N PHE A 508 -5.31 29.21 -12.79
CA PHE A 508 -6.00 30.02 -13.79
C PHE A 508 -6.02 31.46 -13.34
N LEU A 509 -5.94 32.38 -14.29
CA LEU A 509 -5.93 33.80 -13.96
C LEU A 509 -7.17 34.17 -13.18
N SER A 510 -6.99 34.89 -12.08
CA SER A 510 -8.10 35.26 -11.21
C SER A 510 -7.71 36.52 -10.45
N PRO A 511 -8.66 37.35 -10.04
CA PRO A 511 -8.32 38.55 -9.29
C PRO A 511 -7.73 38.21 -7.93
N ILE A 512 -6.91 39.13 -7.42
CA ILE A 512 -6.24 38.96 -6.14
C ILE A 512 -6.71 40.05 -5.19
N ASN A 513 -6.90 39.68 -3.92
CA ASN A 513 -7.28 40.62 -2.88
C ASN A 513 -6.21 40.82 -1.83
N SER A 514 -5.08 40.13 -1.93
CA SER A 514 -3.99 40.27 -0.97
C SER A 514 -2.68 40.03 -1.69
N PHE A 515 -1.71 40.93 -1.46
CA PHE A 515 -0.41 40.86 -2.10
C PHE A 515 0.66 41.25 -1.08
N GLU A 516 1.77 40.53 -1.06
CA GLU A 516 2.82 40.84 -0.12
C GLU A 516 4.16 40.30 -0.63
N LEU A 517 5.23 40.88 -0.10
CA LEU A 517 6.59 40.41 -0.34
C LEU A 517 7.18 39.96 0.99
N GLU A 518 7.67 38.72 1.03
CA GLU A 518 8.22 38.13 2.24
C GLU A 518 9.73 38.05 2.13
N VAL A 519 10.42 38.51 3.18
CA VAL A 519 11.87 38.50 3.25
C VAL A 519 12.27 37.72 4.50
N ASP A 520 13.19 36.78 4.34
CA ASP A 520 13.61 35.92 5.45
C ASP A 520 14.82 36.45 6.20
N GLU A 521 15.71 37.19 5.54
CA GLU A 521 16.92 37.80 6.09
C GLU A 521 17.97 36.77 6.48
N LYS A 522 17.69 35.47 6.37
CA LYS A 522 18.66 34.43 6.68
C LYS A 522 19.32 33.89 5.43
N SER A 523 18.53 33.38 4.50
CA SER A 523 19.03 32.87 3.22
C SER A 523 18.89 33.89 2.09
N LYS A 524 18.43 35.10 2.40
CA LYS A 524 18.25 36.16 1.41
C LYS A 524 17.31 35.72 0.30
N ILE A 525 16.08 35.37 0.69
CA ILE A 525 15.06 34.87 -0.21
C ILE A 525 13.87 35.81 -0.18
N LEU A 526 13.46 36.28 -1.36
CA LEU A 526 12.28 37.13 -1.51
C LEU A 526 11.16 36.32 -2.15
N THR A 527 9.98 36.38 -1.55
CA THR A 527 8.84 35.61 -2.03
C THR A 527 7.65 36.52 -2.27
N LEU A 528 7.10 36.49 -3.47
CA LEU A 528 5.87 37.22 -3.78
C LEU A 528 4.69 36.32 -3.49
N THR A 529 3.90 36.67 -2.48
CA THR A 529 2.78 35.85 -2.03
C THR A 529 1.48 36.60 -2.21
N CYS A 530 0.52 35.98 -2.89
CA CYS A 530 -0.77 36.61 -3.16
C CYS A 530 -1.89 35.66 -2.81
N LYS A 531 -3.09 36.22 -2.70
CA LYS A 531 -4.30 35.45 -2.42
C LYS A 531 -5.28 35.66 -3.57
N SER A 532 -5.78 34.56 -4.12
CA SER A 532 -6.62 34.60 -5.30
C SER A 532 -8.10 34.55 -4.94
N TYR A 533 -8.93 34.73 -5.96
CA TYR A 533 -10.39 34.63 -5.85
C TYR A 533 -10.94 33.44 -6.61
N LEU A 534 -10.13 32.40 -6.83
CA LEU A 534 -10.56 31.27 -7.64
C LEU A 534 -11.67 30.49 -6.96
N ARG A 535 -11.69 30.45 -5.62
CA ARG A 535 -12.70 29.66 -4.92
C ARG A 535 -14.10 30.13 -5.24
N GLU A 536 -14.33 31.45 -5.23
CA GLU A 536 -15.66 31.97 -5.51
C GLU A 536 -16.11 31.65 -6.93
N TYR A 537 -15.21 31.83 -7.91
CA TYR A 537 -15.58 31.56 -9.28
C TYR A 537 -15.83 30.08 -9.51
N LEU A 538 -15.06 29.21 -8.85
CA LEU A 538 -15.33 27.78 -8.95
C LEU A 538 -16.67 27.43 -8.31
N LEU A 539 -16.98 28.02 -7.16
CA LEU A 539 -18.24 27.73 -6.50
C LEU A 539 -19.44 28.22 -7.31
N GLU A 540 -19.27 29.30 -8.08
CA GLU A 540 -20.40 29.90 -8.77
C GLU A 540 -20.48 29.52 -10.25
N SER A 541 -19.43 28.95 -10.83
CA SER A 541 -19.41 28.65 -12.26
C SER A 541 -19.32 27.17 -12.57
N ASP A 542 -18.31 26.47 -12.05
CA ASP A 542 -18.04 25.10 -12.47
C ASP A 542 -18.56 24.05 -11.51
N LEU A 543 -18.54 24.32 -10.20
CA LEU A 543 -18.96 23.34 -9.23
C LEU A 543 -20.47 23.27 -9.07
N ILE A 544 -21.23 24.15 -9.72
CA ILE A 544 -22.68 24.07 -9.74
C ILE A 544 -23.20 23.86 -11.17
N ASN A 545 -22.33 23.38 -12.06
CA ASN A 545 -22.69 23.04 -13.44
C ASN A 545 -23.27 24.24 -14.19
N LYS A 546 -22.42 25.26 -14.35
CA LYS A 546 -22.74 26.43 -15.16
C LYS A 546 -21.60 26.67 -16.14
N GLU A 547 -21.73 27.71 -16.95
CA GLU A 547 -20.69 28.06 -17.90
C GLU A 547 -19.41 28.46 -17.18
N THR A 548 -18.28 27.95 -17.66
CA THR A 548 -16.98 28.22 -17.05
C THR A 548 -16.02 28.73 -18.11
N SER A 549 -15.23 29.73 -17.75
CA SER A 549 -14.23 30.30 -18.65
C SER A 549 -12.98 30.60 -17.81
N LEU A 550 -12.05 29.64 -17.78
CA LEU A 550 -10.82 29.75 -17.02
C LEU A 550 -9.65 29.97 -17.98
N ILE A 551 -8.79 30.93 -17.67
CA ILE A 551 -7.68 31.32 -18.52
C ILE A 551 -6.39 30.87 -17.86
N ALA A 552 -5.66 29.97 -18.51
CA ALA A 552 -4.35 29.59 -18.02
C ALA A 552 -3.38 30.75 -18.19
N PRO A 553 -2.43 30.93 -17.27
CA PRO A 553 -1.45 32.00 -17.40
C PRO A 553 -0.61 31.80 -18.66
N PRO A 554 -0.66 32.73 -19.60
CA PRO A 554 0.05 32.53 -20.87
C PRO A 554 1.55 32.38 -20.66
N ASN A 555 2.15 31.46 -21.41
CA ASN A 555 3.59 31.30 -21.47
C ASN A 555 4.19 32.08 -22.62
N VAL A 556 3.39 32.86 -23.33
CA VAL A 556 3.81 33.62 -24.49
C VAL A 556 3.45 35.08 -24.28
N PHE A 557 4.38 35.98 -24.58
CA PHE A 557 4.12 37.41 -24.51
C PHE A 557 2.95 37.76 -25.43
N ILE A 558 1.81 38.14 -24.83
CA ILE A 558 0.61 38.40 -25.61
C ILE A 558 0.53 39.83 -26.14
N SER A 559 1.42 40.71 -25.70
CA SER A 559 1.43 42.09 -26.16
C SER A 559 2.49 42.36 -27.21
N ASN A 560 3.21 41.34 -27.65
CA ASN A 560 4.22 41.54 -28.68
C ASN A 560 3.56 41.87 -30.01
N ILE A 561 4.18 42.81 -30.75
CA ILE A 561 3.58 43.31 -31.99
C ILE A 561 4.02 42.51 -33.21
N VAL A 562 4.91 41.53 -33.04
CA VAL A 562 5.38 40.72 -34.16
C VAL A 562 4.34 39.62 -34.38
N GLU A 563 3.50 39.78 -35.41
CA GLU A 563 2.56 38.73 -35.77
C GLU A 563 3.32 37.50 -36.21
N ASN A 564 2.85 36.33 -35.76
CA ASN A 564 3.54 35.06 -35.97
C ASN A 564 4.97 35.14 -35.42
N TRP A 565 5.04 35.41 -34.11
CA TRP A 565 6.35 35.57 -33.47
C TRP A 565 7.18 34.30 -33.56
N ASN A 566 6.55 33.14 -33.35
CA ASN A 566 7.17 31.85 -33.56
C ASN A 566 6.49 31.20 -34.76
N ILE A 567 7.28 30.81 -35.76
CA ILE A 567 6.72 30.38 -37.03
C ILE A 567 6.20 28.95 -36.89
N GLU A 568 4.92 28.82 -36.56
CA GLU A 568 4.25 27.53 -36.47
C GLU A 568 2.99 27.53 -37.32
N ALA A 569 2.36 28.70 -37.44
CA ALA A 569 1.19 28.82 -38.28
C ALA A 569 1.57 28.77 -39.76
N ASP A 570 0.84 27.99 -40.53
CA ASP A 570 1.12 27.86 -41.95
C ASP A 570 0.67 29.11 -42.69
N ASN A 571 1.05 29.16 -43.98
CA ASN A 571 0.75 30.28 -44.89
C ASN A 571 0.97 31.63 -44.22
N LEU A 572 2.23 31.87 -43.84
CA LEU A 572 2.61 33.09 -43.14
C LEU A 572 2.37 34.33 -43.99
N GLU A 573 1.40 35.15 -43.59
CA GLU A 573 1.11 36.39 -44.29
C GLU A 573 2.11 37.49 -43.91
N PRO A 574 2.38 37.73 -42.62
CA PRO A 574 3.37 38.78 -42.29
C PRO A 574 4.77 38.47 -42.78
N TRP A 575 5.26 37.26 -42.54
CA TRP A 575 6.59 36.89 -43.01
C TRP A 575 6.59 36.74 -44.53
N VAL A 576 7.51 37.43 -45.20
CA VAL A 576 7.67 37.34 -46.64
C VAL A 576 9.16 37.16 -46.94
N ALA A 577 9.45 36.35 -47.95
CA ALA A 577 10.83 36.10 -48.38
C ALA A 577 11.08 36.80 -49.70
N ASN A 578 12.19 37.53 -49.77
CA ASN A 578 12.53 38.24 -51.01
C ASN A 578 12.79 37.28 -52.16
N ASN A 579 13.26 36.07 -51.86
CA ASN A 579 13.54 35.06 -52.88
C ASN A 579 13.49 33.68 -52.21
N LYS A 580 13.96 32.67 -52.92
CA LYS A 580 14.02 31.31 -52.42
C LYS A 580 15.30 31.01 -51.66
N ASN A 581 16.21 31.99 -51.54
CA ASN A 581 17.46 31.77 -50.83
C ASN A 581 17.21 31.45 -49.36
N ALA A 582 16.30 32.18 -48.73
CA ALA A 582 15.93 31.97 -47.34
C ALA A 582 14.58 31.29 -47.25
N TYR A 583 14.45 30.30 -46.38
CA TYR A 583 13.23 29.52 -46.28
C TYR A 583 12.93 29.26 -44.81
N VAL A 584 12.01 28.34 -44.55
CA VAL A 584 11.57 28.01 -43.20
C VAL A 584 11.92 26.55 -42.93
N ASP A 585 12.86 26.33 -42.02
CA ASP A 585 13.25 24.97 -41.63
C ASP A 585 12.26 24.45 -40.60
N SER A 586 11.66 23.30 -40.90
CA SER A 586 10.67 22.72 -40.00
C SER A 586 11.27 22.06 -38.78
N THR A 587 12.60 21.85 -38.76
CA THR A 587 13.24 21.22 -37.62
C THR A 587 14.53 21.91 -37.20
N GLY A 588 14.96 22.96 -37.90
CA GLY A 588 16.18 23.65 -37.55
C GLY A 588 15.96 24.80 -36.59
N GLY A 589 15.10 24.60 -35.59
CA GLY A 589 14.84 25.63 -34.61
C GLY A 589 14.81 25.12 -33.19
N ILE A 590 14.19 25.86 -32.29
CA ILE A 590 14.05 25.42 -30.90
C ILE A 590 13.13 24.20 -30.87
N GLU A 591 13.62 23.11 -30.30
CA GLU A 591 12.90 21.85 -30.28
C GLU A 591 12.48 21.44 -31.68
N GLY A 592 11.24 21.74 -32.05
CA GLY A 592 10.76 21.43 -33.38
C GLY A 592 10.20 22.65 -34.09
N SER A 593 10.59 23.84 -33.64
CA SER A 593 10.08 25.08 -34.23
C SER A 593 10.59 25.25 -35.65
N LYS A 594 9.71 25.72 -36.53
CA LYS A 594 10.05 25.98 -37.93
C LYS A 594 10.75 27.33 -38.01
N ALA A 595 12.04 27.31 -37.69
CA ALA A 595 12.80 28.56 -37.63
C ALA A 595 13.10 29.09 -39.02
N LEU A 596 13.18 30.41 -39.13
CA LEU A 596 13.56 31.04 -40.39
C LEU A 596 15.05 30.82 -40.65
N PHE A 597 15.37 30.12 -41.72
CA PHE A 597 16.75 29.87 -42.10
C PHE A 597 17.13 30.78 -43.26
N THR A 598 18.21 31.54 -43.07
CA THR A 598 18.76 32.42 -44.09
C THR A 598 20.14 31.93 -44.49
N GLN A 599 20.39 31.90 -45.79
CA GLN A 599 21.61 31.33 -46.35
C GLN A 599 22.49 32.39 -47.02
N GLY A 600 21.95 33.12 -47.98
CA GLY A 600 22.73 34.13 -48.69
C GLY A 600 22.09 35.50 -48.67
N ASP A 601 21.83 36.05 -49.86
CA ASP A 601 21.17 37.34 -49.95
C ASP A 601 19.71 37.30 -49.53
N GLY A 602 19.14 36.11 -49.35
CA GLY A 602 17.76 36.02 -48.92
C GLY A 602 17.55 36.54 -47.52
N GLU A 603 16.37 37.11 -47.30
CA GLU A 603 16.02 37.67 -46.00
C GLU A 603 14.51 37.58 -45.81
N PHE A 604 14.09 37.65 -44.55
CA PHE A 604 12.68 37.63 -44.19
C PHE A 604 12.28 38.99 -43.67
N SER A 605 11.22 39.55 -44.25
CA SER A 605 10.73 40.87 -43.88
C SER A 605 9.31 40.76 -43.33
N GLN A 606 8.99 41.62 -42.37
CA GLN A 606 7.65 41.66 -41.78
C GLN A 606 7.33 43.08 -41.40
N PHE A 607 6.29 43.65 -42.00
CA PHE A 607 5.89 45.03 -41.75
C PHE A 607 5.20 45.13 -40.39
N ILE A 608 5.80 45.87 -39.47
CA ILE A 608 5.26 46.02 -38.13
C ILE A 608 5.19 47.49 -37.75
N GLY A 609 5.18 48.37 -38.77
CA GLY A 609 5.17 49.79 -38.51
C GLY A 609 3.84 50.32 -37.97
N ASP A 610 2.74 49.61 -38.23
CA ASP A 610 1.44 50.06 -37.76
C ASP A 610 1.35 50.00 -36.24
N LYS A 611 1.92 48.97 -35.63
CA LYS A 611 1.80 48.75 -34.19
C LYS A 611 2.96 49.34 -33.40
N LEU A 612 3.89 50.04 -34.05
CA LEU A 612 5.06 50.61 -33.38
C LEU A 612 4.72 52.03 -32.93
N LYS A 613 4.50 52.20 -31.63
CA LYS A 613 4.14 53.51 -31.09
C LYS A 613 5.37 54.41 -31.01
N PRO A 614 5.24 55.68 -31.37
CA PRO A 614 6.38 56.60 -31.29
C PRO A 614 6.75 56.92 -29.85
N ASN A 615 8.04 57.23 -29.66
CA ASN A 615 8.57 57.66 -28.36
C ASN A 615 8.25 56.64 -27.27
N THR A 616 8.40 55.36 -27.60
CA THR A 616 8.09 54.27 -26.68
C THR A 616 9.25 53.29 -26.66
N ASP A 617 9.60 52.82 -25.46
CA ASP A 617 10.64 51.82 -25.31
C ASP A 617 10.11 50.44 -25.67
N TYR A 618 10.95 49.63 -26.30
CA TYR A 618 10.59 48.28 -26.72
C TYR A 618 11.70 47.31 -26.37
N ILE A 619 11.32 46.06 -26.20
CA ILE A 619 12.25 44.96 -25.95
C ILE A 619 12.24 44.06 -27.17
N ILE A 620 13.41 43.86 -27.78
CA ILE A 620 13.56 43.00 -28.94
C ILE A 620 14.27 41.73 -28.48
N GLN A 621 13.59 40.60 -28.55
CA GLN A 621 14.16 39.33 -28.09
C GLN A 621 14.00 38.28 -29.20
N TYR A 622 15.05 37.49 -29.39
CA TYR A 622 15.05 36.49 -30.44
C TYR A 622 16.08 35.41 -30.13
N THR A 623 15.75 34.15 -30.44
CA THR A 623 16.68 33.05 -30.28
C THR A 623 17.27 32.72 -31.64
N VAL A 624 18.60 32.77 -31.74
CA VAL A 624 19.27 32.66 -33.02
C VAL A 624 20.38 31.61 -32.94
N LYS A 625 20.83 31.19 -34.12
CA LYS A 625 21.88 30.20 -34.27
C LYS A 625 22.73 30.58 -35.48
N GLY A 626 24.05 30.52 -35.32
CA GLY A 626 24.95 30.92 -36.39
C GLY A 626 25.35 32.38 -36.30
N LYS A 627 25.37 33.07 -37.43
CA LYS A 627 25.73 34.49 -37.49
C LYS A 627 24.62 35.26 -38.17
N PRO A 628 23.58 35.62 -37.43
CA PRO A 628 22.44 36.32 -38.04
C PRO A 628 22.62 37.83 -38.06
N ALA A 629 21.60 38.53 -38.55
CA ALA A 629 21.58 39.99 -38.56
C ALA A 629 20.13 40.45 -38.60
N ILE A 630 19.75 41.30 -37.65
CA ILE A 630 18.39 41.78 -37.49
C ILE A 630 18.39 43.29 -37.66
N TYR A 631 17.49 43.79 -38.51
CA TYR A 631 17.38 45.20 -38.79
C TYR A 631 15.92 45.63 -38.70
N LEU A 632 15.71 46.92 -38.48
CA LEU A 632 14.39 47.53 -38.47
C LEU A 632 14.37 48.62 -39.55
N LYS A 633 14.04 48.23 -40.78
CA LYS A 633 14.04 49.18 -41.87
C LYS A 633 12.78 50.04 -41.82
N ASN A 634 12.80 51.13 -42.57
CA ASN A 634 11.71 52.09 -42.59
C ASN A 634 11.19 52.31 -44.01
N LYS A 635 11.18 51.25 -44.81
CA LYS A 635 10.69 51.30 -46.19
C LYS A 635 11.37 52.40 -46.99
N ASN A 636 10.69 53.52 -47.19
CA ASN A 636 11.28 54.64 -47.90
C ASN A 636 12.46 55.20 -47.11
N THR A 637 13.53 55.55 -47.82
CA THR A 637 14.78 56.01 -47.21
C THR A 637 15.28 54.99 -46.20
N GLY A 638 15.62 53.81 -46.71
CA GLY A 638 16.00 52.68 -45.87
C GLY A 638 17.14 52.96 -44.91
N TYR A 639 16.82 52.97 -43.62
CA TYR A 639 17.81 53.19 -42.57
C TYR A 639 17.64 52.13 -41.50
N THR A 640 18.76 51.75 -40.89
CA THR A 640 18.77 50.72 -39.85
C THR A 640 18.62 51.41 -38.49
N MET A 641 17.38 51.47 -37.99
CA MET A 641 17.16 51.99 -36.65
C MET A 641 17.82 51.11 -35.60
N TYR A 642 17.71 49.79 -35.76
CA TYR A 642 18.41 48.82 -34.94
C TYR A 642 19.14 47.84 -35.85
N GLU A 643 20.33 47.43 -35.43
CA GLU A 643 21.13 46.53 -36.26
C GLU A 643 22.07 45.72 -35.37
N ASP A 644 22.18 44.43 -35.68
CA ASP A 644 23.10 43.55 -34.97
C ASP A 644 24.43 43.45 -35.72
N THR A 645 24.38 42.96 -36.96
CA THR A 645 25.51 42.89 -37.88
C THR A 645 26.66 42.02 -37.38
N ASN A 646 26.47 41.30 -36.29
CA ASN A 646 27.50 40.41 -35.75
C ASN A 646 26.83 39.40 -34.82
N GLY A 647 27.66 38.65 -34.09
CA GLY A 647 27.16 37.64 -33.18
C GLY A 647 27.21 36.26 -33.77
N SER A 648 28.12 35.43 -33.29
CA SER A 648 28.30 34.07 -33.78
C SER A 648 28.09 33.07 -32.66
N SER A 649 27.40 31.98 -32.97
CA SER A 649 27.12 30.93 -31.98
C SER A 649 26.74 29.67 -32.73
N GLU A 650 27.46 28.58 -32.48
CA GLU A 650 27.16 27.31 -33.13
C GLU A 650 25.84 26.71 -32.67
N GLU A 651 25.32 27.16 -31.53
CA GLU A 651 24.04 26.68 -31.00
C GLU A 651 23.08 27.84 -30.84
N PHE A 652 21.82 27.51 -30.56
CA PHE A 652 20.81 28.54 -30.35
C PHE A 652 21.04 29.24 -29.01
N GLN A 653 21.03 30.57 -29.05
CA GLN A 653 21.09 31.37 -27.84
C GLN A 653 20.11 32.53 -27.96
N THR A 654 19.63 33.02 -26.82
CA THR A 654 18.63 34.07 -26.78
C THR A 654 19.32 35.42 -26.61
N ILE A 655 18.95 36.38 -27.46
CA ILE A 655 19.47 37.74 -27.39
C ILE A 655 18.28 38.68 -27.16
N ALA A 656 18.40 39.51 -26.13
CA ALA A 656 17.37 40.50 -25.79
C ALA A 656 18.04 41.85 -25.65
N VAL A 657 17.49 42.86 -26.33
CA VAL A 657 18.04 44.21 -26.34
C VAL A 657 16.90 45.21 -26.21
N ASN A 658 17.27 46.46 -25.96
CA ASN A 658 16.31 47.56 -25.87
C ASN A 658 16.34 48.37 -27.16
N TYR A 659 15.19 48.97 -27.48
CA TYR A 659 15.05 49.75 -28.70
C TYR A 659 14.10 50.90 -28.45
N THR A 660 14.26 51.97 -29.23
CA THR A 660 13.38 53.13 -29.14
C THR A 660 13.03 53.61 -30.55
N SER A 661 11.77 53.95 -30.75
CA SER A 661 11.29 54.59 -31.98
C SER A 661 10.87 56.00 -31.64
N GLU A 662 11.45 56.98 -32.34
CA GLU A 662 11.34 58.38 -31.93
C GLU A 662 10.49 59.21 -32.89
N THR A 663 10.85 59.25 -34.18
CA THR A 663 10.25 60.21 -35.10
C THR A 663 9.02 59.65 -35.81
N ASP A 664 8.08 59.08 -35.04
CA ASP A 664 6.80 58.57 -35.54
C ASP A 664 6.98 57.78 -36.82
N PRO A 665 7.56 56.58 -36.76
CA PRO A 665 7.87 55.85 -37.99
C PRO A 665 6.65 55.58 -38.87
N SER A 666 5.67 54.86 -38.32
CA SER A 666 4.44 54.49 -39.02
C SER A 666 4.71 53.60 -40.21
N GLN A 667 5.99 53.30 -40.47
CA GLN A 667 6.38 52.38 -41.53
C GLN A 667 7.77 51.84 -41.15
N THR A 668 7.79 50.62 -40.61
CA THR A 668 9.04 50.01 -40.16
C THR A 668 8.86 48.51 -40.16
N HIS A 669 9.67 47.82 -40.96
CA HIS A 669 9.57 46.37 -41.07
C HIS A 669 10.83 45.70 -40.53
N LEU A 670 10.62 44.63 -39.78
CA LEU A 670 11.72 43.81 -39.29
C LEU A 670 12.30 42.98 -40.43
N VAL A 671 13.62 42.93 -40.49
CA VAL A 671 14.34 42.18 -41.52
C VAL A 671 15.34 41.26 -40.82
N PHE A 672 15.26 39.97 -41.13
CA PHE A 672 16.18 38.96 -40.61
C PHE A 672 16.96 38.39 -41.78
N LYS A 673 18.29 38.44 -41.70
CA LYS A 673 19.12 38.01 -42.81
C LYS A 673 20.42 37.42 -42.27
N SER A 674 20.91 36.38 -42.93
CA SER A 674 22.20 35.81 -42.54
C SER A 674 23.34 36.70 -43.03
N GLN A 675 24.55 36.36 -42.59
CA GLN A 675 25.74 37.01 -43.11
C GLN A 675 25.92 36.64 -44.58
N SER A 676 26.63 37.50 -45.31
CA SER A 676 26.81 37.29 -46.75
C SER A 676 27.50 35.96 -47.04
N GLY A 677 28.28 35.45 -46.09
CA GLY A 677 28.97 34.19 -46.28
C GLY A 677 28.78 33.21 -45.13
N TYR A 678 27.60 33.19 -44.53
CA TYR A 678 27.33 32.31 -43.40
C TYR A 678 25.85 31.89 -43.44
N GLU A 679 25.53 30.92 -42.60
CA GLU A 679 24.17 30.39 -42.47
C GLU A 679 23.61 30.77 -41.11
N ALA A 680 22.35 31.20 -41.08
CA ALA A 680 21.73 31.67 -39.85
C ALA A 680 20.34 31.07 -39.67
N TRP A 681 19.98 30.82 -38.42
CA TRP A 681 18.66 30.39 -38.02
C TRP A 681 18.10 31.39 -37.01
N GLY A 682 16.83 31.75 -37.16
CA GLY A 682 16.20 32.67 -36.23
C GLY A 682 14.82 32.18 -35.85
N ASP A 683 14.45 32.48 -34.61
CA ASP A 683 13.14 32.07 -34.10
C ASP A 683 12.78 32.95 -32.91
N ASN A 684 11.50 32.89 -32.54
CA ASN A 684 10.98 33.58 -31.36
C ASN A 684 11.29 35.07 -31.39
N PHE A 685 10.86 35.72 -32.47
CA PHE A 685 11.04 37.16 -32.66
C PHE A 685 9.89 37.88 -31.93
N ILE A 686 10.20 38.45 -30.78
CA ILE A 686 9.20 39.14 -29.96
C ILE A 686 9.64 40.58 -29.75
N ILE A 687 8.75 41.52 -30.02
CA ILE A 687 8.97 42.94 -29.78
C ILE A 687 7.90 43.40 -28.81
N LEU A 688 8.29 43.59 -27.56
CA LEU A 688 7.36 43.94 -26.49
C LEU A 688 7.36 45.45 -26.25
N GLU A 689 6.18 46.01 -26.09
CA GLU A 689 6.02 47.43 -25.75
C GLU A 689 6.30 47.58 -24.26
N CYS A 690 7.57 47.78 -23.93
CA CYS A 690 8.00 47.83 -22.54
C CYS A 690 7.65 49.17 -21.91
N LYS A 691 7.70 49.19 -20.58
CA LYS A 691 7.50 50.41 -19.80
C LYS A 691 8.56 50.47 -18.71
N ALA A 692 9.18 51.64 -18.55
CA ALA A 692 10.21 51.80 -17.54
C ALA A 692 10.19 53.24 -17.04
N PHE A 693 10.71 53.42 -15.83
CA PHE A 693 10.77 54.74 -15.19
C PHE A 693 12.21 55.07 -14.84
N GLU A 694 12.59 56.32 -15.10
CA GLU A 694 13.94 56.79 -14.85
C GLU A 694 14.00 57.51 -13.50
N THR A 695 15.20 57.94 -13.13
CA THR A 695 15.39 58.64 -11.86
C THR A 695 14.87 60.08 -11.98
N PRO A 696 13.91 60.48 -11.14
CA PRO A 696 13.44 61.87 -11.20
C PRO A 696 14.52 62.85 -10.78
N GLU A 697 14.45 64.06 -11.35
CA GLU A 697 15.43 65.08 -11.03
C GLU A 697 15.22 65.62 -9.62
N GLY A 698 13.96 65.82 -9.22
CA GLY A 698 13.65 66.34 -7.91
C GLY A 698 13.50 67.85 -7.91
N PRO A 699 12.36 68.33 -7.45
CA PRO A 699 12.13 69.79 -7.42
C PRO A 699 13.07 70.47 -6.44
N GLU A 700 13.34 71.74 -6.71
CA GLU A 700 14.18 72.57 -5.84
C GLU A 700 13.32 73.10 -4.70
N LEU A 701 13.54 72.58 -3.48
CA LEU A 701 12.68 72.93 -2.37
C LEU A 701 12.97 74.34 -1.86
N ILE A 702 14.25 74.71 -1.76
CA ILE A 702 14.64 76.01 -1.21
C ILE A 702 14.97 76.95 -2.36
N LYS A 703 14.48 78.19 -2.26
CA LYS A 703 14.65 79.15 -3.33
C LYS A 703 15.25 80.45 -2.81
N PHE A 704 15.31 81.48 -3.66
CA PHE A 704 15.97 82.74 -3.33
C PHE A 704 15.01 83.90 -3.12
N ASP A 705 13.85 83.89 -3.76
CA ASP A 705 12.91 85.01 -3.67
C ASP A 705 11.86 84.83 -2.58
N ASP A 706 11.82 83.69 -1.90
CA ASP A 706 10.85 83.44 -0.85
C ASP A 706 11.46 83.46 0.55
N TRP A 707 12.68 83.96 0.69
CA TRP A 707 13.30 84.09 2.01
C TRP A 707 12.52 85.09 2.85
N ILE A 708 12.20 84.71 4.09
CA ILE A 708 11.60 85.64 5.05
C ILE A 708 12.70 86.05 6.03
N SER A 709 12.66 87.31 6.43
CA SER A 709 13.69 87.87 7.29
C SER A 709 13.06 88.57 8.49
N PHE A 710 13.64 88.37 9.66
CA PHE A 710 13.21 89.04 10.88
C PHE A 710 14.40 89.73 11.51
N GLY A 711 14.17 90.93 12.06
CA GLY A 711 15.24 91.65 12.72
C GLY A 711 16.15 92.36 11.75
N THR A 712 17.42 92.49 12.15
CA THR A 712 18.42 93.23 11.40
C THR A 712 19.09 92.29 10.41
N THR A 713 18.62 92.30 9.16
CA THR A 713 19.20 91.50 8.08
C THR A 713 19.31 92.37 6.84
N TYR A 714 20.41 92.22 6.10
CA TYR A 714 20.68 93.05 4.92
C TYR A 714 20.75 92.14 3.70
N ILE A 715 19.81 92.29 2.78
CA ILE A 715 19.77 91.50 1.56
C ILE A 715 20.30 92.38 0.42
N ARG A 716 21.43 91.99 -0.14
CA ARG A 716 22.02 92.72 -1.28
C ARG A 716 22.54 91.69 -2.28
N ASP A 717 22.15 91.87 -3.55
CA ASP A 717 22.41 90.92 -4.63
C ASP A 717 22.27 89.48 -4.16
N ASP A 718 23.20 88.60 -4.55
CA ASP A 718 23.18 87.22 -4.09
C ASP A 718 23.89 87.07 -2.74
N VAL A 719 23.50 87.91 -1.79
CA VAL A 719 24.11 87.94 -0.47
C VAL A 719 23.03 88.27 0.55
N LEU A 720 22.94 87.47 1.62
CA LEU A 720 22.00 87.69 2.71
C LEU A 720 22.83 87.84 3.98
N THR A 721 23.27 89.07 4.25
CA THR A 721 24.08 89.34 5.43
C THR A 721 23.20 89.27 6.67
N ILE A 722 23.52 88.34 7.57
CA ILE A 722 22.83 88.20 8.85
C ILE A 722 23.67 88.88 9.92
N ASP A 723 23.02 89.71 10.74
CA ASP A 723 23.73 90.48 11.75
C ASP A 723 23.62 89.77 13.10
N PRO A 724 24.71 89.24 13.64
CA PRO A 724 24.64 88.63 14.97
C PRO A 724 24.44 89.66 16.07
N SER A 725 24.45 89.21 17.33
CA SER A 725 24.22 90.08 18.47
C SER A 725 22.83 90.71 18.42
N ARG A 726 22.61 91.57 17.43
CA ARG A 726 21.27 92.10 17.21
C ARG A 726 20.32 90.98 16.80
N GLY A 727 19.13 90.99 17.39
CA GLY A 727 18.15 89.96 17.11
C GLY A 727 17.71 89.92 15.66
N GLY A 728 18.10 88.87 14.94
CA GLY A 728 17.73 88.73 13.55
C GLY A 728 18.00 87.35 13.00
N TYR A 729 17.24 86.94 11.98
CA TYR A 729 17.39 85.62 11.40
C TYR A 729 16.64 85.53 10.08
N PHE A 730 17.13 84.67 9.19
CA PHE A 730 16.47 84.30 7.95
C PHE A 730 15.79 82.95 8.11
N ARG A 731 14.63 82.80 7.47
CA ARG A 731 13.91 81.53 7.47
C ARG A 731 13.27 81.30 6.12
N GLN A 732 12.91 80.04 5.86
CA GLN A 732 12.19 79.66 4.66
C GLN A 732 11.59 78.28 4.86
N SER A 733 10.29 78.16 4.61
CA SER A 733 9.61 76.89 4.79
C SER A 733 10.07 75.87 3.75
N LEU A 734 9.94 74.59 4.10
CA LEU A 734 10.36 73.51 3.24
C LEU A 734 9.23 72.50 3.08
N LYS A 735 9.23 71.81 1.94
CA LYS A 735 8.23 70.79 1.62
C LYS A 735 8.82 69.38 1.76
N LEU A 736 9.65 69.17 2.79
CA LEU A 736 10.33 67.90 2.97
C LEU A 736 9.32 66.77 3.12
N ASP A 737 9.64 65.62 2.52
CA ASP A 737 8.78 64.46 2.54
C ASP A 737 9.14 63.56 3.73
N SER A 738 8.61 62.35 3.75
CA SER A 738 8.84 61.40 4.83
C SER A 738 9.83 60.33 4.38
N TYR A 739 10.77 60.00 5.26
CA TYR A 739 11.82 59.02 4.98
C TYR A 739 12.59 59.38 3.72
N SER A 740 12.89 60.67 3.56
CA SER A 740 13.50 61.19 2.35
C SER A 740 14.83 61.85 2.67
N THR A 741 15.83 61.59 1.82
CA THR A 741 17.16 62.16 1.98
C THR A 741 17.33 63.31 1.00
N TYR A 742 17.80 64.45 1.51
CA TYR A 742 17.99 65.65 0.71
C TYR A 742 19.45 66.09 0.80
N ASN A 743 20.05 66.36 -0.36
CA ASN A 743 21.37 66.95 -0.43
C ASN A 743 21.23 68.47 -0.52
N LEU A 744 21.93 69.17 0.37
CA LEU A 744 21.86 70.62 0.47
C LEU A 744 23.23 71.22 0.25
N SER A 745 23.33 72.17 -0.68
CA SER A 745 24.56 72.90 -0.90
C SER A 745 24.54 74.21 -0.12
N PHE A 746 25.71 74.62 0.36
CA PHE A 746 25.80 75.79 1.23
C PHE A 746 27.11 76.52 0.97
N SER A 747 27.12 77.80 1.31
CA SER A 747 28.30 78.66 1.21
C SER A 747 28.46 79.36 2.55
N PHE A 748 29.38 78.85 3.38
CA PHE A 748 29.54 79.37 4.73
C PHE A 748 30.36 80.65 4.74
N SER A 749 29.92 81.60 5.56
CA SER A 749 30.65 82.85 5.77
C SER A 749 30.20 83.44 7.10
N GLY A 750 31.07 84.24 7.70
CA GLY A 750 30.78 84.85 8.98
C GLY A 750 31.05 83.91 10.14
N LEU A 751 31.60 84.46 11.23
CA LEU A 751 32.04 83.64 12.35
C LEU A 751 30.85 82.99 13.04
N TRP A 752 30.93 81.66 13.22
CA TRP A 752 29.93 80.89 13.95
C TRP A 752 28.53 81.10 13.38
N ALA A 753 28.42 81.00 12.05
CA ALA A 753 27.15 81.16 11.36
C ALA A 753 26.31 79.90 11.57
N LYS A 754 25.35 79.98 12.50
CA LYS A 754 24.53 78.83 12.83
C LYS A 754 23.50 78.58 11.74
N VAL A 755 23.39 77.33 11.32
CA VAL A 755 22.37 76.88 10.36
C VAL A 755 21.62 75.72 11.00
N ILE A 756 20.30 75.85 11.08
CA ILE A 756 19.48 74.81 11.72
C ILE A 756 18.24 74.58 10.87
N ILE A 757 18.14 73.40 10.24
CA ILE A 757 16.95 72.99 9.53
C ILE A 757 16.06 72.29 10.54
N LYS A 758 15.10 73.02 11.11
CA LYS A 758 14.35 72.54 12.26
C LYS A 758 12.87 72.89 12.11
N ASN A 759 12.12 72.56 13.15
CA ASN A 759 10.69 72.81 13.26
C ASN A 759 10.41 73.56 14.57
N SER A 760 9.27 74.24 14.60
CA SER A 760 8.91 75.03 15.78
C SER A 760 8.77 74.16 17.03
N HIS A 761 8.46 72.87 16.85
CA HIS A 761 8.31 71.98 17.99
C HIS A 761 9.66 71.72 18.69
N GLY A 762 10.75 71.79 17.95
CA GLY A 762 12.06 71.60 18.55
C GLY A 762 12.84 70.44 17.99
N VAL A 763 12.44 69.93 16.83
CA VAL A 763 13.11 68.82 16.18
C VAL A 763 14.12 69.40 15.18
N VAL A 764 15.38 69.03 15.34
CA VAL A 764 16.48 69.54 14.52
C VAL A 764 17.05 68.39 13.70
N LEU A 765 17.13 68.58 12.39
CA LEU A 765 17.62 67.55 11.48
C LEU A 765 19.00 67.85 10.91
N PHE A 766 19.36 69.12 10.75
CA PHE A 766 20.64 69.48 10.14
C PHE A 766 21.16 70.74 10.84
N GLU A 767 22.26 70.60 11.57
CA GLU A 767 22.88 71.71 12.28
C GLU A 767 24.36 71.76 11.97
N LYS A 768 24.85 72.93 11.57
CA LYS A 768 26.26 73.13 11.28
C LYS A 768 26.70 74.49 11.80
N VAL A 769 27.92 74.53 12.34
CA VAL A 769 28.52 75.76 12.88
C VAL A 769 29.83 76.00 12.15
N SER A 770 30.00 77.21 11.64
CA SER A 770 31.22 77.57 10.93
C SER A 770 32.33 77.85 11.93
N GLN A 771 33.52 77.28 11.68
CA GLN A 771 34.68 77.48 12.53
C GLN A 771 35.73 78.38 11.89
N GLN A 772 36.13 78.07 10.65
CA GLN A 772 37.03 78.92 9.87
C GLN A 772 36.22 79.40 8.66
N SER A 773 35.48 80.48 8.85
CA SER A 773 34.51 80.94 7.86
C SER A 773 35.12 82.02 6.98
N SER A 774 36.08 81.61 6.16
CA SER A 774 36.65 82.47 5.13
C SER A 774 35.95 82.26 3.79
N TYR A 775 36.05 81.06 3.23
CA TYR A 775 35.30 80.70 2.03
C TYR A 775 34.87 79.24 2.04
N VAL A 776 34.66 78.67 3.23
CA VAL A 776 34.35 77.26 3.33
C VAL A 776 32.93 76.98 2.84
N ASP A 777 32.75 75.82 2.21
CA ASP A 777 31.47 75.38 1.70
C ASP A 777 31.19 73.97 2.17
N ILE A 778 29.91 73.68 2.41
CA ILE A 778 29.47 72.36 2.86
C ILE A 778 28.31 71.91 1.99
N SER A 779 28.33 70.63 1.62
CA SER A 779 27.31 70.03 0.76
C SER A 779 26.85 68.70 1.34
N GLU A 780 26.53 68.70 2.63
CA GLU A 780 26.10 67.48 3.32
C GLU A 780 24.66 67.14 2.94
N SER A 781 24.15 66.07 3.54
CA SER A 781 22.80 65.60 3.29
C SER A 781 22.11 65.28 4.62
N PHE A 782 20.78 65.39 4.61
CA PHE A 782 19.99 65.14 5.81
C PHE A 782 18.77 64.31 5.46
N THR A 783 18.34 63.48 6.40
CA THR A 783 17.23 62.55 6.21
C THR A 783 16.06 62.94 7.10
N THR A 784 14.88 63.08 6.48
CA THR A 784 13.64 63.34 7.20
C THR A 784 12.87 62.03 7.33
N THR A 785 12.87 61.45 8.53
CA THR A 785 12.23 60.17 8.76
C THR A 785 10.72 60.21 8.60
N SER A 786 10.02 60.90 9.52
CA SER A 786 8.56 60.86 9.49
C SER A 786 7.90 62.19 9.84
N ASN A 787 8.62 63.30 9.78
CA ASN A 787 8.11 64.59 10.25
C ASN A 787 7.70 65.51 9.10
N LYS A 788 7.08 64.96 8.06
CA LYS A 788 6.65 65.77 6.92
C LYS A 788 5.73 66.90 7.36
N GLU A 789 6.22 68.13 7.28
CA GLU A 789 5.47 69.32 7.66
C GLU A 789 6.24 70.54 7.14
N GLY A 790 5.84 71.72 7.55
CA GLY A 790 6.52 72.94 7.15
C GLY A 790 7.83 73.18 7.88
N PHE A 791 8.82 72.33 7.61
CA PHE A 791 10.15 72.54 8.17
C PHE A 791 10.75 73.83 7.65
N PHE A 792 11.53 74.50 8.49
CA PHE A 792 12.15 75.76 8.11
C PHE A 792 13.63 75.76 8.49
N ILE A 793 14.43 76.45 7.68
CA ILE A 793 15.86 76.57 7.90
C ILE A 793 16.13 77.95 8.49
N GLU A 794 16.71 77.98 9.68
CA GLU A 794 17.01 79.21 10.40
C GLU A 794 18.51 79.49 10.30
N LEU A 795 18.85 80.73 9.98
CA LEU A 795 20.23 81.19 9.81
C LEU A 795 20.50 82.24 10.86
N THR A 796 21.25 81.86 11.91
CA THR A 796 21.62 82.80 12.95
C THR A 796 23.11 82.68 13.26
N GLY A 797 23.57 83.35 14.31
CA GLY A 797 24.96 83.34 14.67
C GLY A 797 25.17 83.09 16.14
N ASP A 798 26.29 82.44 16.46
CA ASP A 798 26.66 82.17 17.84
C ASP A 798 27.54 83.27 18.42
N SER A 799 28.58 83.66 17.68
CA SER A 799 29.45 84.74 18.12
C SER A 799 28.72 86.08 18.02
N ARG A 800 29.12 87.01 18.89
CA ARG A 800 28.50 88.34 18.88
C ARG A 800 28.79 89.06 17.57
N GLY A 801 30.01 88.95 17.07
CA GLY A 801 30.40 89.52 15.79
C GLY A 801 30.33 88.52 14.67
N GLY A 802 31.14 88.72 13.65
CA GLY A 802 31.17 87.81 12.52
C GLY A 802 29.92 87.87 11.66
N PHE A 803 29.75 88.97 10.93
CA PHE A 803 28.58 89.15 10.09
C PHE A 803 28.53 88.10 8.98
N GLY A 804 27.62 87.14 9.11
CA GLY A 804 27.57 86.03 8.17
C GLY A 804 26.92 86.40 6.85
N SER A 805 27.38 85.74 5.80
CA SER A 805 26.81 85.88 4.47
C SER A 805 26.47 84.50 3.93
N PHE A 806 25.30 84.38 3.31
CA PHE A 806 24.81 83.11 2.81
C PHE A 806 24.41 83.23 1.35
N ARG A 807 24.76 82.21 0.57
CA ARG A 807 24.40 82.14 -0.84
C ARG A 807 24.52 80.69 -1.30
N ASP A 808 24.26 80.46 -2.58
CA ASP A 808 24.37 79.15 -3.21
C ASP A 808 23.49 78.12 -2.48
N PHE A 809 22.19 78.37 -2.53
CA PHE A 809 21.19 77.51 -1.88
C PHE A 809 20.62 76.54 -2.92
N SER A 810 20.73 75.25 -2.63
CA SER A 810 20.17 74.22 -3.51
C SER A 810 19.95 72.97 -2.67
N MET A 811 18.68 72.65 -2.40
CA MET A 811 18.30 71.46 -1.65
C MET A 811 17.49 70.55 -2.56
N LYS A 812 18.07 69.43 -2.95
CA LYS A 812 17.43 68.51 -3.87
C LYS A 812 17.36 67.12 -3.26
N GLU A 813 16.21 66.47 -3.41
CA GLU A 813 16.06 65.12 -2.89
C GLU A 813 16.92 64.14 -3.71
N LYS A 814 17.68 63.32 -3.01
CA LYS A 814 18.52 62.31 -3.66
C LYS A 814 17.72 61.04 -3.89
N PHE A 815 17.99 60.38 -5.01
CA PHE A 815 17.29 59.15 -5.36
C PHE A 815 18.27 58.00 -5.55
N SER B 33 -51.06 3.35 8.87
CA SER B 33 -49.93 2.89 8.07
C SER B 33 -49.55 1.46 8.43
N PHE B 34 -48.44 0.99 7.85
CA PHE B 34 -47.94 -0.36 8.12
C PHE B 34 -46.44 -0.28 8.39
N ILE B 35 -45.96 -1.25 9.16
CA ILE B 35 -44.58 -1.25 9.62
C ILE B 35 -43.77 -2.22 8.77
N ASP B 36 -42.45 -2.00 8.75
CA ASP B 36 -41.52 -2.84 8.01
C ASP B 36 -40.82 -3.76 9.00
N VAL B 37 -41.04 -5.07 8.86
CA VAL B 37 -40.46 -6.07 9.75
C VAL B 37 -39.29 -6.73 9.04
N PHE B 38 -38.16 -6.83 9.74
CA PHE B 38 -36.94 -7.43 9.21
C PHE B 38 -36.72 -8.79 9.86
N ASN B 39 -36.53 -9.81 9.04
CA ASN B 39 -36.50 -11.20 9.51
C ASN B 39 -35.10 -11.69 9.85
N GLY B 40 -34.08 -10.84 9.75
CA GLY B 40 -32.74 -11.20 10.15
C GLY B 40 -31.93 -11.87 9.05
N ILE B 41 -30.64 -12.05 9.35
CA ILE B 41 -29.74 -12.70 8.42
C ILE B 41 -30.15 -14.15 8.22
N TYR B 42 -30.64 -14.80 9.28
CA TYR B 42 -31.15 -16.16 9.16
C TYR B 42 -32.33 -16.21 8.20
N GLY B 43 -33.26 -15.25 8.30
CA GLY B 43 -34.38 -15.22 7.38
C GLY B 43 -33.95 -14.95 5.96
N PHE B 44 -32.97 -14.06 5.78
CA PHE B 44 -32.45 -13.79 4.43
C PHE B 44 -31.80 -15.05 3.84
N ALA B 45 -31.03 -15.78 4.64
CA ALA B 45 -30.42 -17.02 4.16
C ALA B 45 -31.47 -18.06 3.82
N THR B 46 -32.54 -18.14 4.63
CA THR B 46 -33.62 -19.07 4.32
C THR B 46 -34.30 -18.70 3.01
N GLY B 47 -34.53 -17.41 2.79
CA GLY B 47 -35.10 -16.98 1.52
C GLY B 47 -34.20 -17.31 0.34
N ILE B 48 -32.90 -17.11 0.51
CA ILE B 48 -31.94 -17.45 -0.55
C ILE B 48 -31.96 -18.96 -0.82
N GLN B 49 -32.08 -19.76 0.23
CA GLN B 49 -32.20 -21.21 0.05
C GLN B 49 -33.46 -21.56 -0.72
N ASP B 50 -34.58 -20.89 -0.42
CA ASP B 50 -35.80 -21.14 -1.16
C ASP B 50 -35.65 -20.77 -2.63
N ILE B 51 -34.98 -19.65 -2.92
CA ILE B 51 -34.74 -19.27 -4.31
C ILE B 51 -33.82 -20.29 -4.98
N PHE B 52 -32.85 -20.82 -4.24
CA PHE B 52 -31.98 -21.86 -4.80
C PHE B 52 -32.79 -23.10 -5.18
N ASN B 53 -33.71 -23.51 -4.31
CA ASN B 53 -34.57 -24.65 -4.63
C ASN B 53 -35.43 -24.36 -5.85
N MET B 54 -35.96 -23.14 -5.94
CA MET B 54 -36.75 -22.78 -7.11
C MET B 54 -35.92 -22.83 -8.39
N ILE B 55 -34.67 -22.35 -8.32
CA ILE B 55 -33.78 -22.40 -9.49
C ILE B 55 -33.50 -23.84 -9.88
N PHE B 56 -33.20 -24.68 -8.89
CA PHE B 56 -32.96 -26.10 -9.17
C PHE B 56 -34.21 -26.80 -9.68
N GLY B 57 -35.39 -26.24 -9.44
CA GLY B 57 -36.62 -26.81 -9.97
C GLY B 57 -36.73 -26.75 -11.48
N THR B 58 -36.01 -25.84 -12.12
CA THR B 58 -36.05 -25.74 -13.57
C THR B 58 -35.34 -26.92 -14.21
N ASP B 59 -36.02 -27.59 -15.14
CA ASP B 59 -35.52 -28.83 -15.73
C ASP B 59 -34.23 -28.64 -16.49
N THR B 60 -34.29 -27.90 -17.60
CA THR B 60 -33.16 -27.72 -18.53
C THR B 60 -32.48 -29.07 -18.81
N GLY B 61 -33.30 -30.07 -19.10
CA GLY B 61 -32.82 -31.43 -19.26
C GLY B 61 -31.88 -31.64 -20.43
N ASP B 62 -30.59 -31.84 -20.15
CA ASP B 62 -29.58 -32.13 -21.16
C ASP B 62 -29.52 -31.05 -22.24
N LEU B 63 -29.80 -29.80 -21.86
CA LEU B 63 -29.75 -28.67 -22.77
C LEU B 63 -28.78 -27.63 -22.23
N THR B 64 -27.99 -27.05 -23.13
CA THR B 64 -27.04 -26.01 -22.80
C THR B 64 -27.35 -24.77 -23.64
N LEU B 65 -27.29 -23.60 -23.00
CA LEU B 65 -27.58 -22.36 -23.70
C LEU B 65 -26.59 -22.15 -24.84
N GLU B 66 -27.12 -21.80 -26.01
CA GLU B 66 -26.30 -21.59 -27.20
C GLU B 66 -26.55 -20.21 -27.79
N GLU B 67 -26.00 -19.94 -28.96
CA GLU B 67 -26.14 -18.65 -29.63
C GLU B 67 -27.23 -18.76 -30.69
N VAL B 68 -28.28 -17.96 -30.55
CA VAL B 68 -29.35 -17.92 -31.53
C VAL B 68 -28.85 -17.11 -32.72
N LEU B 69 -28.70 -17.77 -33.88
CA LEU B 69 -28.12 -17.14 -35.05
C LEU B 69 -29.04 -16.07 -35.64
N LYS B 70 -30.31 -16.03 -35.25
CA LYS B 70 -31.29 -15.07 -35.77
C LYS B 70 -31.44 -15.20 -37.29
N ASN B 71 -31.23 -16.40 -37.82
CA ASN B 71 -31.32 -16.66 -39.25
C ASN B 71 -32.49 -17.59 -39.58
N GLN B 72 -33.47 -17.70 -38.69
CA GLN B 72 -34.57 -18.64 -38.88
C GLN B 72 -35.39 -18.30 -40.12
N GLU B 73 -35.56 -17.00 -40.40
CA GLU B 73 -36.43 -16.58 -41.49
C GLU B 73 -35.93 -17.09 -42.84
N LEU B 74 -34.63 -16.94 -43.09
CA LEU B 74 -34.07 -17.42 -44.35
C LEU B 74 -33.87 -18.94 -44.33
N LEU B 75 -33.44 -19.47 -43.19
CA LEU B 75 -33.15 -20.90 -43.09
C LEU B 75 -34.40 -21.74 -43.29
N TYR B 76 -35.57 -21.25 -42.85
CA TYR B 76 -36.79 -22.02 -43.00
C TYR B 76 -37.13 -22.22 -44.48
N ASP B 77 -37.11 -21.13 -45.25
CA ASP B 77 -37.43 -21.26 -46.68
C ASP B 77 -36.34 -22.04 -47.41
N ILE B 78 -35.07 -21.84 -47.04
CA ILE B 78 -34.01 -22.61 -47.66
C ILE B 78 -34.21 -24.10 -47.42
N SER B 79 -34.52 -24.47 -46.17
CA SER B 79 -34.77 -25.87 -45.84
C SER B 79 -35.96 -26.42 -46.59
N GLY B 80 -37.04 -25.63 -46.70
CA GLY B 80 -38.20 -26.11 -47.43
C GLY B 80 -37.91 -26.37 -48.89
N LYS B 81 -37.24 -25.41 -49.55
CA LYS B 81 -36.90 -25.58 -50.96
C LYS B 81 -35.95 -26.76 -51.16
N LEU B 82 -34.93 -26.89 -50.30
CA LEU B 82 -34.00 -28.00 -50.43
C LEU B 82 -34.69 -29.33 -50.18
N GLU B 83 -35.63 -29.38 -49.23
CA GLU B 83 -36.38 -30.60 -49.00
C GLU B 83 -37.22 -30.98 -50.21
N GLY B 84 -37.88 -29.99 -50.82
CA GLY B 84 -38.65 -30.29 -52.02
C GLY B 84 -37.79 -30.82 -53.15
N ILE B 85 -36.66 -30.16 -53.39
CA ILE B 85 -35.77 -30.59 -54.48
C ILE B 85 -35.20 -31.98 -54.19
N SER B 86 -34.80 -32.23 -52.95
CA SER B 86 -34.26 -33.53 -52.58
C SER B 86 -35.31 -34.62 -52.73
N GLY B 87 -36.56 -34.34 -52.33
CA GLY B 87 -37.62 -35.31 -52.51
C GLY B 87 -37.88 -35.62 -53.98
N ASP B 88 -37.88 -34.58 -54.82
CA ASP B 88 -38.09 -34.81 -56.26
C ASP B 88 -36.95 -35.63 -56.85
N LEU B 89 -35.71 -35.32 -56.47
CA LEU B 89 -34.56 -36.08 -56.98
C LEU B 89 -34.60 -37.53 -56.49
N SER B 90 -35.00 -37.73 -55.23
CA SER B 90 -35.11 -39.08 -54.69
C SER B 90 -36.17 -39.87 -55.44
N GLU B 91 -37.31 -39.23 -55.74
CA GLU B 91 -38.34 -39.91 -56.53
C GLU B 91 -37.82 -40.27 -57.92
N ILE B 92 -37.10 -39.34 -58.56
CA ILE B 92 -36.56 -39.61 -59.89
C ILE B 92 -35.60 -40.79 -59.85
N ILE B 93 -34.72 -40.84 -58.84
CA ILE B 93 -33.78 -41.95 -58.72
C ILE B 93 -34.53 -43.25 -58.45
N ALA B 94 -35.52 -43.22 -57.56
CA ALA B 94 -36.24 -44.43 -57.19
C ALA B 94 -37.12 -44.96 -58.31
N GLN B 95 -37.51 -44.12 -59.27
CA GLN B 95 -38.31 -44.60 -60.38
C GLN B 95 -37.56 -45.65 -61.22
N GLY B 96 -36.24 -45.70 -61.14
CA GLY B 96 -35.49 -46.68 -61.89
C GLY B 96 -35.45 -46.37 -63.38
N ASN B 97 -35.13 -47.40 -64.16
CA ASN B 97 -35.02 -47.29 -65.62
C ASN B 97 -33.99 -46.23 -66.01
N LEU B 98 -32.86 -46.23 -65.33
CA LEU B 98 -31.79 -45.26 -65.57
C LEU B 98 -30.48 -46.00 -65.79
N ASN B 99 -29.55 -45.32 -66.47
CA ASN B 99 -28.22 -45.85 -66.66
C ASN B 99 -27.51 -46.01 -65.34
N THR B 100 -26.69 -47.05 -65.21
CA THR B 100 -26.05 -47.36 -63.94
C THR B 100 -25.12 -46.24 -63.50
N GLU B 101 -24.28 -45.75 -64.42
CA GLU B 101 -23.38 -44.65 -64.08
C GLU B 101 -24.16 -43.35 -63.82
N LEU B 102 -25.19 -43.09 -64.64
CA LEU B 102 -26.03 -41.92 -64.42
C LEU B 102 -26.75 -42.01 -63.08
N ALA B 103 -27.29 -43.19 -62.75
CA ALA B 103 -27.95 -43.37 -61.46
C ALA B 103 -26.97 -43.18 -60.32
N LYS B 104 -25.74 -43.68 -60.47
CA LYS B 104 -24.75 -43.55 -59.40
C LYS B 104 -24.35 -42.10 -59.18
N GLU B 105 -24.13 -41.34 -60.25
CA GLU B 105 -23.77 -39.93 -60.08
C GLU B 105 -24.95 -39.12 -59.55
N LEU B 106 -26.18 -39.45 -59.97
CA LEU B 106 -27.35 -38.82 -59.37
C LEU B 106 -27.44 -39.13 -57.89
N LEU B 107 -27.14 -40.37 -57.49
CA LEU B 107 -27.14 -40.71 -56.08
C LEU B 107 -26.08 -39.94 -55.32
N LYS B 108 -24.91 -39.74 -55.92
CA LYS B 108 -23.85 -38.98 -55.26
C LYS B 108 -24.26 -37.52 -55.06
N ILE B 109 -24.81 -36.90 -56.10
CA ILE B 109 -25.22 -35.50 -55.95
C ILE B 109 -26.40 -35.38 -54.99
N ALA B 110 -27.29 -36.39 -54.97
CA ALA B 110 -28.38 -36.39 -54.00
C ALA B 110 -27.84 -36.52 -52.58
N ASN B 111 -26.81 -37.34 -52.37
CA ASN B 111 -26.19 -37.45 -51.05
C ASN B 111 -25.59 -36.13 -50.62
N GLU B 112 -24.90 -35.44 -51.53
CA GLU B 112 -24.30 -34.15 -51.18
C GLU B 112 -25.37 -33.11 -50.88
N GLN B 113 -26.43 -33.06 -51.68
CA GLN B 113 -27.53 -32.13 -51.41
C GLN B 113 -28.21 -32.47 -50.08
N ASN B 114 -28.33 -33.76 -49.76
CA ASN B 114 -28.87 -34.16 -48.48
C ASN B 114 -27.96 -33.76 -47.33
N ASN B 115 -26.64 -33.78 -47.55
CA ASN B 115 -25.72 -33.27 -46.53
C ASN B 115 -25.97 -31.79 -46.27
N VAL B 116 -26.13 -31.01 -47.36
CA VAL B 116 -26.39 -29.58 -47.20
C VAL B 116 -27.72 -29.37 -46.45
N LEU B 117 -28.75 -30.10 -46.87
CA LEU B 117 -30.06 -29.98 -46.22
C LEU B 117 -30.00 -30.39 -44.77
N THR B 118 -29.22 -31.44 -44.46
CA THR B 118 -29.09 -31.89 -43.07
C THR B 118 -28.39 -30.85 -42.23
N ASP B 119 -27.36 -30.20 -42.76
CA ASP B 119 -26.71 -29.12 -42.02
C ASP B 119 -27.67 -27.97 -41.75
N VAL B 120 -28.44 -27.58 -42.77
CA VAL B 120 -29.40 -26.50 -42.60
C VAL B 120 -30.46 -26.88 -41.57
N ASN B 121 -30.95 -28.12 -41.65
CA ASN B 121 -31.98 -28.58 -40.72
C ASN B 121 -31.44 -28.67 -39.30
N ASN B 122 -30.18 -29.09 -39.13
CA ASN B 122 -29.60 -29.12 -37.80
C ASN B 122 -29.48 -27.73 -37.21
N LYS B 123 -29.04 -26.76 -38.02
CA LYS B 123 -28.96 -25.38 -37.54
C LYS B 123 -30.34 -24.86 -37.17
N LEU B 124 -31.34 -25.13 -38.01
CA LEU B 124 -32.70 -24.68 -37.74
C LEU B 124 -33.27 -25.35 -36.48
N ASN B 125 -32.98 -26.63 -36.29
CA ASN B 125 -33.44 -27.33 -35.09
C ASN B 125 -32.78 -26.78 -33.84
N ALA B 126 -31.50 -26.45 -33.91
CA ALA B 126 -30.85 -25.81 -32.77
C ALA B 126 -31.49 -24.47 -32.45
N ILE B 127 -31.78 -23.68 -33.49
CA ILE B 127 -32.43 -22.38 -33.27
C ILE B 127 -33.81 -22.58 -32.64
N ASN B 128 -34.58 -23.54 -33.15
CA ASN B 128 -35.92 -23.78 -32.63
C ASN B 128 -35.87 -24.28 -31.19
N SER B 129 -34.91 -25.15 -30.87
CA SER B 129 -34.77 -25.63 -29.49
C SER B 129 -34.41 -24.48 -28.55
N MET B 130 -33.52 -23.59 -28.99
CA MET B 130 -33.21 -22.42 -28.17
C MET B 130 -34.42 -21.53 -27.98
N LEU B 131 -35.18 -21.27 -29.04
CA LEU B 131 -36.24 -20.27 -28.99
C LEU B 131 -37.59 -20.82 -28.53
N HIS B 132 -37.72 -22.13 -28.34
CA HIS B 132 -39.03 -22.70 -28.04
C HIS B 132 -39.07 -23.50 -26.74
N ILE B 133 -38.02 -24.26 -26.42
CA ILE B 133 -38.02 -25.13 -25.26
C ILE B 133 -36.96 -24.75 -24.24
N TYR B 134 -36.12 -23.76 -24.53
CA TYR B 134 -35.09 -23.33 -23.58
C TYR B 134 -35.26 -21.89 -23.14
N LEU B 135 -35.38 -20.95 -24.07
CA LEU B 135 -35.50 -19.55 -23.68
C LEU B 135 -36.74 -19.25 -22.84
N PRO B 136 -37.95 -19.72 -23.16
CA PRO B 136 -39.09 -19.41 -22.28
C PRO B 136 -38.89 -19.90 -20.84
N LYS B 137 -38.32 -21.10 -20.67
CA LYS B 137 -38.08 -21.60 -19.32
C LYS B 137 -37.07 -20.73 -18.58
N ILE B 138 -35.99 -20.34 -19.25
CA ILE B 138 -34.97 -19.51 -18.62
C ILE B 138 -35.55 -18.14 -18.28
N THR B 139 -36.40 -17.59 -19.14
CA THR B 139 -37.00 -16.29 -18.85
C THR B 139 -37.97 -16.36 -17.68
N ASN B 140 -38.75 -17.44 -17.60
CA ASN B 140 -39.63 -17.61 -16.45
C ASN B 140 -38.83 -17.76 -15.16
N MET B 141 -37.73 -18.53 -15.22
CA MET B 141 -36.88 -18.67 -14.05
C MET B 141 -36.28 -17.34 -13.63
N LEU B 142 -35.83 -16.55 -14.61
CA LEU B 142 -35.26 -15.23 -14.30
C LEU B 142 -36.32 -14.30 -13.71
N SER B 143 -37.54 -14.35 -14.23
CA SER B 143 -38.61 -13.54 -13.67
C SER B 143 -38.87 -13.90 -12.22
N ASP B 144 -38.99 -15.19 -11.92
CA ASP B 144 -39.22 -15.60 -10.54
C ASP B 144 -38.04 -15.23 -9.65
N VAL B 145 -36.81 -15.41 -10.15
CA VAL B 145 -35.63 -15.12 -9.36
C VAL B 145 -35.57 -13.63 -9.03
N MET B 146 -35.84 -12.77 -10.02
CA MET B 146 -35.78 -11.34 -9.76
C MET B 146 -36.92 -10.89 -8.86
N LYS B 147 -38.10 -11.49 -8.99
CA LYS B 147 -39.20 -11.15 -8.10
C LYS B 147 -38.86 -11.48 -6.65
N GLN B 148 -38.36 -12.70 -6.41
CA GLN B 148 -38.02 -13.09 -5.05
C GLN B 148 -36.81 -12.33 -4.53
N ASN B 149 -35.86 -11.99 -5.40
CA ASN B 149 -34.71 -11.19 -4.99
C ASN B 149 -35.14 -9.78 -4.60
N TYR B 150 -36.07 -9.19 -5.36
CA TYR B 150 -36.60 -7.88 -4.99
C TYR B 150 -37.36 -7.96 -3.67
N ALA B 151 -38.14 -9.03 -3.47
CA ALA B 151 -38.85 -9.20 -2.21
C ALA B 151 -37.89 -9.29 -1.03
N LEU B 152 -36.79 -10.03 -1.20
CA LEU B 152 -35.82 -10.14 -0.12
C LEU B 152 -35.07 -8.84 0.10
N SER B 153 -34.70 -8.14 -0.98
CA SER B 153 -33.97 -6.89 -0.85
C SER B 153 -34.83 -5.77 -0.28
N LEU B 154 -36.16 -5.90 -0.37
CA LEU B 154 -37.03 -4.94 0.31
C LEU B 154 -36.80 -4.94 1.81
N GLN B 155 -36.39 -6.08 2.37
CA GLN B 155 -36.05 -6.13 3.79
C GLN B 155 -34.83 -5.26 4.08
N ILE B 156 -33.79 -5.38 3.27
CA ILE B 156 -32.58 -4.55 3.44
C ILE B 156 -32.80 -3.32 2.58
N GLU B 157 -33.57 -2.39 3.11
CA GLU B 157 -33.68 -1.05 2.55
C GLU B 157 -33.49 0.03 3.59
N TYR B 158 -34.02 -0.17 4.80
CA TYR B 158 -33.75 0.74 5.90
C TYR B 158 -32.28 0.66 6.31
N LEU B 159 -31.72 -0.54 6.33
CA LEU B 159 -30.33 -0.71 6.75
C LEU B 159 -29.37 -0.12 5.74
N SER B 160 -29.69 -0.20 4.45
CA SER B 160 -28.87 0.47 3.45
C SER B 160 -28.89 1.98 3.64
N LYS B 161 -30.07 2.54 3.97
CA LYS B 161 -30.15 3.96 4.26
C LYS B 161 -29.33 4.32 5.50
N GLN B 162 -29.37 3.47 6.53
CA GLN B 162 -28.58 3.72 7.73
C GLN B 162 -27.09 3.71 7.42
N LEU B 163 -26.64 2.74 6.61
CA LEU B 163 -25.24 2.70 6.22
C LEU B 163 -24.85 3.91 5.40
N GLN B 164 -25.73 4.35 4.50
CA GLN B 164 -25.47 5.55 3.71
C GLN B 164 -25.35 6.77 4.60
N GLU B 165 -26.22 6.89 5.61
CA GLU B 165 -26.13 8.00 6.55
C GLU B 165 -24.84 7.96 7.33
N ILE B 166 -24.43 6.77 7.77
CA ILE B 166 -23.17 6.63 8.50
C ILE B 166 -22.00 7.06 7.62
N SER B 167 -22.01 6.63 6.36
CA SER B 167 -20.94 7.03 5.44
C SER B 167 -20.94 8.55 5.22
N ASP B 168 -22.12 9.14 5.07
CA ASP B 168 -22.20 10.59 4.89
C ASP B 168 -21.74 11.34 6.12
N LYS B 169 -21.92 10.75 7.31
CA LYS B 169 -21.39 11.38 8.52
C LYS B 169 -19.89 11.21 8.65
N LEU B 170 -19.34 10.08 8.17
CA LEU B 170 -17.92 9.82 8.34
C LEU B 170 -17.07 10.77 7.50
N ASP B 171 -17.40 10.93 6.22
CA ASP B 171 -16.53 11.70 5.33
C ASP B 171 -16.60 13.19 5.60
N VAL B 172 -17.69 13.68 6.20
CA VAL B 172 -17.80 15.11 6.49
C VAL B 172 -16.83 15.50 7.61
N ILE B 173 -16.78 14.73 8.68
CA ILE B 173 -15.93 15.04 9.82
C ILE B 173 -14.96 13.89 10.09
N ASN B 174 -13.77 13.97 9.51
CA ASN B 174 -12.72 12.98 9.74
C ASN B 174 -11.38 13.58 9.31
N LEU B 175 -10.33 12.82 9.56
CA LEU B 175 -8.97 13.26 9.28
C LEU B 175 -8.14 12.02 8.95
N ASN B 176 -6.80 12.17 9.01
CA ASN B 176 -5.92 11.05 8.69
C ASN B 176 -6.07 9.89 9.65
N VAL B 177 -6.71 10.10 10.80
CA VAL B 177 -6.97 9.01 11.73
C VAL B 177 -7.85 7.95 11.07
N LEU B 178 -8.79 8.38 10.24
CA LEU B 178 -9.61 7.43 9.48
C LEU B 178 -8.75 6.53 8.60
N ILE B 179 -7.58 7.01 8.18
CA ILE B 179 -6.66 6.18 7.41
C ILE B 179 -6.26 4.94 8.20
N ASN B 180 -6.05 5.11 9.51
CA ASN B 180 -5.71 3.98 10.37
C ASN B 180 -6.88 3.02 10.57
N CYS B 181 -8.09 3.39 10.16
CA CYS B 181 -9.27 2.56 10.31
C CYS B 181 -9.89 2.23 8.96
N THR B 182 -9.05 1.89 7.99
CA THR B 182 -9.51 1.51 6.65
C THR B 182 -8.82 0.22 6.21
N CYS B 183 -9.54 -0.56 5.42
CA CYS B 183 -9.04 -1.82 4.90
C CYS B 183 -8.96 -1.75 3.38
N THR B 184 -7.81 -2.13 2.83
CA THR B 184 -7.60 -2.15 1.39
C THR B 184 -7.64 -3.55 0.80
N GLU B 185 -7.36 -4.58 1.60
CA GLU B 185 -7.36 -5.95 1.11
C GLU B 185 -8.74 -6.40 0.66
N ILE B 186 -9.81 -5.77 1.15
CA ILE B 186 -11.17 -6.19 0.84
C ILE B 186 -11.80 -5.38 -0.28
N THR B 187 -11.19 -4.26 -0.67
CA THR B 187 -11.80 -3.40 -1.68
C THR B 187 -12.00 -4.10 -3.02
N PRO B 188 -11.02 -4.82 -3.59
CA PRO B 188 -11.29 -5.46 -4.90
C PRO B 188 -12.43 -6.45 -4.87
N ALA B 189 -12.46 -7.35 -3.89
CA ALA B 189 -13.53 -8.34 -3.80
C ALA B 189 -14.88 -7.68 -3.59
N TYR B 190 -14.94 -6.68 -2.70
CA TYR B 190 -16.20 -6.00 -2.44
C TYR B 190 -16.71 -5.30 -3.69
N GLN B 191 -15.83 -4.58 -4.39
CA GLN B 191 -16.24 -3.90 -5.61
C GLN B 191 -16.71 -4.89 -6.66
N ARG B 192 -15.99 -6.01 -6.81
CA ARG B 192 -16.37 -7.03 -7.79
C ARG B 192 -17.75 -7.57 -7.47
N ILE B 193 -17.99 -7.93 -6.21
CA ILE B 193 -19.27 -8.52 -5.82
C ILE B 193 -20.40 -7.53 -6.03
N LYS B 194 -20.21 -6.28 -5.60
CA LYS B 194 -21.26 -5.28 -5.74
C LYS B 194 -21.57 -5.00 -7.21
N TYR B 195 -20.54 -4.88 -8.04
CA TYR B 195 -20.77 -4.64 -9.46
C TYR B 195 -21.47 -5.82 -10.11
N VAL B 196 -21.07 -7.04 -9.77
CA VAL B 196 -21.72 -8.21 -10.36
C VAL B 196 -23.19 -8.26 -9.98
N ASN B 197 -23.49 -8.01 -8.71
CA ASN B 197 -24.89 -8.01 -8.27
C ASN B 197 -25.70 -6.94 -8.99
N GLU B 198 -25.16 -5.72 -9.06
CA GLU B 198 -25.88 -4.64 -9.73
C GLU B 198 -26.09 -4.93 -11.21
N LYS B 199 -25.05 -5.44 -11.88
CA LYS B 199 -25.16 -5.72 -13.31
C LYS B 199 -26.15 -6.84 -13.58
N PHE B 200 -26.14 -7.89 -12.75
CA PHE B 200 -27.10 -8.97 -12.93
C PHE B 200 -28.52 -8.49 -12.71
N ASP B 201 -28.74 -7.67 -11.67
CA ASP B 201 -30.08 -7.12 -11.45
C ASP B 201 -30.52 -6.26 -12.62
N GLU B 202 -29.62 -5.42 -13.14
CA GLU B 202 -29.96 -4.56 -14.26
C GLU B 202 -30.31 -5.38 -15.50
N LEU B 203 -29.50 -6.40 -15.80
CA LEU B 203 -29.76 -7.21 -16.99
C LEU B 203 -31.05 -8.00 -16.85
N THR B 204 -31.31 -8.57 -15.67
CA THR B 204 -32.56 -9.29 -15.47
C THR B 204 -33.77 -8.37 -15.58
N LEU B 205 -33.65 -7.16 -15.02
CA LEU B 205 -34.74 -6.19 -15.14
C LEU B 205 -34.98 -5.81 -16.60
N ALA B 206 -33.90 -5.63 -17.36
CA ALA B 206 -34.04 -5.31 -18.78
C ALA B 206 -34.72 -6.45 -19.53
N THR B 207 -34.33 -7.70 -19.24
CA THR B 207 -34.94 -8.84 -19.91
C THR B 207 -36.43 -8.93 -19.59
N GLU B 208 -36.80 -8.75 -18.32
CA GLU B 208 -38.21 -8.81 -17.97
C GLU B 208 -38.98 -7.63 -18.55
N LYS B 209 -38.36 -6.46 -18.64
CA LYS B 209 -39.02 -5.30 -19.23
C LYS B 209 -39.29 -5.52 -20.72
N THR B 210 -38.32 -6.07 -21.45
CA THR B 210 -38.51 -6.32 -22.86
C THR B 210 -39.38 -7.53 -23.14
N LEU B 211 -39.54 -8.42 -22.16
CA LEU B 211 -40.48 -9.54 -22.33
C LEU B 211 -41.92 -9.05 -22.36
N ARG B 212 -42.26 -8.11 -21.48
CA ARG B 212 -43.63 -7.61 -21.36
C ARG B 212 -43.85 -6.48 -22.36
N ALA B 213 -43.88 -6.86 -23.64
CA ALA B 213 -44.09 -5.90 -24.71
C ALA B 213 -44.73 -6.58 -25.92
N ILE B 221 -38.24 -14.48 -32.39
CA ILE B 221 -39.02 -13.32 -32.01
C ILE B 221 -38.35 -12.58 -30.85
N ALA B 222 -38.71 -11.31 -30.68
CA ALA B 222 -38.20 -10.46 -29.60
C ALA B 222 -36.67 -10.36 -29.65
N ASN B 223 -36.20 -9.74 -30.73
CA ASN B 223 -34.76 -9.57 -30.91
C ASN B 223 -34.14 -8.74 -29.79
N ASP B 224 -34.91 -7.80 -29.21
CA ASP B 224 -34.42 -7.08 -28.04
C ASP B 224 -34.21 -8.03 -26.87
N THR B 225 -35.15 -8.96 -26.67
CA THR B 225 -34.95 -10.00 -25.66
C THR B 225 -33.73 -10.85 -26.00
N LEU B 226 -33.50 -11.10 -27.29
CA LEU B 226 -32.33 -11.88 -27.69
C LEU B 226 -31.03 -11.19 -27.33
N GLU B 227 -30.94 -9.88 -27.58
CA GLU B 227 -29.70 -9.17 -27.27
C GLU B 227 -29.51 -9.01 -25.76
N ASN B 228 -30.62 -8.81 -25.03
CA ASN B 228 -30.51 -8.77 -23.57
C ASN B 228 -30.05 -10.12 -23.02
N LEU B 229 -30.57 -11.21 -23.57
CA LEU B 229 -30.12 -12.54 -23.18
C LEU B 229 -28.67 -12.77 -23.56
N THR B 230 -28.23 -12.20 -24.68
CA THR B 230 -26.82 -12.33 -25.06
C THR B 230 -25.92 -11.63 -24.04
N GLU B 231 -26.29 -10.42 -23.64
CA GLU B 231 -25.51 -9.71 -22.62
C GLU B 231 -25.50 -10.46 -21.30
N LEU B 232 -26.67 -10.97 -20.90
CA LEU B 232 -26.75 -11.74 -19.66
C LEU B 232 -25.95 -13.03 -19.76
N THR B 233 -25.91 -13.64 -20.95
CA THR B 233 -25.11 -14.84 -21.16
C THR B 233 -23.62 -14.54 -21.04
N GLU B 234 -23.18 -13.41 -21.58
CA GLU B 234 -21.79 -13.01 -21.41
C GLU B 234 -21.46 -12.82 -19.92
N LEU B 235 -22.35 -12.14 -19.19
CA LEU B 235 -22.13 -11.94 -17.77
C LEU B 235 -22.09 -13.27 -17.02
N ALA B 236 -23.01 -14.18 -17.34
CA ALA B 236 -23.04 -15.48 -16.69
C ALA B 236 -21.79 -16.29 -17.00
N LYS B 237 -21.33 -16.25 -18.25
CA LYS B 237 -20.13 -16.98 -18.63
C LYS B 237 -18.92 -16.44 -17.90
N SER B 238 -18.85 -15.12 -17.71
CA SER B 238 -17.75 -14.56 -16.92
C SER B 238 -17.85 -14.97 -15.46
N VAL B 239 -19.05 -14.95 -14.90
CA VAL B 239 -19.21 -15.22 -13.46
C VAL B 239 -18.91 -16.68 -13.16
N THR B 240 -19.41 -17.61 -13.98
CA THR B 240 -19.27 -19.03 -13.71
C THR B 240 -17.93 -19.59 -14.18
N LYS B 241 -17.12 -18.79 -14.86
CA LYS B 241 -15.82 -19.27 -15.32
C LYS B 241 -14.91 -19.57 -14.14
N ASN B 242 -14.23 -20.72 -14.20
CA ASN B 242 -13.34 -21.17 -13.13
C ASN B 242 -11.90 -20.83 -13.50
N ASP B 243 -11.29 -19.95 -12.72
CA ASP B 243 -9.90 -19.57 -12.90
C ASP B 243 -9.42 -18.93 -11.60
N MET B 244 -8.23 -18.33 -11.64
CA MET B 244 -7.68 -17.69 -10.44
C MET B 244 -8.36 -16.37 -10.11
N ASP B 245 -9.16 -15.82 -11.03
CA ASP B 245 -9.91 -14.59 -10.80
C ASP B 245 -11.42 -14.84 -10.89
N SER B 246 -11.86 -16.02 -10.48
CA SER B 246 -13.26 -16.38 -10.58
C SER B 246 -14.09 -15.61 -9.55
N PHE B 247 -15.40 -15.52 -9.82
CA PHE B 247 -16.30 -14.84 -8.90
C PHE B 247 -16.37 -15.57 -7.57
N GLU B 248 -16.38 -16.91 -7.59
CA GLU B 248 -16.39 -17.68 -6.35
C GLU B 248 -15.11 -17.44 -5.55
N PHE B 249 -13.98 -17.26 -6.24
CA PHE B 249 -12.75 -16.91 -5.54
C PHE B 249 -12.90 -15.58 -4.82
N TYR B 250 -13.51 -14.59 -5.47
CA TYR B 250 -13.71 -13.31 -4.82
C TYR B 250 -14.68 -13.40 -3.65
N LEU B 251 -15.70 -14.26 -3.76
CA LEU B 251 -16.59 -14.48 -2.63
C LEU B 251 -15.83 -15.06 -1.44
N HIS B 252 -15.01 -16.08 -1.69
CA HIS B 252 -14.24 -16.68 -0.60
C HIS B 252 -13.24 -15.70 -0.02
N THR B 253 -12.60 -14.89 -0.86
CA THR B 253 -11.66 -13.89 -0.37
C THR B 253 -12.37 -12.84 0.47
N PHE B 254 -13.56 -12.41 0.04
CA PHE B 254 -14.34 -11.45 0.82
C PHE B 254 -14.68 -12.02 2.19
N HIS B 255 -15.12 -13.29 2.22
CA HIS B 255 -15.44 -13.93 3.50
C HIS B 255 -14.21 -14.04 4.39
N ASP B 256 -13.07 -14.43 3.81
CA ASP B 256 -11.85 -14.60 4.60
C ASP B 256 -11.37 -13.28 5.18
N VAL B 257 -11.43 -12.20 4.38
CA VAL B 257 -11.01 -10.90 4.89
C VAL B 257 -11.99 -10.40 5.96
N LEU B 258 -13.28 -10.70 5.79
CA LEU B 258 -14.25 -10.31 6.80
C LEU B 258 -13.97 -11.01 8.13
N ILE B 259 -13.81 -12.35 8.10
CA ILE B 259 -13.58 -13.08 9.34
C ILE B 259 -12.16 -12.96 9.85
N GLY B 260 -11.24 -12.44 9.03
CA GLY B 260 -9.88 -12.24 9.47
C GLY B 260 -8.92 -13.37 9.17
N ASN B 261 -9.12 -14.08 8.06
CA ASN B 261 -8.18 -15.12 7.64
C ASN B 261 -7.10 -14.58 6.72
N ASN B 262 -6.44 -13.52 7.16
CA ASN B 262 -5.37 -12.89 6.42
C ASN B 262 -4.02 -13.40 6.92
N LEU B 263 -2.94 -12.81 6.43
CA LEU B 263 -1.62 -13.15 6.95
C LEU B 263 -1.48 -12.75 8.41
N PHE B 264 -1.99 -11.57 8.76
CA PHE B 264 -1.91 -11.06 10.13
C PHE B 264 -3.29 -10.80 10.72
N GLY B 265 -4.29 -11.56 10.26
CA GLY B 265 -5.61 -11.55 10.89
C GLY B 265 -6.29 -10.19 10.96
N ARG B 266 -6.04 -9.33 9.98
CA ARG B 266 -6.67 -8.01 9.95
C ARG B 266 -8.12 -8.19 9.50
N SER B 267 -8.99 -8.47 10.47
CA SER B 267 -10.40 -8.68 10.17
C SER B 267 -11.04 -7.37 9.73
N ALA B 268 -11.74 -7.41 8.59
CA ALA B 268 -12.42 -6.21 8.12
C ALA B 268 -13.63 -5.87 8.98
N LEU B 269 -14.28 -6.89 9.55
CA LEU B 269 -15.44 -6.62 10.40
C LEU B 269 -15.05 -5.82 11.64
N LYS B 270 -13.97 -6.21 12.31
CA LYS B 270 -13.55 -5.49 13.51
C LYS B 270 -13.08 -4.08 13.17
N THR B 271 -12.34 -3.92 12.07
CA THR B 271 -11.90 -2.59 11.67
C THR B 271 -13.08 -1.69 11.36
N ALA B 272 -14.07 -2.20 10.62
CA ALA B 272 -15.24 -1.40 10.30
C ALA B 272 -16.06 -1.10 11.55
N ALA B 273 -16.12 -2.05 12.49
CA ALA B 273 -16.85 -1.81 13.73
C ALA B 273 -16.19 -0.70 14.55
N GLU B 274 -14.86 -0.74 14.68
CA GLU B 274 -14.17 0.32 15.41
C GLU B 274 -14.21 1.64 14.67
N LEU B 275 -14.37 1.62 13.34
CA LEU B 275 -14.56 2.86 12.61
C LEU B 275 -15.96 3.43 12.84
N ILE B 276 -16.98 2.57 12.88
CA ILE B 276 -18.35 3.05 13.07
C ILE B 276 -18.56 3.57 14.48
N THR B 277 -18.00 2.88 15.48
CA THR B 277 -18.24 3.23 16.88
C THR B 277 -17.57 4.52 17.31
N LYS B 278 -16.96 5.29 16.42
CA LYS B 278 -16.41 6.58 16.81
C LYS B 278 -17.52 7.53 17.21
N ASP B 279 -17.28 8.29 18.28
CA ASP B 279 -18.30 9.19 18.81
C ASP B 279 -18.59 10.37 17.89
N GLU B 280 -17.74 10.63 16.89
CA GLU B 280 -17.99 11.73 15.96
C GLU B 280 -19.24 11.49 15.14
N ILE B 281 -19.61 10.23 14.90
CA ILE B 281 -20.81 9.89 14.16
C ILE B 281 -22.03 10.13 15.05
N LYS B 282 -22.96 10.94 14.57
CA LYS B 282 -24.18 11.26 15.31
C LYS B 282 -25.37 10.80 14.47
N THR B 283 -25.74 9.54 14.62
CA THR B 283 -26.86 8.95 13.90
C THR B 283 -27.72 8.15 14.88
N SER B 284 -28.96 7.87 14.45
CA SER B 284 -29.88 7.12 15.27
C SER B 284 -29.40 5.69 15.46
N GLY B 285 -29.67 5.14 16.64
CA GLY B 285 -29.29 3.79 16.96
C GLY B 285 -27.99 3.72 17.75
N SER B 286 -27.86 2.65 18.52
CA SER B 286 -26.67 2.42 19.32
C SER B 286 -25.55 1.85 18.43
N GLU B 287 -24.37 1.67 19.03
CA GLU B 287 -23.26 1.06 18.31
C GLU B 287 -23.60 -0.36 17.89
N ILE B 288 -24.28 -1.10 18.76
CA ILE B 288 -24.71 -2.45 18.41
C ILE B 288 -25.58 -2.42 17.16
N GLY B 289 -26.54 -1.50 17.10
CA GLY B 289 -27.41 -1.42 15.95
C GLY B 289 -26.68 -1.10 14.67
N LYS B 290 -25.75 -0.13 14.72
CA LYS B 290 -25.01 0.25 13.53
C LYS B 290 -24.13 -0.89 13.02
N VAL B 291 -23.39 -1.54 13.94
CA VAL B 291 -22.51 -2.63 13.52
C VAL B 291 -23.34 -3.81 13.01
N TYR B 292 -24.48 -4.06 13.63
CA TYR B 292 -25.36 -5.12 13.15
C TYR B 292 -25.92 -4.80 11.77
N SER B 293 -26.26 -3.55 11.52
CA SER B 293 -26.72 -3.15 10.19
C SER B 293 -25.64 -3.34 9.15
N PHE B 294 -24.41 -2.96 9.48
CA PHE B 294 -23.29 -3.17 8.56
C PHE B 294 -23.09 -4.65 8.27
N LEU B 295 -23.14 -5.49 9.32
CA LEU B 295 -23.00 -6.93 9.14
C LEU B 295 -24.12 -7.48 8.27
N ILE B 296 -25.35 -7.00 8.47
CA ILE B 296 -26.48 -7.46 7.67
C ILE B 296 -26.27 -7.08 6.21
N VAL B 297 -25.81 -5.85 5.96
CA VAL B 297 -25.57 -5.42 4.58
C VAL B 297 -24.54 -6.34 3.92
N LEU B 298 -23.44 -6.63 4.62
CA LEU B 298 -22.42 -7.50 4.04
C LEU B 298 -22.93 -8.91 3.80
N THR B 299 -23.65 -9.47 4.78
CA THR B 299 -24.12 -10.85 4.64
C THR B 299 -25.17 -10.97 3.53
N CYS B 300 -26.05 -9.98 3.42
CA CYS B 300 -27.04 -10.02 2.35
C CYS B 300 -26.39 -9.78 0.99
N LEU B 301 -25.33 -8.97 0.94
CA LEU B 301 -24.57 -8.86 -0.30
C LEU B 301 -23.96 -10.20 -0.71
N GLN B 302 -23.40 -10.93 0.26
CA GLN B 302 -22.86 -12.25 -0.04
C GLN B 302 -23.95 -13.21 -0.51
N ALA B 303 -25.10 -13.19 0.16
CA ALA B 303 -26.20 -14.07 -0.21
C ALA B 303 -26.71 -13.76 -1.61
N LYS B 304 -26.85 -12.47 -1.94
CA LYS B 304 -27.29 -12.10 -3.27
C LYS B 304 -26.24 -12.46 -4.33
N ALA B 305 -24.96 -12.37 -3.98
CA ALA B 305 -23.92 -12.78 -4.92
C ALA B 305 -23.96 -14.27 -5.17
N PHE B 306 -24.18 -15.07 -4.13
CA PHE B 306 -24.33 -16.50 -4.32
C PHE B 306 -25.58 -16.83 -5.14
N LEU B 307 -26.66 -16.08 -4.93
CA LEU B 307 -27.85 -16.25 -5.76
C LEU B 307 -27.56 -15.93 -7.22
N THR B 308 -26.81 -14.86 -7.47
CA THR B 308 -26.42 -14.52 -8.83
C THR B 308 -25.58 -15.62 -9.44
N LEU B 309 -24.64 -16.19 -8.68
CA LEU B 309 -23.81 -17.27 -9.19
C LEU B 309 -24.66 -18.50 -9.54
N THR B 310 -25.60 -18.86 -8.67
CA THR B 310 -26.46 -20.01 -8.95
C THR B 310 -27.32 -19.77 -10.18
N ALA B 311 -27.89 -18.57 -10.30
CA ALA B 311 -28.73 -18.25 -11.45
C ALA B 311 -27.91 -18.25 -12.74
N CYS B 312 -26.68 -17.77 -12.68
CA CYS B 312 -25.81 -17.80 -13.86
C CYS B 312 -25.44 -19.22 -14.24
N ARG B 313 -25.19 -20.08 -13.24
CA ARG B 313 -24.88 -21.48 -13.54
C ARG B 313 -26.08 -22.16 -14.20
N LYS B 314 -27.28 -21.92 -13.69
CA LYS B 314 -28.45 -22.54 -14.29
C LYS B 314 -28.75 -21.97 -15.68
N LEU B 315 -28.49 -20.68 -15.87
CA LEU B 315 -28.78 -20.04 -17.16
C LEU B 315 -27.94 -20.65 -18.27
N LEU B 316 -26.67 -20.96 -17.99
CA LEU B 316 -25.79 -21.55 -18.98
C LEU B 316 -26.00 -23.05 -19.13
N GLY B 317 -26.85 -23.66 -18.32
CA GLY B 317 -27.08 -25.08 -18.38
C GLY B 317 -26.01 -25.93 -17.74
N LEU B 318 -25.15 -25.34 -16.90
CA LEU B 318 -24.12 -26.10 -16.22
C LEU B 318 -24.73 -26.99 -15.14
N SER B 319 -23.93 -27.92 -14.63
CA SER B 319 -24.38 -28.81 -13.59
C SER B 319 -24.71 -28.03 -12.32
N ASP B 320 -25.77 -28.45 -11.64
CA ASP B 320 -26.22 -27.74 -10.46
C ASP B 320 -25.25 -27.95 -9.30
N ILE B 321 -24.80 -26.85 -8.71
CA ILE B 321 -23.95 -26.87 -7.52
C ILE B 321 -24.71 -26.18 -6.41
N ASP B 322 -24.91 -26.89 -5.30
CA ASP B 322 -25.68 -26.36 -4.18
C ASP B 322 -24.75 -25.53 -3.31
N TYR B 323 -24.98 -24.21 -3.29
CA TYR B 323 -24.17 -23.30 -2.50
C TYR B 323 -24.77 -22.99 -1.13
N THR B 324 -25.82 -23.72 -0.73
CA THR B 324 -26.42 -23.48 0.57
C THR B 324 -25.44 -23.76 1.69
N ASN B 325 -24.66 -24.84 1.59
CA ASN B 325 -23.73 -25.20 2.65
C ASN B 325 -22.64 -24.15 2.80
N ILE B 326 -22.03 -23.73 1.68
CA ILE B 326 -20.93 -22.78 1.77
C ILE B 326 -21.42 -21.40 2.18
N LEU B 327 -22.59 -20.99 1.66
CA LEU B 327 -23.17 -19.71 2.07
C LEU B 327 -23.50 -19.71 3.55
N ASN B 328 -24.10 -20.80 4.04
CA ASN B 328 -24.41 -20.89 5.46
C ASN B 328 -23.15 -20.89 6.30
N GLN B 329 -22.09 -21.55 5.83
CA GLN B 329 -20.83 -21.55 6.56
C GLN B 329 -20.25 -20.14 6.66
N HIS B 330 -20.26 -19.41 5.54
CA HIS B 330 -19.74 -18.05 5.55
C HIS B 330 -20.55 -17.15 6.48
N LEU B 331 -21.88 -17.22 6.37
CA LEU B 331 -22.73 -16.38 7.21
C LEU B 331 -22.56 -16.72 8.68
N ASN B 332 -22.50 -18.01 9.01
CA ASN B 332 -22.32 -18.41 10.40
C ASN B 332 -20.97 -17.97 10.94
N ASP B 333 -19.91 -18.10 10.14
CA ASP B 333 -18.60 -17.65 10.59
C ASP B 333 -18.60 -16.15 10.85
N GLU B 334 -19.18 -15.36 9.94
CA GLU B 334 -19.19 -13.92 10.14
C GLU B 334 -20.04 -13.53 11.35
N LYS B 335 -21.20 -14.17 11.52
CA LYS B 335 -22.03 -13.86 12.67
C LYS B 335 -21.37 -14.27 13.97
N ASN B 336 -20.65 -15.40 13.98
CA ASN B 336 -19.92 -15.81 15.17
C ASN B 336 -18.79 -14.83 15.49
N VAL B 337 -18.09 -14.35 14.46
CA VAL B 337 -17.06 -13.34 14.70
C VAL B 337 -17.67 -12.08 15.31
N PHE B 338 -18.80 -11.63 14.75
CA PHE B 338 -19.46 -10.45 15.29
C PHE B 338 -19.93 -10.68 16.73
N ARG B 339 -20.45 -11.87 17.01
CA ARG B 339 -21.00 -12.17 18.33
C ARG B 339 -19.92 -12.34 19.39
N ASP B 340 -18.77 -12.89 19.04
CA ASP B 340 -17.74 -13.21 20.03
C ASP B 340 -16.67 -12.14 20.17
N ASN B 341 -16.29 -11.47 19.07
CA ASN B 341 -15.19 -10.52 19.11
C ASN B 341 -15.62 -9.07 19.04
N ILE B 342 -16.88 -8.79 18.68
CA ILE B 342 -17.36 -7.43 18.49
C ILE B 342 -18.54 -7.12 19.39
N LEU B 343 -19.51 -8.03 19.46
CA LEU B 343 -20.76 -7.74 20.17
C LEU B 343 -20.58 -7.40 21.64
N PRO B 344 -19.82 -8.17 22.45
CA PRO B 344 -19.71 -7.81 23.86
C PRO B 344 -18.66 -6.74 24.12
N THR B 345 -18.58 -5.75 23.23
CA THR B 345 -17.73 -4.59 23.42
C THR B 345 -18.41 -3.29 23.02
N LEU B 346 -19.63 -3.35 22.50
CA LEU B 346 -20.32 -2.17 21.97
C LEU B 346 -21.34 -1.67 22.98
N SER B 347 -21.37 -0.37 23.18
CA SER B 347 -22.35 0.23 24.06
C SER B 347 -23.74 0.17 23.44
N ASN B 348 -24.74 -0.09 24.27
CA ASN B 348 -26.13 -0.14 23.83
C ASN B 348 -26.84 1.21 23.98
N LYS B 349 -26.10 2.27 24.30
CA LYS B 349 -26.70 3.59 24.47
C LYS B 349 -26.98 4.21 23.11
N PHE B 350 -28.16 4.79 22.95
CA PHE B 350 -28.52 5.52 21.75
C PHE B 350 -29.11 6.88 22.14
N SER B 351 -28.86 7.88 21.30
CA SER B 351 -29.31 9.23 21.55
C SER B 351 -29.88 9.82 20.26
N ASN B 352 -30.43 11.02 20.37
CA ASN B 352 -30.98 11.70 19.21
C ASN B 352 -29.87 12.06 18.24
N PRO B 353 -30.13 12.02 16.93
CA PRO B 353 -29.08 12.28 15.95
C PRO B 353 -28.91 13.77 15.63
N ASN B 354 -29.94 14.57 15.84
CA ASN B 354 -29.92 15.96 15.42
C ASN B 354 -30.37 16.88 16.55
N TYR B 355 -30.05 18.16 16.40
CA TYR B 355 -30.51 19.21 17.31
C TYR B 355 -31.08 20.35 16.50
N VAL B 356 -32.11 20.99 17.07
CA VAL B 356 -32.79 22.11 16.40
C VAL B 356 -32.93 23.25 17.41
N LYS B 357 -32.54 24.45 17.00
CA LYS B 357 -32.68 25.62 17.87
C LYS B 357 -34.15 26.04 17.92
N THR B 358 -34.71 26.09 19.13
CA THR B 358 -36.11 26.44 19.31
C THR B 358 -36.25 27.32 20.55
N ILE B 359 -37.41 27.97 20.64
CA ILE B 359 -37.73 28.87 21.74
C ILE B 359 -38.68 28.22 22.75
N GLY B 360 -39.78 27.64 22.26
CA GLY B 360 -40.72 27.01 23.17
C GLY B 360 -41.50 28.04 23.97
N SER B 361 -41.90 27.62 25.18
CA SER B 361 -42.68 28.47 26.06
C SER B 361 -42.37 28.15 27.51
N ASP B 362 -42.78 29.05 28.40
CA ASP B 362 -42.56 28.90 29.84
C ASP B 362 -43.79 28.37 30.56
N ASN B 363 -44.83 27.96 29.84
CA ASN B 363 -46.04 27.49 30.48
C ASN B 363 -45.84 26.09 31.07
N TYR B 364 -46.79 25.71 31.93
CA TYR B 364 -46.78 24.37 32.50
C TYR B 364 -46.94 23.33 31.39
N ALA B 365 -46.18 22.24 31.49
CA ALA B 365 -46.22 21.22 30.45
C ALA B 365 -46.01 19.85 31.08
N LYS B 366 -46.97 18.95 30.88
CA LYS B 366 -46.87 17.58 31.38
C LYS B 366 -47.02 16.61 30.22
N VAL B 367 -46.08 15.68 30.09
CA VAL B 367 -46.08 14.67 29.03
C VAL B 367 -45.92 13.31 29.69
N ILE B 368 -46.92 12.45 29.53
CA ILE B 368 -46.92 11.12 30.13
C ILE B 368 -46.88 10.10 29.01
N LEU B 369 -45.76 9.36 28.92
CA LEU B 369 -45.62 8.29 27.93
C LEU B 369 -46.05 6.95 28.54
N GLU B 370 -47.25 6.93 29.10
CA GLU B 370 -47.74 5.72 29.76
C GLU B 370 -48.12 4.66 28.75
N ALA B 371 -47.69 3.42 29.02
CA ALA B 371 -48.05 2.27 28.21
C ALA B 371 -49.01 1.38 28.97
N GLU B 372 -49.68 0.50 28.23
CA GLU B 372 -50.62 -0.43 28.84
C GLU B 372 -49.87 -1.43 29.72
N PRO B 373 -50.58 -2.08 30.65
CA PRO B 373 -49.89 -3.00 31.59
C PRO B 373 -49.08 -4.08 30.90
N GLY B 374 -49.54 -4.60 29.78
CA GLY B 374 -48.80 -5.60 29.04
C GLY B 374 -47.84 -5.04 28.01
N TYR B 375 -47.66 -3.73 27.95
CA TYR B 375 -46.85 -3.07 26.95
C TYR B 375 -45.61 -2.47 27.58
N ALA B 376 -44.69 -2.02 26.71
CA ALA B 376 -43.47 -1.38 27.14
C ALA B 376 -42.98 -0.46 26.04
N LEU B 377 -42.37 0.66 26.43
CA LEU B 377 -41.84 1.62 25.47
C LEU B 377 -40.65 1.01 24.74
N VAL B 378 -40.64 1.15 23.41
CA VAL B 378 -39.60 0.55 22.58
C VAL B 378 -38.86 1.56 21.73
N GLY B 379 -39.31 2.81 21.66
CA GLY B 379 -38.61 3.80 20.86
C GLY B 379 -39.32 5.13 20.90
N PHE B 380 -38.59 6.16 20.48
CA PHE B 380 -39.10 7.52 20.48
C PHE B 380 -38.66 8.22 19.20
N GLU B 381 -39.36 9.30 18.87
CA GLU B 381 -39.01 10.10 17.71
C GLU B 381 -39.50 11.52 17.94
N ILE B 382 -38.71 12.50 17.47
CA ILE B 382 -39.09 13.90 17.51
C ILE B 382 -39.06 14.41 16.07
N ILE B 383 -40.18 14.97 15.61
CA ILE B 383 -40.30 15.46 14.25
C ILE B 383 -40.58 16.96 14.30
N ASN B 384 -39.80 17.73 13.55
CA ASN B 384 -39.94 19.18 13.61
C ASN B 384 -41.09 19.67 12.74
N ASP B 385 -41.00 19.45 11.42
CA ASP B 385 -42.00 19.89 10.46
C ASP B 385 -42.39 21.35 10.69
N ARG B 386 -43.67 21.59 10.98
CA ARG B 386 -44.16 22.91 11.36
C ARG B 386 -44.24 23.06 12.88
N ILE B 387 -44.97 22.16 13.52
CA ILE B 387 -45.05 22.10 14.98
C ILE B 387 -44.36 20.81 15.43
N PRO B 388 -43.37 20.88 16.32
CA PRO B 388 -42.67 19.67 16.75
C PRO B 388 -43.61 18.69 17.43
N VAL B 389 -43.39 17.40 17.18
CA VAL B 389 -44.25 16.34 17.67
C VAL B 389 -43.38 15.21 18.18
N LEU B 390 -43.76 14.66 19.34
CA LEU B 390 -43.07 13.54 19.96
C LEU B 390 -43.90 12.28 19.78
N LYS B 391 -43.27 11.23 19.26
CA LYS B 391 -43.91 9.93 19.07
C LYS B 391 -43.23 8.90 19.95
N ALA B 392 -44.03 8.14 20.69
CA ALA B 392 -43.52 7.07 21.54
C ALA B 392 -44.16 5.76 21.10
N TYR B 393 -43.31 4.76 20.85
CA TYR B 393 -43.78 3.45 20.41
C TYR B 393 -43.87 2.50 21.60
N LYS B 394 -45.01 1.83 21.74
CA LYS B 394 -45.23 0.85 22.79
C LYS B 394 -45.73 -0.43 22.17
N ALA B 395 -45.27 -1.57 22.70
CA ALA B 395 -45.66 -2.86 22.15
C ALA B 395 -45.45 -3.93 23.20
N LYS B 396 -46.12 -5.06 23.00
CA LYS B 396 -45.93 -6.21 23.86
C LYS B 396 -44.58 -6.87 23.60
N LEU B 397 -44.19 -7.74 24.52
CA LEU B 397 -42.92 -8.46 24.41
C LEU B 397 -43.18 -9.95 24.22
N LYS B 398 -42.31 -10.58 23.44
CA LYS B 398 -42.47 -11.95 22.98
C LYS B 398 -41.22 -12.77 23.24
N GLN B 399 -40.74 -12.71 24.49
CA GLN B 399 -39.60 -13.50 24.97
C GLN B 399 -38.28 -12.96 24.43
N ASN B 400 -37.26 -12.93 25.29
CA ASN B 400 -35.93 -12.44 24.92
C ASN B 400 -35.98 -11.01 24.40
N TYR B 401 -36.82 -10.18 25.03
CA TYR B 401 -36.93 -8.76 24.71
C TYR B 401 -37.32 -8.55 23.25
N GLN B 402 -38.19 -9.41 22.73
CA GLN B 402 -38.67 -9.29 21.36
C GLN B 402 -39.89 -8.38 21.33
N VAL B 403 -39.91 -7.47 20.35
CA VAL B 403 -41.02 -6.53 20.19
C VAL B 403 -42.05 -7.17 19.28
N ASP B 404 -43.31 -7.18 19.72
CA ASP B 404 -44.39 -7.77 18.95
C ASP B 404 -44.85 -6.79 17.89
N HIS B 405 -44.74 -7.18 16.62
CA HIS B 405 -45.13 -6.29 15.52
C HIS B 405 -46.64 -6.18 15.38
N GLN B 406 -47.39 -7.13 15.93
CA GLN B 406 -48.85 -7.09 15.82
C GLN B 406 -49.49 -6.17 16.85
N SER B 407 -48.74 -5.72 17.86
CA SER B 407 -49.27 -4.86 18.91
C SER B 407 -48.48 -3.57 19.04
N LEU B 408 -47.93 -3.08 17.93
CA LEU B 408 -47.11 -1.86 17.93
C LEU B 408 -48.05 -0.66 17.84
N SER B 409 -48.31 -0.03 18.98
CA SER B 409 -49.15 1.15 19.05
C SER B 409 -48.27 2.40 18.93
N GLU B 410 -48.87 3.57 19.18
CA GLU B 410 -48.14 4.83 19.07
C GLU B 410 -48.83 5.87 19.94
N ILE B 411 -48.03 6.70 20.59
CA ILE B 411 -48.52 7.82 21.40
C ILE B 411 -47.94 9.10 20.82
N VAL B 412 -48.79 10.09 20.60
CA VAL B 412 -48.41 11.33 19.93
C VAL B 412 -48.64 12.50 20.88
N TYR B 413 -47.61 13.33 21.06
CA TYR B 413 -47.69 14.54 21.84
C TYR B 413 -47.29 15.73 20.98
N LEU B 414 -48.02 16.83 21.11
CA LEU B 414 -47.80 18.02 20.31
C LEU B 414 -47.07 19.09 21.12
N ASP B 415 -46.37 19.97 20.40
CA ASP B 415 -45.63 21.07 20.99
C ASP B 415 -44.63 20.57 22.03
N ILE B 416 -43.76 19.66 21.60
CA ILE B 416 -42.73 19.14 22.48
C ILE B 416 -41.67 20.20 22.78
N ASP B 417 -41.55 21.22 21.95
CA ASP B 417 -40.62 22.31 22.23
C ASP B 417 -41.04 23.10 23.46
N LYS B 418 -42.35 23.23 23.70
CA LYS B 418 -42.84 23.93 24.87
C LYS B 418 -42.50 23.19 26.16
N LEU B 419 -42.07 21.93 26.09
CA LEU B 419 -41.68 21.18 27.26
C LEU B 419 -40.20 21.32 27.58
N PHE B 420 -39.34 21.34 26.56
CA PHE B 420 -37.90 21.44 26.73
C PHE B 420 -37.37 22.85 26.57
N CYS B 421 -37.87 23.60 25.60
CA CYS B 421 -37.32 24.91 25.27
C CYS B 421 -38.05 26.00 26.05
N PRO B 422 -37.33 26.81 26.83
CA PRO B 422 -37.99 27.89 27.57
C PRO B 422 -38.03 29.20 26.79
N LYS B 423 -39.05 30.00 27.10
CA LYS B 423 -39.22 31.32 26.50
C LYS B 423 -38.27 32.29 27.20
N ASN B 424 -38.51 33.59 27.05
CA ASN B 424 -37.55 34.58 27.53
C ASN B 424 -37.49 34.58 29.05
N SER B 425 -36.89 33.53 29.60
CA SER B 425 -36.68 33.33 31.03
C SER B 425 -35.60 32.27 31.18
N GLU B 426 -35.44 31.76 32.39
CA GLU B 426 -34.50 30.67 32.65
C GLU B 426 -35.26 29.41 33.03
N GLN B 427 -34.70 28.27 32.65
CA GLN B 427 -35.29 26.97 32.94
C GLN B 427 -34.31 26.12 33.74
N LYS B 428 -34.83 25.45 34.77
CA LYS B 428 -34.05 24.60 35.65
C LYS B 428 -34.36 23.14 35.32
N TYR B 429 -33.35 22.40 34.89
CA TYR B 429 -33.49 21.00 34.54
C TYR B 429 -32.99 20.15 35.70
N TYR B 430 -33.86 19.30 36.23
CA TYR B 430 -33.50 18.35 37.29
C TYR B 430 -33.31 16.99 36.62
N THR B 431 -32.09 16.72 36.18
CA THR B 431 -31.79 15.56 35.36
C THR B 431 -30.99 14.52 36.14
N LYS B 432 -31.27 13.26 35.83
CA LYS B 432 -30.58 12.13 36.43
C LYS B 432 -30.69 10.94 35.48
N SER B 433 -29.62 10.16 35.40
CA SER B 433 -29.63 8.97 34.55
C SER B 433 -30.54 7.93 35.20
N LEU B 434 -31.78 7.85 34.72
CA LEU B 434 -32.78 6.96 35.31
C LEU B 434 -32.49 5.54 34.84
N THR B 435 -31.55 4.90 35.54
CA THR B 435 -31.09 3.56 35.20
C THR B 435 -31.82 2.53 36.05
N PHE B 436 -32.11 1.38 35.45
CA PHE B 436 -32.81 0.30 36.11
C PHE B 436 -32.01 -0.99 36.01
N PRO B 437 -32.18 -1.92 36.93
CA PRO B 437 -31.46 -3.19 36.86
C PRO B 437 -31.83 -3.97 35.62
N ASP B 438 -30.88 -4.78 35.14
CA ASP B 438 -31.12 -5.60 33.96
C ASP B 438 -32.31 -6.52 34.17
N GLY B 439 -33.18 -6.61 33.16
CA GLY B 439 -34.41 -7.36 33.26
C GLY B 439 -35.64 -6.50 33.45
N TYR B 440 -35.48 -5.21 33.74
CA TYR B 440 -36.59 -4.28 33.88
C TYR B 440 -36.76 -3.50 32.59
N VAL B 441 -38.02 -3.34 32.17
CA VAL B 441 -38.35 -2.63 30.94
C VAL B 441 -39.17 -1.40 31.32
N ILE B 442 -38.79 -0.25 30.75
CA ILE B 442 -39.47 1.00 31.07
C ILE B 442 -40.84 1.02 30.41
N THR B 443 -41.87 1.30 31.20
CA THR B 443 -43.25 1.34 30.70
C THR B 443 -43.90 2.70 30.85
N LYS B 444 -43.28 3.65 31.55
CA LYS B 444 -43.88 4.96 31.73
C LYS B 444 -42.79 6.00 31.96
N ILE B 445 -42.84 7.09 31.22
CA ILE B 445 -41.94 8.23 31.39
C ILE B 445 -42.79 9.48 31.47
N THR B 446 -42.62 10.26 32.54
CA THR B 446 -43.46 11.43 32.82
C THR B 446 -42.58 12.65 32.97
N PHE B 447 -42.58 13.51 31.95
CA PHE B 447 -41.96 14.82 32.03
C PHE B 447 -42.95 15.81 32.61
N GLU B 448 -42.47 16.67 33.51
CA GLU B 448 -43.30 17.72 34.09
C GLU B 448 -42.48 18.98 34.22
N LYS B 449 -43.05 20.10 33.77
CA LYS B 449 -42.38 21.41 33.84
C LYS B 449 -43.37 22.41 34.41
N LYS B 450 -43.14 22.82 35.65
CA LYS B 450 -43.90 23.88 36.32
C LYS B 450 -42.92 25.00 36.64
N LEU B 451 -43.24 26.22 36.17
CA LEU B 451 -42.38 27.38 36.37
C LEU B 451 -40.96 27.11 35.86
N ASN B 452 -40.88 26.49 34.68
CA ASN B 452 -39.61 26.18 34.04
C ASN B 452 -38.73 25.29 34.91
N ASN B 453 -39.35 24.33 35.58
CA ASN B 453 -38.65 23.32 36.38
C ASN B 453 -38.97 21.97 35.76
N LEU B 454 -38.10 21.51 34.87
CA LEU B 454 -38.31 20.27 34.13
C LEU B 454 -37.83 19.10 34.97
N ARG B 455 -38.77 18.32 35.50
CA ARG B 455 -38.48 17.12 36.25
C ARG B 455 -39.16 15.94 35.57
N TYR B 456 -38.43 14.83 35.45
CA TYR B 456 -38.94 13.65 34.75
C TYR B 456 -38.76 12.41 35.60
N GLU B 457 -39.71 11.49 35.46
CA GLU B 457 -39.76 10.25 36.23
C GLU B 457 -39.95 9.08 35.28
N ALA B 458 -39.23 7.98 35.52
CA ALA B 458 -39.35 6.77 34.74
C ALA B 458 -39.80 5.62 35.64
N THR B 459 -40.73 4.82 35.14
CA THR B 459 -41.19 3.62 35.83
C THR B 459 -40.87 2.42 34.97
N ALA B 460 -40.26 1.40 35.58
CA ALA B 460 -39.87 0.18 34.88
C ALA B 460 -40.45 -1.03 35.57
N ASN B 461 -41.08 -1.90 34.80
CA ASN B 461 -41.67 -3.13 35.29
C ASN B 461 -40.73 -4.30 35.06
N PHE B 462 -40.79 -5.28 35.97
CA PHE B 462 -39.95 -6.46 35.84
C PHE B 462 -40.41 -7.31 34.67
N TYR B 463 -39.46 -7.74 33.85
CA TYR B 463 -39.73 -8.52 32.65
C TYR B 463 -38.92 -9.81 32.69
N ASP B 464 -39.58 -10.93 32.44
CA ASP B 464 -38.92 -12.23 32.40
C ASP B 464 -38.34 -12.47 31.01
N PRO B 465 -37.03 -12.61 30.86
CA PRO B 465 -36.48 -12.89 29.52
C PRO B 465 -36.98 -14.19 28.90
N SER B 466 -37.27 -15.20 29.71
CA SER B 466 -37.65 -16.50 29.18
C SER B 466 -39.02 -16.45 28.51
N THR B 467 -40.05 -16.15 29.29
CA THR B 467 -41.40 -16.00 28.77
C THR B 467 -41.65 -14.53 28.43
N GLY B 468 -42.90 -14.15 28.20
CA GLY B 468 -43.25 -12.75 28.12
C GLY B 468 -43.65 -12.24 29.49
N ASP B 469 -44.92 -11.87 29.65
CA ASP B 469 -45.52 -11.63 30.97
C ASP B 469 -44.77 -10.54 31.73
N ILE B 470 -44.85 -9.32 31.20
CA ILE B 470 -44.31 -8.15 31.90
C ILE B 470 -45.08 -7.98 33.20
N ASP B 471 -44.39 -8.17 34.32
CA ASP B 471 -45.03 -8.15 35.62
C ASP B 471 -45.55 -6.76 35.95
N LEU B 472 -46.67 -6.71 36.67
CA LEU B 472 -47.27 -5.45 37.10
C LEU B 472 -47.08 -5.17 38.58
N ASN B 473 -46.85 -6.19 39.40
CA ASN B 473 -46.67 -6.01 40.84
C ASN B 473 -45.23 -5.77 41.23
N GLU B 474 -44.30 -5.78 40.27
CA GLU B 474 -42.88 -5.57 40.55
C GLU B 474 -42.42 -4.40 39.69
N LYS B 475 -42.37 -3.20 40.27
CA LYS B 475 -42.01 -1.99 39.56
C LYS B 475 -40.96 -1.21 40.33
N GLN B 476 -40.15 -0.47 39.59
CA GLN B 476 -39.16 0.44 40.17
C GLN B 476 -39.33 1.81 39.56
N VAL B 477 -39.19 2.85 40.37
CA VAL B 477 -39.41 4.23 39.95
C VAL B 477 -38.12 5.01 40.18
N GLU B 478 -37.61 5.64 39.12
CA GLU B 478 -36.50 6.57 39.22
C GLU B 478 -37.04 7.96 38.86
N SER B 479 -37.19 8.81 39.87
CA SER B 479 -37.84 10.10 39.69
C SER B 479 -36.91 11.22 40.15
N THR B 480 -36.93 12.33 39.41
CA THR B 480 -36.21 13.54 39.78
C THR B 480 -37.13 14.60 40.38
N PHE B 481 -38.34 14.22 40.78
CA PHE B 481 -39.26 15.17 41.39
C PHE B 481 -38.70 15.69 42.71
N LEU B 482 -38.11 14.81 43.51
CA LEU B 482 -37.56 15.19 44.81
C LEU B 482 -36.10 15.62 44.74
N GLN B 483 -35.49 15.62 43.55
CA GLN B 483 -34.11 16.04 43.42
C GLN B 483 -33.98 17.54 43.67
N ALA B 484 -32.90 17.93 44.35
CA ALA B 484 -32.67 19.32 44.72
C ALA B 484 -31.75 20.03 43.75
N ASP B 485 -30.59 19.46 43.45
CA ASP B 485 -29.66 20.10 42.53
C ASP B 485 -30.23 20.11 41.12
N TYR B 486 -29.95 21.19 40.38
CA TYR B 486 -30.50 21.39 39.05
C TYR B 486 -29.41 21.92 38.13
N ILE B 487 -29.79 22.20 36.89
CA ILE B 487 -28.92 22.83 35.91
C ILE B 487 -29.72 23.95 35.26
N SER B 488 -29.18 25.17 35.29
CA SER B 488 -29.90 26.34 34.82
C SER B 488 -29.49 26.68 33.38
N ILE B 489 -30.49 26.97 32.55
CA ILE B 489 -30.26 27.41 31.17
C ILE B 489 -31.01 28.71 30.96
N ASN B 490 -30.31 29.73 30.49
CA ASN B 490 -30.88 31.04 30.20
C ASN B 490 -30.98 31.22 28.69
N VAL B 491 -32.15 31.67 28.22
CA VAL B 491 -32.43 31.85 26.80
C VAL B 491 -32.68 33.32 26.55
N SER B 492 -31.96 33.88 25.58
CA SER B 492 -32.10 35.29 25.21
C SER B 492 -33.28 35.43 24.24
N ASP B 493 -33.39 36.60 23.61
CA ASP B 493 -34.50 36.87 22.70
C ASP B 493 -34.45 35.95 21.48
N ASP B 494 -33.26 35.75 20.92
CA ASP B 494 -33.10 34.97 19.69
C ASP B 494 -32.36 33.65 19.88
N ASP B 495 -31.39 33.59 20.79
CA ASP B 495 -30.58 32.39 20.98
C ASP B 495 -31.40 31.37 21.76
N GLY B 496 -32.09 30.49 21.03
CA GLY B 496 -32.87 29.44 21.64
C GLY B 496 -32.00 28.27 22.08
N VAL B 497 -32.68 27.22 22.55
CA VAL B 497 -32.00 26.03 23.05
C VAL B 497 -32.07 24.95 21.98
N TYR B 498 -31.11 24.03 22.03
CA TYR B 498 -31.01 22.94 21.06
C TYR B 498 -31.87 21.77 21.53
N MET B 499 -33.13 21.77 21.11
CA MET B 499 -34.00 20.64 21.38
C MET B 499 -33.55 19.43 20.57
N PRO B 500 -33.59 18.23 21.16
CA PRO B 500 -33.27 17.02 20.39
C PRO B 500 -34.26 16.82 19.25
N LEU B 501 -33.78 16.22 18.18
CA LEU B 501 -34.58 16.04 16.97
C LEU B 501 -34.06 14.82 16.23
N GLY B 502 -35.00 14.02 15.73
CA GLY B 502 -34.70 12.82 14.99
C GLY B 502 -35.40 11.63 15.59
N VAL B 503 -34.98 10.44 15.17
CA VAL B 503 -35.54 9.19 15.69
C VAL B 503 -34.73 8.84 16.93
N ILE B 504 -35.31 9.08 18.10
CA ILE B 504 -34.63 8.77 19.36
C ILE B 504 -34.99 7.32 19.68
N SER B 505 -34.25 6.41 19.04
CA SER B 505 -34.50 4.98 19.13
C SER B 505 -33.31 4.27 18.53
N GLU B 506 -33.33 2.94 18.59
CA GLU B 506 -32.24 2.15 18.06
C GLU B 506 -32.48 1.86 16.58
N THR B 507 -31.58 1.07 15.98
CA THR B 507 -31.77 0.65 14.59
C THR B 507 -33.04 -0.18 14.45
N PHE B 508 -33.34 -0.99 15.46
CA PHE B 508 -34.58 -1.74 15.52
C PHE B 508 -35.24 -1.46 16.86
N LEU B 509 -36.57 -1.44 16.87
CA LEU B 509 -37.30 -1.18 18.10
C LEU B 509 -36.99 -2.26 19.13
N SER B 510 -36.70 -1.83 20.35
CA SER B 510 -36.35 -2.74 21.43
C SER B 510 -36.68 -2.07 22.75
N PRO B 511 -36.97 -2.85 23.80
CA PRO B 511 -37.27 -2.23 25.11
C PRO B 511 -36.06 -1.46 25.63
N ILE B 512 -36.35 -0.41 26.38
CA ILE B 512 -35.31 0.46 26.94
C ILE B 512 -35.12 0.10 28.40
N ASN B 513 -33.85 -0.05 28.80
CA ASN B 513 -33.49 -0.34 30.18
C ASN B 513 -33.35 0.93 31.01
N SER B 514 -32.82 2.00 30.42
CA SER B 514 -32.60 3.25 31.14
C SER B 514 -32.98 4.42 30.23
N PHE B 515 -33.32 5.54 30.87
CA PHE B 515 -33.66 6.77 30.18
C PHE B 515 -32.90 7.91 30.83
N GLU B 516 -32.46 8.88 30.03
CA GLU B 516 -31.68 9.98 30.56
C GLU B 516 -31.81 11.19 29.65
N LEU B 517 -31.99 12.36 30.25
CA LEU B 517 -31.97 13.64 29.56
C LEU B 517 -30.72 14.39 29.99
N GLU B 518 -29.81 14.64 29.05
CA GLU B 518 -28.54 15.29 29.34
C GLU B 518 -28.62 16.77 28.98
N VAL B 519 -28.08 17.61 29.85
CA VAL B 519 -28.08 19.06 29.68
C VAL B 519 -26.63 19.53 29.68
N ASP B 520 -26.26 20.33 28.68
CA ASP B 520 -24.90 20.83 28.55
C ASP B 520 -24.68 22.12 29.32
N GLU B 521 -25.63 23.06 29.20
CA GLU B 521 -25.67 24.33 29.93
C GLU B 521 -24.59 25.30 29.45
N LYS B 522 -23.70 24.83 28.58
CA LYS B 522 -22.69 25.68 27.97
C LYS B 522 -23.03 26.04 26.53
N SER B 523 -23.29 25.04 25.69
CA SER B 523 -23.81 25.24 24.36
C SER B 523 -25.33 25.15 24.31
N LYS B 524 -25.98 24.90 25.44
CA LYS B 524 -27.44 24.78 25.53
C LYS B 524 -27.95 23.69 24.59
N ILE B 525 -27.50 22.46 24.85
CA ILE B 525 -27.83 21.30 24.04
C ILE B 525 -28.48 20.26 24.94
N LEU B 526 -29.64 19.76 24.52
CA LEU B 526 -30.37 18.72 25.24
C LEU B 526 -30.34 17.44 24.43
N THR B 527 -29.93 16.34 25.08
CA THR B 527 -29.88 15.04 24.44
C THR B 527 -30.64 14.02 25.27
N LEU B 528 -31.38 13.14 24.59
CA LEU B 528 -32.10 12.04 25.23
C LEU B 528 -31.34 10.75 24.96
N THR B 529 -30.68 10.24 25.99
CA THR B 529 -29.86 9.03 25.88
C THR B 529 -30.57 7.87 26.58
N CYS B 530 -30.66 6.74 25.89
CA CYS B 530 -31.31 5.56 26.43
C CYS B 530 -30.47 4.33 26.12
N LYS B 531 -30.61 3.30 26.95
CA LYS B 531 -29.95 2.02 26.74
C LYS B 531 -30.98 0.99 26.30
N SER B 532 -30.58 0.09 25.41
CA SER B 532 -31.50 -0.85 24.77
C SER B 532 -31.18 -2.28 25.19
N TYR B 533 -32.08 -3.18 24.80
CA TYR B 533 -31.93 -4.62 25.02
C TYR B 533 -31.70 -5.37 23.72
N LEU B 534 -31.16 -4.69 22.70
CA LEU B 534 -30.98 -5.33 21.40
C LEU B 534 -29.96 -6.46 21.48
N ARG B 535 -28.93 -6.30 22.31
CA ARG B 535 -27.91 -7.34 22.45
C ARG B 535 -28.51 -8.63 23.01
N GLU B 536 -29.39 -8.50 24.00
CA GLU B 536 -30.01 -9.69 24.59
C GLU B 536 -30.86 -10.43 23.57
N TYR B 537 -31.63 -9.70 22.76
CA TYR B 537 -32.45 -10.35 21.74
C TYR B 537 -31.60 -10.94 20.64
N LEU B 538 -30.52 -10.27 20.26
CA LEU B 538 -29.65 -10.77 19.20
C LEU B 538 -28.91 -12.03 19.63
N LEU B 539 -28.49 -12.10 20.89
CA LEU B 539 -27.78 -13.27 21.37
C LEU B 539 -28.67 -14.52 21.43
N GLU B 540 -29.98 -14.37 21.34
CA GLU B 540 -30.90 -15.50 21.42
C GLU B 540 -31.76 -15.68 20.18
N SER B 541 -31.72 -14.75 19.22
CA SER B 541 -32.61 -14.82 18.06
C SER B 541 -31.84 -15.01 16.76
N ASP B 542 -30.90 -14.12 16.44
CA ASP B 542 -30.23 -14.16 15.15
C ASP B 542 -28.80 -14.67 15.22
N LEU B 543 -28.02 -14.24 16.22
CA LEU B 543 -26.65 -14.73 16.35
C LEU B 543 -26.58 -16.20 16.76
N ILE B 544 -27.71 -16.79 17.16
CA ILE B 544 -27.77 -18.21 17.48
C ILE B 544 -28.48 -19.00 16.37
N ASN B 545 -28.77 -18.35 15.24
CA ASN B 545 -29.40 -18.98 14.08
C ASN B 545 -30.78 -19.52 14.42
N LYS B 546 -31.67 -18.61 14.80
CA LYS B 546 -33.08 -18.90 15.03
C LYS B 546 -33.92 -17.85 14.31
N GLU B 547 -35.24 -17.98 14.44
CA GLU B 547 -36.14 -17.02 13.81
C GLU B 547 -35.99 -15.64 14.44
N THR B 548 -35.92 -14.62 13.59
CA THR B 548 -35.73 -13.25 14.02
C THR B 548 -36.86 -12.37 13.52
N SER B 549 -37.30 -11.44 14.36
CA SER B 549 -38.36 -10.48 13.98
C SER B 549 -37.95 -9.12 14.52
N LEU B 550 -37.35 -8.30 13.66
CA LEU B 550 -36.89 -6.96 14.02
C LEU B 550 -37.71 -5.92 13.29
N ILE B 551 -38.09 -4.86 14.00
CA ILE B 551 -38.94 -3.81 13.47
C ILE B 551 -38.12 -2.54 13.36
N ALA B 552 -37.98 -2.03 12.13
CA ALA B 552 -37.35 -0.74 11.95
C ALA B 552 -38.27 0.37 12.48
N PRO B 553 -37.69 1.45 13.00
CA PRO B 553 -38.52 2.56 13.47
C PRO B 553 -39.31 3.16 12.33
N PRO B 554 -40.65 3.13 12.42
CA PRO B 554 -41.47 3.64 11.32
C PRO B 554 -41.20 5.11 11.05
N ASN B 555 -41.12 5.45 9.77
CA ASN B 555 -41.01 6.84 9.33
C ASN B 555 -42.37 7.46 9.04
N VAL B 556 -43.44 6.72 9.30
CA VAL B 556 -44.81 7.18 9.06
C VAL B 556 -45.59 7.02 10.35
N PHE B 557 -46.52 7.95 10.59
CA PHE B 557 -47.37 7.89 11.77
C PHE B 557 -48.33 6.71 11.62
N ILE B 558 -48.00 5.59 12.27
CA ILE B 558 -48.78 4.38 12.10
C ILE B 558 -50.15 4.43 12.75
N SER B 559 -50.40 5.43 13.60
CA SER B 559 -51.68 5.56 14.30
C SER B 559 -52.65 6.50 13.60
N ASN B 560 -52.30 7.01 12.42
CA ASN B 560 -53.20 7.90 11.71
C ASN B 560 -54.43 7.13 11.22
N ILE B 561 -55.58 7.80 11.28
CA ILE B 561 -56.84 7.16 10.91
C ILE B 561 -57.18 7.30 9.43
N VAL B 562 -56.48 8.17 8.71
CA VAL B 562 -56.75 8.39 7.28
C VAL B 562 -56.16 7.19 6.54
N GLU B 563 -57.02 6.29 6.07
CA GLU B 563 -56.56 5.17 5.27
C GLU B 563 -55.99 5.68 3.95
N ASN B 564 -54.87 5.11 3.52
CA ASN B 564 -54.12 5.57 2.35
C ASN B 564 -53.75 7.05 2.53
N TRP B 565 -52.92 7.30 3.56
CA TRP B 565 -52.57 8.67 3.90
C TRP B 565 -51.86 9.37 2.75
N ASN B 566 -50.94 8.68 2.10
CA ASN B 566 -50.32 9.15 0.86
C ASN B 566 -50.73 8.22 -0.26
N ILE B 567 -51.03 8.78 -1.42
CA ILE B 567 -51.59 8.02 -2.53
C ILE B 567 -50.44 7.21 -3.14
N GLU B 568 -50.32 5.95 -2.71
CA GLU B 568 -49.34 5.04 -3.28
C GLU B 568 -49.88 3.65 -3.53
N ALA B 569 -51.13 3.37 -3.18
CA ALA B 569 -51.75 2.07 -3.38
C ALA B 569 -52.82 2.17 -4.45
N ASP B 570 -52.78 1.26 -5.41
CA ASP B 570 -53.77 1.24 -6.47
C ASP B 570 -55.13 0.82 -5.92
N ASN B 571 -56.19 1.17 -6.66
CA ASN B 571 -57.57 0.91 -6.27
C ASN B 571 -57.87 1.55 -4.91
N LEU B 572 -57.78 2.89 -4.90
CA LEU B 572 -57.97 3.66 -3.68
C LEU B 572 -59.43 3.67 -3.26
N GLU B 573 -59.86 2.63 -2.53
CA GLU B 573 -61.24 2.57 -2.05
C GLU B 573 -61.60 3.74 -1.13
N PRO B 574 -60.78 4.13 -0.14
CA PRO B 574 -61.17 5.28 0.70
C PRO B 574 -61.39 6.56 -0.09
N TRP B 575 -60.59 6.81 -1.12
CA TRP B 575 -60.76 8.00 -1.95
C TRP B 575 -61.79 7.68 -3.03
N VAL B 576 -63.02 8.17 -2.84
CA VAL B 576 -64.12 7.88 -3.75
C VAL B 576 -63.88 8.60 -5.07
N ALA B 577 -64.64 8.22 -6.10
CA ALA B 577 -64.49 8.79 -7.43
C ALA B 577 -65.54 9.87 -7.66
N ASN B 578 -65.09 11.01 -8.20
CA ASN B 578 -65.96 12.14 -8.47
C ASN B 578 -65.81 12.59 -9.92
N ASN B 579 -66.36 13.75 -10.24
CA ASN B 579 -66.21 14.32 -11.58
C ASN B 579 -64.73 14.46 -11.94
N LYS B 580 -64.47 14.57 -13.23
CA LYS B 580 -63.11 14.51 -13.77
C LYS B 580 -62.25 15.70 -13.36
N ASN B 581 -62.83 16.67 -12.66
CA ASN B 581 -62.04 17.80 -12.19
C ASN B 581 -61.00 17.41 -11.14
N ALA B 582 -61.18 16.25 -10.50
CA ALA B 582 -60.25 15.76 -9.49
C ALA B 582 -59.69 14.42 -9.94
N TYR B 583 -58.36 14.30 -9.90
CA TYR B 583 -57.72 13.04 -10.30
C TYR B 583 -56.37 12.93 -9.63
N VAL B 584 -55.82 11.71 -9.66
CA VAL B 584 -54.56 11.40 -9.00
C VAL B 584 -53.42 11.71 -9.98
N ASP B 585 -52.71 12.81 -9.74
CA ASP B 585 -51.52 13.11 -10.51
C ASP B 585 -50.38 12.21 -10.06
N SER B 586 -49.79 11.48 -11.01
CA SER B 586 -48.74 10.52 -10.68
C SER B 586 -47.40 11.19 -10.37
N THR B 587 -47.21 12.45 -10.71
CA THR B 587 -45.95 13.13 -10.45
C THR B 587 -46.13 14.53 -9.85
N GLY B 588 -47.32 14.86 -9.36
CA GLY B 588 -47.56 16.19 -8.83
C GLY B 588 -47.51 16.26 -7.31
N GLY B 589 -46.91 15.26 -6.67
CA GLY B 589 -46.85 15.24 -5.22
C GLY B 589 -45.53 14.76 -4.66
N ILE B 590 -44.93 15.58 -3.80
CA ILE B 590 -43.61 15.31 -3.22
C ILE B 590 -42.65 14.98 -4.35
N GLU B 591 -42.16 13.73 -4.36
CA GLU B 591 -41.36 13.26 -5.50
C GLU B 591 -42.29 12.73 -6.60
N GLY B 592 -43.00 11.65 -6.31
CA GLY B 592 -43.93 11.09 -7.26
C GLY B 592 -45.17 10.47 -6.64
N SER B 593 -45.56 10.93 -5.45
CA SER B 593 -46.56 10.20 -4.67
C SER B 593 -47.99 10.52 -5.09
N LYS B 594 -48.26 10.45 -6.39
CA LYS B 594 -49.62 10.36 -6.97
C LYS B 594 -50.62 11.26 -6.25
N ALA B 595 -50.21 12.49 -5.98
CA ALA B 595 -51.02 13.37 -5.14
C ALA B 595 -52.35 13.71 -5.79
N LEU B 596 -53.35 13.95 -4.96
CA LEU B 596 -54.65 14.38 -5.47
C LEU B 596 -54.52 15.77 -6.11
N PHE B 597 -55.19 15.97 -7.24
CA PHE B 597 -55.13 17.25 -7.94
C PHE B 597 -56.55 17.65 -8.32
N THR B 598 -56.87 18.91 -8.05
CA THR B 598 -58.17 19.48 -8.37
C THR B 598 -57.99 20.76 -9.16
N GLN B 599 -58.78 20.92 -10.21
CA GLN B 599 -58.71 22.08 -11.09
C GLN B 599 -59.93 22.98 -11.00
N GLY B 600 -61.13 22.40 -11.00
CA GLY B 600 -62.35 23.18 -10.86
C GLY B 600 -63.09 22.88 -9.59
N ASP B 601 -64.19 22.15 -9.69
CA ASP B 601 -64.99 21.74 -8.54
C ASP B 601 -64.66 20.31 -8.08
N GLY B 602 -63.41 19.90 -8.24
CA GLY B 602 -63.03 18.55 -7.82
C GLY B 602 -63.15 18.38 -6.32
N GLU B 603 -63.49 17.16 -5.92
CA GLU B 603 -63.76 16.85 -4.51
C GLU B 603 -63.41 15.40 -4.25
N PHE B 604 -62.35 15.18 -3.47
CA PHE B 604 -62.00 13.85 -2.97
C PHE B 604 -62.51 13.73 -1.54
N SER B 605 -63.50 12.86 -1.33
CA SER B 605 -64.10 12.67 -0.03
C SER B 605 -63.83 11.26 0.47
N GLN B 606 -63.26 11.16 1.66
CA GLN B 606 -62.94 9.87 2.28
C GLN B 606 -63.58 9.81 3.65
N PHE B 607 -64.40 8.80 3.88
CA PHE B 607 -65.10 8.67 5.16
C PHE B 607 -64.14 8.19 6.24
N ILE B 608 -64.04 8.95 7.32
CA ILE B 608 -63.15 8.62 8.43
C ILE B 608 -63.90 8.69 9.74
N GLY B 609 -65.24 8.72 9.66
CA GLY B 609 -66.05 8.84 10.86
C GLY B 609 -65.93 7.66 11.80
N ASP B 610 -65.73 6.45 11.25
CA ASP B 610 -65.67 5.26 12.09
C ASP B 610 -64.49 5.32 13.06
N LYS B 611 -63.33 5.77 12.58
CA LYS B 611 -62.12 5.80 13.39
C LYS B 611 -61.98 7.10 14.20
N LEU B 612 -62.89 8.04 14.04
CA LEU B 612 -62.79 9.34 14.71
C LEU B 612 -63.41 9.21 16.10
N LYS B 613 -62.56 9.25 17.13
CA LYS B 613 -63.03 9.13 18.51
C LYS B 613 -63.64 10.45 18.97
N PRO B 614 -64.88 10.45 19.46
CA PRO B 614 -65.48 11.71 19.93
C PRO B 614 -64.79 12.22 21.18
N ASN B 615 -64.91 13.54 21.37
CA ASN B 615 -64.37 14.22 22.56
C ASN B 615 -62.86 14.00 22.70
N THR B 616 -62.15 14.04 21.58
CA THR B 616 -60.70 13.88 21.59
C THR B 616 -60.07 14.89 20.63
N ASP B 617 -58.82 15.22 20.90
CA ASP B 617 -58.08 16.19 20.11
C ASP B 617 -57.33 15.49 18.98
N TYR B 618 -57.20 16.19 17.85
CA TYR B 618 -56.57 15.63 16.66
C TYR B 618 -55.68 16.68 16.01
N ILE B 619 -54.85 16.22 15.08
CA ILE B 619 -54.03 17.08 14.23
C ILE B 619 -54.27 16.68 12.79
N ILE B 620 -54.40 17.67 11.91
CA ILE B 620 -54.83 17.45 10.54
C ILE B 620 -53.71 17.84 9.58
N GLN B 621 -52.47 17.56 9.96
CA GLN B 621 -51.33 17.89 9.10
C GLN B 621 -51.47 17.28 7.72
N TYR B 622 -51.22 18.08 6.69
CA TYR B 622 -51.17 17.61 5.31
C TYR B 622 -50.30 18.56 4.50
N THR B 623 -49.90 18.10 3.32
CA THR B 623 -49.08 18.88 2.41
C THR B 623 -49.92 19.33 1.22
N VAL B 624 -49.90 20.63 0.95
CA VAL B 624 -50.73 21.21 -0.11
C VAL B 624 -49.88 22.15 -0.97
N LYS B 625 -50.37 22.39 -2.18
CA LYS B 625 -49.74 23.31 -3.11
C LYS B 625 -50.81 24.02 -3.92
N GLY B 626 -50.69 25.32 -4.07
CA GLY B 626 -51.65 26.09 -4.84
C GLY B 626 -52.70 26.77 -3.99
N LYS B 627 -53.97 26.48 -4.26
CA LYS B 627 -55.09 27.04 -3.50
C LYS B 627 -55.96 25.87 -3.04
N PRO B 628 -55.59 25.23 -1.93
CA PRO B 628 -56.31 24.03 -1.48
C PRO B 628 -57.62 24.40 -0.78
N ALA B 629 -58.45 23.37 -0.60
CA ALA B 629 -59.70 23.49 0.16
C ALA B 629 -59.93 22.15 0.85
N ILE B 630 -59.69 22.12 2.16
CA ILE B 630 -59.67 20.87 2.90
C ILE B 630 -60.78 20.87 3.95
N TYR B 631 -61.93 21.46 3.62
CA TYR B 631 -63.05 21.54 4.54
C TYR B 631 -63.42 20.15 5.07
N LEU B 632 -63.67 20.07 6.37
CA LEU B 632 -63.99 18.82 7.06
C LEU B 632 -65.47 18.87 7.44
N LYS B 633 -66.31 18.27 6.60
CA LYS B 633 -67.75 18.23 6.82
C LYS B 633 -68.19 16.81 7.17
N ASN B 634 -69.32 16.72 7.86
CA ASN B 634 -69.87 15.43 8.30
C ASN B 634 -70.98 14.97 7.35
N LYS B 635 -70.60 14.71 6.10
CA LYS B 635 -71.54 14.28 5.06
C LYS B 635 -72.70 15.25 4.92
N ASN B 636 -73.90 14.79 5.23
CA ASN B 636 -75.08 15.65 5.21
C ASN B 636 -74.96 16.70 6.31
N THR B 637 -75.74 17.78 6.16
CA THR B 637 -75.66 18.95 7.04
C THR B 637 -74.23 19.51 7.02
N GLY B 638 -73.85 19.99 5.84
CA GLY B 638 -72.47 20.25 5.52
C GLY B 638 -71.80 21.40 6.25
N TYR B 639 -72.30 21.75 7.43
CA TYR B 639 -71.61 22.68 8.31
C TYR B 639 -70.22 22.12 8.64
N THR B 640 -69.17 22.79 8.16
CA THR B 640 -67.82 22.26 8.30
C THR B 640 -67.25 22.64 9.66
N MET B 641 -66.76 21.63 10.39
CA MET B 641 -66.09 21.86 11.66
C MET B 641 -64.63 22.27 11.49
N TYR B 642 -64.09 22.17 10.27
CA TYR B 642 -62.73 22.59 10.00
C TYR B 642 -62.66 23.15 8.58
N GLU B 643 -61.95 24.27 8.44
CA GLU B 643 -61.80 24.93 7.14
C GLU B 643 -60.35 25.27 6.91
N ASP B 644 -59.96 25.31 5.63
CA ASP B 644 -58.61 25.65 5.20
C ASP B 644 -58.65 26.65 4.07
N THR B 645 -59.44 27.71 4.25
CA THR B 645 -59.55 28.76 3.24
C THR B 645 -58.22 29.49 3.07
N ASN B 646 -58.14 30.27 2.00
CA ASN B 646 -56.94 31.05 1.64
C ASN B 646 -55.80 30.05 1.42
N GLY B 647 -54.57 30.38 1.79
CA GLY B 647 -53.45 29.49 1.58
C GLY B 647 -52.98 29.45 0.14
N SER B 648 -52.48 30.59 -0.35
CA SER B 648 -52.07 30.72 -1.74
C SER B 648 -50.59 30.38 -1.96
N SER B 649 -50.03 29.50 -1.13
CA SER B 649 -48.64 29.11 -1.29
C SER B 649 -48.43 28.37 -2.61
N GLU B 650 -47.38 28.74 -3.33
CA GLU B 650 -47.09 28.13 -4.63
C GLU B 650 -46.34 26.81 -4.50
N GLU B 651 -45.74 26.54 -3.34
CA GLU B 651 -44.93 25.34 -3.15
C GLU B 651 -45.52 24.51 -2.01
N PHE B 652 -45.14 23.23 -2.00
CA PHE B 652 -45.59 22.32 -0.96
C PHE B 652 -45.09 22.77 0.42
N GLN B 653 -45.97 22.66 1.41
CA GLN B 653 -45.61 22.97 2.78
C GLN B 653 -46.58 22.28 3.72
N THR B 654 -46.18 22.17 4.99
CA THR B 654 -47.00 21.51 6.00
C THR B 654 -48.03 22.46 6.56
N ILE B 655 -49.24 21.94 6.81
CA ILE B 655 -50.34 22.73 7.33
C ILE B 655 -50.81 22.13 8.65
N ALA B 656 -49.87 21.59 9.42
CA ALA B 656 -50.19 20.97 10.70
C ALA B 656 -50.95 21.92 11.60
N VAL B 657 -52.19 21.58 11.90
CA VAL B 657 -53.08 22.41 12.71
C VAL B 657 -53.85 21.52 13.68
N ASN B 658 -53.96 21.97 14.91
CA ASN B 658 -54.68 21.21 15.93
C ASN B 658 -56.17 21.18 15.63
N TYR B 659 -56.81 20.07 16.02
CA TYR B 659 -58.24 19.87 15.82
C TYR B 659 -58.86 19.37 17.12
N THR B 660 -60.11 19.80 17.36
CA THR B 660 -60.75 19.63 18.66
C THR B 660 -62.15 19.03 18.50
N SER B 661 -62.24 17.92 17.77
CA SER B 661 -63.52 17.22 17.63
C SER B 661 -64.07 16.84 18.99
N GLU B 662 -65.19 17.45 19.39
CA GLU B 662 -65.76 17.21 20.71
C GLU B 662 -67.26 16.92 20.61
N THR B 663 -67.91 17.42 19.57
CA THR B 663 -69.37 17.33 19.49
C THR B 663 -69.83 15.99 18.91
N ASP B 664 -69.30 14.89 19.45
CA ASP B 664 -69.66 13.51 19.13
C ASP B 664 -70.04 13.31 17.67
N PRO B 665 -69.11 13.51 16.73
CA PRO B 665 -69.45 13.39 15.30
C PRO B 665 -69.95 12.00 14.93
N SER B 666 -69.10 10.99 15.16
CA SER B 666 -69.41 9.58 14.89
C SER B 666 -69.55 9.31 13.40
N GLN B 667 -69.48 10.36 12.58
CA GLN B 667 -69.51 10.23 11.13
C GLN B 667 -69.02 11.54 10.53
N THR B 668 -67.95 11.47 9.73
CA THR B 668 -67.36 12.66 9.12
C THR B 668 -66.38 12.19 8.06
N HIS B 669 -66.42 12.82 6.89
CA HIS B 669 -65.52 12.48 5.79
C HIS B 669 -64.62 13.67 5.49
N LEU B 670 -63.32 13.39 5.38
CA LEU B 670 -62.37 14.42 4.95
C LEU B 670 -62.60 14.74 3.48
N VAL B 671 -62.67 16.04 3.17
CA VAL B 671 -62.98 16.52 1.84
C VAL B 671 -61.82 17.39 1.38
N PHE B 672 -61.24 17.04 0.23
CA PHE B 672 -60.18 17.80 -0.40
C PHE B 672 -60.71 18.41 -1.68
N LYS B 673 -60.67 19.74 -1.77
CA LYS B 673 -61.19 20.46 -2.92
C LYS B 673 -60.24 21.60 -3.27
N SER B 674 -60.70 22.51 -4.11
CA SER B 674 -59.93 23.70 -4.47
C SER B 674 -60.90 24.81 -4.83
N GLN B 675 -60.39 26.04 -4.78
CA GLN B 675 -61.16 27.18 -5.24
C GLN B 675 -61.26 27.18 -6.76
N SER B 676 -62.38 27.70 -7.27
CA SER B 676 -62.63 27.67 -8.70
C SER B 676 -61.61 28.51 -9.47
N GLY B 677 -61.04 29.52 -8.83
CA GLY B 677 -60.11 30.41 -9.51
C GLY B 677 -58.71 29.88 -9.69
N TYR B 678 -58.37 28.75 -9.06
CA TYR B 678 -57.02 28.21 -9.14
C TYR B 678 -57.11 26.69 -9.13
N GLU B 679 -55.96 26.04 -8.98
CA GLU B 679 -55.84 24.59 -8.88
C GLU B 679 -55.14 24.24 -7.57
N ALA B 680 -55.17 22.97 -7.20
CA ALA B 680 -54.59 22.56 -5.94
C ALA B 680 -54.07 21.13 -6.03
N TRP B 681 -52.94 20.90 -5.36
CA TRP B 681 -52.36 19.58 -5.16
C TRP B 681 -52.35 19.26 -3.68
N GLY B 682 -52.72 18.03 -3.34
CA GLY B 682 -52.76 17.59 -1.96
C GLY B 682 -52.18 16.21 -1.75
N ASP B 683 -51.40 16.04 -0.68
CA ASP B 683 -50.75 14.76 -0.41
C ASP B 683 -50.44 14.67 1.08
N ASN B 684 -50.22 13.44 1.54
CA ASN B 684 -49.83 13.15 2.92
C ASN B 684 -50.88 13.66 3.91
N PHE B 685 -52.09 13.12 3.78
CA PHE B 685 -53.19 13.45 4.66
C PHE B 685 -53.16 12.51 5.86
N ILE B 686 -52.80 13.04 7.03
CA ILE B 686 -52.69 12.25 8.25
C ILE B 686 -53.48 12.94 9.35
N ILE B 687 -54.30 12.17 10.05
CA ILE B 687 -55.06 12.66 11.20
C ILE B 687 -54.74 11.76 12.37
N LEU B 688 -54.20 12.35 13.45
CA LEU B 688 -53.65 11.59 14.56
C LEU B 688 -54.37 11.92 15.86
N GLU B 689 -54.47 10.92 16.72
CA GLU B 689 -55.04 11.08 18.06
C GLU B 689 -53.94 11.48 19.02
N CYS B 690 -53.92 12.75 19.41
CA CYS B 690 -52.91 13.26 20.33
C CYS B 690 -53.42 13.20 21.77
N LYS B 691 -52.52 13.48 22.70
CA LYS B 691 -52.79 13.40 24.13
C LYS B 691 -52.28 14.65 24.84
N ALA B 692 -52.61 15.82 24.31
CA ALA B 692 -52.14 17.06 24.90
C ALA B 692 -52.70 17.24 26.31
N PHE B 693 -51.89 17.84 27.18
CA PHE B 693 -52.25 18.07 28.56
C PHE B 693 -52.44 19.55 28.83
N GLU B 694 -53.35 19.85 29.76
CA GLU B 694 -53.67 21.22 30.13
C GLU B 694 -53.23 21.49 31.57
N THR B 695 -53.17 22.76 31.91
CA THR B 695 -52.75 23.18 33.25
C THR B 695 -53.89 22.96 34.23
N PRO B 696 -53.70 22.18 35.30
CA PRO B 696 -54.75 22.03 36.30
C PRO B 696 -55.04 23.33 37.02
N GLU B 697 -56.30 23.49 37.43
CA GLU B 697 -56.70 24.70 38.14
C GLU B 697 -56.00 24.81 39.49
N GLY B 698 -55.91 23.70 40.22
CA GLY B 698 -55.28 23.70 41.53
C GLY B 698 -56.30 23.75 42.65
N PRO B 699 -56.29 22.73 43.51
CA PRO B 699 -57.24 22.69 44.61
C PRO B 699 -57.01 23.81 45.60
N GLU B 700 -58.11 24.25 46.24
CA GLU B 700 -58.05 25.29 47.25
C GLU B 700 -57.63 24.66 48.57
N LEU B 701 -56.38 24.91 48.99
CA LEU B 701 -55.85 24.29 50.19
C LEU B 701 -56.58 24.77 51.44
N ILE B 702 -56.87 26.07 51.52
CA ILE B 702 -57.42 26.69 52.71
C ILE B 702 -58.87 27.09 52.43
N LYS B 703 -59.77 26.65 53.30
CA LYS B 703 -61.18 26.96 53.16
C LYS B 703 -61.76 27.37 54.51
N PHE B 704 -62.85 28.14 54.45
CA PHE B 704 -63.45 28.71 55.65
C PHE B 704 -64.37 27.71 56.34
N ASP B 705 -63.90 26.48 56.54
CA ASP B 705 -64.66 25.47 57.26
C ASP B 705 -63.84 24.63 58.23
N ASP B 706 -62.53 24.84 58.31
CA ASP B 706 -61.67 24.02 59.16
C ASP B 706 -60.77 24.88 60.05
N TRP B 707 -61.21 26.09 60.37
CA TRP B 707 -60.46 26.98 61.25
C TRP B 707 -60.59 26.49 62.69
N ILE B 708 -59.58 25.78 63.18
CA ILE B 708 -59.57 25.33 64.57
C ILE B 708 -59.10 26.48 65.45
N SER B 709 -60.04 27.28 65.94
CA SER B 709 -59.71 28.48 66.69
C SER B 709 -59.10 28.11 68.04
N PHE B 710 -58.07 28.86 68.43
CA PHE B 710 -57.42 28.72 69.73
C PHE B 710 -57.62 30.00 70.52
N GLY B 711 -57.85 29.85 71.83
CA GLY B 711 -58.08 31.02 72.66
C GLY B 711 -59.45 31.63 72.42
N THR B 712 -59.54 32.93 72.64
CA THR B 712 -60.78 33.68 72.49
C THR B 712 -60.77 34.45 71.18
N THR B 713 -61.79 34.25 70.37
CA THR B 713 -61.93 34.95 69.09
C THR B 713 -63.35 35.50 68.95
N TYR B 714 -63.47 36.55 68.16
CA TYR B 714 -64.73 37.26 67.95
C TYR B 714 -65.06 37.34 66.46
N ILE B 715 -64.98 36.19 65.78
CA ILE B 715 -65.20 36.10 64.34
C ILE B 715 -66.55 36.72 63.98
N ARG B 716 -66.52 37.78 63.17
CA ARG B 716 -67.71 38.51 62.76
C ARG B 716 -67.90 38.32 61.26
N ASP B 717 -68.96 37.64 60.88
CA ASP B 717 -69.29 37.34 59.47
C ASP B 717 -68.09 36.60 58.88
N ASP B 718 -67.53 37.05 57.76
CA ASP B 718 -66.37 36.42 57.15
C ASP B 718 -65.05 36.99 57.65
N VAL B 719 -65.09 37.92 58.60
CA VAL B 719 -63.89 38.59 59.09
C VAL B 719 -63.28 37.77 60.23
N LEU B 720 -61.99 37.49 60.13
CA LEU B 720 -61.25 36.82 61.18
C LEU B 720 -60.47 37.86 61.98
N THR B 721 -60.68 37.90 63.29
CA THR B 721 -60.05 38.87 64.15
C THR B 721 -59.24 38.17 65.23
N ILE B 722 -58.07 38.72 65.55
CA ILE B 722 -57.19 38.16 66.55
C ILE B 722 -57.44 38.87 67.88
N ASP B 723 -56.94 38.27 68.96
CA ASP B 723 -57.11 38.79 70.31
C ASP B 723 -55.73 39.04 70.90
N PRO B 724 -55.18 40.25 70.75
CA PRO B 724 -53.90 40.58 71.38
C PRO B 724 -54.00 40.51 72.89
N SER B 725 -52.86 40.21 73.53
CA SER B 725 -52.76 40.01 74.97
C SER B 725 -53.58 38.81 75.45
N ARG B 726 -53.90 37.90 74.52
CA ARG B 726 -54.67 36.69 74.83
C ARG B 726 -54.13 35.56 73.97
N GLY B 727 -54.82 34.42 74.01
CA GLY B 727 -54.44 33.28 73.21
C GLY B 727 -55.25 33.16 71.93
N GLY B 728 -55.88 34.24 71.52
CA GLY B 728 -56.75 34.22 70.35
C GLY B 728 -56.02 34.32 69.03
N TYR B 729 -55.39 33.24 68.60
CA TYR B 729 -54.69 33.17 67.33
C TYR B 729 -55.28 32.06 66.47
N PHE B 730 -55.43 32.33 65.18
CA PHE B 730 -55.96 31.34 64.25
C PHE B 730 -54.87 30.38 63.81
N ARG B 731 -55.29 29.18 63.43
CA ARG B 731 -54.37 28.17 62.92
C ARG B 731 -55.17 27.16 62.10
N GLN B 732 -54.59 26.73 60.98
CA GLN B 732 -55.23 25.74 60.12
C GLN B 732 -54.16 25.00 59.34
N SER B 733 -54.32 23.67 59.26
CA SER B 733 -53.34 22.85 58.58
C SER B 733 -53.38 23.06 57.08
N LEU B 734 -52.25 22.80 56.42
CA LEU B 734 -52.12 22.93 54.98
C LEU B 734 -51.56 21.64 54.41
N LYS B 735 -52.18 21.15 53.34
CA LYS B 735 -51.73 19.92 52.67
C LYS B 735 -50.78 20.29 51.53
N LEU B 736 -49.59 20.74 51.93
CA LEU B 736 -48.57 21.17 51.00
C LEU B 736 -47.87 19.98 50.36
N ASP B 737 -47.06 20.26 49.34
CA ASP B 737 -46.38 19.23 48.57
C ASP B 737 -44.89 19.51 48.49
N SER B 738 -44.20 18.81 47.59
CA SER B 738 -42.77 19.00 47.36
C SER B 738 -42.56 20.27 46.56
N TYR B 739 -41.35 20.43 45.99
CA TYR B 739 -40.94 21.67 45.33
C TYR B 739 -42.04 22.22 44.45
N SER B 740 -42.53 23.40 44.79
CA SER B 740 -43.66 24.03 44.12
C SER B 740 -43.77 25.47 44.61
N THR B 741 -44.61 26.24 43.94
CA THR B 741 -44.87 27.63 44.29
C THR B 741 -46.35 27.80 44.61
N TYR B 742 -46.65 28.50 45.70
CA TYR B 742 -48.02 28.76 46.10
C TYR B 742 -48.24 30.26 46.20
N ASN B 743 -49.29 30.75 45.54
CA ASN B 743 -49.70 32.15 45.66
C ASN B 743 -50.73 32.25 46.78
N LEU B 744 -50.44 33.11 47.76
CA LEU B 744 -51.34 33.34 48.88
C LEU B 744 -51.79 34.80 48.85
N SER B 745 -53.10 35.01 48.70
CA SER B 745 -53.69 36.34 48.67
C SER B 745 -54.68 36.46 49.81
N PHE B 746 -54.56 37.53 50.59
CA PHE B 746 -55.43 37.74 51.73
C PHE B 746 -55.53 39.24 52.01
N SER B 747 -56.58 39.62 52.75
CA SER B 747 -56.78 40.99 53.19
C SER B 747 -56.68 41.00 54.72
N PHE B 748 -55.63 41.61 55.23
CA PHE B 748 -55.36 41.64 56.66
C PHE B 748 -55.23 43.08 57.15
N SER B 749 -55.49 43.27 58.43
CA SER B 749 -55.51 44.59 59.05
C SER B 749 -55.22 44.44 60.53
N GLY B 750 -55.06 45.57 61.19
CA GLY B 750 -54.71 45.59 62.60
C GLY B 750 -53.26 45.99 62.83
N LEU B 751 -52.99 46.56 63.99
CA LEU B 751 -51.65 47.04 64.29
C LEU B 751 -50.71 45.87 64.49
N TRP B 752 -49.69 45.78 63.63
CA TRP B 752 -48.69 44.73 63.68
C TRP B 752 -49.32 43.34 63.62
N ALA B 753 -50.24 43.17 62.68
CA ALA B 753 -50.87 41.88 62.44
C ALA B 753 -49.90 41.00 61.66
N LYS B 754 -49.54 39.85 62.22
CA LYS B 754 -48.51 38.98 61.67
C LYS B 754 -49.16 37.75 61.06
N VAL B 755 -48.81 37.48 59.79
CA VAL B 755 -49.25 36.31 59.05
C VAL B 755 -48.03 35.46 58.77
N ILE B 756 -48.07 34.19 59.18
CA ILE B 756 -46.93 33.30 59.10
C ILE B 756 -47.37 31.96 58.52
N ILE B 757 -46.54 31.39 57.67
CA ILE B 757 -46.63 29.98 57.29
C ILE B 757 -45.55 29.25 58.08
N LYS B 758 -45.96 28.42 59.04
CA LYS B 758 -45.06 27.90 60.06
C LYS B 758 -45.09 26.38 60.08
N ASN B 759 -43.91 25.79 60.24
CA ASN B 759 -43.75 24.36 60.47
C ASN B 759 -43.84 24.06 61.96
N SER B 760 -44.15 22.80 62.28
CA SER B 760 -44.23 22.39 63.67
C SER B 760 -42.89 22.57 64.39
N HIS B 761 -41.79 22.26 63.69
CA HIS B 761 -40.46 22.41 64.30
C HIS B 761 -40.03 23.86 64.39
N GLY B 762 -40.63 24.76 63.62
CA GLY B 762 -40.31 26.17 63.71
C GLY B 762 -39.83 26.79 62.42
N VAL B 763 -39.94 26.06 61.31
CA VAL B 763 -39.52 26.57 60.01
C VAL B 763 -40.61 27.47 59.46
N VAL B 764 -40.21 28.67 59.03
CA VAL B 764 -41.13 29.68 58.50
C VAL B 764 -40.84 29.87 57.02
N LEU B 765 -41.87 29.70 56.19
CA LEU B 765 -41.74 29.86 54.75
C LEU B 765 -42.20 31.24 54.25
N PHE B 766 -43.04 31.93 55.00
CA PHE B 766 -43.57 33.21 54.58
C PHE B 766 -44.06 33.97 55.80
N GLU B 767 -43.77 35.27 55.85
CA GLU B 767 -44.18 36.11 56.96
C GLU B 767 -44.48 37.51 56.45
N LYS B 768 -45.50 38.13 57.04
CA LYS B 768 -45.89 39.49 56.67
C LYS B 768 -46.50 40.20 57.85
N VAL B 769 -46.06 41.43 58.09
CA VAL B 769 -46.58 42.27 59.18
C VAL B 769 -46.91 43.64 58.61
N SER B 770 -48.09 44.15 58.96
CA SER B 770 -48.52 45.46 58.48
C SER B 770 -47.96 46.56 59.37
N GLN B 771 -47.51 47.65 58.74
CA GLN B 771 -46.96 48.77 59.49
C GLN B 771 -48.02 49.41 60.39
N GLN B 772 -49.23 49.57 59.88
CA GLN B 772 -50.34 50.09 60.66
C GLN B 772 -51.54 49.17 60.45
N SER B 773 -52.72 49.57 60.95
CA SER B 773 -53.89 48.73 60.80
C SER B 773 -54.35 48.70 59.34
N SER B 774 -54.82 49.85 58.85
CA SER B 774 -55.25 50.04 57.45
C SER B 774 -56.15 48.89 57.02
N TYR B 775 -56.15 48.57 55.73
CA TYR B 775 -56.78 47.35 55.22
C TYR B 775 -55.98 46.75 54.07
N VAL B 776 -54.66 46.90 54.11
CA VAL B 776 -53.82 46.49 52.99
C VAL B 776 -53.94 44.98 52.76
N ASP B 777 -53.89 44.57 51.49
CA ASP B 777 -53.93 43.18 51.09
C ASP B 777 -52.60 42.77 50.49
N ILE B 778 -52.18 41.54 50.75
CA ILE B 778 -50.91 41.00 50.30
C ILE B 778 -51.19 39.81 49.39
N SER B 779 -50.54 39.78 48.23
CA SER B 779 -50.67 38.70 47.27
C SER B 779 -49.29 38.15 46.90
N GLU B 780 -48.47 37.90 47.91
CA GLU B 780 -47.13 37.40 47.72
C GLU B 780 -47.13 35.86 47.74
N SER B 781 -46.18 35.28 47.00
CA SER B 781 -46.07 33.84 46.87
C SER B 781 -44.95 33.29 47.76
N PHE B 782 -44.93 31.97 47.87
CA PHE B 782 -43.90 31.29 48.65
C PHE B 782 -43.63 29.92 48.04
N THR B 783 -42.61 29.26 48.56
CA THR B 783 -42.13 27.98 48.02
C THR B 783 -41.88 27.00 49.16
N THR B 784 -42.38 25.78 49.01
CA THR B 784 -42.14 24.69 49.96
C THR B 784 -41.06 23.79 49.35
N THR B 785 -39.83 23.95 49.82
CA THR B 785 -38.69 23.29 49.18
C THR B 785 -38.76 21.77 49.26
N SER B 786 -38.57 21.19 50.44
CA SER B 786 -38.46 19.74 50.53
C SER B 786 -39.14 19.11 51.73
N ASN B 787 -39.84 19.85 52.58
CA ASN B 787 -40.35 19.27 53.81
C ASN B 787 -41.52 18.32 53.53
N LYS B 788 -42.62 18.86 53.04
CA LYS B 788 -43.83 18.07 52.72
C LYS B 788 -44.23 17.19 53.91
N GLU B 789 -44.12 17.75 55.12
CA GLU B 789 -44.46 17.02 56.33
C GLU B 789 -45.61 17.65 57.10
N GLY B 790 -45.51 18.95 57.39
CA GLY B 790 -46.58 19.63 58.10
C GLY B 790 -46.37 21.13 58.18
N PHE B 791 -47.41 21.89 57.83
CA PHE B 791 -47.35 23.34 57.90
C PHE B 791 -48.72 23.87 58.28
N PHE B 792 -48.75 25.08 58.83
CA PHE B 792 -50.00 25.70 59.22
C PHE B 792 -49.90 27.20 59.05
N ILE B 793 -51.07 27.83 58.92
CA ILE B 793 -51.17 29.27 58.74
C ILE B 793 -51.51 29.90 60.09
N GLU B 794 -50.63 30.78 60.55
CA GLU B 794 -50.76 31.43 61.85
C GLU B 794 -51.06 32.90 61.65
N LEU B 795 -52.17 33.37 62.22
CA LEU B 795 -52.56 34.76 62.22
C LEU B 795 -52.53 35.24 63.66
N THR B 796 -51.60 36.14 63.98
CA THR B 796 -51.43 36.57 65.36
C THR B 796 -50.97 38.03 65.37
N GLY B 797 -50.47 38.48 66.52
CA GLY B 797 -49.91 39.81 66.63
C GLY B 797 -48.96 39.96 67.79
N ASP B 798 -47.75 40.45 67.52
CA ASP B 798 -46.80 40.70 68.59
C ASP B 798 -47.25 41.86 69.48
N SER B 799 -47.80 42.91 68.88
CA SER B 799 -48.31 44.03 69.65
C SER B 799 -49.58 43.62 70.38
N ARG B 800 -49.64 43.93 71.68
CA ARG B 800 -50.80 43.59 72.50
C ARG B 800 -51.80 44.76 72.52
N GLY B 801 -52.28 45.10 71.32
CA GLY B 801 -53.13 46.27 71.17
C GLY B 801 -54.45 46.02 70.46
N GLY B 802 -54.70 46.75 69.38
CA GLY B 802 -55.98 46.69 68.72
C GLY B 802 -56.23 45.37 68.01
N PHE B 803 -57.51 45.09 67.79
CA PHE B 803 -57.92 43.86 67.13
C PHE B 803 -57.61 43.92 65.64
N GLY B 804 -56.99 42.86 65.12
CA GLY B 804 -56.73 42.76 63.70
C GLY B 804 -57.93 42.25 62.92
N SER B 805 -57.78 42.24 61.61
CA SER B 805 -58.81 41.74 60.70
C SER B 805 -58.17 40.80 59.68
N PHE B 806 -58.92 39.77 59.30
CA PHE B 806 -58.45 38.82 58.30
C PHE B 806 -59.64 38.35 57.47
N ARG B 807 -59.53 38.46 56.15
CA ARG B 807 -60.61 38.04 55.26
C ARG B 807 -60.04 37.66 53.90
N ASP B 808 -60.75 36.78 53.21
CA ASP B 808 -60.45 36.39 51.83
C ASP B 808 -59.05 35.79 51.72
N PHE B 809 -58.80 34.75 52.50
CA PHE B 809 -57.56 34.01 52.40
C PHE B 809 -57.67 32.97 51.29
N SER B 810 -56.75 33.05 50.32
CA SER B 810 -56.75 32.15 49.17
C SER B 810 -55.33 31.72 48.89
N MET B 811 -55.07 30.42 48.96
CA MET B 811 -53.76 29.84 48.68
C MET B 811 -53.92 28.83 47.55
N LYS B 812 -53.34 29.12 46.40
CA LYS B 812 -53.45 28.27 45.22
C LYS B 812 -52.07 27.99 44.64
N GLU B 813 -51.85 26.73 44.25
CA GLU B 813 -50.58 26.36 43.64
C GLU B 813 -50.49 26.95 42.23
N LYS B 814 -49.31 27.45 41.89
CA LYS B 814 -49.05 28.05 40.58
C LYS B 814 -48.34 27.04 39.69
N PHE B 815 -48.77 26.97 38.44
CA PHE B 815 -48.15 26.06 37.48
C PHE B 815 -47.55 26.83 36.31
N SER C 33 0.25 -38.56 22.98
CA SER C 33 1.43 -38.72 23.81
C SER C 33 1.75 -37.44 24.56
N PHE C 34 0.85 -36.46 24.46
CA PHE C 34 0.92 -35.15 25.11
C PHE C 34 2.02 -34.27 24.55
N ILE C 35 2.81 -34.75 23.58
CA ILE C 35 3.92 -33.99 23.01
C ILE C 35 3.63 -33.78 21.53
N ASP C 36 3.62 -32.52 21.11
CA ASP C 36 3.40 -32.16 19.71
C ASP C 36 4.76 -31.84 19.09
N VAL C 37 5.45 -32.89 18.67
CA VAL C 37 6.78 -32.74 18.07
C VAL C 37 6.63 -32.23 16.64
N PHE C 38 7.38 -31.20 16.30
CA PHE C 38 7.36 -30.59 14.97
C PHE C 38 8.61 -31.00 14.22
N ASN C 39 8.43 -31.58 13.03
CA ASN C 39 9.53 -32.14 12.27
C ASN C 39 10.25 -31.14 11.38
N GLY C 40 9.83 -29.87 11.40
CA GLY C 40 10.53 -28.83 10.68
C GLY C 40 10.06 -28.68 9.24
N ILE C 41 10.58 -27.63 8.61
CA ILE C 41 10.31 -27.38 7.20
C ILE C 41 10.83 -28.53 6.35
N TYR C 42 12.02 -29.04 6.68
CA TYR C 42 12.55 -30.19 5.97
C TYR C 42 11.64 -31.41 6.12
N GLY C 43 11.13 -31.65 7.32
CA GLY C 43 10.20 -32.74 7.51
C GLY C 43 8.93 -32.59 6.72
N PHE C 44 8.39 -31.36 6.68
CA PHE C 44 7.18 -31.10 5.89
C PHE C 44 7.44 -31.34 4.40
N ALA C 45 8.59 -30.88 3.90
CA ALA C 45 8.93 -31.10 2.51
C ALA C 45 9.11 -32.59 2.21
N THR C 46 9.72 -33.33 3.13
CA THR C 46 9.86 -34.76 2.95
C THR C 46 8.51 -35.46 2.91
N GLY C 47 7.58 -35.04 3.78
CA GLY C 47 6.24 -35.59 3.72
C GLY C 47 5.54 -35.28 2.40
N ILE C 48 5.71 -34.06 1.91
CA ILE C 48 5.11 -33.69 0.63
C ILE C 48 5.71 -34.53 -0.49
N GLN C 49 7.02 -34.78 -0.44
CA GLN C 49 7.65 -35.64 -1.44
C GLN C 49 7.12 -37.07 -1.36
N ASP C 50 6.88 -37.56 -0.15
CA ASP C 50 6.28 -38.89 0.00
C ASP C 50 4.90 -38.94 -0.60
N ILE C 51 4.09 -37.90 -0.38
CA ILE C 51 2.77 -37.87 -0.99
C ILE C 51 2.87 -37.78 -2.51
N PHE C 52 3.87 -37.06 -3.02
CA PHE C 52 4.10 -37.01 -4.45
C PHE C 52 4.40 -38.39 -5.01
N ASN C 53 5.27 -39.14 -4.33
CA ASN C 53 5.59 -40.48 -4.78
C ASN C 53 4.38 -41.40 -4.72
N MET C 54 3.54 -41.22 -3.69
CA MET C 54 2.30 -42.00 -3.61
C MET C 54 1.36 -41.66 -4.76
N ILE C 55 1.28 -40.38 -5.12
CA ILE C 55 0.42 -39.96 -6.23
C ILE C 55 0.92 -40.56 -7.54
N PHE C 56 2.23 -40.47 -7.78
CA PHE C 56 2.79 -40.99 -9.02
C PHE C 56 2.68 -42.50 -9.14
N GLY C 57 2.42 -43.20 -8.03
CA GLY C 57 2.27 -44.65 -8.08
C GLY C 57 0.99 -45.11 -8.74
N THR C 58 -0.04 -44.26 -8.77
CA THR C 58 -1.31 -44.62 -9.38
C THR C 58 -1.22 -44.41 -10.88
N ASP C 59 -1.32 -45.48 -11.66
CA ASP C 59 -1.24 -45.42 -13.11
C ASP C 59 -2.64 -45.21 -13.66
N THR C 60 -2.87 -44.04 -14.26
CA THR C 60 -4.16 -43.71 -14.84
C THR C 60 -4.27 -44.07 -16.31
N GLY C 61 -3.20 -44.58 -16.92
CA GLY C 61 -3.23 -44.93 -18.32
C GLY C 61 -2.40 -43.97 -19.17
N ASP C 62 -2.77 -43.83 -20.44
CA ASP C 62 -2.07 -42.94 -21.35
C ASP C 62 -2.98 -41.88 -21.97
N LEU C 63 -4.24 -41.81 -21.57
CA LEU C 63 -5.19 -40.86 -22.12
C LEU C 63 -5.69 -39.92 -21.03
N THR C 64 -5.75 -38.63 -21.36
CA THR C 64 -6.31 -37.65 -20.45
C THR C 64 -7.79 -37.92 -20.24
N LEU C 65 -8.27 -37.62 -19.02
CA LEU C 65 -9.68 -37.82 -18.72
C LEU C 65 -10.58 -37.06 -19.67
N GLU C 66 -10.20 -35.83 -20.03
CA GLU C 66 -10.96 -35.08 -21.02
C GLU C 66 -10.96 -35.77 -22.37
N GLU C 67 -9.80 -36.32 -22.77
CA GLU C 67 -9.73 -37.06 -24.01
C GLU C 67 -10.60 -38.32 -23.95
N VAL C 68 -10.61 -39.00 -22.81
CA VAL C 68 -11.45 -40.18 -22.66
C VAL C 68 -12.93 -39.81 -22.80
N LEU C 69 -13.34 -38.72 -22.17
CA LEU C 69 -14.74 -38.30 -22.26
C LEU C 69 -15.10 -37.88 -23.69
N LYS C 70 -14.18 -37.20 -24.38
CA LYS C 70 -14.45 -36.81 -25.77
C LYS C 70 -14.57 -38.03 -26.66
N ASN C 71 -13.69 -39.01 -26.49
CA ASN C 71 -13.81 -40.26 -27.25
C ASN C 71 -15.12 -40.96 -26.93
N GLN C 72 -15.51 -40.97 -25.65
CA GLN C 72 -16.75 -41.62 -25.26
C GLN C 72 -17.95 -40.97 -25.91
N GLU C 73 -18.01 -39.63 -25.91
CA GLU C 73 -19.16 -38.97 -26.51
C GLU C 73 -19.18 -39.13 -28.03
N LEU C 74 -18.01 -39.08 -28.67
CA LEU C 74 -17.95 -39.30 -30.11
C LEU C 74 -18.43 -40.69 -30.48
N LEU C 75 -17.92 -41.71 -29.77
CA LEU C 75 -18.34 -43.08 -30.03
C LEU C 75 -19.81 -43.28 -29.70
N TYR C 76 -20.31 -42.61 -28.66
CA TYR C 76 -21.73 -42.73 -28.32
C TYR C 76 -22.61 -42.17 -29.43
N ASP C 77 -22.25 -41.01 -29.97
CA ASP C 77 -23.02 -40.42 -31.06
C ASP C 77 -22.97 -41.32 -32.30
N ILE C 78 -21.77 -41.80 -32.65
CA ILE C 78 -21.64 -42.66 -33.81
C ILE C 78 -22.43 -43.95 -33.64
N SER C 79 -22.36 -44.54 -32.44
CA SER C 79 -23.08 -45.78 -32.17
C SER C 79 -24.59 -45.56 -32.23
N GLY C 80 -25.07 -44.43 -31.69
CA GLY C 80 -26.50 -44.15 -31.78
C GLY C 80 -26.97 -44.01 -33.21
N LYS C 81 -26.23 -43.25 -34.02
CA LYS C 81 -26.61 -43.09 -35.42
C LYS C 81 -26.58 -44.42 -36.15
N LEU C 82 -25.54 -45.22 -35.93
CA LEU C 82 -25.45 -46.51 -36.60
C LEU C 82 -26.53 -47.48 -36.14
N GLU C 83 -26.90 -47.41 -34.86
CA GLU C 83 -28.00 -48.23 -34.37
C GLU C 83 -29.31 -47.84 -35.04
N GLY C 84 -29.55 -46.52 -35.20
CA GLY C 84 -30.74 -46.09 -35.91
C GLY C 84 -30.77 -46.57 -37.35
N ILE C 85 -29.63 -46.47 -38.05
CA ILE C 85 -29.59 -46.91 -39.44
C ILE C 85 -29.79 -48.40 -39.55
N SER C 86 -29.16 -49.17 -38.65
CA SER C 86 -29.31 -50.62 -38.67
C SER C 86 -30.74 -51.03 -38.34
N GLY C 87 -31.39 -50.34 -37.40
CA GLY C 87 -32.78 -50.63 -37.12
C GLY C 87 -33.68 -50.35 -38.30
N ASP C 88 -33.46 -49.22 -38.98
CA ASP C 88 -34.24 -48.94 -40.18
C ASP C 88 -34.03 -49.99 -41.26
N LEU C 89 -32.78 -50.40 -41.47
CA LEU C 89 -32.49 -51.41 -42.49
C LEU C 89 -33.13 -52.75 -42.12
N SER C 90 -33.08 -53.13 -40.85
CA SER C 90 -33.70 -54.37 -40.42
C SER C 90 -35.22 -54.32 -40.58
N GLU C 91 -35.83 -53.19 -40.25
CA GLU C 91 -37.29 -53.11 -40.35
C GLU C 91 -37.76 -52.98 -41.79
N ILE C 92 -36.90 -52.53 -42.72
CA ILE C 92 -37.27 -52.51 -44.12
C ILE C 92 -36.86 -53.78 -44.87
N ILE C 93 -36.00 -54.61 -44.28
CA ILE C 93 -35.59 -55.84 -44.94
C ILE C 93 -36.44 -57.04 -44.55
N ALA C 94 -37.17 -56.97 -43.43
CA ALA C 94 -38.00 -58.06 -42.95
C ALA C 94 -39.48 -57.83 -43.23
N GLN C 95 -39.81 -56.88 -44.11
CA GLN C 95 -41.19 -56.55 -44.42
C GLN C 95 -41.60 -56.96 -45.82
N GLY C 96 -40.86 -56.54 -46.84
CA GLY C 96 -41.19 -56.87 -48.22
C GLY C 96 -40.69 -58.24 -48.62
N ASN C 97 -41.05 -58.63 -49.85
CA ASN C 97 -40.59 -59.90 -50.40
C ASN C 97 -39.08 -59.90 -50.60
N LEU C 98 -38.54 -58.78 -51.10
CA LEU C 98 -37.11 -58.57 -51.32
C LEU C 98 -36.50 -59.55 -52.32
N ASN C 99 -37.33 -60.27 -53.08
CA ASN C 99 -36.86 -61.21 -54.09
C ASN C 99 -35.87 -62.22 -53.50
N THR C 100 -34.89 -62.65 -54.29
CA THR C 100 -33.87 -63.58 -53.83
C THR C 100 -32.48 -62.95 -53.82
N GLU C 101 -32.01 -62.43 -54.96
CA GLU C 101 -30.70 -61.79 -54.97
C GLU C 101 -30.71 -60.48 -54.20
N LEU C 102 -31.79 -59.70 -54.32
CA LEU C 102 -31.88 -58.45 -53.58
C LEU C 102 -31.90 -58.70 -52.08
N ALA C 103 -32.62 -59.74 -51.64
CA ALA C 103 -32.65 -60.08 -50.23
C ALA C 103 -31.26 -60.47 -49.73
N LYS C 104 -30.53 -61.27 -50.52
CA LYS C 104 -29.18 -61.66 -50.12
C LYS C 104 -28.25 -60.45 -50.04
N GLU C 105 -28.34 -59.54 -51.01
CA GLU C 105 -27.50 -58.36 -50.98
C GLU C 105 -27.81 -57.47 -49.79
N LEU C 106 -29.10 -57.28 -49.50
CA LEU C 106 -29.48 -56.48 -48.33
C LEU C 106 -29.03 -57.16 -47.04
N LEU C 107 -29.11 -58.48 -46.97
CA LEU C 107 -28.64 -59.19 -45.79
C LEU C 107 -27.14 -59.02 -45.62
N LYS C 108 -26.38 -59.07 -46.70
CA LYS C 108 -24.94 -58.87 -46.61
C LYS C 108 -24.61 -57.45 -46.17
N ILE C 109 -25.32 -56.46 -46.71
CA ILE C 109 -25.08 -55.07 -46.31
C ILE C 109 -25.43 -54.87 -44.84
N ALA C 110 -26.53 -55.48 -44.39
CA ALA C 110 -26.90 -55.39 -42.99
C ALA C 110 -25.86 -56.06 -42.10
N ASN C 111 -25.32 -57.19 -42.54
CA ASN C 111 -24.27 -57.86 -41.76
C ASN C 111 -23.03 -56.98 -41.66
N GLU C 112 -22.62 -56.35 -42.76
CA GLU C 112 -21.46 -55.46 -42.70
C GLU C 112 -21.73 -54.26 -41.78
N GLN C 113 -22.91 -53.68 -41.87
CA GLN C 113 -23.25 -52.54 -41.03
C GLN C 113 -23.30 -52.94 -39.56
N ASN C 114 -23.83 -54.13 -39.26
CA ASN C 114 -23.85 -54.61 -37.89
C ASN C 114 -22.45 -54.93 -37.39
N ASN C 115 -21.55 -55.40 -38.27
CA ASN C 115 -20.17 -55.59 -37.87
C ASN C 115 -19.52 -54.27 -37.49
N VAL C 116 -19.77 -53.22 -38.29
CA VAL C 116 -19.23 -51.90 -37.97
C VAL C 116 -19.82 -51.40 -36.64
N LEU C 117 -21.12 -51.60 -36.45
CA LEU C 117 -21.77 -51.17 -35.22
C LEU C 117 -21.22 -51.92 -34.01
N THR C 118 -20.96 -53.22 -34.16
CA THR C 118 -20.40 -53.99 -33.06
C THR C 118 -18.97 -53.56 -32.75
N ASP C 119 -18.19 -53.20 -33.78
CA ASP C 119 -16.86 -52.67 -33.53
C ASP C 119 -16.95 -51.35 -32.75
N VAL C 120 -17.87 -50.47 -33.15
CA VAL C 120 -18.03 -49.21 -32.44
C VAL C 120 -18.47 -49.45 -31.00
N ASN C 121 -19.40 -50.39 -30.80
CA ASN C 121 -19.87 -50.71 -29.45
C ASN C 121 -18.77 -51.34 -28.61
N ASN C 122 -17.91 -52.16 -29.22
CA ASN C 122 -16.78 -52.73 -28.48
C ASN C 122 -15.81 -51.64 -28.05
N LYS C 123 -15.53 -50.68 -28.94
CA LYS C 123 -14.67 -49.56 -28.55
C LYS C 123 -15.32 -48.74 -27.43
N LEU C 124 -16.63 -48.52 -27.52
CA LEU C 124 -17.32 -47.77 -26.47
C LEU C 124 -17.30 -48.50 -25.15
N ASN C 125 -17.48 -49.83 -25.18
CA ASN C 125 -17.44 -50.61 -23.95
C ASN C 125 -16.03 -50.65 -23.35
N ALA C 126 -15.01 -50.68 -24.21
CA ALA C 126 -13.64 -50.58 -23.71
C ALA C 126 -13.40 -49.25 -23.04
N ILE C 127 -13.91 -48.16 -23.63
CA ILE C 127 -13.80 -46.85 -23.01
C ILE C 127 -14.52 -46.83 -21.66
N ASN C 128 -15.72 -47.40 -21.62
CA ASN C 128 -16.50 -47.42 -20.38
C ASN C 128 -15.80 -48.22 -19.30
N SER C 129 -15.21 -49.37 -19.66
CA SER C 129 -14.48 -50.18 -18.67
C SER C 129 -13.24 -49.46 -18.19
N MET C 130 -12.52 -48.79 -19.10
CA MET C 130 -11.36 -48.01 -18.68
C MET C 130 -11.76 -46.91 -17.72
N LEU C 131 -12.87 -46.22 -18.00
CA LEU C 131 -13.35 -45.19 -17.09
C LEU C 131 -13.77 -45.78 -15.75
N HIS C 132 -14.44 -46.93 -15.77
CA HIS C 132 -14.95 -47.55 -14.56
C HIS C 132 -13.84 -48.14 -13.70
N ILE C 133 -12.66 -48.40 -14.27
CA ILE C 133 -11.52 -48.78 -13.45
C ILE C 133 -10.64 -47.58 -13.11
N TYR C 134 -10.70 -46.51 -13.89
CA TYR C 134 -9.92 -45.31 -13.61
C TYR C 134 -10.50 -44.51 -12.47
N LEU C 135 -11.82 -44.38 -12.40
CA LEU C 135 -12.44 -43.56 -11.35
C LEU C 135 -12.16 -44.06 -9.94
N PRO C 136 -12.33 -45.36 -9.61
CA PRO C 136 -12.04 -45.77 -8.23
C PRO C 136 -10.61 -45.54 -7.81
N LYS C 137 -9.65 -45.72 -8.72
CA LYS C 137 -8.26 -45.44 -8.38
C LYS C 137 -8.06 -43.96 -8.07
N ILE C 138 -8.71 -43.09 -8.85
CA ILE C 138 -8.62 -41.65 -8.61
C ILE C 138 -9.22 -41.30 -7.25
N THR C 139 -10.38 -41.89 -6.92
CA THR C 139 -11.01 -41.60 -5.64
C THR C 139 -10.15 -42.08 -4.47
N ASN C 140 -9.56 -43.28 -4.60
CA ASN C 140 -8.68 -43.78 -3.55
C ASN C 140 -7.45 -42.89 -3.40
N MET C 141 -6.87 -42.45 -4.51
CA MET C 141 -5.73 -41.55 -4.43
C MET C 141 -6.10 -40.24 -3.77
N LEU C 142 -7.28 -39.69 -4.10
CA LEU C 142 -7.71 -38.45 -3.46
C LEU C 142 -7.92 -38.63 -1.97
N SER C 143 -8.51 -39.76 -1.56
CA SER C 143 -8.70 -40.02 -0.14
C SER C 143 -7.35 -40.13 0.58
N ASP C 144 -6.40 -40.84 -0.02
CA ASP C 144 -5.07 -40.96 0.60
C ASP C 144 -4.37 -39.61 0.68
N VAL C 145 -4.50 -38.80 -0.38
CA VAL C 145 -3.89 -37.47 -0.38
C VAL C 145 -4.49 -36.62 0.73
N MET C 146 -5.83 -36.66 0.88
CA MET C 146 -6.47 -35.89 1.93
C MET C 146 -6.01 -36.35 3.31
N LYS C 147 -5.94 -37.66 3.53
CA LYS C 147 -5.51 -38.18 4.83
C LYS C 147 -4.09 -37.74 5.16
N GLN C 148 -3.17 -37.91 4.21
CA GLN C 148 -1.77 -37.55 4.48
C GLN C 148 -1.59 -36.04 4.59
N ASN C 149 -2.36 -35.27 3.83
CA ASN C 149 -2.30 -33.81 3.95
C ASN C 149 -2.80 -33.35 5.30
N TYR C 150 -3.88 -33.97 5.81
CA TYR C 150 -4.35 -33.65 7.14
C TYR C 150 -3.31 -34.03 8.19
N ALA C 151 -2.67 -35.19 8.02
CA ALA C 151 -1.63 -35.61 8.96
C ALA C 151 -0.48 -34.62 8.98
N LEU C 152 -0.07 -34.13 7.81
CA LEU C 152 1.02 -33.15 7.76
C LEU C 152 0.57 -31.81 8.34
N SER C 153 -0.65 -31.38 8.04
CA SER C 153 -1.14 -30.09 8.52
C SER C 153 -1.41 -30.08 10.02
N LEU C 154 -1.55 -31.25 10.64
CA LEU C 154 -1.69 -31.30 12.09
C LEU C 154 -0.46 -30.72 12.79
N GLN C 155 0.70 -30.74 12.13
CA GLN C 155 1.92 -30.23 12.74
C GLN C 155 1.89 -28.70 12.87
N ILE C 156 1.29 -28.02 11.90
CA ILE C 156 1.42 -26.57 11.81
C ILE C 156 0.26 -25.87 12.51
N GLU C 157 -0.59 -26.63 13.20
CA GLU C 157 -1.68 -26.00 13.94
C GLU C 157 -1.14 -25.11 15.06
N TYR C 158 -0.13 -25.58 15.78
CA TYR C 158 0.46 -24.77 16.84
C TYR C 158 1.09 -23.51 16.27
N LEU C 159 1.76 -23.62 15.12
CA LEU C 159 2.39 -22.44 14.52
C LEU C 159 1.35 -21.46 14.01
N SER C 160 0.24 -21.96 13.48
CA SER C 160 -0.86 -21.07 13.09
C SER C 160 -1.44 -20.36 14.30
N LYS C 161 -1.59 -21.07 15.41
CA LYS C 161 -2.06 -20.44 16.65
C LYS C 161 -1.08 -19.35 17.11
N GLN C 162 0.23 -19.64 17.06
CA GLN C 162 1.22 -18.65 17.46
C GLN C 162 1.17 -17.42 16.55
N LEU C 163 1.04 -17.63 15.24
CA LEU C 163 0.96 -16.49 14.33
C LEU C 163 -0.32 -15.68 14.58
N GLN C 164 -1.43 -16.36 14.87
CA GLN C 164 -2.66 -15.65 15.20
C GLN C 164 -2.51 -14.82 16.47
N GLU C 165 -1.84 -15.39 17.49
CA GLU C 165 -1.60 -14.63 18.72
C GLU C 165 -0.71 -13.43 18.45
N ILE C 166 0.32 -13.59 17.63
CA ILE C 166 1.19 -12.47 17.29
C ILE C 166 0.39 -11.38 16.57
N SER C 167 -0.47 -11.79 15.64
CA SER C 167 -1.29 -10.81 14.91
C SER C 167 -2.23 -10.07 15.85
N ASP C 168 -2.87 -10.80 16.78
CA ASP C 168 -3.76 -10.15 17.72
C ASP C 168 -3.00 -9.18 18.62
N LYS C 169 -1.81 -9.56 19.08
CA LYS C 169 -1.02 -8.71 19.94
C LYS C 169 -0.27 -7.63 19.16
N LEU C 170 -0.28 -7.68 17.84
CA LEU C 170 0.44 -6.71 17.03
C LEU C 170 -0.18 -5.32 17.18
N ASP C 171 0.68 -4.32 17.35
CA ASP C 171 0.23 -2.93 17.51
C ASP C 171 0.07 -2.29 16.13
N VAL C 172 -1.03 -2.68 15.46
CA VAL C 172 -1.25 -2.30 14.07
C VAL C 172 -1.67 -0.84 13.90
N ILE C 173 -2.04 -0.16 14.99
CA ILE C 173 -2.51 1.22 14.87
C ILE C 173 -1.40 2.14 14.37
N ASN C 174 -0.15 1.86 14.75
CA ASN C 174 0.99 2.66 14.31
C ASN C 174 1.93 1.89 13.39
N LEU C 175 1.70 0.60 13.18
CA LEU C 175 2.53 -0.21 12.30
C LEU C 175 1.90 -0.44 10.94
N ASN C 176 0.87 0.33 10.59
CA ASN C 176 0.24 0.19 9.28
C ASN C 176 1.18 0.49 8.13
N VAL C 177 2.25 1.26 8.39
CA VAL C 177 3.21 1.56 7.33
C VAL C 177 3.92 0.28 6.90
N LEU C 178 4.40 -0.51 7.86
CA LEU C 178 5.09 -1.75 7.53
C LEU C 178 4.12 -2.84 7.09
N ILE C 179 2.96 -2.94 7.75
CA ILE C 179 2.02 -4.00 7.42
C ILE C 179 1.40 -3.81 6.04
N ASN C 180 1.45 -2.58 5.51
CA ASN C 180 1.07 -2.33 4.13
C ASN C 180 2.23 -2.41 3.16
N CYS C 181 3.43 -2.71 3.66
CA CYS C 181 4.59 -2.96 2.80
C CYS C 181 4.84 -4.45 2.59
N THR C 182 4.50 -5.29 3.56
CA THR C 182 4.67 -6.73 3.40
C THR C 182 3.47 -7.34 2.69
N CYS C 183 2.25 -7.01 3.14
CA CYS C 183 1.03 -7.58 2.57
C CYS C 183 0.46 -6.60 1.55
N THR C 184 1.26 -6.31 0.53
CA THR C 184 0.80 -5.50 -0.59
C THR C 184 1.16 -6.17 -1.90
N GLU C 185 2.22 -6.98 -1.90
CA GLU C 185 2.60 -7.77 -3.05
C GLU C 185 2.36 -9.26 -2.86
N ILE C 186 2.46 -9.75 -1.63
CA ILE C 186 2.20 -11.16 -1.37
C ILE C 186 0.71 -11.45 -1.23
N THR C 187 -0.12 -10.42 -1.04
CA THR C 187 -1.54 -10.63 -0.79
C THR C 187 -2.26 -11.34 -1.92
N PRO C 188 -2.11 -10.96 -3.20
CA PRO C 188 -2.84 -11.69 -4.25
C PRO C 188 -2.46 -13.16 -4.34
N ALA C 189 -1.16 -13.45 -4.37
CA ALA C 189 -0.72 -14.85 -4.45
C ALA C 189 -1.16 -15.62 -3.21
N TYR C 190 -1.05 -15.01 -2.03
CA TYR C 190 -1.49 -15.67 -0.80
C TYR C 190 -2.97 -16.01 -0.86
N GLN C 191 -3.79 -15.06 -1.31
CA GLN C 191 -5.24 -15.30 -1.40
C GLN C 191 -5.54 -16.41 -2.39
N ARG C 192 -4.90 -16.38 -3.56
CA ARG C 192 -5.15 -17.43 -4.55
C ARG C 192 -4.77 -18.79 -4.02
N ILE C 193 -3.59 -18.89 -3.38
CA ILE C 193 -3.12 -20.18 -2.88
C ILE C 193 -4.04 -20.69 -1.78
N LYS C 194 -4.42 -19.82 -0.85
CA LYS C 194 -5.29 -20.24 0.24
C LYS C 194 -6.65 -20.68 -0.30
N TYR C 195 -7.21 -19.93 -1.25
CA TYR C 195 -8.49 -20.30 -1.82
C TYR C 195 -8.40 -21.66 -2.51
N VAL C 196 -7.34 -21.88 -3.30
CA VAL C 196 -7.21 -23.14 -4.01
C VAL C 196 -7.07 -24.30 -3.03
N ASN C 197 -6.24 -24.14 -2.00
CA ASN C 197 -6.03 -25.21 -1.03
C ASN C 197 -7.31 -25.53 -0.28
N GLU C 198 -8.01 -24.50 0.20
CA GLU C 198 -9.24 -24.73 0.95
C GLU C 198 -10.31 -25.36 0.09
N LYS C 199 -10.46 -24.89 -1.16
CA LYS C 199 -11.46 -25.47 -2.04
C LYS C 199 -11.12 -26.92 -2.38
N PHE C 200 -9.84 -27.22 -2.60
CA PHE C 200 -9.45 -28.60 -2.89
C PHE C 200 -9.75 -29.51 -1.71
N ASP C 201 -9.42 -29.05 -0.49
CA ASP C 201 -9.72 -29.85 0.70
C ASP C 201 -11.22 -30.07 0.86
N GLU C 202 -12.01 -29.02 0.67
CA GLU C 202 -13.46 -29.13 0.82
C GLU C 202 -14.04 -30.09 -0.21
N LEU C 203 -13.61 -29.98 -1.46
CA LEU C 203 -14.14 -30.85 -2.51
C LEU C 203 -13.72 -32.29 -2.30
N THR C 204 -12.47 -32.51 -1.86
CA THR C 204 -12.03 -33.88 -1.59
C THR C 204 -12.82 -34.48 -0.43
N LEU C 205 -13.08 -33.69 0.62
CA LEU C 205 -13.89 -34.20 1.72
C LEU C 205 -15.31 -34.52 1.26
N ALA C 206 -15.89 -33.65 0.42
CA ALA C 206 -17.23 -33.91 -0.07
C ALA C 206 -17.28 -35.18 -0.92
N THR C 207 -16.29 -35.38 -1.78
CA THR C 207 -16.26 -36.58 -2.60
C THR C 207 -16.07 -37.82 -1.74
N GLU C 208 -15.22 -37.73 -0.71
CA GLU C 208 -15.02 -38.88 0.19
C GLU C 208 -16.30 -39.21 0.93
N LYS C 209 -17.02 -38.19 1.42
CA LYS C 209 -18.28 -38.43 2.10
C LYS C 209 -19.31 -39.05 1.16
N THR C 210 -19.37 -38.56 -0.08
CA THR C 210 -20.32 -39.11 -1.04
C THR C 210 -20.00 -40.57 -1.36
N LEU C 211 -18.71 -40.88 -1.54
CA LEU C 211 -18.32 -42.26 -1.84
C LEU C 211 -18.61 -43.17 -0.65
N ARG C 212 -18.34 -42.72 0.57
CA ARG C 212 -18.65 -43.53 1.74
C ARG C 212 -20.15 -43.75 1.89
N ALA C 213 -20.94 -42.70 1.64
CA ALA C 213 -22.39 -42.81 1.75
C ALA C 213 -22.98 -43.42 0.48
N ILE C 221 -22.32 -46.69 -12.32
CA ILE C 221 -21.39 -46.30 -11.27
C ILE C 221 -20.47 -45.18 -11.76
N ALA C 222 -19.98 -45.33 -12.99
CA ALA C 222 -19.07 -44.33 -13.55
C ALA C 222 -19.76 -42.98 -13.73
N ASN C 223 -21.01 -42.99 -14.23
CA ASN C 223 -21.71 -41.74 -14.48
C ASN C 223 -21.97 -40.97 -13.20
N ASP C 224 -22.41 -41.67 -12.15
CA ASP C 224 -22.63 -41.00 -10.87
C ASP C 224 -21.32 -40.51 -10.26
N THR C 225 -20.24 -41.27 -10.45
CA THR C 225 -18.94 -40.82 -9.96
C THR C 225 -18.51 -39.54 -10.67
N LEU C 226 -18.73 -39.46 -11.99
CA LEU C 226 -18.43 -38.24 -12.71
C LEU C 226 -19.31 -37.08 -12.26
N GLU C 227 -20.59 -37.36 -12.01
CA GLU C 227 -21.48 -36.31 -11.51
C GLU C 227 -21.04 -35.82 -10.14
N ASN C 228 -20.45 -36.69 -9.33
CA ASN C 228 -19.94 -36.27 -8.03
C ASN C 228 -18.63 -35.50 -8.14
N LEU C 229 -17.78 -35.89 -9.09
CA LEU C 229 -16.44 -35.32 -9.22
C LEU C 229 -16.37 -34.20 -10.25
N THR C 230 -17.49 -33.76 -10.80
CA THR C 230 -17.45 -32.69 -11.81
C THR C 230 -16.86 -31.40 -11.24
N GLU C 231 -17.26 -31.03 -10.02
CA GLU C 231 -16.73 -29.79 -9.44
C GLU C 231 -15.24 -29.89 -9.16
N LEU C 232 -14.79 -31.05 -8.66
CA LEU C 232 -13.37 -31.24 -8.42
C LEU C 232 -12.58 -31.22 -9.72
N THR C 233 -13.13 -31.80 -10.79
CA THR C 233 -12.45 -31.76 -12.08
C THR C 233 -12.40 -30.35 -12.64
N GLU C 234 -13.46 -29.57 -12.43
CA GLU C 234 -13.43 -28.17 -12.85
C GLU C 234 -12.36 -27.39 -12.09
N LEU C 235 -12.24 -27.63 -10.79
CA LEU C 235 -11.18 -27.00 -10.01
C LEU C 235 -9.81 -27.42 -10.51
N ALA C 236 -9.65 -28.71 -10.84
CA ALA C 236 -8.37 -29.20 -11.36
C ALA C 236 -8.03 -28.53 -12.69
N LYS C 237 -9.03 -28.38 -13.56
CA LYS C 237 -8.79 -27.70 -14.83
C LYS C 237 -8.40 -26.25 -14.60
N SER C 238 -9.05 -25.58 -13.64
CA SER C 238 -8.74 -24.18 -13.37
C SER C 238 -7.32 -24.03 -12.83
N VAL C 239 -6.89 -24.93 -11.95
CA VAL C 239 -5.58 -24.76 -11.32
C VAL C 239 -4.45 -25.29 -12.22
N THR C 240 -4.73 -26.26 -13.07
CA THR C 240 -3.71 -26.85 -13.94
C THR C 240 -3.70 -26.26 -15.33
N LYS C 241 -4.53 -25.26 -15.60
CA LYS C 241 -4.56 -24.62 -16.91
C LYS C 241 -3.23 -23.90 -17.14
N ASN C 242 -2.44 -24.41 -18.08
CA ASN C 242 -1.13 -23.84 -18.38
C ASN C 242 -1.35 -22.56 -19.18
N ASP C 243 -1.68 -21.49 -18.46
CA ASP C 243 -2.02 -20.22 -19.08
C ASP C 243 -1.39 -19.09 -18.26
N MET C 244 -1.59 -17.86 -18.73
CA MET C 244 -1.14 -16.69 -17.99
C MET C 244 -1.95 -16.55 -16.71
N ASP C 245 -1.33 -15.92 -15.71
CA ASP C 245 -1.88 -15.77 -14.36
C ASP C 245 -2.58 -17.05 -13.89
N SER C 246 -1.90 -18.17 -14.08
CA SER C 246 -2.39 -19.45 -13.64
C SER C 246 -2.10 -19.67 -12.16
N PHE C 247 -2.48 -20.82 -11.64
CA PHE C 247 -2.13 -21.16 -10.27
C PHE C 247 -0.62 -21.28 -10.11
N GLU C 248 0.06 -21.85 -11.11
CA GLU C 248 1.51 -21.91 -11.07
C GLU C 248 2.14 -20.51 -11.13
N PHE C 249 1.50 -19.58 -11.84
CA PHE C 249 2.01 -18.21 -11.87
C PHE C 249 2.01 -17.61 -10.47
N TYR C 250 0.89 -17.71 -9.76
CA TYR C 250 0.82 -17.17 -8.41
C TYR C 250 1.74 -17.93 -7.46
N LEU C 251 1.89 -19.24 -7.68
CA LEU C 251 2.80 -20.02 -6.86
C LEU C 251 4.24 -19.55 -7.02
N HIS C 252 4.63 -19.20 -8.24
CA HIS C 252 5.99 -18.68 -8.48
C HIS C 252 6.13 -17.25 -7.93
N THR C 253 5.11 -16.41 -8.11
CA THR C 253 5.21 -15.04 -7.64
C THR C 253 5.20 -14.96 -6.13
N PHE C 254 4.58 -15.93 -5.46
CA PHE C 254 4.66 -16.00 -4.00
C PHE C 254 6.12 -16.13 -3.55
N HIS C 255 6.83 -17.08 -4.14
CA HIS C 255 8.25 -17.25 -3.82
C HIS C 255 9.06 -16.03 -4.23
N ASP C 256 8.74 -15.44 -5.38
CA ASP C 256 9.49 -14.26 -5.84
C ASP C 256 9.33 -13.10 -4.88
N VAL C 257 8.11 -12.87 -4.38
CA VAL C 257 7.88 -11.80 -3.43
C VAL C 257 8.54 -12.10 -2.09
N LEU C 258 8.50 -13.37 -1.67
CA LEU C 258 9.17 -13.73 -0.43
C LEU C 258 10.67 -13.49 -0.50
N ILE C 259 11.30 -13.85 -1.62
CA ILE C 259 12.74 -13.68 -1.75
C ILE C 259 13.07 -12.25 -2.17
N GLY C 260 12.34 -11.69 -3.13
CA GLY C 260 12.63 -10.38 -3.64
C GLY C 260 13.60 -10.42 -4.81
N ASN C 261 13.34 -11.30 -5.77
CA ASN C 261 14.22 -11.42 -6.94
C ASN C 261 14.24 -10.13 -7.75
N ASN C 262 13.07 -9.54 -7.98
CA ASN C 262 12.99 -8.31 -8.76
C ASN C 262 13.62 -7.16 -8.00
N LEU C 263 14.26 -6.26 -8.76
CA LEU C 263 14.92 -5.11 -8.13
C LEU C 263 13.92 -4.09 -7.64
N PHE C 264 12.72 -4.03 -8.25
CA PHE C 264 11.73 -3.04 -7.84
C PHE C 264 11.20 -3.34 -6.44
N GLY C 265 10.80 -4.59 -6.20
CA GLY C 265 10.17 -4.95 -4.95
C GLY C 265 11.16 -5.23 -3.84
N ARG C 266 10.60 -5.48 -2.66
CA ARG C 266 11.36 -5.79 -1.46
C ARG C 266 10.97 -7.18 -0.96
N SER C 267 11.91 -7.84 -0.31
CA SER C 267 11.67 -9.19 0.20
C SER C 267 10.57 -9.15 1.26
N ALA C 268 9.52 -9.94 1.05
CA ALA C 268 8.41 -9.97 2.00
C ALA C 268 8.84 -10.56 3.34
N LEU C 269 9.73 -11.55 3.32
CA LEU C 269 10.20 -12.15 4.56
C LEU C 269 10.94 -11.13 5.43
N LYS C 270 11.81 -10.32 4.81
CA LYS C 270 12.59 -9.37 5.59
C LYS C 270 11.72 -8.29 6.20
N THR C 271 10.78 -7.73 5.42
CA THR C 271 9.92 -6.69 5.96
C THR C 271 8.94 -7.26 6.99
N ALA C 272 8.47 -8.49 6.79
CA ALA C 272 7.62 -9.11 7.81
C ALA C 272 8.39 -9.35 9.10
N ALA C 273 9.65 -9.77 8.99
CA ALA C 273 10.48 -9.93 10.19
C ALA C 273 10.71 -8.60 10.88
N GLU C 274 10.94 -7.54 10.11
CA GLU C 274 11.08 -6.21 10.71
C GLU C 274 9.80 -5.79 11.42
N LEU C 275 8.64 -6.07 10.81
CA LEU C 275 7.37 -5.73 11.43
C LEU C 275 7.17 -6.50 12.74
N ILE C 276 7.48 -7.79 12.74
CA ILE C 276 7.24 -8.62 13.92
C ILE C 276 8.23 -8.24 15.04
N THR C 277 9.50 -8.08 14.70
CA THR C 277 10.53 -7.90 15.71
C THR C 277 10.52 -6.50 16.32
N LYS C 278 10.19 -5.47 15.53
CA LYS C 278 10.20 -4.12 16.07
C LYS C 278 9.09 -3.95 17.10
N ASP C 279 9.23 -2.92 17.93
CA ASP C 279 8.35 -2.69 19.07
C ASP C 279 8.45 -3.91 19.98
N GLU C 280 7.41 -4.20 20.76
CA GLU C 280 7.40 -5.36 21.65
C GLU C 280 6.08 -6.10 21.46
N ILE C 281 6.17 -7.38 21.10
CA ILE C 281 5.01 -8.25 20.99
C ILE C 281 5.07 -9.21 22.17
N LYS C 282 4.19 -9.01 23.14
CA LYS C 282 4.22 -9.80 24.39
C LYS C 282 3.49 -11.12 24.14
N THR C 283 4.17 -12.03 23.47
CA THR C 283 3.67 -13.37 23.21
C THR C 283 4.76 -14.37 23.54
N SER C 284 4.40 -15.66 23.49
CA SER C 284 5.35 -16.70 23.79
C SER C 284 6.44 -16.76 22.73
N GLY C 285 7.66 -17.07 23.16
CA GLY C 285 8.79 -17.19 22.26
C GLY C 285 9.48 -15.86 22.01
N SER C 286 10.68 -15.96 21.45
CA SER C 286 11.49 -14.79 21.15
C SER C 286 11.23 -14.35 19.70
N GLU C 287 12.01 -13.39 19.23
CA GLU C 287 11.88 -12.95 17.84
C GLU C 287 12.20 -14.08 16.87
N ILE C 288 13.22 -14.88 17.20
CA ILE C 288 13.60 -16.01 16.36
C ILE C 288 12.41 -16.95 16.17
N GLY C 289 11.74 -17.29 17.27
CA GLY C 289 10.61 -18.20 17.19
C GLY C 289 9.46 -17.64 16.38
N LYS C 290 9.16 -16.36 16.56
CA LYS C 290 8.05 -15.75 15.83
C LYS C 290 8.33 -15.71 14.33
N VAL C 291 9.52 -15.25 13.94
CA VAL C 291 9.85 -15.18 12.52
C VAL C 291 9.92 -16.58 11.92
N TYR C 292 10.43 -17.55 12.70
CA TYR C 292 10.48 -18.92 12.21
C TYR C 292 9.08 -19.48 12.02
N SER C 293 8.16 -19.17 12.93
CA SER C 293 6.78 -19.63 12.78
C SER C 293 6.13 -19.02 11.55
N PHE C 294 6.36 -17.74 11.31
CA PHE C 294 5.83 -17.11 10.09
C PHE C 294 6.39 -17.77 8.84
N LEU C 295 7.70 -18.02 8.83
CA LEU C 295 8.33 -18.68 7.69
C LEU C 295 7.76 -20.09 7.49
N ILE C 296 7.53 -20.82 8.59
CA ILE C 296 6.97 -22.16 8.49
C ILE C 296 5.56 -22.10 7.91
N VAL C 297 4.75 -21.14 8.37
CA VAL C 297 3.40 -21.02 7.84
C VAL C 297 3.44 -20.81 6.32
N LEU C 298 4.27 -19.87 5.87
CA LEU C 298 4.35 -19.61 4.43
C LEU C 298 4.88 -20.81 3.67
N THR C 299 5.91 -21.46 4.20
CA THR C 299 6.52 -22.61 3.51
C THR C 299 5.54 -23.76 3.40
N CYS C 300 4.82 -24.07 4.48
CA CYS C 300 3.84 -25.14 4.44
C CYS C 300 2.66 -24.80 3.55
N LEU C 301 2.29 -23.52 3.47
CA LEU C 301 1.28 -23.10 2.50
C LEU C 301 1.75 -23.39 1.08
N GLN C 302 3.01 -23.06 0.78
CA GLN C 302 3.54 -23.35 -0.56
C GLN C 302 3.57 -24.85 -0.82
N ALA C 303 3.98 -25.63 0.17
CA ALA C 303 4.05 -27.08 -0.01
C ALA C 303 2.66 -27.67 -0.26
N LYS C 304 1.66 -27.22 0.49
CA LYS C 304 0.29 -27.67 0.27
C LYS C 304 -0.21 -27.25 -1.11
N ALA C 305 0.18 -26.05 -1.55
CA ALA C 305 -0.21 -25.61 -2.90
C ALA C 305 0.40 -26.51 -3.98
N PHE C 306 1.68 -26.86 -3.84
CA PHE C 306 2.30 -27.77 -4.80
C PHE C 306 1.66 -29.15 -4.75
N LEU C 307 1.31 -29.62 -3.55
CA LEU C 307 0.64 -30.90 -3.44
C LEU C 307 -0.72 -30.87 -4.13
N THR C 308 -1.47 -29.78 -3.95
CA THR C 308 -2.75 -29.63 -4.62
C THR C 308 -2.57 -29.61 -6.13
N LEU C 309 -1.54 -28.91 -6.62
CA LEU C 309 -1.28 -28.88 -8.06
C LEU C 309 -0.98 -30.27 -8.60
N THR C 310 -0.12 -31.03 -7.89
CA THR C 310 0.21 -32.37 -8.35
C THR C 310 -1.01 -33.29 -8.33
N ALA C 311 -1.82 -33.20 -7.27
CA ALA C 311 -3.01 -34.04 -7.17
C ALA C 311 -4.01 -33.69 -8.26
N CYS C 312 -4.15 -32.41 -8.58
CA CYS C 312 -5.07 -32.01 -9.65
C CYS C 312 -4.56 -32.43 -11.01
N ARG C 313 -3.24 -32.39 -11.21
CA ARG C 313 -2.68 -32.89 -12.47
C ARG C 313 -2.94 -34.38 -12.63
N LYS C 314 -2.76 -35.14 -11.55
CA LYS C 314 -3.03 -36.58 -11.63
C LYS C 314 -4.53 -36.86 -11.79
N LEU C 315 -5.38 -36.04 -11.19
CA LEU C 315 -6.82 -36.26 -11.29
C LEU C 315 -7.29 -36.16 -12.73
N LEU C 316 -6.81 -35.17 -13.48
CA LEU C 316 -7.18 -35.02 -14.87
C LEU C 316 -6.50 -36.03 -15.79
N GLY C 317 -5.53 -36.78 -15.28
CA GLY C 317 -4.80 -37.71 -16.11
C GLY C 317 -3.72 -37.08 -16.95
N LEU C 318 -3.32 -35.85 -16.64
CA LEU C 318 -2.30 -35.17 -17.41
C LEU C 318 -0.93 -35.82 -17.20
N SER C 319 0.07 -35.34 -17.93
CA SER C 319 1.41 -35.87 -17.81
C SER C 319 1.97 -35.58 -16.41
N ASP C 320 2.70 -36.54 -15.87
CA ASP C 320 3.25 -36.42 -14.52
C ASP C 320 4.57 -35.66 -14.60
N ILE C 321 4.58 -34.43 -14.08
CA ILE C 321 5.79 -33.63 -13.94
C ILE C 321 6.07 -33.47 -12.45
N ASP C 322 7.26 -33.85 -12.03
CA ASP C 322 7.61 -33.86 -10.61
C ASP C 322 7.98 -32.45 -10.18
N TYR C 323 7.19 -31.88 -9.29
CA TYR C 323 7.47 -30.56 -8.72
C TYR C 323 8.39 -30.63 -7.50
N THR C 324 9.03 -31.78 -7.27
CA THR C 324 9.92 -31.92 -6.12
C THR C 324 11.08 -30.95 -6.22
N ASN C 325 11.70 -30.85 -7.40
CA ASN C 325 12.89 -30.01 -7.54
C ASN C 325 12.55 -28.54 -7.34
N ILE C 326 11.46 -28.06 -7.95
CA ILE C 326 11.13 -26.64 -7.86
C ILE C 326 10.65 -26.29 -6.45
N LEU C 327 9.86 -27.19 -5.83
CA LEU C 327 9.44 -26.96 -4.46
C LEU C 327 10.63 -26.91 -3.52
N ASN C 328 11.57 -27.83 -3.67
CA ASN C 328 12.77 -27.83 -2.84
C ASN C 328 13.58 -26.57 -3.08
N GLN C 329 13.68 -26.12 -4.34
CA GLN C 329 14.40 -24.89 -4.63
C GLN C 329 13.76 -23.68 -3.94
N HIS C 330 12.43 -23.58 -4.00
CA HIS C 330 11.75 -22.46 -3.35
C HIS C 330 11.96 -22.49 -1.84
N LEU C 331 11.77 -23.67 -1.23
CA LEU C 331 11.92 -23.78 0.22
C LEU C 331 13.35 -23.50 0.65
N ASN C 332 14.33 -24.01 -0.11
CA ASN C 332 15.73 -23.75 0.21
C ASN C 332 16.08 -22.28 0.08
N ASP C 333 15.56 -21.61 -0.97
CA ASP C 333 15.82 -20.19 -1.12
C ASP C 333 15.23 -19.39 0.04
N GLU C 334 14.01 -19.72 0.45
CA GLU C 334 13.39 -19.01 1.56
C GLU C 334 14.14 -19.26 2.87
N LYS C 335 14.53 -20.51 3.12
CA LYS C 335 15.27 -20.81 4.34
C LYS C 335 16.63 -20.14 4.33
N ASN C 336 17.30 -20.08 3.17
CA ASN C 336 18.59 -19.40 3.08
C ASN C 336 18.45 -17.91 3.33
N VAL C 337 17.39 -17.30 2.79
CA VAL C 337 17.16 -15.88 3.05
C VAL C 337 16.94 -15.65 4.53
N PHE C 338 16.11 -16.48 5.17
CA PHE C 338 15.87 -16.33 6.60
C PHE C 338 17.14 -16.56 7.40
N ARG C 339 17.99 -17.48 6.96
CA ARG C 339 19.19 -17.84 7.71
C ARG C 339 20.29 -16.80 7.58
N ASP C 340 20.41 -16.16 6.41
CA ASP C 340 21.54 -15.29 6.14
C ASP C 340 21.21 -13.81 6.25
N ASN C 341 19.94 -13.42 6.12
CA ASN C 341 19.57 -12.01 6.14
C ASN C 341 18.64 -11.63 7.28
N ILE C 342 18.11 -12.60 8.04
CA ILE C 342 17.15 -12.34 9.09
C ILE C 342 17.62 -12.91 10.42
N LEU C 343 17.97 -14.19 10.46
CA LEU C 343 18.25 -14.87 11.72
C LEU C 343 19.39 -14.24 12.52
N PRO C 344 20.56 -13.90 11.93
CA PRO C 344 21.65 -13.34 12.76
C PRO C 344 21.29 -12.03 13.43
N THR C 345 20.34 -11.27 12.90
CA THR C 345 19.95 -10.00 13.51
C THR C 345 18.82 -10.15 14.53
N LEU C 346 18.26 -11.34 14.69
CA LEU C 346 17.17 -11.54 15.63
C LEU C 346 17.73 -11.77 17.05
N SER C 347 16.87 -11.58 18.03
CA SER C 347 17.22 -11.74 19.43
C SER C 347 16.60 -13.03 19.96
N ASN C 348 17.40 -13.80 20.70
CA ASN C 348 16.93 -15.04 21.32
C ASN C 348 16.37 -14.82 22.72
N LYS C 349 15.89 -13.62 23.01
CA LYS C 349 15.38 -13.27 24.33
C LYS C 349 13.86 -13.36 24.33
N PHE C 350 13.33 -14.15 25.25
CA PHE C 350 11.88 -14.30 25.41
C PHE C 350 11.48 -14.02 26.84
N SER C 351 10.34 -13.35 27.00
CA SER C 351 9.80 -13.01 28.31
C SER C 351 8.44 -13.67 28.48
N ASN C 352 7.81 -13.41 29.63
CA ASN C 352 6.50 -13.97 29.90
C ASN C 352 5.45 -13.34 28.98
N PRO C 353 4.42 -14.10 28.62
CA PRO C 353 3.40 -13.54 27.71
C PRO C 353 2.67 -12.35 28.28
N ASN C 354 2.09 -12.47 29.48
CA ASN C 354 1.32 -11.36 30.05
C ASN C 354 1.54 -11.32 31.55
N TYR C 355 0.74 -10.52 32.25
CA TYR C 355 0.84 -10.36 33.69
C TYR C 355 -0.54 -10.43 34.31
N VAL C 356 -0.59 -10.86 35.56
CA VAL C 356 -1.83 -10.90 36.34
C VAL C 356 -1.58 -10.19 37.66
N LYS C 357 -2.47 -9.26 38.00
CA LYS C 357 -2.33 -8.48 39.23
C LYS C 357 -2.84 -9.32 40.40
N THR C 358 -1.92 -9.77 41.25
CA THR C 358 -2.26 -10.62 42.38
C THR C 358 -1.55 -10.12 43.64
N ILE C 359 -2.10 -10.52 44.78
CA ILE C 359 -1.51 -10.27 46.09
C ILE C 359 -0.96 -11.60 46.60
N GLY C 360 0.34 -11.65 46.83
CA GLY C 360 0.98 -12.89 47.22
C GLY C 360 0.86 -13.17 48.70
N SER C 361 1.97 -13.54 49.33
CA SER C 361 1.98 -13.86 50.75
C SER C 361 3.32 -13.46 51.33
N ASP C 362 3.59 -13.92 52.54
CA ASP C 362 4.84 -13.59 53.24
C ASP C 362 5.53 -14.87 53.69
N ASN C 363 6.53 -14.73 54.56
CA ASN C 363 7.27 -15.83 55.17
C ASN C 363 8.03 -16.65 54.14
N TYR C 364 8.70 -17.71 54.59
CA TYR C 364 9.62 -18.46 53.75
C TYR C 364 8.91 -19.08 52.55
N ALA C 365 9.58 -19.07 51.40
CA ALA C 365 9.05 -19.69 50.20
C ALA C 365 10.23 -20.06 49.31
N LYS C 366 10.51 -21.36 49.19
CA LYS C 366 11.66 -21.84 48.43
C LYS C 366 11.17 -22.75 47.31
N VAL C 367 11.64 -22.49 46.09
CA VAL C 367 11.41 -23.37 44.96
C VAL C 367 12.75 -23.69 44.32
N ILE C 368 12.90 -24.94 43.87
CA ILE C 368 14.13 -25.40 43.24
C ILE C 368 13.76 -26.10 41.95
N LEU C 369 14.10 -25.47 40.82
CA LEU C 369 13.87 -26.07 39.50
C LEU C 369 15.05 -26.92 39.07
N GLU C 370 15.46 -27.83 39.95
CA GLU C 370 16.62 -28.67 39.69
C GLU C 370 16.32 -29.72 38.63
N ALA C 371 17.30 -29.97 37.79
CA ALA C 371 17.23 -31.03 36.79
C ALA C 371 18.26 -32.10 37.10
N GLU C 372 17.92 -33.34 36.79
CA GLU C 372 18.81 -34.47 37.06
C GLU C 372 20.07 -34.35 36.20
N PRO C 373 21.15 -35.01 36.60
CA PRO C 373 22.36 -34.99 35.78
C PRO C 373 22.07 -35.50 34.37
N GLY C 374 22.61 -34.79 33.38
CA GLY C 374 22.31 -35.04 32.00
C GLY C 374 21.08 -34.33 31.46
N TYR C 375 20.35 -33.62 32.31
CA TYR C 375 19.16 -32.89 31.92
C TYR C 375 19.42 -31.39 31.93
N ALA C 376 18.54 -30.65 31.25
CA ALA C 376 18.60 -29.20 31.24
C ALA C 376 17.18 -28.66 31.18
N LEU C 377 17.00 -27.44 31.69
CA LEU C 377 15.71 -26.77 31.63
C LEU C 377 15.49 -26.17 30.25
N VAL C 378 14.28 -26.35 29.73
CA VAL C 378 13.97 -25.91 28.37
C VAL C 378 12.82 -24.91 28.32
N GLY C 379 12.11 -24.69 29.41
CA GLY C 379 11.02 -23.71 29.41
C GLY C 379 10.29 -23.76 30.73
N PHE C 380 9.41 -22.77 30.91
CA PHE C 380 8.62 -22.66 32.12
C PHE C 380 7.20 -22.23 31.75
N GLU C 381 6.26 -22.47 32.65
CA GLU C 381 4.90 -22.02 32.42
C GLU C 381 4.24 -21.68 33.76
N ILE C 382 3.67 -20.48 33.83
CA ILE C 382 2.91 -20.04 35.00
C ILE C 382 1.45 -19.97 34.59
N ILE C 383 0.61 -20.74 35.27
CA ILE C 383 -0.82 -20.83 34.97
C ILE C 383 -1.59 -20.36 36.19
N ASN C 384 -2.53 -19.44 35.97
CA ASN C 384 -3.37 -18.90 37.03
C ASN C 384 -4.84 -19.09 36.62
N ASP C 385 -5.39 -20.25 36.95
CA ASP C 385 -6.81 -20.54 36.72
C ASP C 385 -7.55 -20.70 38.04
N ARG C 386 -7.11 -21.62 38.90
CA ARG C 386 -7.64 -21.76 40.25
C ARG C 386 -6.58 -21.51 41.30
N ILE C 387 -5.45 -22.20 41.22
CA ILE C 387 -4.31 -21.99 42.10
C ILE C 387 -3.09 -21.74 41.21
N PRO C 388 -2.34 -20.66 41.40
CA PRO C 388 -1.16 -20.43 40.56
C PRO C 388 -0.16 -21.58 40.67
N VAL C 389 0.34 -22.03 39.52
CA VAL C 389 1.29 -23.12 39.46
C VAL C 389 2.44 -22.72 38.54
N LEU C 390 3.59 -23.36 38.75
CA LEU C 390 4.78 -23.15 37.94
C LEU C 390 5.21 -24.50 37.39
N LYS C 391 5.16 -24.64 36.07
CA LYS C 391 5.63 -25.84 35.39
C LYS C 391 6.98 -25.55 34.77
N ALA C 392 8.01 -26.27 35.19
CA ALA C 392 9.35 -26.16 34.64
C ALA C 392 9.68 -27.43 33.88
N TYR C 393 9.96 -27.30 32.58
CA TYR C 393 10.23 -28.44 31.74
C TYR C 393 11.72 -28.74 31.72
N LYS C 394 12.07 -30.00 31.97
CA LYS C 394 13.44 -30.46 31.95
C LYS C 394 13.54 -31.66 31.01
N ALA C 395 14.64 -31.74 30.27
CA ALA C 395 14.81 -32.84 29.32
C ALA C 395 16.28 -33.02 29.00
N LYS C 396 16.60 -34.20 28.46
CA LYS C 396 17.95 -34.45 27.98
C LYS C 396 18.17 -33.71 26.66
N LEU C 397 19.43 -33.65 26.24
CA LEU C 397 19.82 -32.99 25.01
C LEU C 397 20.49 -33.99 24.08
N LYS C 398 20.25 -33.83 22.78
CA LYS C 398 20.67 -34.78 21.76
C LYS C 398 21.48 -34.08 20.68
N GLN C 399 22.50 -33.32 21.10
CA GLN C 399 23.49 -32.71 20.22
C GLN C 399 22.92 -31.49 19.50
N ASN C 400 23.71 -30.43 19.42
CA ASN C 400 23.31 -29.17 18.79
C ASN C 400 22.06 -28.59 19.47
N TYR C 401 22.03 -28.67 20.81
CA TYR C 401 20.96 -28.07 21.61
C TYR C 401 19.59 -28.61 21.22
N GLN C 402 19.52 -29.91 20.93
CA GLN C 402 18.26 -30.54 20.57
C GLN C 402 17.60 -31.14 21.81
N VAL C 403 16.34 -30.80 22.02
CA VAL C 403 15.60 -31.31 23.16
C VAL C 403 15.02 -32.67 22.81
N ASP C 404 15.28 -33.66 23.66
CA ASP C 404 14.84 -35.03 23.42
C ASP C 404 13.41 -35.19 23.94
N HIS C 405 12.47 -35.46 23.04
CA HIS C 405 11.09 -35.64 23.43
C HIS C 405 10.87 -36.92 24.22
N GLN C 406 11.76 -37.91 24.09
CA GLN C 406 11.60 -39.15 24.83
C GLN C 406 11.76 -38.92 26.33
N SER C 407 12.70 -38.06 26.72
CA SER C 407 13.01 -37.82 28.13
C SER C 407 12.40 -36.52 28.66
N LEU C 408 11.46 -35.92 27.92
CA LEU C 408 10.85 -34.67 28.36
C LEU C 408 10.00 -34.92 29.60
N SER C 409 10.26 -34.14 30.65
CA SER C 409 9.52 -34.22 31.91
C SER C 409 9.26 -32.81 32.42
N GLU C 410 8.40 -32.70 33.42
CA GLU C 410 8.06 -31.41 34.00
C GLU C 410 8.03 -31.52 35.52
N ILE C 411 8.28 -30.37 36.16
CA ILE C 411 8.18 -30.24 37.61
C ILE C 411 7.15 -29.16 37.90
N VAL C 412 6.20 -29.48 38.78
CA VAL C 412 5.10 -28.58 39.11
C VAL C 412 5.30 -28.07 40.53
N TYR C 413 5.32 -26.75 40.67
CA TYR C 413 5.41 -26.10 41.97
C TYR C 413 4.11 -25.35 42.23
N LEU C 414 3.54 -25.55 43.41
CA LEU C 414 2.27 -24.95 43.78
C LEU C 414 2.49 -23.63 44.51
N ASP C 415 1.51 -22.74 44.40
CA ASP C 415 1.52 -21.44 45.06
C ASP C 415 2.74 -20.62 44.64
N ILE C 416 2.81 -20.33 43.34
CA ILE C 416 3.89 -19.49 42.83
C ILE C 416 3.62 -18.01 43.09
N ASP C 417 2.37 -17.63 43.36
CA ASP C 417 2.07 -16.24 43.67
C ASP C 417 2.64 -15.83 45.01
N LYS C 418 2.70 -16.75 45.97
CA LYS C 418 3.26 -16.46 47.28
C LYS C 418 4.77 -16.23 47.23
N LEU C 419 5.42 -16.55 46.12
CA LEU C 419 6.86 -16.38 46.00
C LEU C 419 7.25 -15.03 45.40
N PHE C 420 6.44 -14.49 44.49
CA PHE C 420 6.79 -13.27 43.78
C PHE C 420 6.14 -12.02 44.35
N CYS C 421 5.10 -12.15 45.16
CA CYS C 421 4.36 -11.00 45.62
C CYS C 421 4.18 -11.03 47.14
N PRO C 422 4.09 -9.86 47.77
CA PRO C 422 3.84 -9.82 49.22
C PRO C 422 2.35 -9.78 49.55
N LYS C 423 2.02 -9.77 50.83
CA LYS C 423 0.63 -9.71 51.26
C LYS C 423 0.32 -8.40 51.98
N ASN C 424 1.04 -8.09 53.06
CA ASN C 424 0.80 -6.87 53.82
C ASN C 424 2.10 -6.21 54.27
N SER C 425 3.17 -6.36 53.50
CA SER C 425 4.46 -5.79 53.85
C SER C 425 5.17 -5.37 52.56
N GLU C 426 6.45 -5.04 52.68
CA GLU C 426 7.27 -4.60 51.56
C GLU C 426 8.26 -5.70 51.22
N GLN C 427 8.35 -6.05 49.95
CA GLN C 427 9.23 -7.11 49.47
C GLN C 427 10.40 -6.51 48.70
N LYS C 428 11.60 -7.00 49.00
CA LYS C 428 12.82 -6.53 48.35
C LYS C 428 13.35 -7.62 47.43
N TYR C 429 13.55 -7.28 46.16
CA TYR C 429 14.02 -8.20 45.15
C TYR C 429 15.49 -7.91 44.85
N TYR C 430 16.31 -8.96 44.88
CA TYR C 430 17.73 -8.86 44.55
C TYR C 430 17.90 -9.49 43.17
N THR C 431 17.74 -8.67 42.13
CA THR C 431 17.69 -9.15 40.76
C THR C 431 19.03 -8.95 40.06
N LYS C 432 19.38 -9.89 39.19
CA LYS C 432 20.60 -9.80 38.39
C LYS C 432 20.40 -10.67 37.14
N SER C 433 20.93 -10.20 36.02
CA SER C 433 20.86 -10.96 34.77
C SER C 433 21.85 -12.12 34.86
N LEU C 434 21.36 -13.30 35.23
CA LEU C 434 22.21 -14.48 35.40
C LEU C 434 22.56 -15.03 34.03
N THR C 435 23.49 -14.35 33.37
CA THR C 435 23.92 -14.71 32.03
C THR C 435 25.16 -15.59 32.11
N PHE C 436 25.16 -16.69 31.34
CA PHE C 436 26.26 -17.63 31.32
C PHE C 436 26.94 -17.63 29.96
N PRO C 437 28.21 -18.02 29.90
CA PRO C 437 28.91 -18.04 28.61
C PRO C 437 28.28 -19.04 27.65
N ASP C 438 28.41 -18.75 26.36
CA ASP C 438 27.87 -19.61 25.33
C ASP C 438 28.47 -21.02 25.45
N GLY C 439 27.61 -22.03 25.32
CA GLY C 439 28.00 -23.40 25.54
C GLY C 439 27.56 -23.97 26.87
N TYR C 440 27.05 -23.14 27.77
CA TYR C 440 26.53 -23.59 29.05
C TYR C 440 25.01 -23.64 29.00
N VAL C 441 24.45 -24.69 29.59
CA VAL C 441 23.01 -24.89 29.65
C VAL C 441 22.58 -24.86 31.12
N ILE C 442 21.54 -24.07 31.41
CA ILE C 442 21.07 -23.93 32.77
C ILE C 442 20.39 -25.22 33.21
N THR C 443 20.79 -25.73 34.37
CA THR C 443 20.25 -26.97 34.92
C THR C 443 19.34 -26.75 36.11
N LYS C 444 19.77 -25.94 37.08
CA LYS C 444 19.01 -25.71 38.30
C LYS C 444 18.82 -24.22 38.52
N ILE C 445 17.57 -23.82 38.79
CA ILE C 445 17.24 -22.45 39.15
C ILE C 445 16.53 -22.49 40.50
N THR C 446 17.02 -21.70 41.45
CA THR C 446 16.51 -21.70 42.82
C THR C 446 16.01 -20.31 43.18
N PHE C 447 14.79 -20.24 43.69
CA PHE C 447 14.22 -19.03 44.25
C PHE C 447 14.02 -19.21 45.74
N GLU C 448 14.42 -18.20 46.51
CA GLU C 448 14.23 -18.21 47.96
C GLU C 448 13.71 -16.85 48.40
N LYS C 449 12.54 -16.84 49.02
CA LYS C 449 11.93 -15.64 49.58
C LYS C 449 11.90 -15.81 51.10
N LYS C 450 12.80 -15.11 51.78
CA LYS C 450 12.94 -15.18 53.23
C LYS C 450 12.87 -13.77 53.79
N LEU C 451 11.88 -13.52 54.64
CA LEU C 451 11.60 -12.17 55.17
C LEU C 451 11.40 -11.17 54.03
N ASN C 452 10.65 -11.60 53.00
CA ASN C 452 10.35 -10.77 51.83
C ASN C 452 11.62 -10.33 51.11
N ASN C 453 12.64 -11.18 51.11
CA ASN C 453 13.88 -10.94 50.38
C ASN C 453 13.99 -12.03 49.31
N LEU C 454 13.58 -11.70 48.10
CA LEU C 454 13.58 -12.66 47.00
C LEU C 454 14.95 -12.68 46.36
N ARG C 455 15.76 -13.68 46.71
CA ARG C 455 17.08 -13.89 46.13
C ARG C 455 17.06 -15.19 45.33
N TYR C 456 17.55 -15.14 44.10
CA TYR C 456 17.52 -16.30 43.23
C TYR C 456 18.90 -16.53 42.62
N GLU C 457 19.22 -17.80 42.40
CA GLU C 457 20.48 -18.22 41.81
C GLU C 457 20.24 -19.27 40.75
N ALA C 458 21.20 -19.39 39.84
CA ALA C 458 21.12 -20.37 38.76
C ALA C 458 22.46 -21.07 38.61
N THR C 459 22.42 -22.29 38.10
CA THR C 459 23.61 -23.08 37.82
C THR C 459 23.54 -23.55 36.37
N ALA C 460 24.67 -23.46 35.67
CA ALA C 460 24.74 -23.85 34.27
C ALA C 460 25.92 -24.79 34.07
N ASN C 461 25.65 -25.94 33.44
CA ASN C 461 26.67 -26.94 33.18
C ASN C 461 27.15 -26.85 31.75
N PHE C 462 28.40 -27.27 31.53
CA PHE C 462 28.95 -27.28 30.18
C PHE C 462 28.23 -28.32 29.32
N TYR C 463 28.06 -28.01 28.04
CA TYR C 463 27.24 -28.82 27.15
C TYR C 463 28.03 -29.57 26.09
N ASP C 464 29.02 -28.94 25.46
CA ASP C 464 29.78 -29.56 24.38
C ASP C 464 28.85 -29.98 23.26
N PRO C 465 28.31 -29.03 22.50
CA PRO C 465 27.27 -29.37 21.51
C PRO C 465 27.69 -30.38 20.45
N SER C 466 28.99 -30.58 20.25
CA SER C 466 29.45 -31.54 19.25
C SER C 466 29.02 -32.97 19.58
N THR C 467 28.74 -33.27 20.84
CA THR C 467 28.32 -34.61 21.25
C THR C 467 27.02 -34.63 22.06
N GLY C 468 26.55 -33.49 22.53
CA GLY C 468 25.32 -33.46 23.32
C GLY C 468 25.40 -34.15 24.66
N ASP C 469 26.50 -33.98 25.37
CA ASP C 469 26.70 -34.58 26.69
C ASP C 469 26.88 -33.46 27.70
N ILE C 470 25.88 -33.27 28.57
CA ILE C 470 25.90 -32.22 29.58
C ILE C 470 26.90 -32.65 30.65
N ASP C 471 28.09 -32.04 30.66
CA ASP C 471 29.11 -32.39 31.63
C ASP C 471 28.69 -31.92 33.01
N LEU C 472 28.81 -32.81 34.00
CA LEU C 472 28.43 -32.49 35.36
C LEU C 472 29.57 -31.86 36.17
N ASN C 473 30.81 -32.14 35.79
CA ASN C 473 31.94 -31.61 36.55
C ASN C 473 32.15 -30.12 36.30
N GLU C 474 31.97 -29.68 35.06
CA GLU C 474 32.20 -28.29 34.68
C GLU C 474 30.89 -27.52 34.75
N LYS C 475 30.80 -26.63 35.73
CA LYS C 475 29.58 -25.84 35.92
C LYS C 475 29.95 -24.48 36.49
N GLN C 476 29.04 -23.53 36.30
CA GLN C 476 29.15 -22.19 36.84
C GLN C 476 27.88 -21.85 37.60
N VAL C 477 28.02 -20.99 38.62
CA VAL C 477 26.90 -20.57 39.44
C VAL C 477 26.82 -19.05 39.39
N GLU C 478 25.65 -18.53 39.04
CA GLU C 478 25.38 -17.10 39.04
C GLU C 478 24.31 -16.86 40.10
N SER C 479 24.69 -16.20 41.19
CA SER C 479 23.84 -16.11 42.37
C SER C 479 23.63 -14.66 42.78
N THR C 480 22.47 -14.41 43.39
CA THR C 480 22.17 -13.12 44.00
C THR C 480 22.01 -13.25 45.51
N PHE C 481 22.46 -14.36 46.10
CA PHE C 481 22.33 -14.57 47.54
C PHE C 481 23.21 -13.61 48.34
N LEU C 482 24.23 -13.02 47.72
CA LEU C 482 25.15 -12.13 48.41
C LEU C 482 25.05 -10.70 47.94
N GLN C 483 24.03 -10.35 47.17
CA GLN C 483 23.86 -8.97 46.73
C GLN C 483 23.40 -8.09 47.89
N ALA C 484 23.72 -6.79 47.77
CA ALA C 484 23.30 -5.80 48.75
C ALA C 484 22.25 -4.83 48.22
N ASP C 485 22.33 -4.46 46.95
CA ASP C 485 21.34 -3.58 46.34
C ASP C 485 20.09 -4.36 45.97
N TYR C 486 18.92 -3.74 46.18
CA TYR C 486 17.65 -4.39 45.95
C TYR C 486 16.65 -3.39 45.40
N ILE C 487 15.49 -3.90 45.01
CA ILE C 487 14.37 -3.08 44.55
C ILE C 487 13.18 -3.39 45.46
N SER C 488 12.62 -2.37 46.08
CA SER C 488 11.58 -2.55 47.09
C SER C 488 10.22 -2.23 46.50
N ILE C 489 9.24 -3.11 46.75
CA ILE C 489 7.87 -2.91 46.33
C ILE C 489 6.95 -3.11 47.53
N ASN C 490 6.08 -2.13 47.77
CA ASN C 490 5.08 -2.21 48.84
C ASN C 490 3.76 -2.68 48.24
N VAL C 491 3.12 -3.64 48.91
CA VAL C 491 1.89 -4.22 48.36
C VAL C 491 0.77 -3.18 48.30
N SER C 492 0.61 -2.40 49.36
CA SER C 492 -0.45 -1.39 49.46
C SER C 492 -1.82 -2.01 49.18
N ASP C 493 -2.15 -3.01 50.02
CA ASP C 493 -3.39 -3.79 49.95
C ASP C 493 -3.78 -4.15 48.52
N ASP C 494 -4.81 -3.49 47.98
CA ASP C 494 -5.38 -3.89 46.70
C ASP C 494 -4.42 -3.70 45.53
N ASP C 495 -3.36 -2.91 45.69
CA ASP C 495 -2.41 -2.64 44.62
C ASP C 495 -1.42 -3.81 44.48
N GLY C 496 -1.97 -4.97 44.12
CA GLY C 496 -1.16 -6.17 44.02
C GLY C 496 -0.14 -6.09 42.89
N VAL C 497 0.88 -6.93 43.01
CA VAL C 497 1.97 -6.95 42.04
C VAL C 497 1.55 -7.73 40.81
N TYR C 498 2.07 -7.35 39.65
CA TYR C 498 1.78 -8.02 38.39
C TYR C 498 2.72 -9.22 38.24
N MET C 499 2.26 -10.37 38.72
CA MET C 499 3.02 -11.60 38.56
C MET C 499 3.02 -12.02 37.09
N PRO C 500 4.15 -12.49 36.57
CA PRO C 500 4.18 -12.98 35.19
C PRO C 500 3.26 -14.18 35.01
N LEU C 501 2.67 -14.27 33.82
CA LEU C 501 1.68 -15.29 33.53
C LEU C 501 1.83 -15.73 32.07
N GLY C 502 1.72 -17.04 31.85
CA GLY C 502 1.83 -17.58 30.51
C GLY C 502 2.98 -18.55 30.35
N VAL C 503 3.36 -18.83 29.11
CA VAL C 503 4.45 -19.76 28.82
C VAL C 503 5.73 -18.95 28.65
N ILE C 504 6.62 -19.04 29.64
CA ILE C 504 7.94 -18.41 29.54
C ILE C 504 8.83 -19.45 28.86
N SER C 505 8.78 -19.46 27.54
CA SER C 505 9.54 -20.41 26.75
C SER C 505 9.64 -19.92 25.32
N GLU C 506 10.61 -20.47 24.60
CA GLU C 506 10.70 -20.23 23.17
C GLU C 506 9.51 -20.86 22.46
N THR C 507 9.32 -20.49 21.19
CA THR C 507 8.25 -21.09 20.41
C THR C 507 8.36 -22.61 20.38
N PHE C 508 9.59 -23.13 20.46
CA PHE C 508 9.83 -24.54 20.67
C PHE C 508 10.78 -24.69 21.86
N LEU C 509 10.59 -25.75 22.63
CA LEU C 509 11.42 -25.97 23.81
C LEU C 509 12.89 -26.04 23.42
N SER C 510 13.72 -25.30 24.15
CA SER C 510 15.15 -25.23 23.84
C SER C 510 15.88 -24.87 25.12
N PRO C 511 17.14 -25.27 25.25
CA PRO C 511 17.91 -24.92 26.46
C PRO C 511 18.12 -23.42 26.57
N ILE C 512 18.28 -22.95 27.80
CA ILE C 512 18.48 -21.53 28.09
C ILE C 512 19.85 -21.36 28.74
N ASN C 513 20.53 -20.27 28.37
CA ASN C 513 21.82 -19.92 28.95
C ASN C 513 21.79 -18.64 29.76
N SER C 514 20.64 -17.97 29.84
CA SER C 514 20.52 -16.74 30.60
C SER C 514 19.11 -16.64 31.15
N PHE C 515 18.99 -16.33 32.43
CA PHE C 515 17.71 -16.23 33.12
C PHE C 515 17.75 -15.06 34.07
N GLU C 516 16.67 -14.28 34.11
CA GLU C 516 16.63 -13.13 35.02
C GLU C 516 15.20 -12.75 35.32
N LEU C 517 15.03 -12.04 36.42
CA LEU C 517 13.76 -11.44 36.82
C LEU C 517 13.92 -9.93 36.84
N GLU C 518 13.05 -9.24 36.10
CA GLU C 518 13.09 -7.79 35.96
C GLU C 518 11.97 -7.16 36.77
N VAL C 519 12.32 -6.16 37.56
CA VAL C 519 11.37 -5.42 38.40
C VAL C 519 11.46 -3.96 38.03
N ASP C 520 10.31 -3.33 37.78
CA ASP C 520 10.27 -1.94 37.36
C ASP C 520 10.13 -0.95 38.51
N GLU C 521 9.48 -1.35 39.59
CA GLU C 521 9.25 -0.56 40.81
C GLU C 521 8.29 0.60 40.59
N LYS C 522 7.82 0.84 39.36
CA LYS C 522 6.87 1.91 39.08
C LYS C 522 5.45 1.37 38.97
N SER C 523 5.22 0.42 38.07
CA SER C 523 3.92 -0.21 37.91
C SER C 523 3.82 -1.55 38.62
N LYS C 524 4.87 -1.94 39.36
CA LYS C 524 4.91 -3.20 40.10
C LYS C 524 4.70 -4.39 39.15
N ILE C 525 5.60 -4.50 38.18
CA ILE C 525 5.55 -5.53 37.15
C ILE C 525 6.80 -6.38 37.25
N LEU C 526 6.62 -7.70 37.35
CA LEU C 526 7.72 -8.64 37.38
C LEU C 526 7.75 -9.40 36.05
N THR C 527 8.93 -9.48 35.43
CA THR C 527 9.07 -10.12 34.13
C THR C 527 10.16 -11.17 34.19
N LEU C 528 9.83 -12.40 33.80
CA LEU C 528 10.82 -13.47 33.70
C LEU C 528 11.37 -13.46 32.28
N THR C 529 12.66 -13.12 32.15
CA THR C 529 13.30 -12.96 30.85
C THR C 529 14.42 -13.97 30.72
N CYS C 530 14.39 -14.75 29.64
CA CYS C 530 15.40 -15.78 29.41
C CYS C 530 15.93 -15.66 27.99
N LYS C 531 17.07 -16.31 27.76
CA LYS C 531 17.71 -16.37 26.45
C LYS C 531 17.81 -17.83 26.01
N SER C 532 17.33 -18.13 24.82
CA SER C 532 17.23 -19.49 24.32
C SER C 532 18.43 -19.85 23.44
N TYR C 533 18.49 -21.14 23.08
CA TYR C 533 19.49 -21.67 22.17
C TYR C 533 18.89 -22.13 20.85
N LEU C 534 17.74 -21.58 20.47
CA LEU C 534 17.05 -22.04 19.27
C LEU C 534 17.84 -21.72 18.01
N ARG C 535 18.61 -20.62 18.01
CA ARG C 535 19.32 -20.23 16.80
C ARG C 535 20.32 -21.30 16.37
N GLU C 536 21.08 -21.85 17.32
CA GLU C 536 22.06 -22.87 16.97
C GLU C 536 21.40 -24.12 16.42
N TYR C 537 20.32 -24.58 17.05
CA TYR C 537 19.65 -25.78 16.58
C TYR C 537 19.02 -25.55 15.21
N LEU C 538 18.48 -24.36 14.97
CA LEU C 538 17.94 -24.06 13.63
C LEU C 538 19.06 -24.03 12.60
N LEU C 539 20.21 -23.44 12.94
CA LEU C 539 21.31 -23.38 11.99
C LEU C 539 21.89 -24.75 11.69
N GLU C 540 21.82 -25.68 12.64
CA GLU C 540 22.45 -26.98 12.47
C GLU C 540 21.49 -28.08 12.06
N SER C 541 20.18 -27.88 12.18
CA SER C 541 19.21 -28.94 11.91
C SER C 541 18.29 -28.62 10.73
N ASP C 542 17.59 -27.49 10.76
CA ASP C 542 16.54 -27.24 9.78
C ASP C 542 16.97 -26.31 8.65
N LEU C 543 17.82 -25.34 8.94
CA LEU C 543 18.23 -24.39 7.91
C LEU C 543 19.31 -24.92 6.99
N ILE C 544 19.84 -26.11 7.26
CA ILE C 544 20.78 -26.77 6.37
C ILE C 544 20.23 -28.08 5.84
N ASN C 545 18.90 -28.26 5.93
CA ASN C 545 18.21 -29.43 5.39
C ASN C 545 18.72 -30.73 6.02
N LYS C 546 18.51 -30.83 7.34
CA LYS C 546 18.79 -32.05 8.09
C LYS C 546 17.56 -32.41 8.91
N GLU C 547 17.67 -33.50 9.66
CA GLU C 547 16.56 -33.92 10.52
C GLU C 547 16.30 -32.89 11.60
N THR C 548 15.02 -32.58 11.82
CA THR C 548 14.61 -31.59 12.80
C THR C 548 13.58 -32.20 13.74
N SER C 549 13.71 -31.90 15.03
CA SER C 549 12.77 -32.37 16.04
C SER C 549 12.54 -31.22 17.02
N LEU C 550 11.49 -30.45 16.78
CA LEU C 550 11.14 -29.29 17.60
C LEU C 550 9.90 -29.63 18.42
N ILE C 551 9.93 -29.31 19.71
CA ILE C 551 8.86 -29.64 20.64
C ILE C 551 8.16 -28.34 21.03
N ALA C 552 6.88 -28.24 20.70
CA ALA C 552 6.10 -27.11 21.15
C ALA C 552 5.88 -27.21 22.66
N PRO C 553 5.84 -26.08 23.37
CA PRO C 553 5.57 -26.13 24.81
C PRO C 553 4.20 -26.68 25.09
N PRO C 554 4.11 -27.81 25.79
CA PRO C 554 2.81 -28.45 26.00
C PRO C 554 1.84 -27.55 26.75
N ASN C 555 0.59 -27.56 26.31
CA ASN C 555 -0.49 -26.90 27.01
C ASN C 555 -1.22 -27.84 27.96
N VAL C 556 -0.72 -29.06 28.11
CA VAL C 556 -1.33 -30.09 28.94
C VAL C 556 -0.29 -30.58 29.93
N PHE C 557 -0.70 -30.72 31.20
CA PHE C 557 0.17 -31.29 32.21
C PHE C 557 0.61 -32.69 31.80
N ILE C 558 1.89 -32.86 31.48
CA ILE C 558 2.38 -34.14 30.97
C ILE C 558 2.79 -35.11 32.09
N SER C 559 2.84 -34.65 33.34
CA SER C 559 3.20 -35.50 34.45
C SER C 559 1.99 -35.98 35.26
N ASN C 560 0.78 -35.65 34.82
CA ASN C 560 -0.41 -36.10 35.54
C ASN C 560 -0.56 -37.60 35.38
N ILE C 561 -0.98 -38.26 36.48
CA ILE C 561 -1.06 -39.71 36.51
C ILE C 561 -2.43 -40.23 36.07
N VAL C 562 -3.38 -39.35 35.79
CA VAL C 562 -4.71 -39.76 35.35
C VAL C 562 -4.64 -40.04 33.85
N GLU C 563 -4.58 -41.31 33.47
CA GLU C 563 -4.62 -41.67 32.07
C GLU C 563 -5.96 -41.26 31.47
N ASN C 564 -5.92 -40.70 30.26
CA ASN C 564 -7.09 -40.10 29.61
C ASN C 564 -7.70 -39.02 30.53
N TRP C 565 -6.88 -38.01 30.83
CA TRP C 565 -7.32 -36.95 31.73
C TRP C 565 -8.52 -36.21 31.16
N ASN C 566 -8.49 -35.91 29.86
CA ASN C 566 -9.63 -35.36 29.15
C ASN C 566 -10.15 -36.41 28.19
N ILE C 567 -11.44 -36.73 28.29
CA ILE C 567 -11.99 -37.87 27.59
C ILE C 567 -12.20 -37.50 26.13
N GLU C 568 -11.21 -37.78 25.29
CA GLU C 568 -11.30 -37.54 23.86
C GLU C 568 -10.92 -38.81 23.11
N ALA C 569 -10.04 -39.61 23.70
CA ALA C 569 -9.66 -40.88 23.10
C ALA C 569 -10.79 -41.88 23.24
N ASP C 570 -11.10 -42.58 22.14
CA ASP C 570 -12.16 -43.57 22.16
C ASP C 570 -11.72 -44.83 22.90
N ASN C 571 -12.69 -45.72 23.13
CA ASN C 571 -12.50 -46.98 23.83
C ASN C 571 -11.65 -46.81 25.08
N LEU C 572 -12.18 -46.01 26.02
CA LEU C 572 -11.48 -45.69 27.25
C LEU C 572 -11.23 -46.93 28.10
N GLU C 573 -9.98 -47.34 28.24
CA GLU C 573 -9.61 -48.48 29.07
C GLU C 573 -9.57 -48.10 30.55
N PRO C 574 -8.91 -47.00 30.95
CA PRO C 574 -8.90 -46.66 32.38
C PRO C 574 -10.27 -46.30 32.92
N TRP C 575 -11.03 -45.46 32.22
CA TRP C 575 -12.36 -45.11 32.66
C TRP C 575 -13.31 -46.29 32.48
N VAL C 576 -14.00 -46.66 33.56
CA VAL C 576 -14.99 -47.73 33.53
C VAL C 576 -16.24 -47.24 34.24
N ALA C 577 -17.41 -47.65 33.72
CA ALA C 577 -18.69 -47.28 34.28
C ALA C 577 -19.30 -48.49 34.96
N ASN C 578 -19.77 -48.31 36.19
CA ASN C 578 -20.39 -49.41 36.93
C ASN C 578 -21.67 -49.89 36.26
N ASN C 579 -22.36 -49.01 35.56
CA ASN C 579 -23.59 -49.37 34.86
C ASN C 579 -23.80 -48.36 33.73
N LYS C 580 -25.00 -48.38 33.14
CA LYS C 580 -25.36 -47.45 32.08
C LYS C 580 -25.93 -46.14 32.60
N ASN C 581 -26.04 -45.98 33.92
CA ASN C 581 -26.59 -44.74 34.48
C ASN C 581 -25.71 -43.54 34.13
N ALA C 582 -24.39 -43.70 34.21
CA ALA C 582 -23.45 -42.65 33.87
C ALA C 582 -22.78 -42.98 32.53
N TYR C 583 -22.66 -41.96 31.69
CA TYR C 583 -22.12 -42.17 30.34
C TYR C 583 -21.19 -41.00 30.01
N VAL C 584 -20.84 -40.89 28.73
CA VAL C 584 -19.92 -39.88 28.24
C VAL C 584 -20.67 -38.98 27.27
N ASP C 585 -20.88 -37.73 27.65
CA ASP C 585 -21.53 -36.76 26.79
C ASP C 585 -20.51 -36.18 25.82
N SER C 586 -20.80 -36.30 24.51
CA SER C 586 -19.88 -35.83 23.49
C SER C 586 -19.88 -34.31 23.35
N THR C 587 -20.86 -33.62 23.92
CA THR C 587 -20.94 -32.17 23.82
C THR C 587 -21.25 -31.48 25.14
N GLY C 588 -21.47 -32.22 26.22
CA GLY C 588 -21.78 -31.62 27.50
C GLY C 588 -20.56 -31.34 28.35
N GLY C 589 -19.50 -30.85 27.72
CA GLY C 589 -18.28 -30.54 28.44
C GLY C 589 -17.68 -29.19 28.04
N ILE C 590 -16.40 -29.00 28.33
CA ILE C 590 -15.72 -27.78 27.92
C ILE C 590 -15.62 -27.74 26.41
N GLU C 591 -16.13 -26.67 25.81
CA GLU C 591 -16.19 -26.53 24.36
C GLU C 591 -16.91 -27.73 23.75
N GLY C 592 -16.15 -28.71 23.26
CA GLY C 592 -16.72 -29.92 22.70
C GLY C 592 -16.19 -31.17 23.36
N SER C 593 -15.65 -31.03 24.56
CA SER C 593 -15.09 -32.19 25.26
C SER C 593 -16.17 -33.18 25.65
N LYS C 594 -15.85 -34.47 25.51
CA LYS C 594 -16.78 -35.54 25.87
C LYS C 594 -16.68 -35.76 27.37
N ALA C 595 -17.38 -34.91 28.12
CA ALA C 595 -17.30 -34.94 29.58
C ALA C 595 -18.06 -36.14 30.13
N LEU C 596 -17.58 -36.65 31.27
CA LEU C 596 -18.27 -37.74 31.95
C LEU C 596 -19.52 -37.19 32.63
N PHE C 597 -20.69 -37.67 32.21
CA PHE C 597 -21.95 -37.26 32.78
C PHE C 597 -22.46 -38.35 33.71
N THR C 598 -22.74 -37.98 34.95
CA THR C 598 -23.29 -38.87 35.97
C THR C 598 -24.69 -38.39 36.34
N GLN C 599 -25.62 -39.34 36.41
CA GLN C 599 -27.03 -39.03 36.65
C GLN C 599 -27.53 -39.55 37.99
N GLY C 600 -27.38 -40.84 38.25
CA GLY C 600 -27.86 -41.42 39.49
C GLY C 600 -26.79 -42.17 40.26
N ASP C 601 -27.05 -43.46 40.52
CA ASP C 601 -26.06 -44.29 41.19
C ASP C 601 -24.84 -44.59 40.33
N GLY C 602 -24.89 -44.28 39.04
CA GLY C 602 -23.75 -44.54 38.18
C GLY C 602 -22.56 -43.67 38.54
N GLU C 603 -21.37 -44.23 38.33
CA GLU C 603 -20.13 -43.53 38.63
C GLU C 603 -19.04 -44.03 37.69
N PHE C 604 -18.00 -43.21 37.54
CA PHE C 604 -16.85 -43.55 36.73
C PHE C 604 -15.65 -43.79 37.63
N SER C 605 -15.01 -44.94 37.46
CA SER C 605 -13.86 -45.32 38.26
C SER C 605 -12.63 -45.48 37.37
N GLN C 606 -11.48 -45.15 37.93
CA GLN C 606 -10.21 -45.28 37.20
C GLN C 606 -9.12 -45.62 38.20
N PHE C 607 -8.50 -46.79 38.04
CA PHE C 607 -7.46 -47.24 38.95
C PHE C 607 -6.16 -46.49 38.67
N ILE C 608 -5.70 -45.72 39.65
CA ILE C 608 -4.49 -44.92 39.50
C ILE C 608 -3.56 -45.16 40.69
N GLY C 609 -3.73 -46.30 41.36
CA GLY C 609 -2.93 -46.60 42.53
C GLY C 609 -1.48 -46.94 42.22
N ASP C 610 -1.21 -47.41 41.00
CA ASP C 610 0.16 -47.78 40.63
C ASP C 610 1.07 -46.55 40.58
N LYS C 611 0.56 -45.43 40.08
CA LYS C 611 1.37 -44.23 39.87
C LYS C 611 1.30 -43.27 41.05
N LEU C 612 0.61 -43.62 42.13
CA LEU C 612 0.47 -42.75 43.29
C LEU C 612 1.60 -43.03 44.27
N LYS C 613 2.58 -42.12 44.32
CA LYS C 613 3.73 -42.31 45.20
C LYS C 613 3.35 -42.00 46.65
N PRO C 614 3.81 -42.79 47.61
CA PRO C 614 3.50 -42.52 49.01
C PRO C 614 4.22 -41.29 49.53
N ASN C 615 3.60 -40.66 50.53
CA ASN C 615 4.19 -39.51 51.22
C ASN C 615 4.56 -38.39 50.23
N THR C 616 3.69 -38.16 49.26
CA THR C 616 3.92 -37.16 48.23
C THR C 616 2.70 -36.27 48.09
N ASP C 617 2.94 -34.97 47.94
CA ASP C 617 1.86 -34.01 47.73
C ASP C 617 1.39 -34.07 46.28
N TYR C 618 0.08 -33.92 46.08
CA TYR C 618 -0.52 -33.95 44.76
C TYR C 618 -1.53 -32.83 44.62
N ILE C 619 -1.74 -32.41 43.38
CA ILE C 619 -2.73 -31.40 43.03
C ILE C 619 -3.83 -32.09 42.24
N ILE C 620 -5.07 -31.98 42.73
CA ILE C 620 -6.23 -32.56 42.08
C ILE C 620 -7.03 -31.41 41.47
N GLN C 621 -7.12 -31.38 40.15
CA GLN C 621 -7.83 -30.31 39.44
C GLN C 621 -8.82 -30.92 38.47
N TYR C 622 -10.02 -30.32 38.41
CA TYR C 622 -11.08 -30.83 37.56
C TYR C 622 -12.09 -29.72 37.29
N THR C 623 -12.61 -29.69 36.07
CA THR C 623 -13.65 -28.74 35.69
C THR C 623 -15.00 -29.47 35.72
N VAL C 624 -15.92 -28.96 36.53
CA VAL C 624 -17.18 -29.66 36.80
C VAL C 624 -18.36 -28.73 36.56
N LYS C 625 -19.54 -29.34 36.44
CA LYS C 625 -20.79 -28.64 36.23
C LYS C 625 -21.88 -29.37 37.00
N GLY C 626 -22.71 -28.62 37.72
CA GLY C 626 -23.76 -29.22 38.53
C GLY C 626 -23.31 -29.47 39.96
N LYS C 627 -23.66 -30.63 40.50
CA LYS C 627 -23.29 -31.01 41.87
C LYS C 627 -22.58 -32.35 41.82
N PRO C 628 -21.28 -32.34 41.55
CA PRO C 628 -20.54 -33.61 41.45
C PRO C 628 -19.99 -34.08 42.78
N ALA C 629 -19.25 -35.19 42.76
CA ALA C 629 -18.58 -35.71 43.95
C ALA C 629 -17.41 -36.57 43.48
N ILE C 630 -16.22 -36.26 44.00
CA ILE C 630 -14.99 -36.93 43.60
C ILE C 630 -14.39 -37.59 44.84
N TYR C 631 -14.04 -38.87 44.70
CA TYR C 631 -13.48 -39.65 45.79
C TYR C 631 -12.24 -40.39 45.30
N LEU C 632 -11.38 -40.75 46.24
CA LEU C 632 -10.20 -41.57 45.97
C LEU C 632 -10.31 -42.83 46.82
N LYS C 633 -10.97 -43.86 46.27
CA LYS C 633 -11.17 -45.08 47.02
C LYS C 633 -9.89 -45.92 47.01
N ASN C 634 -9.85 -46.91 47.89
CA ASN C 634 -8.67 -47.76 48.05
C ASN C 634 -9.03 -49.23 47.89
N LYS C 635 -9.97 -49.53 46.99
CA LYS C 635 -10.40 -50.89 46.70
C LYS C 635 -10.83 -51.62 47.97
N ASN C 636 -9.97 -52.49 48.49
CA ASN C 636 -10.27 -53.19 49.73
C ASN C 636 -10.36 -52.20 50.88
N THR C 637 -11.34 -52.42 51.76
CA THR C 637 -11.63 -51.52 52.88
C THR C 637 -11.85 -50.08 52.36
N GLY C 638 -12.91 -49.94 51.57
CA GLY C 638 -13.20 -48.69 50.89
C GLY C 638 -13.30 -47.49 51.81
N TYR C 639 -12.33 -46.57 51.67
CA TYR C 639 -12.30 -45.35 52.45
C TYR C 639 -12.05 -44.17 51.51
N THR C 640 -12.64 -43.03 51.87
CA THR C 640 -12.52 -41.81 51.06
C THR C 640 -11.32 -41.01 51.57
N MET C 641 -10.17 -41.19 50.94
CA MET C 641 -9.00 -40.38 51.28
C MET C 641 -9.26 -38.91 50.97
N TYR C 642 -9.88 -38.63 49.82
CA TYR C 642 -10.32 -37.30 49.46
C TYR C 642 -11.78 -37.36 49.04
N GLU C 643 -12.54 -36.34 49.39
CA GLU C 643 -13.97 -36.32 49.10
C GLU C 643 -14.46 -34.89 49.01
N ASP C 644 -15.30 -34.64 48.01
CA ASP C 644 -15.93 -33.33 47.83
C ASP C 644 -17.31 -33.31 48.49
N THR C 645 -18.21 -34.17 48.03
CA THR C 645 -19.54 -34.38 48.59
C THR C 645 -20.43 -33.15 48.55
N ASN C 646 -20.00 -32.08 47.89
CA ASN C 646 -20.80 -30.86 47.78
C ASN C 646 -20.27 -30.05 46.59
N GLY C 647 -20.75 -28.81 46.48
CA GLY C 647 -20.35 -27.94 45.39
C GLY C 647 -21.36 -27.92 44.26
N SER C 648 -22.08 -26.81 44.12
CA SER C 648 -23.10 -26.67 43.10
C SER C 648 -22.77 -25.48 42.20
N SER C 649 -22.97 -25.67 40.90
CA SER C 649 -22.70 -24.62 39.92
C SER C 649 -23.44 -24.96 38.64
N GLU C 650 -24.28 -24.05 38.18
CA GLU C 650 -25.04 -24.28 36.94
C GLU C 650 -24.14 -24.29 35.71
N GLU C 651 -22.93 -23.76 35.80
CA GLU C 651 -21.98 -23.74 34.69
C GLU C 651 -20.71 -24.45 35.11
N PHE C 652 -19.84 -24.68 34.11
CA PHE C 652 -18.56 -25.33 34.38
C PHE C 652 -17.63 -24.38 35.13
N GLN C 653 -17.03 -24.88 36.21
CA GLN C 653 -16.01 -24.14 36.94
C GLN C 653 -14.89 -25.11 37.30
N THR C 654 -13.69 -24.56 37.47
CA THR C 654 -12.50 -25.35 37.76
C THR C 654 -12.27 -25.37 39.26
N ILE C 655 -12.06 -26.56 39.82
CA ILE C 655 -11.76 -26.75 41.23
C ILE C 655 -10.39 -27.44 41.32
N ALA C 656 -9.49 -26.83 42.09
CA ALA C 656 -8.15 -27.37 42.32
C ALA C 656 -7.90 -27.42 43.82
N VAL C 657 -7.47 -28.58 44.30
CA VAL C 657 -7.23 -28.82 45.72
C VAL C 657 -5.92 -29.58 45.89
N ASN C 658 -5.46 -29.65 47.13
CA ASN C 658 -4.26 -30.39 47.49
C ASN C 658 -4.64 -31.72 48.13
N TYR C 659 -3.78 -32.72 47.95
CA TYR C 659 -4.02 -34.05 48.47
C TYR C 659 -2.70 -34.68 48.87
N THR C 660 -2.78 -35.62 49.81
CA THR C 660 -1.61 -36.36 50.26
C THR C 660 -1.96 -37.83 50.40
N SER C 661 -1.05 -38.70 49.95
CA SER C 661 -1.15 -40.13 50.16
C SER C 661 -0.02 -40.55 51.10
N GLU C 662 -0.37 -41.21 52.20
CA GLU C 662 0.57 -41.41 53.29
C GLU C 662 0.98 -42.88 53.46
N THR C 663 0.02 -43.77 53.66
CA THR C 663 0.34 -45.14 54.07
C THR C 663 0.50 -46.09 52.88
N ASP C 664 1.32 -45.69 51.91
CA ASP C 664 1.68 -46.49 50.74
C ASP C 664 0.46 -47.19 50.15
N PRO C 665 -0.45 -46.46 49.50
CA PRO C 665 -1.70 -47.07 49.05
C PRO C 665 -1.50 -48.24 48.10
N SER C 666 -0.85 -47.99 46.96
CA SER C 666 -0.58 -48.99 45.93
C SER C 666 -1.87 -49.54 45.33
N GLN C 667 -3.02 -49.06 45.82
CA GLN C 667 -4.31 -49.42 45.25
C GLN C 667 -5.28 -48.29 45.62
N THR C 668 -5.55 -47.41 44.65
CA THR C 668 -6.41 -46.25 44.89
C THR C 668 -6.98 -45.82 43.56
N HIS C 669 -8.29 -45.85 43.42
CA HIS C 669 -8.95 -45.48 42.18
C HIS C 669 -9.80 -44.23 42.37
N LEU C 670 -9.72 -43.33 41.40
CA LEU C 670 -10.56 -42.15 41.37
C LEU C 670 -11.99 -42.53 40.99
N VAL C 671 -12.95 -41.96 41.72
CA VAL C 671 -14.37 -42.20 41.49
C VAL C 671 -15.06 -40.85 41.33
N PHE C 672 -15.77 -40.69 40.21
CA PHE C 672 -16.56 -39.49 39.93
C PHE C 672 -18.02 -39.90 39.88
N LYS C 673 -18.85 -39.24 40.69
CA LYS C 673 -20.25 -39.61 40.78
C LYS C 673 -21.09 -38.37 41.06
N SER C 674 -22.29 -38.32 40.48
CA SER C 674 -23.19 -37.23 40.75
C SER C 674 -23.84 -37.41 42.12
N GLN C 675 -24.56 -36.38 42.56
CA GLN C 675 -25.38 -36.49 43.76
C GLN C 675 -26.52 -37.48 43.52
N SER C 676 -27.03 -38.06 44.60
CA SER C 676 -28.07 -39.08 44.48
C SER C 676 -29.32 -38.53 43.80
N GLY C 677 -29.53 -37.22 43.85
CA GLY C 677 -30.69 -36.62 43.20
C GLY C 677 -30.35 -35.43 42.33
N TYR C 678 -29.20 -35.46 41.66
CA TYR C 678 -28.77 -34.36 40.81
C TYR C 678 -27.98 -34.91 39.63
N GLU C 679 -27.72 -34.03 38.67
CA GLU C 679 -26.97 -34.36 37.46
C GLU C 679 -25.63 -33.64 37.49
N ALA C 680 -24.57 -34.35 37.12
CA ALA C 680 -23.22 -33.78 37.18
C ALA C 680 -22.45 -34.06 35.90
N TRP C 681 -21.60 -33.11 35.53
CA TRP C 681 -20.66 -33.24 34.43
C TRP C 681 -19.25 -33.01 34.95
N GLY C 682 -18.31 -33.84 34.51
CA GLY C 682 -16.93 -33.70 34.93
C GLY C 682 -15.99 -33.84 33.76
N ASP C 683 -14.88 -33.10 33.82
CA ASP C 683 -13.89 -33.13 32.75
C ASP C 683 -12.57 -32.63 33.29
N ASN C 684 -11.51 -32.90 32.53
CA ASN C 684 -10.16 -32.41 32.82
C ASN C 684 -9.71 -32.83 34.23
N PHE C 685 -9.75 -34.14 34.47
CA PHE C 685 -9.32 -34.70 35.74
C PHE C 685 -7.80 -34.88 35.70
N ILE C 686 -7.08 -34.00 36.38
CA ILE C 686 -5.62 -34.03 36.39
C ILE C 686 -5.14 -34.16 37.83
N ILE C 687 -4.26 -35.12 38.07
CA ILE C 687 -3.63 -35.32 39.37
C ILE C 687 -2.13 -35.18 39.16
N LEU C 688 -1.58 -34.05 39.58
CA LEU C 688 -0.19 -33.71 39.37
C LEU C 688 0.64 -34.05 40.61
N GLU C 689 1.80 -34.65 40.38
CA GLU C 689 2.75 -34.94 41.47
C GLU C 689 3.48 -33.65 41.80
N CYS C 690 2.90 -32.87 42.69
CA CYS C 690 3.43 -31.56 43.03
C CYS C 690 4.64 -31.67 43.94
N LYS C 691 5.38 -30.57 44.03
CA LYS C 691 6.52 -30.45 44.93
C LYS C 691 6.45 -29.10 45.63
N ALA C 692 6.66 -29.09 46.94
CA ALA C 692 6.61 -27.86 47.70
C ALA C 692 7.57 -27.96 48.88
N PHE C 693 8.00 -26.80 49.36
CA PHE C 693 8.92 -26.70 50.49
C PHE C 693 8.30 -25.88 51.60
N GLU C 694 8.46 -26.35 52.83
CA GLU C 694 7.91 -25.70 54.01
C GLU C 694 8.97 -24.82 54.67
N THR C 695 8.56 -24.13 55.72
CA THR C 695 9.48 -23.25 56.45
C THR C 695 10.42 -24.08 57.31
N PRO C 696 11.73 -23.98 57.12
CA PRO C 696 12.66 -24.73 57.98
C PRO C 696 12.61 -24.24 59.41
N GLU C 697 12.88 -25.15 60.34
CA GLU C 697 12.86 -24.80 61.75
C GLU C 697 14.07 -23.94 62.12
N GLY C 698 15.24 -24.26 61.57
CA GLY C 698 16.45 -23.51 61.85
C GLY C 698 17.23 -24.11 63.00
N PRO C 699 18.50 -24.42 62.76
CA PRO C 699 19.32 -25.01 63.82
C PRO C 699 19.57 -24.01 64.94
N GLU C 700 19.81 -24.56 66.13
CA GLU C 700 20.11 -23.75 67.31
C GLU C 700 21.59 -23.40 67.29
N LEU C 701 21.91 -22.13 67.03
CA LEU C 701 23.30 -21.73 66.86
C LEU C 701 24.04 -21.67 68.19
N ILE C 702 23.40 -21.14 69.23
CA ILE C 702 24.03 -20.96 70.53
C ILE C 702 23.57 -22.08 71.46
N LYS C 703 24.53 -22.66 72.19
CA LYS C 703 24.24 -23.79 73.05
C LYS C 703 24.72 -23.55 74.48
N PHE C 704 24.66 -24.58 75.32
CA PHE C 704 24.98 -24.45 76.73
C PHE C 704 26.29 -25.12 77.14
N ASP C 705 26.70 -26.17 76.45
CA ASP C 705 27.90 -26.92 76.82
C ASP C 705 29.15 -26.45 76.11
N ASP C 706 29.05 -25.51 75.18
CA ASP C 706 30.21 -25.00 74.45
C ASP C 706 30.60 -23.59 74.85
N TRP C 707 30.08 -23.09 75.97
CA TRP C 707 30.48 -21.78 76.46
C TRP C 707 31.95 -21.79 76.86
N ILE C 708 32.70 -20.80 76.41
CA ILE C 708 34.08 -20.61 76.86
C ILE C 708 34.09 -19.45 77.85
N SER C 709 34.93 -19.58 78.87
CA SER C 709 34.97 -18.60 79.96
C SER C 709 36.41 -18.16 80.19
N PHE C 710 36.60 -16.86 80.40
CA PHE C 710 37.89 -16.31 80.73
C PHE C 710 37.77 -15.48 82.00
N GLY C 711 38.78 -15.56 82.86
CA GLY C 711 38.77 -14.78 84.09
C GLY C 711 37.91 -15.41 85.16
N THR C 712 37.34 -14.55 86.01
CA THR C 712 36.56 -14.97 87.17
C THR C 712 35.11 -15.14 86.75
N THR C 713 34.72 -16.38 86.45
CA THR C 713 33.34 -16.71 86.11
C THR C 713 32.95 -17.99 86.86
N TYR C 714 31.71 -18.04 87.33
CA TYR C 714 31.22 -19.17 88.12
C TYR C 714 30.06 -19.82 87.39
N ILE C 715 30.24 -21.05 86.94
CA ILE C 715 29.21 -21.79 86.24
C ILE C 715 28.60 -22.79 87.22
N ARG C 716 27.31 -22.60 87.55
CA ARG C 716 26.60 -23.51 88.43
C ARG C 716 25.21 -23.73 87.87
N ASP C 717 24.82 -25.01 87.74
CA ASP C 717 23.59 -25.44 87.09
C ASP C 717 23.30 -24.62 85.84
N ASP C 718 22.04 -24.21 85.65
CA ASP C 718 21.69 -23.36 84.52
C ASP C 718 21.91 -21.88 84.85
N VAL C 719 23.10 -21.57 85.34
CA VAL C 719 23.47 -20.22 85.75
C VAL C 719 24.94 -20.00 85.43
N LEU C 720 25.24 -18.89 84.77
CA LEU C 720 26.60 -18.49 84.43
C LEU C 720 26.85 -17.13 85.07
N THR C 721 27.26 -17.14 86.34
CA THR C 721 27.52 -15.90 87.06
C THR C 721 28.80 -15.26 86.54
N ILE C 722 28.67 -14.06 85.99
CA ILE C 722 29.80 -13.28 85.51
C ILE C 722 30.16 -12.26 86.58
N ASP C 723 31.45 -12.18 86.91
CA ASP C 723 31.91 -11.30 87.98
C ASP C 723 32.44 -10.00 87.38
N PRO C 724 31.76 -8.87 87.58
CA PRO C 724 32.29 -7.59 87.08
C PRO C 724 33.53 -7.15 87.85
N SER C 725 34.04 -5.96 87.53
CA SER C 725 35.26 -5.43 88.15
C SER C 725 36.45 -6.33 87.85
N ARG C 726 36.43 -7.55 88.40
CA ARG C 726 37.45 -8.53 88.07
C ARG C 726 37.36 -8.89 86.60
N GLY C 727 38.51 -8.96 85.92
CA GLY C 727 38.54 -9.27 84.51
C GLY C 727 37.99 -10.65 84.18
N GLY C 728 36.82 -10.69 83.53
CA GLY C 728 36.22 -11.95 83.15
C GLY C 728 35.09 -11.79 82.16
N TYR C 729 34.83 -12.83 81.37
CA TYR C 729 33.78 -12.77 80.36
C TYR C 729 33.50 -14.16 79.81
N PHE C 730 32.27 -14.35 79.36
CA PHE C 730 31.83 -15.55 78.65
C PHE C 730 31.77 -15.25 77.15
N ARG C 731 32.11 -16.25 76.34
CA ARG C 731 32.04 -16.13 74.90
C ARG C 731 31.59 -17.45 74.29
N GLN C 732 31.11 -17.38 73.05
CA GLN C 732 30.73 -18.56 72.29
C GLN C 732 30.63 -18.19 70.82
N SER C 733 31.32 -18.94 69.97
CA SER C 733 31.30 -18.66 68.54
C SER C 733 29.92 -18.95 67.95
N LEU C 734 29.63 -18.28 66.84
CA LEU C 734 28.35 -18.40 66.16
C LEU C 734 28.57 -18.70 64.68
N LYS C 735 27.60 -19.38 64.08
CA LYS C 735 27.63 -19.74 62.67
C LYS C 735 26.66 -18.87 61.86
N LEU C 736 26.61 -17.58 62.19
CA LEU C 736 25.67 -16.67 61.55
C LEU C 736 25.92 -16.60 60.04
N ASP C 737 24.82 -16.56 59.28
CA ASP C 737 24.89 -16.52 57.83
C ASP C 737 24.92 -15.07 57.35
N SER C 738 24.76 -14.87 56.05
CA SER C 738 24.78 -13.55 55.43
C SER C 738 23.35 -13.10 55.12
N TYR C 739 23.08 -11.83 55.41
CA TYR C 739 21.75 -11.23 55.20
C TYR C 739 20.68 -12.04 55.91
N SER C 740 20.97 -12.48 57.12
CA SER C 740 20.09 -13.37 57.86
C SER C 740 19.66 -12.74 59.17
N THR C 741 18.39 -12.89 59.51
CA THR C 741 17.83 -12.35 60.75
C THR C 741 17.68 -13.47 61.76
N TYR C 742 18.17 -13.24 62.98
CA TYR C 742 18.13 -14.23 64.05
C TYR C 742 17.40 -13.65 65.24
N ASN C 743 16.44 -14.42 65.77
CA ASN C 743 15.78 -14.08 67.02
C ASN C 743 16.51 -14.74 68.18
N LEU C 744 16.87 -13.95 69.17
CA LEU C 744 17.63 -14.41 70.32
C LEU C 744 16.84 -14.17 71.60
N SER C 745 16.68 -15.21 72.40
CA SER C 745 16.04 -15.10 73.71
C SER C 745 17.11 -14.92 74.78
N PHE C 746 16.77 -14.15 75.81
CA PHE C 746 17.75 -13.80 76.84
C PHE C 746 17.04 -13.67 78.18
N SER C 747 17.82 -13.84 79.24
CA SER C 747 17.35 -13.68 80.62
C SER C 747 18.33 -12.76 81.33
N PHE C 748 17.96 -11.49 81.46
CA PHE C 748 18.85 -10.49 82.03
C PHE C 748 18.89 -10.55 83.54
N SER C 749 20.09 -10.42 84.09
CA SER C 749 20.29 -10.35 85.53
C SER C 749 21.62 -9.68 85.81
N GLY C 750 21.75 -9.07 86.98
CA GLY C 750 22.96 -8.36 87.34
C GLY C 750 23.01 -6.96 86.77
N LEU C 751 23.51 -6.02 87.57
CA LEU C 751 23.48 -4.61 87.18
C LEU C 751 24.39 -4.36 85.98
N TRP C 752 23.84 -3.71 84.95
CA TRP C 752 24.59 -3.31 83.77
C TRP C 752 25.31 -4.48 83.12
N ALA C 753 24.57 -5.58 82.94
CA ALA C 753 25.11 -6.78 82.31
C ALA C 753 25.23 -6.55 80.81
N LYS C 754 26.44 -6.26 80.36
CA LYS C 754 26.66 -5.96 78.95
C LYS C 754 26.62 -7.23 78.11
N VAL C 755 25.89 -7.19 77.01
CA VAL C 755 25.82 -8.28 76.03
C VAL C 755 26.18 -7.69 74.68
N ILE C 756 27.18 -8.27 74.02
CA ILE C 756 27.62 -7.77 72.73
C ILE C 756 27.88 -8.94 71.79
N ILE C 757 27.04 -9.09 70.76
CA ILE C 757 27.26 -10.08 69.72
C ILE C 757 28.13 -9.40 68.66
N LYS C 758 29.44 -9.64 68.73
CA LYS C 758 30.38 -8.86 67.94
C LYS C 758 31.46 -9.78 67.36
N ASN C 759 32.43 -9.15 66.70
CA ASN C 759 33.57 -9.81 66.08
C ASN C 759 34.84 -9.13 66.58
N SER C 760 35.96 -9.87 66.48
CA SER C 760 37.24 -9.34 66.95
C SER C 760 37.66 -8.08 66.19
N HIS C 761 37.17 -7.92 64.96
CA HIS C 761 37.54 -6.73 64.19
C HIS C 761 36.90 -5.47 64.76
N GLY C 762 35.76 -5.59 65.43
CA GLY C 762 35.13 -4.45 66.05
C GLY C 762 33.75 -4.13 65.52
N VAL C 763 33.13 -5.09 64.84
CA VAL C 763 31.78 -4.92 64.30
C VAL C 763 30.79 -5.48 65.32
N VAL C 764 29.85 -4.64 65.76
CA VAL C 764 28.87 -4.99 66.78
C VAL C 764 27.49 -5.00 66.13
N LEU C 765 26.76 -6.10 66.30
CA LEU C 765 25.43 -6.26 65.72
C LEU C 765 24.31 -6.21 66.73
N PHE C 766 24.56 -6.61 67.97
CA PHE C 766 23.50 -6.65 68.99
C PHE C 766 24.13 -6.29 70.33
N GLU C 767 23.73 -5.14 70.88
CA GLU C 767 24.24 -4.67 72.16
C GLU C 767 23.06 -4.26 73.05
N LYS C 768 23.04 -4.78 74.26
CA LYS C 768 22.00 -4.44 75.23
C LYS C 768 22.62 -4.29 76.61
N VAL C 769 22.13 -3.30 77.36
CA VAL C 769 22.59 -3.02 78.72
C VAL C 769 21.39 -3.10 79.65
N SER C 770 21.53 -3.87 80.73
CA SER C 770 20.46 -4.01 81.70
C SER C 770 20.40 -2.79 82.61
N GLN C 771 19.20 -2.25 82.80
CA GLN C 771 18.98 -1.09 83.66
C GLN C 771 18.31 -1.47 84.98
N GLN C 772 17.18 -2.18 84.93
CA GLN C 772 16.52 -2.71 86.11
C GLN C 772 16.59 -4.24 86.00
N SER C 773 17.70 -4.80 86.47
CA SER C 773 17.99 -6.21 86.26
C SER C 773 17.57 -7.03 87.47
N SER C 774 16.25 -7.12 87.65
CA SER C 774 15.67 -8.01 88.66
C SER C 774 15.27 -9.35 88.05
N TYR C 775 14.34 -9.34 87.10
CA TYR C 775 13.99 -10.54 86.35
C TYR C 775 13.64 -10.21 84.90
N VAL C 776 14.20 -9.13 84.35
CA VAL C 776 13.82 -8.69 83.01
C VAL C 776 14.37 -9.65 81.96
N ASP C 777 13.60 -9.83 80.89
CA ASP C 777 13.99 -10.68 79.78
C ASP C 777 13.80 -9.93 78.48
N ILE C 778 14.67 -10.22 77.51
CA ILE C 778 14.63 -9.59 76.20
C ILE C 778 14.71 -10.67 75.13
N SER C 779 13.90 -10.52 74.08
CA SER C 779 13.82 -11.48 72.98
C SER C 779 13.86 -10.75 71.64
N GLU C 780 14.82 -9.83 71.50
CA GLU C 780 14.95 -9.04 70.29
C GLU C 780 15.57 -9.89 69.17
N SER C 781 15.76 -9.25 68.01
CA SER C 781 16.32 -9.91 66.84
C SER C 781 17.41 -9.03 66.23
N PHE C 782 18.35 -9.68 65.56
CA PHE C 782 19.46 -8.97 64.93
C PHE C 782 19.72 -9.53 63.54
N THR C 783 20.18 -8.66 62.64
CA THR C 783 20.39 -8.99 61.24
C THR C 783 21.88 -8.95 60.91
N THR C 784 22.39 -10.03 60.33
CA THR C 784 23.77 -10.10 59.86
C THR C 784 23.75 -9.89 58.35
N THR C 785 24.19 -8.71 57.90
CA THR C 785 24.17 -8.35 56.49
C THR C 785 25.14 -9.19 55.66
N SER C 786 26.45 -9.00 55.85
CA SER C 786 27.40 -9.68 54.97
C SER C 786 28.66 -10.17 55.69
N ASN C 787 28.65 -10.28 57.01
CA ASN C 787 29.85 -10.57 57.78
C ASN C 787 29.87 -12.01 58.28
N LYS C 788 29.46 -12.96 57.44
CA LYS C 788 29.46 -14.37 57.81
C LYS C 788 30.86 -14.82 58.22
N GLU C 789 31.05 -15.11 59.51
CA GLU C 789 32.31 -15.55 60.07
C GLU C 789 32.03 -16.05 61.49
N GLY C 790 33.09 -16.31 62.24
CA GLY C 790 32.96 -16.76 63.61
C GLY C 790 32.59 -15.65 64.58
N PHE C 791 31.38 -15.12 64.44
CA PHE C 791 30.89 -14.13 65.39
C PHE C 791 30.77 -14.74 66.79
N PHE C 792 31.03 -13.92 67.81
CA PHE C 792 30.97 -14.39 69.18
C PHE C 792 30.19 -13.41 70.04
N ILE C 793 29.48 -13.95 71.04
CA ILE C 793 28.70 -13.16 71.96
C ILE C 793 29.48 -13.04 73.27
N GLU C 794 29.78 -11.81 73.66
CA GLU C 794 30.55 -11.51 74.86
C GLU C 794 29.61 -11.01 75.95
N LEU C 795 29.76 -11.55 77.15
CA LEU C 795 28.94 -11.23 78.31
C LEU C 795 29.83 -10.60 79.36
N THR C 796 29.74 -9.27 79.51
CA THR C 796 30.53 -8.57 80.53
C THR C 796 29.63 -7.61 81.29
N GLY C 797 30.24 -6.77 82.13
CA GLY C 797 29.49 -5.84 82.94
C GLY C 797 30.09 -4.45 82.90
N ASP C 798 29.21 -3.45 83.02
CA ASP C 798 29.63 -2.06 83.05
C ASP C 798 29.86 -1.57 84.48
N SER C 799 28.90 -1.83 85.36
CA SER C 799 29.06 -1.47 86.76
C SER C 799 30.11 -2.35 87.44
N ARG C 800 30.77 -1.78 88.46
CA ARG C 800 31.79 -2.53 89.19
C ARG C 800 31.17 -3.73 89.91
N GLY C 801 30.00 -3.54 90.49
CA GLY C 801 29.26 -4.60 91.15
C GLY C 801 28.21 -5.21 90.25
N GLY C 802 27.16 -5.75 90.86
CA GLY C 802 26.07 -6.33 90.09
C GLY C 802 26.46 -7.62 89.40
N PHE C 803 26.66 -8.69 90.18
CA PHE C 803 27.05 -9.97 89.62
C PHE C 803 25.97 -10.52 88.71
N GLY C 804 26.22 -10.51 87.41
CA GLY C 804 25.20 -10.91 86.45
C GLY C 804 25.06 -12.41 86.33
N SER C 805 23.84 -12.83 86.03
CA SER C 805 23.52 -14.23 85.78
C SER C 805 22.82 -14.34 84.43
N PHE C 806 23.21 -15.34 83.64
CA PHE C 806 22.67 -15.53 82.31
C PHE C 806 22.16 -16.95 82.13
N ARG C 807 21.00 -17.07 81.48
CA ARG C 807 20.40 -18.37 81.17
C ARG C 807 19.40 -18.17 80.05
N ASP C 808 18.74 -19.26 79.66
CA ASP C 808 17.71 -19.26 78.63
C ASP C 808 18.25 -18.71 77.31
N PHE C 809 19.23 -19.43 76.76
CA PHE C 809 19.87 -19.05 75.52
C PHE C 809 19.23 -19.81 74.36
N SER C 810 18.73 -19.08 73.37
CA SER C 810 18.14 -19.69 72.19
C SER C 810 18.19 -18.67 71.06
N MET C 811 19.06 -18.92 70.08
CA MET C 811 19.21 -18.06 68.91
C MET C 811 18.83 -18.86 67.68
N LYS C 812 17.69 -18.51 67.07
CA LYS C 812 17.19 -19.24 65.92
C LYS C 812 16.95 -18.28 64.76
N GLU C 813 17.34 -18.70 63.57
CA GLU C 813 17.13 -17.87 62.39
C GLU C 813 15.64 -17.81 62.06
N LYS C 814 15.14 -16.59 61.84
CA LYS C 814 13.74 -16.40 61.49
C LYS C 814 13.57 -16.50 59.98
N PHE C 815 12.45 -17.07 59.56
CA PHE C 815 12.15 -17.24 58.14
C PHE C 815 10.85 -16.53 57.76
N SER D 33 41.31 -17.23 -26.34
CA SER D 33 39.87 -17.20 -26.09
C SER D 33 39.17 -16.23 -27.03
N PHE D 34 37.87 -16.03 -26.80
CA PHE D 34 37.07 -15.11 -27.60
C PHE D 34 36.24 -14.24 -26.68
N ILE D 35 35.92 -13.04 -27.16
CA ILE D 35 35.24 -12.04 -26.36
C ILE D 35 33.76 -12.02 -26.71
N ASP D 36 32.95 -11.52 -25.78
CA ASP D 36 31.51 -11.40 -25.95
C ASP D 36 31.19 -9.95 -26.27
N VAL D 37 30.66 -9.71 -27.47
CA VAL D 37 30.32 -8.37 -27.92
C VAL D 37 28.82 -8.17 -27.81
N PHE D 38 28.41 -7.06 -27.23
CA PHE D 38 27.00 -6.74 -27.03
C PHE D 38 26.61 -5.62 -27.99
N ASN D 39 25.53 -5.84 -28.75
CA ASN D 39 25.16 -4.96 -29.84
C ASN D 39 24.17 -3.86 -29.44
N GLY D 40 23.81 -3.79 -28.16
CA GLY D 40 22.97 -2.71 -27.68
C GLY D 40 21.48 -3.01 -27.79
N ILE D 41 20.69 -2.11 -27.18
CA ILE D 41 19.24 -2.24 -27.24
C ILE D 41 18.74 -2.08 -28.66
N TYR D 42 19.40 -1.21 -29.44
CA TYR D 42 19.05 -1.07 -30.85
C TYR D 42 19.28 -2.37 -31.60
N GLY D 43 20.41 -3.03 -31.34
CA GLY D 43 20.66 -4.32 -31.98
C GLY D 43 19.67 -5.38 -31.56
N PHE D 44 19.30 -5.39 -30.28
CA PHE D 44 18.30 -6.35 -29.81
C PHE D 44 16.95 -6.11 -30.47
N ALA D 45 16.55 -4.83 -30.60
CA ALA D 45 15.30 -4.52 -31.27
C ALA D 45 15.34 -4.91 -32.75
N THR D 46 16.49 -4.70 -33.40
CA THR D 46 16.62 -5.13 -34.80
C THR D 46 16.50 -6.63 -34.93
N GLY D 47 17.12 -7.39 -34.01
CA GLY D 47 16.97 -8.82 -34.02
C GLY D 47 15.53 -9.26 -33.80
N ILE D 48 14.83 -8.59 -32.89
CA ILE D 48 13.42 -8.92 -32.65
C ILE D 48 12.60 -8.61 -33.89
N GLN D 49 12.91 -7.53 -34.60
CA GLN D 49 12.23 -7.22 -35.85
C GLN D 49 12.48 -8.30 -36.90
N ASP D 50 13.72 -8.79 -36.97
CA ASP D 50 14.02 -9.88 -37.91
C ASP D 50 13.22 -11.14 -37.56
N ILE D 51 13.12 -11.46 -36.27
CA ILE D 51 12.33 -12.63 -35.87
C ILE D 51 10.86 -12.40 -36.18
N PHE D 52 10.38 -11.16 -36.04
CA PHE D 52 9.00 -10.85 -36.41
C PHE D 52 8.77 -11.10 -37.89
N ASN D 53 9.70 -10.67 -38.73
CA ASN D 53 9.58 -10.91 -40.17
C ASN D 53 9.59 -12.41 -40.47
N MET D 54 10.46 -13.16 -39.78
CA MET D 54 10.49 -14.61 -39.97
C MET D 54 9.16 -15.25 -39.57
N ILE D 55 8.57 -14.79 -38.47
CA ILE D 55 7.28 -15.32 -38.02
C ILE D 55 6.21 -15.02 -39.05
N PHE D 56 6.18 -13.77 -39.54
CA PHE D 56 5.22 -13.40 -40.57
C PHE D 56 5.45 -14.14 -41.88
N GLY D 57 6.65 -14.68 -42.09
CA GLY D 57 6.91 -15.47 -43.28
C GLY D 57 6.14 -16.77 -43.34
N THR D 58 5.71 -17.29 -42.19
CA THR D 58 4.95 -18.53 -42.18
C THR D 58 3.56 -18.31 -42.77
N ASP D 59 3.19 -19.15 -43.73
CA ASP D 59 1.94 -18.97 -44.47
C ASP D 59 0.71 -19.07 -43.59
N THR D 60 0.45 -20.26 -43.05
CA THR D 60 -0.76 -20.56 -42.30
C THR D 60 -2.00 -20.02 -43.00
N GLY D 61 -2.07 -20.28 -44.31
CA GLY D 61 -3.12 -19.71 -45.15
C GLY D 61 -4.52 -20.17 -44.82
N ASP D 62 -5.31 -19.28 -44.24
CA ASP D 62 -6.72 -19.54 -43.93
C ASP D 62 -6.89 -20.77 -43.02
N LEU D 63 -5.91 -21.03 -42.17
CA LEU D 63 -5.96 -22.15 -41.24
C LEU D 63 -5.82 -21.64 -39.81
N THR D 64 -6.62 -22.20 -38.91
CA THR D 64 -6.60 -21.86 -37.50
C THR D 64 -6.31 -23.12 -36.70
N LEU D 65 -5.45 -22.99 -35.68
CA LEU D 65 -5.09 -24.13 -34.86
C LEU D 65 -6.32 -24.69 -34.15
N GLU D 66 -6.48 -26.01 -34.20
CA GLU D 66 -7.62 -26.67 -33.60
C GLU D 66 -7.14 -27.76 -32.64
N GLU D 67 -8.08 -28.56 -32.13
CA GLU D 67 -7.78 -29.62 -31.18
C GLU D 67 -7.70 -30.95 -31.93
N VAL D 68 -6.54 -31.59 -31.86
CA VAL D 68 -6.36 -32.91 -32.47
C VAL D 68 -7.01 -33.93 -31.56
N LEU D 69 -8.08 -34.56 -32.05
CA LEU D 69 -8.85 -35.50 -31.24
C LEU D 69 -8.10 -36.77 -30.92
N LYS D 70 -6.98 -37.04 -31.59
CA LYS D 70 -6.18 -38.24 -31.38
C LYS D 70 -7.00 -39.51 -31.62
N ASN D 71 -8.01 -39.43 -32.49
CA ASN D 71 -8.88 -40.56 -32.81
C ASN D 71 -8.69 -41.03 -34.25
N GLN D 72 -7.57 -40.71 -34.87
CA GLN D 72 -7.37 -41.04 -36.28
C GLN D 72 -7.36 -42.54 -36.51
N GLU D 73 -6.81 -43.30 -35.56
CA GLU D 73 -6.66 -44.75 -35.75
C GLU D 73 -8.01 -45.44 -35.91
N LEU D 74 -8.97 -45.11 -35.06
CA LEU D 74 -10.30 -45.71 -35.17
C LEU D 74 -11.11 -45.07 -36.29
N LEU D 75 -11.00 -43.75 -36.45
CA LEU D 75 -11.79 -43.05 -37.44
C LEU D 75 -11.43 -43.48 -38.86
N TYR D 76 -10.15 -43.82 -39.11
CA TYR D 76 -9.76 -44.24 -40.44
C TYR D 76 -10.46 -45.52 -40.86
N ASP D 77 -10.44 -46.54 -39.98
CA ASP D 77 -11.09 -47.80 -40.30
C ASP D 77 -12.61 -47.63 -40.34
N ILE D 78 -13.17 -46.82 -39.44
CA ILE D 78 -14.60 -46.57 -39.47
C ILE D 78 -15.00 -45.94 -40.80
N SER D 79 -14.24 -44.94 -41.25
CA SER D 79 -14.52 -44.28 -42.52
C SER D 79 -14.40 -45.25 -43.68
N GLY D 80 -13.37 -46.11 -43.66
CA GLY D 80 -13.21 -47.07 -44.74
C GLY D 80 -14.38 -48.05 -44.82
N LYS D 81 -14.77 -48.60 -43.68
CA LYS D 81 -15.89 -49.54 -43.66
C LYS D 81 -17.19 -48.87 -44.09
N LEU D 82 -17.44 -47.66 -43.59
CA LEU D 82 -18.66 -46.94 -43.96
C LEU D 82 -18.65 -46.59 -45.44
N GLU D 83 -17.49 -46.22 -45.99
CA GLU D 83 -17.40 -45.94 -47.41
C GLU D 83 -17.70 -47.18 -48.24
N GLY D 84 -17.16 -48.34 -47.83
CA GLY D 84 -17.45 -49.56 -48.55
C GLY D 84 -18.93 -49.91 -48.52
N ILE D 85 -19.54 -49.82 -47.34
CA ILE D 85 -20.96 -50.16 -47.22
C ILE D 85 -21.81 -49.18 -48.02
N SER D 86 -21.49 -47.88 -47.95
CA SER D 86 -22.24 -46.88 -48.70
C SER D 86 -22.11 -47.09 -50.20
N GLY D 87 -20.91 -47.44 -50.67
CA GLY D 87 -20.73 -47.74 -52.08
C GLY D 87 -21.54 -48.95 -52.53
N ASP D 88 -21.55 -50.00 -51.71
CA ASP D 88 -22.34 -51.18 -52.05
C ASP D 88 -23.82 -50.86 -52.09
N LEU D 89 -24.31 -50.09 -51.11
CA LEU D 89 -25.72 -49.71 -51.09
C LEU D 89 -26.07 -48.84 -52.27
N SER D 90 -25.18 -47.91 -52.63
CA SER D 90 -25.42 -47.05 -53.79
C SER D 90 -25.48 -47.87 -55.07
N GLU D 91 -24.59 -48.86 -55.21
CA GLU D 91 -24.65 -49.74 -56.38
C GLU D 91 -25.96 -50.51 -56.41
N ILE D 92 -26.40 -51.03 -55.27
CA ILE D 92 -27.65 -51.77 -55.21
C ILE D 92 -28.82 -50.89 -55.63
N ILE D 93 -28.85 -49.66 -55.13
CA ILE D 93 -29.93 -48.73 -55.49
C ILE D 93 -29.87 -48.39 -56.97
N ALA D 94 -28.67 -48.13 -57.50
CA ALA D 94 -28.51 -47.73 -58.88
C ALA D 94 -28.80 -48.86 -59.87
N GLN D 95 -28.71 -50.12 -59.42
CA GLN D 95 -29.03 -51.23 -60.32
C GLN D 95 -30.49 -51.21 -60.77
N GLY D 96 -31.36 -50.51 -60.04
CA GLY D 96 -32.76 -50.45 -60.45
C GLY D 96 -33.49 -51.76 -60.21
N ASN D 97 -34.63 -51.89 -60.89
CA ASN D 97 -35.50 -53.06 -60.78
C ASN D 97 -35.94 -53.29 -59.34
N LEU D 98 -36.31 -52.21 -58.66
CA LEU D 98 -36.74 -52.26 -57.27
C LEU D 98 -38.09 -51.59 -57.12
N ASN D 99 -38.80 -51.97 -56.05
CA ASN D 99 -40.06 -51.32 -55.73
C ASN D 99 -39.84 -49.85 -55.41
N THR D 100 -40.81 -49.02 -55.79
CA THR D 100 -40.66 -47.57 -55.63
C THR D 100 -40.52 -47.19 -54.17
N GLU D 101 -41.39 -47.73 -53.31
CA GLU D 101 -41.31 -47.42 -51.89
C GLU D 101 -40.04 -48.02 -51.28
N LEU D 102 -39.69 -49.25 -51.67
CA LEU D 102 -38.47 -49.86 -51.19
C LEU D 102 -37.25 -49.07 -51.64
N ALA D 103 -37.23 -48.63 -52.90
CA ALA D 103 -36.11 -47.82 -53.37
C ALA D 103 -36.04 -46.50 -52.64
N LYS D 104 -37.20 -45.89 -52.34
CA LYS D 104 -37.20 -44.61 -51.64
C LYS D 104 -36.67 -44.75 -50.21
N GLU D 105 -37.10 -45.80 -49.50
CA GLU D 105 -36.60 -45.98 -48.13
C GLU D 105 -35.12 -46.38 -48.13
N LEU D 106 -34.68 -47.15 -49.13
CA LEU D 106 -33.25 -47.43 -49.26
C LEU D 106 -32.47 -46.14 -49.51
N LEU D 107 -33.02 -45.26 -50.35
CA LEU D 107 -32.37 -43.97 -50.59
C LEU D 107 -32.29 -43.14 -49.31
N LYS D 108 -33.35 -43.17 -48.51
CA LYS D 108 -33.33 -42.41 -47.25
C LYS D 108 -32.28 -42.94 -46.30
N ILE D 109 -32.22 -44.27 -46.13
CA ILE D 109 -31.21 -44.82 -45.21
C ILE D 109 -29.82 -44.61 -45.77
N ALA D 110 -29.66 -44.65 -47.10
CA ALA D 110 -28.36 -44.35 -47.70
C ALA D 110 -27.96 -42.90 -47.45
N ASN D 111 -28.92 -41.98 -47.53
CA ASN D 111 -28.63 -40.57 -47.23
C ASN D 111 -28.19 -40.41 -45.78
N GLU D 112 -28.87 -41.08 -44.85
CA GLU D 112 -28.49 -40.97 -43.44
C GLU D 112 -27.11 -41.58 -43.19
N GLN D 113 -26.83 -42.74 -43.79
CA GLN D 113 -25.50 -43.35 -43.66
C GLN D 113 -24.43 -42.45 -44.28
N ASN D 114 -24.76 -41.79 -45.39
CA ASN D 114 -23.83 -40.84 -45.99
C ASN D 114 -23.61 -39.63 -45.11
N ASN D 115 -24.64 -39.20 -44.37
CA ASN D 115 -24.46 -38.13 -43.40
C ASN D 115 -23.46 -38.55 -42.32
N VAL D 116 -23.61 -39.78 -41.80
CA VAL D 116 -22.69 -40.28 -40.79
C VAL D 116 -21.27 -40.34 -41.35
N LEU D 117 -21.14 -40.90 -42.56
CA LEU D 117 -19.82 -41.01 -43.19
C LEU D 117 -19.22 -39.64 -43.45
N THR D 118 -20.04 -38.67 -43.85
CA THR D 118 -19.54 -37.32 -44.10
C THR D 118 -19.05 -36.67 -42.81
N ASP D 119 -19.77 -36.86 -41.71
CA ASP D 119 -19.29 -36.33 -40.44
C ASP D 119 -17.95 -36.97 -40.04
N VAL D 120 -17.85 -38.29 -40.19
CA VAL D 120 -16.60 -38.97 -39.85
C VAL D 120 -15.46 -38.48 -40.75
N ASN D 121 -15.73 -38.33 -42.04
CA ASN D 121 -14.71 -37.87 -42.97
C ASN D 121 -14.31 -36.43 -42.70
N ASN D 122 -15.25 -35.58 -42.32
CA ASN D 122 -14.90 -34.21 -41.97
C ASN D 122 -14.00 -34.16 -40.74
N LYS D 123 -14.33 -34.96 -39.73
CA LYS D 123 -13.48 -35.02 -38.54
C LYS D 123 -12.09 -35.54 -38.89
N LEU D 124 -12.02 -36.58 -39.72
CA LEU D 124 -10.73 -37.13 -40.11
C LEU D 124 -9.93 -36.13 -40.95
N ASN D 125 -10.61 -35.39 -41.83
CA ASN D 125 -9.92 -34.38 -42.63
C ASN D 125 -9.39 -33.25 -41.77
N ALA D 126 -10.16 -32.83 -40.76
CA ALA D 126 -9.65 -31.83 -39.82
C ALA D 126 -8.42 -32.33 -39.09
N ILE D 127 -8.45 -33.59 -38.64
CA ILE D 127 -7.30 -34.16 -37.95
C ILE D 127 -6.09 -34.20 -38.88
N ASN D 128 -6.30 -34.64 -40.13
CA ASN D 128 -5.19 -34.74 -41.07
C ASN D 128 -4.64 -33.36 -41.42
N SER D 129 -5.50 -32.36 -41.56
CA SER D 129 -5.02 -31.01 -41.83
C SER D 129 -4.20 -30.48 -40.66
N MET D 130 -4.65 -30.75 -39.43
CA MET D 130 -3.86 -30.34 -38.28
C MET D 130 -2.51 -31.04 -38.23
N LEU D 131 -2.49 -32.34 -38.49
CA LEU D 131 -1.30 -33.14 -38.29
C LEU D 131 -0.36 -33.18 -39.49
N HIS D 132 -0.75 -32.63 -40.63
CA HIS D 132 0.05 -32.78 -41.84
C HIS D 132 0.45 -31.47 -42.49
N ILE D 133 -0.42 -30.46 -42.49
CA ILE D 133 -0.14 -29.20 -43.16
C ILE D 133 -0.11 -28.01 -42.21
N TYR D 134 -0.40 -28.21 -40.93
CA TYR D 134 -0.36 -27.12 -39.97
C TYR D 134 0.67 -27.33 -38.88
N LEU D 135 0.64 -28.49 -38.20
CA LEU D 135 1.59 -28.72 -37.11
C LEU D 135 3.06 -28.70 -37.54
N PRO D 136 3.47 -29.34 -38.64
CA PRO D 136 4.89 -29.24 -39.01
C PRO D 136 5.36 -27.82 -39.26
N LYS D 137 4.53 -26.99 -39.90
CA LYS D 137 4.92 -25.60 -40.13
C LYS D 137 5.04 -24.84 -38.83
N ILE D 138 4.11 -25.04 -37.91
CA ILE D 138 4.16 -24.35 -36.62
C ILE D 138 5.37 -24.81 -35.82
N THR D 139 5.71 -26.10 -35.89
CA THR D 139 6.87 -26.60 -35.16
C THR D 139 8.16 -26.05 -35.74
N ASN D 140 8.27 -25.97 -37.07
CA ASN D 140 9.44 -25.36 -37.68
C ASN D 140 9.56 -23.89 -37.29
N MET D 141 8.43 -23.17 -37.31
CA MET D 141 8.46 -21.77 -36.89
C MET D 141 8.90 -21.64 -35.44
N LEU D 142 8.40 -22.50 -34.56
CA LEU D 142 8.79 -22.45 -33.16
C LEU D 142 10.27 -22.77 -32.99
N SER D 143 10.78 -23.74 -33.74
CA SER D 143 12.20 -24.06 -33.68
C SER D 143 13.05 -22.86 -34.07
N ASP D 144 12.71 -22.22 -35.20
CA ASP D 144 13.46 -21.05 -35.62
C ASP D 144 13.34 -19.91 -34.62
N VAL D 145 12.14 -19.70 -34.08
CA VAL D 145 11.93 -18.62 -33.12
C VAL D 145 12.76 -18.84 -31.87
N MET D 146 12.76 -20.07 -31.34
CA MET D 146 13.52 -20.33 -30.13
C MET D 146 15.02 -20.28 -30.39
N LYS D 147 15.48 -20.71 -31.58
CA LYS D 147 16.89 -20.61 -31.90
C LYS D 147 17.33 -19.15 -31.93
N GLN D 148 16.58 -18.30 -32.63
CA GLN D 148 16.95 -16.89 -32.72
C GLN D 148 16.78 -16.18 -31.38
N ASN D 149 15.78 -16.58 -30.59
CA ASN D 149 15.61 -16.01 -29.26
C ASN D 149 16.76 -16.37 -28.34
N TYR D 150 17.23 -17.63 -28.41
CA TYR D 150 18.41 -18.02 -27.64
C TYR D 150 19.64 -17.26 -28.09
N ALA D 151 19.79 -17.07 -29.41
CA ALA D 151 20.93 -16.31 -29.92
C ALA D 151 20.91 -14.88 -29.42
N LEU D 152 19.73 -14.26 -29.39
CA LEU D 152 19.63 -12.89 -28.89
C LEU D 152 19.85 -12.82 -27.38
N SER D 153 19.29 -13.78 -26.63
CA SER D 153 19.44 -13.79 -25.19
C SER D 153 20.86 -14.11 -24.75
N LEU D 154 21.66 -14.74 -25.62
CA LEU D 154 23.08 -14.92 -25.30
C LEU D 154 23.78 -13.58 -25.14
N GLN D 155 23.31 -12.54 -25.83
CA GLN D 155 23.86 -11.21 -25.62
C GLN D 155 23.61 -10.72 -24.20
N ILE D 156 22.37 -10.86 -23.73
CA ILE D 156 22.04 -10.46 -22.35
C ILE D 156 22.26 -11.69 -21.48
N GLU D 157 23.50 -11.93 -21.15
CA GLU D 157 23.86 -12.92 -20.15
C GLU D 157 24.82 -12.36 -19.12
N TYR D 158 25.79 -11.55 -19.56
CA TYR D 158 26.65 -10.84 -18.62
C TYR D 158 25.86 -9.80 -17.82
N LEU D 159 24.93 -9.11 -18.49
CA LEU D 159 24.16 -8.08 -17.82
C LEU D 159 23.19 -8.67 -16.80
N SER D 160 22.64 -9.85 -17.10
CA SER D 160 21.81 -10.53 -16.11
C SER D 160 22.62 -10.90 -14.88
N LYS D 161 23.86 -11.36 -15.09
CA LYS D 161 24.74 -11.66 -13.96
C LYS D 161 25.06 -10.40 -13.16
N GLN D 162 25.29 -9.28 -13.85
CA GLN D 162 25.56 -8.03 -13.15
C GLN D 162 24.36 -7.60 -12.32
N LEU D 163 23.15 -7.72 -12.88
CA LEU D 163 21.95 -7.37 -12.12
C LEU D 163 21.77 -8.31 -10.93
N GLN D 164 22.05 -9.60 -11.11
CA GLN D 164 21.96 -10.53 -9.99
C GLN D 164 22.96 -10.18 -8.89
N GLU D 165 24.18 -9.80 -9.28
CA GLU D 165 25.17 -9.39 -8.29
C GLU D 165 24.72 -8.12 -7.55
N ILE D 166 24.15 -7.17 -8.28
CA ILE D 166 23.65 -5.94 -7.64
C ILE D 166 22.55 -6.28 -6.64
N SER D 167 21.63 -7.17 -7.04
CA SER D 167 20.56 -7.58 -6.12
C SER D 167 21.13 -8.28 -4.89
N ASP D 168 22.11 -9.16 -5.09
CA ASP D 168 22.72 -9.86 -3.96
C ASP D 168 23.47 -8.89 -3.03
N LYS D 169 23.99 -7.80 -3.58
CA LYS D 169 24.62 -6.79 -2.74
C LYS D 169 23.59 -5.93 -2.01
N LEU D 170 22.44 -5.69 -2.63
CA LEU D 170 21.44 -4.81 -2.03
C LEU D 170 20.82 -5.43 -0.78
N ASP D 171 20.38 -6.69 -0.87
CA ASP D 171 19.64 -7.29 0.22
C ASP D 171 20.52 -7.62 1.42
N VAL D 172 21.82 -7.80 1.21
CA VAL D 172 22.71 -8.11 2.32
C VAL D 172 22.88 -6.90 3.23
N ILE D 173 23.10 -5.72 2.65
CA ILE D 173 23.32 -4.51 3.43
C ILE D 173 22.29 -3.46 3.06
N ASN D 174 21.19 -3.41 3.79
CA ASN D 174 20.17 -2.40 3.60
C ASN D 174 19.28 -2.35 4.83
N LEU D 175 18.36 -1.39 4.83
CA LEU D 175 17.47 -1.16 5.96
C LEU D 175 16.15 -0.61 5.42
N ASN D 176 15.34 -0.01 6.30
CA ASN D 176 14.05 0.53 5.90
C ASN D 176 14.18 1.65 4.88
N VAL D 177 15.38 2.23 4.73
CA VAL D 177 15.59 3.25 3.70
C VAL D 177 15.32 2.69 2.32
N LEU D 178 15.68 1.42 2.10
CA LEU D 178 15.36 0.75 0.84
C LEU D 178 13.87 0.76 0.57
N ILE D 179 13.05 0.77 1.61
CA ILE D 179 11.60 0.85 1.44
C ILE D 179 11.22 2.11 0.69
N ASN D 180 11.91 3.22 0.98
CA ASN D 180 11.66 4.47 0.27
C ASN D 180 12.12 4.45 -1.18
N CYS D 181 12.87 3.42 -1.58
CA CYS D 181 13.39 3.30 -2.93
C CYS D 181 12.88 2.03 -3.60
N THR D 182 11.60 1.74 -3.43
CA THR D 182 10.97 0.56 -4.03
C THR D 182 9.67 0.97 -4.70
N CYS D 183 9.34 0.27 -5.79
CA CYS D 183 8.12 0.52 -6.54
C CYS D 183 7.24 -0.72 -6.49
N THR D 184 5.96 -0.51 -6.15
CA THR D 184 4.98 -1.58 -6.09
C THR D 184 4.03 -1.59 -7.28
N GLU D 185 3.83 -0.45 -7.94
CA GLU D 185 2.92 -0.36 -9.07
C GLU D 185 3.40 -1.21 -10.26
N ILE D 186 4.70 -1.51 -10.34
CA ILE D 186 5.25 -2.24 -11.47
C ILE D 186 5.40 -3.73 -11.20
N THR D 187 5.27 -4.16 -9.94
CA THR D 187 5.49 -5.57 -9.62
C THR D 187 4.54 -6.52 -10.34
N PRO D 188 3.22 -6.28 -10.39
CA PRO D 188 2.36 -7.25 -11.11
C PRO D 188 2.70 -7.40 -12.57
N ALA D 189 2.88 -6.29 -13.29
CA ALA D 189 3.19 -6.36 -14.72
C ALA D 189 4.54 -7.04 -14.95
N TYR D 190 5.55 -6.69 -14.14
CA TYR D 190 6.87 -7.29 -14.29
C TYR D 190 6.83 -8.79 -14.05
N GLN D 191 6.14 -9.22 -12.98
CA GLN D 191 6.03 -10.64 -12.70
C GLN D 191 5.29 -11.36 -13.81
N ARG D 192 4.21 -10.76 -14.31
CA ARG D 192 3.44 -11.38 -15.39
C ARG D 192 4.30 -11.56 -16.63
N ILE D 193 5.03 -10.51 -17.02
CA ILE D 193 5.86 -10.57 -18.23
C ILE D 193 6.96 -11.61 -18.07
N LYS D 194 7.65 -11.61 -16.92
CA LYS D 194 8.73 -12.55 -16.72
C LYS D 194 8.23 -13.99 -16.71
N TYR D 195 7.10 -14.24 -16.04
CA TYR D 195 6.55 -15.58 -16.02
C TYR D 195 6.11 -16.03 -17.41
N VAL D 196 5.49 -15.14 -18.17
CA VAL D 196 5.06 -15.51 -19.52
C VAL D 196 6.25 -15.85 -20.39
N ASN D 197 7.31 -15.04 -20.32
CA ASN D 197 8.50 -15.32 -21.11
C ASN D 197 9.12 -16.65 -20.72
N GLU D 198 9.28 -16.89 -19.42
CA GLU D 198 9.88 -18.14 -18.96
C GLU D 198 9.03 -19.35 -19.37
N LYS D 199 7.71 -19.25 -19.20
CA LYS D 199 6.84 -20.36 -19.54
C LYS D 199 6.84 -20.64 -21.04
N PHE D 200 6.83 -19.59 -21.85
CA PHE D 200 6.89 -19.79 -23.30
C PHE D 200 8.20 -20.44 -23.72
N ASP D 201 9.32 -19.97 -23.14
CA ASP D 201 10.60 -20.59 -23.46
C ASP D 201 10.62 -22.05 -23.04
N GLU D 202 10.10 -22.36 -21.85
CA GLU D 202 10.08 -23.74 -21.38
C GLU D 202 9.23 -24.62 -22.29
N LEU D 203 8.05 -24.15 -22.67
CA LEU D 203 7.16 -24.94 -23.51
C LEU D 203 7.76 -25.16 -24.90
N THR D 204 8.36 -24.11 -25.48
CA THR D 204 8.98 -24.26 -26.79
C THR D 204 10.16 -25.22 -26.73
N LEU D 205 10.96 -25.13 -25.65
CA LEU D 205 12.07 -26.07 -25.49
C LEU D 205 11.57 -27.50 -25.36
N ALA D 206 10.48 -27.70 -24.61
CA ALA D 206 9.91 -29.03 -24.48
C ALA D 206 9.42 -29.56 -25.82
N THR D 207 8.75 -28.71 -26.61
CA THR D 207 8.27 -29.14 -27.92
C THR D 207 9.42 -29.52 -28.83
N GLU D 208 10.47 -28.71 -28.86
CA GLU D 208 11.62 -29.05 -29.71
C GLU D 208 12.34 -30.29 -29.21
N LYS D 209 12.40 -30.48 -27.89
CA LYS D 209 13.03 -31.68 -27.35
C LYS D 209 12.26 -32.94 -27.73
N THR D 210 10.93 -32.90 -27.64
CA THR D 210 10.14 -34.07 -27.99
C THR D 210 10.02 -34.26 -29.50
N LEU D 211 10.28 -33.22 -30.29
CA LEU D 211 10.31 -33.39 -31.73
C LEU D 211 11.50 -34.25 -32.16
N ARG D 212 12.67 -34.01 -31.57
CA ARG D 212 13.89 -34.72 -31.95
C ARG D 212 13.99 -36.03 -31.17
N ALA D 213 13.10 -36.95 -31.53
CA ALA D 213 13.06 -38.27 -30.91
C ALA D 213 12.49 -39.31 -31.86
N ILE D 221 0.75 -38.86 -34.81
CA ILE D 221 2.04 -39.32 -34.28
C ILE D 221 2.59 -38.33 -33.26
N ALA D 222 3.51 -38.80 -32.42
CA ALA D 222 4.17 -37.98 -31.41
C ALA D 222 3.15 -37.35 -30.46
N ASN D 223 2.49 -38.24 -29.69
CA ASN D 223 1.49 -37.79 -28.73
C ASN D 223 2.09 -36.88 -27.68
N ASP D 224 3.36 -37.08 -27.32
CA ASP D 224 4.03 -36.16 -26.42
C ASP D 224 4.13 -34.77 -27.05
N THR D 225 4.47 -34.71 -28.33
CA THR D 225 4.43 -33.42 -29.04
C THR D 225 3.03 -32.86 -29.04
N LEU D 226 2.01 -33.71 -29.16
CA LEU D 226 0.63 -33.24 -29.14
C LEU D 226 0.27 -32.60 -27.81
N GLU D 227 0.67 -33.22 -26.70
CA GLU D 227 0.32 -32.63 -25.40
C GLU D 227 1.14 -31.39 -25.11
N ASN D 228 2.40 -31.35 -25.55
CA ASN D 228 3.18 -30.13 -25.43
C ASN D 228 2.57 -29.00 -26.23
N LEU D 229 2.11 -29.30 -27.45
CA LEU D 229 1.42 -28.31 -28.27
C LEU D 229 0.11 -27.88 -27.64
N THR D 230 -0.58 -28.79 -26.95
CA THR D 230 -1.81 -28.41 -26.25
C THR D 230 -1.52 -27.41 -25.14
N GLU D 231 -0.47 -27.68 -24.34
CA GLU D 231 -0.11 -26.74 -23.29
C GLU D 231 0.31 -25.39 -23.86
N LEU D 232 1.11 -25.42 -24.93
CA LEU D 232 1.52 -24.17 -25.58
C LEU D 232 0.32 -23.44 -26.17
N THR D 233 -0.66 -24.18 -26.68
CA THR D 233 -1.87 -23.57 -27.20
C THR D 233 -2.67 -22.89 -26.10
N GLU D 234 -2.77 -23.54 -24.94
CA GLU D 234 -3.43 -22.89 -23.81
C GLU D 234 -2.72 -21.60 -23.43
N LEU D 235 -1.39 -21.64 -23.36
CA LEU D 235 -0.63 -20.44 -23.02
C LEU D 235 -0.83 -19.35 -24.07
N ALA D 236 -0.80 -19.71 -25.34
CA ALA D 236 -1.00 -18.74 -26.41
C ALA D 236 -2.40 -18.14 -26.37
N LYS D 237 -3.40 -18.97 -26.10
CA LYS D 237 -4.78 -18.48 -26.02
C LYS D 237 -4.94 -17.51 -24.87
N SER D 238 -4.28 -17.78 -23.74
CA SER D 238 -4.31 -16.84 -22.63
C SER D 238 -3.59 -15.54 -22.97
N VAL D 239 -2.43 -15.63 -23.63
CA VAL D 239 -1.64 -14.44 -23.90
C VAL D 239 -2.33 -13.54 -24.91
N THR D 240 -2.87 -14.13 -25.99
CA THR D 240 -3.48 -13.34 -27.05
C THR D 240 -4.91 -12.92 -26.76
N LYS D 241 -5.49 -13.37 -25.65
CA LYS D 241 -6.85 -12.99 -25.32
C LYS D 241 -6.93 -11.51 -25.01
N ASN D 242 -7.95 -10.84 -25.55
CA ASN D 242 -8.14 -9.41 -25.38
C ASN D 242 -9.17 -9.17 -24.29
N ASP D 243 -8.74 -8.56 -23.19
CA ASP D 243 -9.62 -8.21 -22.09
C ASP D 243 -8.90 -7.15 -21.25
N MET D 244 -9.45 -6.85 -20.08
CA MET D 244 -8.85 -5.84 -19.21
C MET D 244 -7.60 -6.36 -18.50
N ASP D 245 -7.34 -7.66 -18.54
CA ASP D 245 -6.13 -8.24 -17.96
C ASP D 245 -5.27 -8.91 -19.02
N SER D 246 -5.28 -8.37 -20.24
CA SER D 246 -4.55 -8.97 -21.34
C SER D 246 -3.04 -8.77 -21.16
N PHE D 247 -2.27 -9.62 -21.85
CA PHE D 247 -0.82 -9.51 -21.78
C PHE D 247 -0.32 -8.20 -22.38
N GLU D 248 -0.95 -7.76 -23.48
CA GLU D 248 -0.58 -6.48 -24.07
C GLU D 248 -0.87 -5.33 -23.12
N PHE D 249 -1.95 -5.43 -22.35
CA PHE D 249 -2.24 -4.43 -21.33
C PHE D 249 -1.12 -4.37 -20.30
N TYR D 250 -0.62 -5.53 -19.87
CA TYR D 250 0.47 -5.53 -18.91
C TYR D 250 1.76 -4.99 -19.51
N LEU D 251 1.99 -5.25 -20.80
CA LEU D 251 3.15 -4.64 -21.47
C LEU D 251 3.06 -3.12 -21.46
N HIS D 252 1.89 -2.60 -21.83
CA HIS D 252 1.72 -1.14 -21.85
C HIS D 252 1.82 -0.54 -20.45
N THR D 253 1.27 -1.24 -19.45
CA THR D 253 1.37 -0.76 -18.08
C THR D 253 2.82 -0.75 -17.61
N PHE D 254 3.57 -1.80 -17.94
CA PHE D 254 4.98 -1.86 -17.59
C PHE D 254 5.74 -0.70 -18.21
N HIS D 255 5.48 -0.43 -19.50
CA HIS D 255 6.15 0.69 -20.16
C HIS D 255 5.77 2.02 -19.52
N ASP D 256 4.48 2.21 -19.20
CA ASP D 256 4.04 3.47 -18.62
C ASP D 256 4.65 3.70 -17.24
N VAL D 257 4.71 2.65 -16.42
CA VAL D 257 5.32 2.80 -15.10
C VAL D 257 6.82 3.05 -15.22
N LEU D 258 7.46 2.42 -16.21
CA LEU D 258 8.89 2.68 -16.42
C LEU D 258 9.14 4.13 -16.79
N ILE D 259 8.41 4.65 -17.80
CA ILE D 259 8.63 6.02 -18.23
C ILE D 259 8.00 7.05 -17.30
N GLY D 260 7.15 6.61 -16.37
CA GLY D 260 6.56 7.53 -15.42
C GLY D 260 5.23 8.10 -15.80
N ASN D 261 4.40 7.36 -16.52
CA ASN D 261 3.05 7.83 -16.86
C ASN D 261 2.03 7.36 -15.81
N ASN D 262 2.33 7.65 -14.55
CA ASN D 262 1.45 7.31 -13.44
C ASN D 262 0.60 8.52 -13.08
N LEU D 263 -0.15 8.40 -11.98
CA LEU D 263 -0.91 9.55 -11.48
C LEU D 263 0.02 10.67 -11.03
N PHE D 264 1.12 10.31 -10.35
CA PHE D 264 2.07 11.30 -9.86
C PHE D 264 3.47 11.06 -10.42
N GLY D 265 3.55 10.48 -11.62
CA GLY D 265 4.80 10.39 -12.35
C GLY D 265 5.91 9.67 -11.63
N ARG D 266 5.58 8.67 -10.80
CA ARG D 266 6.60 7.90 -10.10
C ARG D 266 7.23 6.94 -11.09
N SER D 267 8.26 7.43 -11.79
CA SER D 267 8.95 6.61 -12.77
C SER D 267 9.73 5.50 -12.09
N ALA D 268 9.54 4.27 -12.55
CA ALA D 268 10.27 3.14 -11.98
C ALA D 268 11.74 3.18 -12.37
N LEU D 269 12.05 3.70 -13.56
CA LEU D 269 13.45 3.78 -13.98
C LEU D 269 14.26 4.68 -13.06
N LYS D 270 13.73 5.86 -12.74
CA LYS D 270 14.46 6.78 -11.88
C LYS D 270 14.59 6.24 -10.46
N THR D 271 13.53 5.61 -9.94
CA THR D 271 13.61 5.02 -8.61
C THR D 271 14.64 3.90 -8.56
N ALA D 272 14.65 3.03 -9.57
CA ALA D 272 15.63 1.95 -9.60
C ALA D 272 17.04 2.50 -9.79
N ALA D 273 17.20 3.57 -10.56
CA ALA D 273 18.51 4.17 -10.75
C ALA D 273 19.04 4.75 -9.45
N GLU D 274 18.19 5.48 -8.71
CA GLU D 274 18.63 6.03 -7.43
C GLU D 274 18.83 4.93 -6.39
N LEU D 275 18.17 3.78 -6.55
CA LEU D 275 18.44 2.65 -5.66
C LEU D 275 19.79 2.02 -5.98
N ILE D 276 20.11 1.88 -7.27
CA ILE D 276 21.37 1.24 -7.66
C ILE D 276 22.56 2.13 -7.31
N THR D 277 22.43 3.43 -7.53
CA THR D 277 23.56 4.35 -7.34
C THR D 277 23.95 4.55 -5.89
N LYS D 278 23.37 3.83 -4.93
CA LYS D 278 23.80 3.95 -3.55
C LYS D 278 25.22 3.44 -3.40
N ASP D 279 26.03 4.15 -2.60
CA ASP D 279 27.43 3.81 -2.44
C ASP D 279 27.64 2.51 -1.67
N GLU D 280 26.60 1.99 -1.00
CA GLU D 280 26.75 0.73 -0.28
C GLU D 280 27.01 -0.44 -1.22
N ILE D 281 26.55 -0.34 -2.46
CA ILE D 281 26.79 -1.39 -3.44
C ILE D 281 28.24 -1.30 -3.92
N LYS D 282 28.97 -2.40 -3.81
CA LYS D 282 30.37 -2.47 -4.23
C LYS D 282 30.47 -3.54 -5.31
N THR D 283 30.24 -3.14 -6.56
CA THR D 283 30.32 -4.02 -7.70
C THR D 283 31.11 -3.35 -8.82
N SER D 284 31.56 -4.16 -9.76
CA SER D 284 32.33 -3.65 -10.89
C SER D 284 31.45 -2.77 -11.78
N GLY D 285 32.06 -1.74 -12.35
CA GLY D 285 31.37 -0.83 -13.23
C GLY D 285 30.92 0.44 -12.51
N SER D 286 30.78 1.50 -13.29
CA SER D 286 30.32 2.78 -12.78
C SER D 286 28.80 2.77 -12.62
N GLU D 287 28.26 3.86 -12.08
CA GLU D 287 26.81 3.98 -11.96
C GLU D 287 26.15 3.98 -13.33
N ILE D 288 26.77 4.64 -14.30
CA ILE D 288 26.25 4.64 -15.66
C ILE D 288 26.13 3.21 -16.18
N GLY D 289 27.17 2.40 -15.96
CA GLY D 289 27.14 1.03 -16.45
C GLY D 289 26.05 0.20 -15.79
N LYS D 290 25.89 0.34 -14.46
CA LYS D 290 24.87 -0.43 -13.75
C LYS D 290 23.47 -0.05 -14.20
N VAL D 291 23.20 1.26 -14.29
CA VAL D 291 21.86 1.70 -14.69
C VAL D 291 21.59 1.32 -16.14
N TYR D 292 22.62 1.39 -17.00
CA TYR D 292 22.44 0.97 -18.38
C TYR D 292 22.18 -0.52 -18.48
N SER D 293 22.85 -1.32 -17.65
CA SER D 293 22.58 -2.76 -17.63
C SER D 293 21.15 -3.05 -17.19
N PHE D 294 20.68 -2.35 -16.17
CA PHE D 294 19.29 -2.52 -15.73
C PHE D 294 18.31 -2.14 -16.84
N LEU D 295 18.58 -1.02 -17.51
CA LEU D 295 17.71 -0.60 -18.62
C LEU D 295 17.73 -1.63 -19.74
N ILE D 296 18.89 -2.19 -20.05
CA ILE D 296 18.99 -3.20 -21.09
C ILE D 296 18.19 -4.43 -20.70
N VAL D 297 18.29 -4.86 -19.44
CA VAL D 297 17.53 -6.02 -18.99
C VAL D 297 16.03 -5.77 -19.19
N LEU D 298 15.55 -4.60 -18.76
CA LEU D 298 14.13 -4.30 -18.90
C LEU D 298 13.70 -4.23 -20.36
N THR D 299 14.50 -3.56 -21.20
CA THR D 299 14.12 -3.40 -22.60
C THR D 299 14.13 -4.75 -23.33
N CYS D 300 15.11 -5.59 -23.04
CA CYS D 300 15.15 -6.90 -23.66
C CYS D 300 14.03 -7.81 -23.14
N LEU D 301 13.65 -7.64 -21.87
CA LEU D 301 12.47 -8.35 -21.38
C LEU D 301 11.23 -7.94 -22.14
N GLN D 302 11.06 -6.64 -22.38
CA GLN D 302 9.92 -6.17 -23.17
C GLN D 302 9.96 -6.72 -24.58
N ALA D 303 11.14 -6.70 -25.20
CA ALA D 303 11.26 -7.20 -26.58
C ALA D 303 10.94 -8.69 -26.65
N LYS D 304 11.43 -9.47 -25.70
CA LYS D 304 11.14 -10.88 -25.68
C LYS D 304 9.67 -11.15 -25.41
N ALA D 305 9.03 -10.32 -24.57
CA ALA D 305 7.60 -10.46 -24.34
C ALA D 305 6.79 -10.16 -25.61
N PHE D 306 7.18 -9.13 -26.35
CA PHE D 306 6.52 -8.85 -27.62
C PHE D 306 6.75 -9.98 -28.62
N LEU D 307 7.94 -10.56 -28.62
CA LEU D 307 8.21 -11.72 -29.46
C LEU D 307 7.31 -12.89 -29.10
N THR D 308 7.14 -13.14 -27.79
CA THR D 308 6.25 -14.19 -27.32
C THR D 308 4.82 -13.92 -27.77
N LEU D 309 4.37 -12.66 -27.66
CA LEU D 309 3.02 -12.33 -28.09
C LEU D 309 2.83 -12.56 -29.59
N THR D 310 3.80 -12.16 -30.40
CA THR D 310 3.70 -12.38 -31.84
C THR D 310 3.70 -13.87 -32.18
N ALA D 311 4.56 -14.65 -31.53
CA ALA D 311 4.61 -16.08 -31.79
C ALA D 311 3.31 -16.75 -31.37
N CYS D 312 2.73 -16.31 -30.25
CA CYS D 312 1.45 -16.87 -29.81
C CYS D 312 0.33 -16.51 -30.77
N ARG D 313 0.34 -15.29 -31.30
CA ARG D 313 -0.67 -14.89 -32.28
C ARG D 313 -0.56 -15.74 -33.54
N LYS D 314 0.67 -15.96 -34.02
CA LYS D 314 0.84 -16.78 -35.22
C LYS D 314 0.50 -18.24 -34.97
N LEU D 315 0.80 -18.74 -33.76
CA LEU D 315 0.55 -20.14 -33.46
C LEU D 315 -0.94 -20.45 -33.50
N LEU D 316 -1.78 -19.54 -33.01
CA LEU D 316 -3.22 -19.74 -33.02
C LEU D 316 -3.85 -19.44 -34.38
N GLY D 317 -3.08 -18.94 -35.34
CA GLY D 317 -3.62 -18.60 -36.64
C GLY D 317 -4.36 -17.28 -36.70
N LEU D 318 -4.18 -16.42 -35.70
CA LEU D 318 -4.84 -15.12 -35.71
C LEU D 318 -4.22 -14.21 -36.75
N SER D 319 -4.89 -13.11 -37.03
CA SER D 319 -4.38 -12.14 -37.99
C SER D 319 -3.08 -11.53 -37.50
N ASP D 320 -2.16 -11.31 -38.43
CA ASP D 320 -0.84 -10.80 -38.08
C ASP D 320 -0.93 -9.34 -37.66
N ILE D 321 -0.41 -9.03 -36.48
CA ILE D 321 -0.31 -7.67 -35.97
C ILE D 321 1.16 -7.33 -35.82
N ASP D 322 1.60 -6.27 -36.47
CA ASP D 322 3.01 -5.89 -36.45
C ASP D 322 3.27 -5.05 -35.21
N TYR D 323 4.04 -5.60 -34.27
CA TYR D 323 4.36 -4.92 -33.02
C TYR D 323 5.68 -4.17 -33.08
N THR D 324 6.30 -4.07 -34.26
CA THR D 324 7.57 -3.36 -34.38
C THR D 324 7.42 -1.89 -34.00
N ASN D 325 6.34 -1.25 -34.45
CA ASN D 325 6.14 0.17 -34.17
C ASN D 325 5.97 0.42 -32.67
N ILE D 326 5.11 -0.36 -32.02
CA ILE D 326 4.84 -0.12 -30.61
C ILE D 326 6.05 -0.49 -29.76
N LEU D 327 6.72 -1.59 -30.10
CA LEU D 327 7.93 -1.97 -29.38
C LEU D 327 9.02 -0.91 -29.53
N ASN D 328 9.21 -0.40 -30.75
CA ASN D 328 10.19 0.65 -30.96
C ASN D 328 9.81 1.91 -30.20
N GLN D 329 8.53 2.24 -30.15
CA GLN D 329 8.09 3.41 -29.40
C GLN D 329 8.40 3.26 -27.92
N HIS D 330 8.09 2.09 -27.36
CA HIS D 330 8.36 1.85 -25.95
C HIS D 330 9.86 1.93 -25.65
N LEU D 331 10.67 1.25 -26.47
CA LEU D 331 12.12 1.26 -26.24
C LEU D 331 12.70 2.66 -26.39
N ASN D 332 12.24 3.41 -27.40
CA ASN D 332 12.74 4.77 -27.58
C ASN D 332 12.33 5.67 -26.43
N ASP D 333 11.09 5.54 -25.94
CA ASP D 333 10.67 6.37 -24.81
C ASP D 333 11.50 6.05 -23.58
N GLU D 334 11.73 4.76 -23.30
CA GLU D 334 12.51 4.41 -22.11
C GLU D 334 13.97 4.87 -22.25
N LYS D 335 14.55 4.71 -23.43
CA LYS D 335 15.93 5.17 -23.63
C LYS D 335 16.03 6.68 -23.54
N ASN D 336 15.03 7.40 -24.04
CA ASN D 336 15.03 8.85 -23.93
C ASN D 336 14.91 9.29 -22.48
N VAL D 337 14.07 8.61 -21.70
CA VAL D 337 13.95 8.91 -20.28
C VAL D 337 15.29 8.69 -19.58
N PHE D 338 15.94 7.56 -19.87
CA PHE D 338 17.24 7.28 -19.27
C PHE D 338 18.28 8.32 -19.69
N ARG D 339 18.25 8.74 -20.95
CA ARG D 339 19.25 9.67 -21.48
C ARG D 339 19.06 11.09 -20.97
N ASP D 340 17.82 11.52 -20.76
CA ASP D 340 17.54 12.91 -20.40
C ASP D 340 17.37 13.14 -18.91
N ASN D 341 16.80 12.18 -18.18
CA ASN D 341 16.51 12.39 -16.77
C ASN D 341 17.41 11.61 -15.83
N ILE D 342 18.19 10.65 -16.33
CA ILE D 342 19.03 9.80 -15.51
C ILE D 342 20.49 9.89 -15.90
N LEU D 343 20.78 9.83 -17.21
CA LEU D 343 22.17 9.72 -17.66
C LEU D 343 23.04 10.89 -17.24
N PRO D 344 22.64 12.17 -17.40
CA PRO D 344 23.55 13.26 -17.00
C PRO D 344 23.46 13.58 -15.52
N THR D 345 23.35 12.53 -14.69
CA THR D 345 23.41 12.66 -13.25
C THR D 345 24.23 11.57 -12.58
N LEU D 346 24.74 10.61 -13.35
CA LEU D 346 25.43 9.45 -12.80
C LEU D 346 26.94 9.63 -12.95
N SER D 347 27.68 9.33 -11.88
CA SER D 347 29.12 9.40 -11.93
C SER D 347 29.67 8.27 -12.80
N ASN D 348 30.72 8.58 -13.56
CA ASN D 348 31.39 7.61 -14.41
C ASN D 348 32.56 6.94 -13.72
N LYS D 349 32.74 7.17 -12.42
CA LYS D 349 33.83 6.56 -11.68
C LYS D 349 33.53 5.10 -11.37
N PHE D 350 34.51 4.23 -11.58
CA PHE D 350 34.40 2.83 -11.22
C PHE D 350 35.63 2.41 -10.45
N SER D 351 35.44 1.48 -9.51
CA SER D 351 36.52 1.01 -8.65
C SER D 351 36.43 -0.51 -8.54
N ASN D 352 37.41 -1.09 -7.87
CA ASN D 352 37.41 -2.53 -7.67
C ASN D 352 36.28 -2.95 -6.75
N PRO D 353 35.68 -4.11 -6.99
CA PRO D 353 34.53 -4.53 -6.19
C PRO D 353 34.90 -5.24 -4.89
N ASN D 354 36.10 -5.82 -4.82
CA ASN D 354 36.48 -6.64 -3.68
C ASN D 354 37.85 -6.25 -3.15
N TYR D 355 38.13 -6.68 -1.93
CA TYR D 355 39.43 -6.50 -1.32
C TYR D 355 39.89 -7.83 -0.73
N VAL D 356 41.20 -8.07 -0.78
CA VAL D 356 41.79 -9.30 -0.27
C VAL D 356 42.98 -8.95 0.61
N LYS D 357 43.04 -9.52 1.80
CA LYS D 357 44.16 -9.29 2.70
C LYS D 357 45.38 -10.06 2.21
N THR D 358 46.48 -9.35 1.96
CA THR D 358 47.69 -9.97 1.45
C THR D 358 48.90 -9.33 2.12
N ILE D 359 50.04 -10.00 1.99
CA ILE D 359 51.30 -9.56 2.57
C ILE D 359 52.22 -8.96 1.52
N GLY D 360 52.42 -9.64 0.41
CA GLY D 360 53.30 -9.11 -0.62
C GLY D 360 54.76 -9.16 -0.20
N SER D 361 55.54 -8.22 -0.73
CA SER D 361 56.97 -8.16 -0.46
C SER D 361 57.43 -6.71 -0.50
N ASP D 362 58.64 -6.48 0.02
CA ASP D 362 59.25 -5.16 0.07
C ASP D 362 60.26 -4.94 -1.05
N ASN D 363 60.35 -5.86 -2.00
CA ASN D 363 61.34 -5.73 -3.06
C ASN D 363 60.91 -4.66 -4.07
N TYR D 364 61.86 -4.25 -4.90
CA TYR D 364 61.58 -3.32 -5.98
C TYR D 364 60.58 -3.94 -6.96
N ALA D 365 59.62 -3.12 -7.41
CA ALA D 365 58.58 -3.63 -8.30
C ALA D 365 58.17 -2.54 -9.28
N LYS D 366 58.30 -2.82 -10.57
CA LYS D 366 57.90 -1.90 -11.62
C LYS D 366 56.89 -2.57 -12.53
N VAL D 367 55.75 -1.92 -12.75
CA VAL D 367 54.69 -2.43 -13.61
C VAL D 367 54.33 -1.35 -14.62
N ILE D 368 54.53 -1.64 -15.90
CA ILE D 368 54.27 -0.67 -16.97
C ILE D 368 53.13 -1.21 -17.81
N LEU D 369 51.98 -0.52 -17.77
CA LEU D 369 50.83 -0.88 -18.60
C LEU D 369 50.85 -0.12 -19.93
N GLU D 370 51.98 -0.20 -20.62
CA GLU D 370 52.15 0.55 -21.87
C GLU D 370 51.34 -0.08 -22.99
N ALA D 371 50.65 0.76 -23.74
CA ALA D 371 49.90 0.35 -24.91
C ALA D 371 50.59 0.84 -26.17
N GLU D 372 50.20 0.24 -27.30
CA GLU D 372 50.76 0.63 -28.59
C GLU D 372 50.31 2.04 -28.94
N PRO D 373 51.03 2.72 -29.85
CA PRO D 373 50.69 4.11 -30.17
C PRO D 373 49.25 4.30 -30.61
N GLY D 374 48.67 3.35 -31.35
CA GLY D 374 47.29 3.44 -31.76
C GLY D 374 46.30 2.84 -30.78
N TYR D 375 46.75 2.42 -29.60
CA TYR D 375 45.91 1.73 -28.63
C TYR D 375 45.71 2.60 -27.40
N ALA D 376 44.79 2.15 -26.54
CA ALA D 376 44.50 2.84 -25.30
C ALA D 376 43.95 1.84 -24.30
N LEU D 377 44.28 2.05 -23.02
CA LEU D 377 43.80 1.16 -21.96
C LEU D 377 42.30 1.32 -21.80
N VAL D 378 41.59 0.20 -21.72
CA VAL D 378 40.13 0.20 -21.63
C VAL D 378 39.60 -0.51 -20.40
N GLY D 379 40.43 -1.21 -19.64
CA GLY D 379 39.95 -1.89 -18.46
C GLY D 379 41.06 -2.65 -17.78
N PHE D 380 40.80 -3.02 -16.53
CA PHE D 380 41.77 -3.74 -15.71
C PHE D 380 41.04 -4.83 -14.92
N GLU D 381 41.83 -5.79 -14.46
CA GLU D 381 41.29 -6.87 -13.63
C GLU D 381 42.40 -7.40 -12.74
N ILE D 382 42.05 -7.77 -11.51
CA ILE D 382 42.96 -8.41 -10.58
C ILE D 382 42.35 -9.74 -10.18
N ILE D 383 43.10 -10.82 -10.39
CA ILE D 383 42.62 -12.16 -10.10
C ILE D 383 43.52 -12.78 -9.04
N ASN D 384 42.92 -13.30 -7.97
CA ASN D 384 43.71 -13.82 -6.86
C ASN D 384 44.21 -15.24 -7.16
N ASP D 385 43.29 -16.19 -7.31
CA ASP D 385 43.62 -17.59 -7.56
C ASP D 385 44.68 -18.09 -6.59
N ARG D 386 45.83 -18.52 -7.12
CA ARG D 386 46.98 -18.89 -6.31
C ARG D 386 47.97 -17.74 -6.19
N ILE D 387 48.43 -17.23 -7.32
CA ILE D 387 49.29 -16.06 -7.38
C ILE D 387 48.50 -14.92 -8.01
N PRO D 388 48.37 -13.77 -7.36
CA PRO D 388 47.58 -12.67 -7.93
C PRO D 388 48.18 -12.20 -9.26
N VAL D 389 47.29 -11.86 -10.19
CA VAL D 389 47.67 -11.47 -11.54
C VAL D 389 46.85 -10.26 -11.95
N LEU D 390 47.52 -9.29 -12.57
CA LEU D 390 46.91 -8.08 -13.08
C LEU D 390 46.80 -8.16 -14.60
N LYS D 391 45.59 -7.94 -15.11
CA LYS D 391 45.32 -7.94 -16.55
C LYS D 391 44.90 -6.54 -16.96
N ALA D 392 45.51 -6.03 -18.03
CA ALA D 392 45.17 -4.74 -18.58
C ALA D 392 44.75 -4.92 -20.03
N TYR D 393 43.58 -4.39 -20.38
CA TYR D 393 43.05 -4.51 -21.74
C TYR D 393 43.36 -3.23 -22.51
N LYS D 394 43.90 -3.40 -23.72
CA LYS D 394 44.21 -2.30 -24.61
C LYS D 394 43.61 -2.59 -25.98
N ALA D 395 43.08 -1.55 -26.62
CA ALA D 395 42.45 -1.72 -27.92
C ALA D 395 42.42 -0.39 -28.64
N LYS D 396 42.24 -0.47 -29.96
CA LYS D 396 42.09 0.73 -30.77
C LYS D 396 40.72 1.36 -30.53
N LEU D 397 40.58 2.60 -30.99
CA LEU D 397 39.33 3.34 -30.85
C LEU D 397 38.72 3.58 -32.22
N LYS D 398 37.39 3.56 -32.27
CA LYS D 398 36.61 3.59 -33.50
C LYS D 398 35.54 4.66 -33.43
N GLN D 399 35.95 5.89 -33.07
CA GLN D 399 35.10 7.08 -33.05
C GLN D 399 34.13 7.05 -31.87
N ASN D 400 33.94 8.21 -31.23
CA ASN D 400 33.06 8.35 -30.09
C ASN D 400 33.45 7.40 -28.95
N TYR D 401 34.75 7.24 -28.74
CA TYR D 401 35.30 6.43 -27.65
C TYR D 401 34.81 4.98 -27.75
N GLN D 402 34.71 4.46 -28.97
CA GLN D 402 34.31 3.08 -29.18
C GLN D 402 35.52 2.17 -29.13
N VAL D 403 35.40 1.05 -28.43
CA VAL D 403 36.49 0.08 -28.31
C VAL D 403 36.37 -0.92 -29.46
N ASP D 404 37.48 -1.12 -30.16
CA ASP D 404 37.50 -2.04 -31.30
C ASP D 404 37.66 -3.47 -30.79
N HIS D 405 36.67 -4.31 -31.08
CA HIS D 405 36.71 -5.69 -30.62
C HIS D 405 37.70 -6.54 -31.40
N GLN D 406 38.10 -6.11 -32.60
CA GLN D 406 39.04 -6.87 -33.40
C GLN D 406 40.49 -6.64 -32.98
N SER D 407 40.77 -5.64 -32.16
CA SER D 407 42.13 -5.32 -31.73
C SER D 407 42.24 -5.30 -30.21
N LEU D 408 41.46 -6.14 -29.53
CA LEU D 408 41.46 -6.19 -28.07
C LEU D 408 42.60 -7.10 -27.62
N SER D 409 43.72 -6.51 -27.22
CA SER D 409 44.87 -7.26 -26.73
C SER D 409 44.77 -7.39 -25.21
N GLU D 410 45.85 -7.87 -24.60
CA GLU D 410 45.87 -8.07 -23.15
C GLU D 410 47.31 -8.04 -22.67
N ILE D 411 47.52 -7.43 -21.51
CA ILE D 411 48.83 -7.39 -20.85
C ILE D 411 48.69 -8.04 -19.48
N VAL D 412 49.60 -8.97 -19.17
CA VAL D 412 49.52 -9.77 -17.96
C VAL D 412 50.75 -9.50 -17.11
N TYR D 413 50.52 -9.19 -15.84
CA TYR D 413 51.59 -9.01 -14.86
C TYR D 413 51.36 -9.94 -13.68
N LEU D 414 52.44 -10.55 -13.20
CA LEU D 414 52.36 -11.53 -12.12
C LEU D 414 52.83 -10.91 -10.81
N ASP D 415 52.34 -11.48 -9.70
CA ASP D 415 52.67 -11.05 -8.35
C ASP D 415 52.37 -9.56 -8.17
N ILE D 416 51.11 -9.20 -8.42
CA ILE D 416 50.68 -7.82 -8.23
C ILE D 416 50.62 -7.47 -6.75
N ASP D 417 50.53 -8.46 -5.87
CA ASP D 417 50.54 -8.18 -4.44
C ASP D 417 51.90 -7.65 -3.99
N LYS D 418 52.98 -8.10 -4.62
CA LYS D 418 54.31 -7.59 -4.31
C LYS D 418 54.50 -6.14 -4.67
N LEU D 419 53.58 -5.56 -5.46
CA LEU D 419 53.64 -4.15 -5.82
C LEU D 419 52.87 -3.27 -4.83
N PHE D 420 51.73 -3.72 -4.36
CA PHE D 420 50.88 -2.96 -3.45
C PHE D 420 51.08 -3.34 -1.99
N CYS D 421 51.21 -4.63 -1.70
CA CYS D 421 51.24 -5.11 -0.32
C CYS D 421 52.67 -5.18 0.18
N PRO D 422 53.02 -4.50 1.27
CA PRO D 422 54.38 -4.58 1.81
C PRO D 422 54.55 -5.69 2.83
N LYS D 423 55.79 -6.18 2.91
CA LYS D 423 56.16 -7.20 3.87
C LYS D 423 56.37 -6.55 5.23
N ASN D 424 57.03 -7.24 6.16
CA ASN D 424 57.10 -6.75 7.53
C ASN D 424 57.94 -5.47 7.61
N SER D 425 57.36 -4.39 7.11
CA SER D 425 57.97 -3.06 7.11
C SER D 425 56.83 -2.07 6.86
N GLU D 426 57.18 -0.82 6.58
CA GLU D 426 56.19 0.20 6.24
C GLU D 426 56.35 0.60 4.78
N GLN D 427 55.23 0.95 4.15
CA GLN D 427 55.21 1.38 2.76
C GLN D 427 54.62 2.78 2.66
N LYS D 428 55.26 3.61 1.84
CA LYS D 428 54.84 4.98 1.62
C LYS D 428 54.21 5.08 0.24
N TYR D 429 52.93 5.46 0.20
CA TYR D 429 52.18 5.61 -1.04
C TYR D 429 52.12 7.08 -1.41
N TYR D 430 52.62 7.41 -2.60
CA TYR D 430 52.56 8.78 -3.13
C TYR D 430 51.43 8.78 -4.15
N THR D 431 50.22 9.08 -3.68
CA THR D 431 49.02 8.95 -4.48
C THR D 431 48.45 10.31 -4.85
N LYS D 432 47.88 10.38 -6.06
CA LYS D 432 47.24 11.59 -6.56
C LYS D 432 46.24 11.17 -7.62
N SER D 433 45.10 11.86 -7.65
CA SER D 433 44.08 11.58 -8.66
C SER D 433 44.59 12.06 -10.00
N LEU D 434 45.13 11.14 -10.80
CA LEU D 434 45.73 11.47 -12.09
C LEU D 434 44.62 11.72 -13.11
N THR D 435 44.09 12.94 -13.06
CA THR D 435 42.98 13.35 -13.90
C THR D 435 43.50 14.07 -15.15
N PHE D 436 42.82 13.85 -16.27
CA PHE D 436 43.18 14.45 -17.53
C PHE D 436 41.98 15.18 -18.13
N PRO D 437 42.21 16.19 -18.96
CA PRO D 437 41.10 16.90 -19.58
C PRO D 437 40.28 15.99 -20.48
N ASP D 438 39.00 16.32 -20.61
CA ASP D 438 38.11 15.53 -21.45
C ASP D 438 38.62 15.49 -22.89
N GLY D 439 38.59 14.30 -23.47
CA GLY D 439 39.13 14.07 -24.80
C GLY D 439 40.47 13.37 -24.79
N TYR D 440 41.12 13.23 -23.64
CA TYR D 440 42.37 12.51 -23.52
C TYR D 440 42.10 11.10 -23.02
N VAL D 441 42.79 10.12 -23.62
CA VAL D 441 42.64 8.72 -23.27
C VAL D 441 43.97 8.22 -22.72
N ILE D 442 43.91 7.53 -21.57
CA ILE D 442 45.12 7.05 -20.93
C ILE D 442 45.68 5.86 -21.73
N THR D 443 46.97 5.95 -22.08
CA THR D 443 47.63 4.91 -22.83
C THR D 443 48.79 4.24 -22.10
N LYS D 444 49.20 4.77 -20.94
CA LYS D 444 50.31 4.18 -20.20
C LYS D 444 50.17 4.51 -18.72
N ILE D 445 50.28 3.49 -17.89
CA ILE D 445 50.29 3.64 -16.43
C ILE D 445 51.49 2.88 -15.89
N THR D 446 52.34 3.56 -15.13
CA THR D 446 53.60 3.00 -14.66
C THR D 446 53.65 3.09 -13.13
N PHE D 447 53.45 1.96 -12.47
CA PHE D 447 53.67 1.86 -11.03
C PHE D 447 55.13 1.52 -10.77
N GLU D 448 55.71 2.17 -9.77
CA GLU D 448 57.09 1.89 -9.38
C GLU D 448 57.19 1.94 -7.86
N LYS D 449 57.83 0.92 -7.28
CA LYS D 449 58.01 0.82 -5.83
C LYS D 449 59.47 0.48 -5.57
N LYS D 450 60.21 1.47 -5.06
CA LYS D 450 61.58 1.29 -4.60
C LYS D 450 61.63 1.60 -3.12
N LEU D 451 62.13 0.66 -2.33
CA LEU D 451 62.19 0.80 -0.87
C LEU D 451 60.81 1.13 -0.29
N ASN D 452 59.79 0.41 -0.79
CA ASN D 452 58.42 0.57 -0.33
C ASN D 452 57.91 2.01 -0.53
N ASN D 453 58.29 2.60 -1.65
CA ASN D 453 57.81 3.93 -2.04
C ASN D 453 57.05 3.75 -3.36
N LEU D 454 55.73 3.58 -3.26
CA LEU D 454 54.90 3.32 -4.42
C LEU D 454 54.51 4.63 -5.08
N ARG D 455 55.11 4.91 -6.23
CA ARG D 455 54.79 6.09 -7.03
C ARG D 455 54.32 5.64 -8.40
N TYR D 456 53.25 6.25 -8.90
CA TYR D 456 52.66 5.85 -10.17
C TYR D 456 52.45 7.07 -11.06
N GLU D 457 52.59 6.84 -12.37
CA GLU D 457 52.50 7.89 -13.38
C GLU D 457 51.56 7.43 -14.48
N ALA D 458 50.71 8.34 -14.95
CA ALA D 458 49.79 8.07 -16.05
C ALA D 458 50.08 9.01 -17.20
N THR D 459 50.06 8.47 -18.42
CA THR D 459 50.23 9.23 -19.64
C THR D 459 48.96 9.11 -20.47
N ALA D 460 48.44 10.23 -20.93
CA ALA D 460 47.21 10.26 -21.71
C ALA D 460 47.45 10.99 -23.02
N ASN D 461 47.03 10.37 -24.12
CA ASN D 461 47.17 10.94 -25.45
C ASN D 461 45.86 11.59 -25.88
N PHE D 462 45.97 12.65 -26.68
CA PHE D 462 44.79 13.35 -27.17
C PHE D 462 44.04 12.47 -28.17
N TYR D 463 42.73 12.38 -27.99
CA TYR D 463 41.86 11.56 -28.83
C TYR D 463 40.75 12.42 -29.41
N ASP D 464 40.54 12.30 -30.72
CA ASP D 464 39.49 13.03 -31.39
C ASP D 464 38.19 12.22 -31.30
N PRO D 465 37.14 12.76 -30.68
CA PRO D 465 35.86 12.01 -30.63
C PRO D 465 35.26 11.73 -31.99
N SER D 466 35.46 12.62 -32.96
CA SER D 466 34.82 12.46 -34.26
C SER D 466 35.39 11.27 -35.03
N THR D 467 36.67 11.34 -35.35
CA THR D 467 37.37 10.24 -36.01
C THR D 467 38.00 9.33 -34.96
N GLY D 468 38.90 8.44 -35.38
CA GLY D 468 39.73 7.72 -34.44
C GLY D 468 41.02 8.49 -34.21
N ASP D 469 42.14 7.91 -34.63
CA ASP D 469 43.42 8.62 -34.75
C ASP D 469 43.85 9.22 -33.40
N ILE D 470 44.15 8.31 -32.47
CA ILE D 470 44.71 8.72 -31.18
C ILE D 470 46.06 9.38 -31.44
N ASP D 471 46.15 10.68 -31.16
CA ASP D 471 47.35 11.44 -31.48
C ASP D 471 48.52 10.99 -30.63
N LEU D 472 49.72 11.04 -31.21
CA LEU D 472 50.94 10.68 -30.52
C LEU D 472 51.80 11.88 -30.12
N ASN D 473 51.64 13.01 -30.81
CA ASN D 473 52.43 14.20 -30.52
C ASN D 473 51.78 15.10 -29.48
N GLU D 474 50.61 14.75 -28.99
CA GLU D 474 49.90 15.54 -27.98
C GLU D 474 49.62 14.63 -26.79
N LYS D 475 50.47 14.71 -25.76
CA LYS D 475 50.36 13.87 -24.59
C LYS D 475 50.44 14.72 -23.33
N GLN D 476 49.82 14.22 -22.27
CA GLN D 476 49.89 14.82 -20.94
C GLN D 476 50.28 13.76 -19.94
N VAL D 477 51.13 14.13 -18.98
CA VAL D 477 51.66 13.20 -17.99
C VAL D 477 51.27 13.70 -16.61
N GLU D 478 50.62 12.86 -15.83
CA GLU D 478 50.34 13.11 -14.43
C GLU D 478 51.13 12.08 -13.62
N SER D 479 52.20 12.54 -12.97
CA SER D 479 53.13 11.65 -12.29
C SER D 479 53.26 12.06 -10.83
N THR D 480 53.37 11.05 -9.96
CA THR D 480 53.64 11.26 -8.54
C THR D 480 55.09 10.97 -8.19
N PHE D 481 55.97 10.87 -9.18
CA PHE D 481 57.38 10.62 -8.91
C PHE D 481 58.00 11.76 -8.13
N LEU D 482 57.65 12.99 -8.48
CA LEU D 482 58.20 14.18 -7.82
C LEU D 482 57.37 14.63 -6.62
N GLN D 483 56.27 13.94 -6.32
CA GLN D 483 55.44 14.31 -5.19
C GLN D 483 56.18 14.06 -3.88
N ALA D 484 56.02 14.96 -2.92
CA ALA D 484 56.71 14.90 -1.63
C ALA D 484 55.86 14.26 -0.55
N ASP D 485 54.63 14.75 -0.36
CA ASP D 485 53.76 14.19 0.66
C ASP D 485 53.35 12.77 0.31
N TYR D 486 53.22 11.93 1.33
CA TYR D 486 52.92 10.52 1.14
C TYR D 486 51.89 10.08 2.17
N ILE D 487 51.57 8.79 2.14
CA ILE D 487 50.70 8.17 3.13
C ILE D 487 51.38 6.87 3.57
N SER D 488 51.59 6.72 4.87
CA SER D 488 52.34 5.59 5.41
C SER D 488 51.39 4.48 5.88
N ILE D 489 51.72 3.25 5.52
CA ILE D 489 50.98 2.07 5.96
C ILE D 489 51.97 1.10 6.59
N ASN D 490 51.67 0.67 7.82
CA ASN D 490 52.50 -0.29 8.54
C ASN D 490 51.78 -1.63 8.58
N VAL D 491 52.51 -2.69 8.27
CA VAL D 491 51.95 -4.05 8.21
C VAL D 491 52.66 -4.90 9.28
N SER D 492 51.86 -5.55 10.11
CA SER D 492 52.40 -6.42 11.16
C SER D 492 52.69 -7.79 10.58
N ASP D 493 52.95 -8.76 11.46
CA ASP D 493 53.30 -10.10 11.00
C ASP D 493 52.14 -10.76 10.24
N ASP D 494 50.92 -10.60 10.75
CA ASP D 494 49.76 -11.27 10.16
C ASP D 494 48.76 -10.32 9.53
N ASP D 495 48.60 -9.11 10.05
CA ASP D 495 47.62 -8.17 9.54
C ASP D 495 48.14 -7.54 8.26
N GLY D 496 47.79 -8.14 7.12
CA GLY D 496 48.20 -7.62 5.83
C GLY D 496 47.34 -6.46 5.39
N VAL D 497 47.57 -6.01 4.17
CA VAL D 497 46.85 -4.88 3.60
C VAL D 497 45.80 -5.40 2.63
N TYR D 498 44.75 -4.60 2.43
CA TYR D 498 43.63 -4.98 1.57
C TYR D 498 43.96 -4.58 0.14
N MET D 499 44.57 -5.50 -0.61
CA MET D 499 44.80 -5.27 -2.01
C MET D 499 43.48 -5.30 -2.77
N PRO D 500 43.30 -4.42 -3.76
CA PRO D 500 42.09 -4.48 -4.59
C PRO D 500 42.01 -5.79 -5.36
N LEU D 501 40.80 -6.24 -5.60
CA LEU D 501 40.56 -7.52 -6.25
C LEU D 501 39.23 -7.48 -6.97
N GLY D 502 39.21 -8.03 -8.19
CA GLY D 502 38.03 -8.08 -9.02
C GLY D 502 38.31 -7.49 -10.37
N VAL D 503 37.25 -7.22 -11.12
CA VAL D 503 37.34 -6.61 -12.43
C VAL D 503 37.34 -5.10 -12.23
N ILE D 504 38.53 -4.50 -12.33
CA ILE D 504 38.65 -3.04 -12.16
C ILE D 504 38.41 -2.44 -13.54
N SER D 505 37.13 -2.31 -13.88
CA SER D 505 36.70 -1.85 -15.19
C SER D 505 35.23 -1.55 -15.09
N GLU D 506 34.67 -1.04 -16.19
CA GLU D 506 33.26 -0.71 -16.24
C GLU D 506 32.44 -1.93 -16.65
N THR D 507 31.12 -1.72 -16.79
CA THR D 507 30.27 -2.80 -17.29
C THR D 507 30.67 -3.19 -18.70
N PHE D 508 31.08 -2.23 -19.51
CA PHE D 508 31.62 -2.48 -20.83
C PHE D 508 32.97 -1.78 -20.94
N LEU D 509 33.88 -2.39 -21.69
CA LEU D 509 35.20 -1.81 -21.86
C LEU D 509 35.09 -0.45 -22.54
N SER D 510 35.79 0.53 -21.98
CA SER D 510 35.75 1.90 -22.50
C SER D 510 37.04 2.59 -22.10
N PRO D 511 37.50 3.59 -22.86
CA PRO D 511 38.73 4.30 -22.50
C PRO D 511 38.56 5.01 -21.16
N ILE D 512 39.67 5.12 -20.43
CA ILE D 512 39.68 5.75 -19.11
C ILE D 512 40.23 7.17 -19.24
N ASN D 513 39.53 8.12 -18.64
CA ASN D 513 39.94 9.51 -18.62
C ASN D 513 40.91 9.81 -17.47
N SER D 514 40.69 9.19 -16.31
CA SER D 514 41.52 9.44 -15.15
C SER D 514 41.79 8.12 -14.44
N PHE D 515 42.91 8.09 -13.70
CA PHE D 515 43.30 6.94 -12.91
C PHE D 515 43.69 7.42 -11.51
N GLU D 516 43.35 6.63 -10.50
CA GLU D 516 43.63 7.03 -9.12
C GLU D 516 43.76 5.80 -8.24
N LEU D 517 44.76 5.81 -7.37
CA LEU D 517 44.93 4.79 -6.34
C LEU D 517 44.67 5.46 -4.98
N GLU D 518 43.63 5.01 -4.30
CA GLU D 518 43.23 5.60 -3.02
C GLU D 518 43.74 4.76 -1.87
N VAL D 519 44.27 5.42 -0.84
CA VAL D 519 44.82 4.77 0.33
C VAL D 519 44.06 5.27 1.56
N ASP D 520 43.59 4.34 2.39
CA ASP D 520 42.83 4.69 3.57
C ASP D 520 43.71 4.96 4.79
N GLU D 521 44.71 4.09 5.01
CA GLU D 521 45.74 4.23 6.04
C GLU D 521 45.17 3.98 7.44
N LYS D 522 43.85 3.85 7.55
CA LYS D 522 43.20 3.52 8.81
C LYS D 522 42.78 2.05 8.86
N SER D 523 42.01 1.61 7.86
CA SER D 523 41.69 0.19 7.69
C SER D 523 42.66 -0.51 6.74
N LYS D 524 43.63 0.21 6.20
CA LYS D 524 44.61 -0.33 5.26
C LYS D 524 43.93 -0.95 4.04
N ILE D 525 43.21 -0.11 3.31
CA ILE D 525 42.44 -0.51 2.14
C ILE D 525 42.92 0.30 0.94
N LEU D 526 43.24 -0.40 -0.14
CA LEU D 526 43.69 0.22 -1.39
C LEU D 526 42.61 0.03 -2.44
N THR D 527 42.20 1.11 -3.09
CA THR D 527 41.21 1.08 -4.14
C THR D 527 41.73 1.75 -5.39
N LEU D 528 41.44 1.18 -6.55
CA LEU D 528 41.81 1.75 -7.84
C LEU D 528 40.55 2.34 -8.47
N THR D 529 40.45 3.66 -8.49
CA THR D 529 39.29 4.37 -9.00
C THR D 529 39.63 5.03 -10.33
N CYS D 530 38.78 4.82 -11.33
CA CYS D 530 38.99 5.38 -12.66
C CYS D 530 37.68 5.94 -13.19
N LYS D 531 37.79 6.91 -14.09
CA LYS D 531 36.63 7.49 -14.76
C LYS D 531 36.62 7.02 -16.22
N SER D 532 35.41 6.79 -16.74
CA SER D 532 35.25 6.18 -18.05
C SER D 532 34.62 7.16 -19.03
N TYR D 533 34.60 6.75 -20.30
CA TYR D 533 33.96 7.50 -21.38
C TYR D 533 32.71 6.81 -21.90
N LEU D 534 32.07 5.98 -21.07
CA LEU D 534 30.91 5.23 -21.52
C LEU D 534 29.75 6.16 -21.86
N ARG D 535 29.60 7.25 -21.11
CA ARG D 535 28.52 8.19 -21.38
C ARG D 535 28.66 8.83 -22.76
N GLU D 536 29.89 9.20 -23.14
CA GLU D 536 30.09 9.81 -24.44
C GLU D 536 29.75 8.84 -25.57
N TYR D 537 30.14 7.58 -25.42
CA TYR D 537 29.82 6.60 -26.46
C TYR D 537 28.33 6.29 -26.50
N LEU D 538 27.69 6.24 -25.33
CA LEU D 538 26.26 5.94 -25.28
C LEU D 538 25.44 7.07 -25.88
N LEU D 539 25.84 8.32 -25.65
CA LEU D 539 25.11 9.45 -26.19
C LEU D 539 25.17 9.53 -27.71
N GLU D 540 26.08 8.80 -28.35
CA GLU D 540 26.23 8.85 -29.79
C GLU D 540 26.02 7.50 -30.47
N SER D 541 25.87 6.41 -29.72
CA SER D 541 25.77 5.08 -30.31
C SER D 541 24.42 4.43 -30.07
N ASP D 542 24.00 4.29 -28.82
CA ASP D 542 22.78 3.55 -28.50
C ASP D 542 21.61 4.44 -28.10
N LEU D 543 21.85 5.46 -27.27
CA LEU D 543 20.78 6.37 -26.88
C LEU D 543 20.30 7.25 -28.03
N ILE D 544 21.02 7.28 -29.14
CA ILE D 544 20.60 8.01 -30.33
C ILE D 544 20.10 7.05 -31.41
N ASN D 545 19.94 5.77 -31.09
CA ASN D 545 19.40 4.75 -32.00
C ASN D 545 20.30 4.59 -33.23
N LYS D 546 21.53 4.17 -32.98
CA LYS D 546 22.49 3.82 -34.02
C LYS D 546 23.12 2.48 -33.66
N GLU D 547 24.04 2.03 -34.52
CA GLU D 547 24.72 0.76 -34.28
C GLU D 547 25.61 0.86 -33.04
N THR D 548 25.55 -0.16 -32.20
CA THR D 548 26.29 -0.19 -30.94
C THR D 548 27.16 -1.43 -30.91
N SER D 549 28.38 -1.28 -30.36
CA SER D 549 29.32 -2.39 -30.20
C SER D 549 29.97 -2.25 -28.84
N LEU D 550 29.44 -2.97 -27.85
CA LEU D 550 29.94 -2.93 -26.48
C LEU D 550 30.55 -4.27 -26.12
N ILE D 551 31.70 -4.23 -25.45
CA ILE D 551 32.46 -5.43 -25.10
C ILE D 551 32.42 -5.58 -23.59
N ALA D 552 31.85 -6.70 -23.13
CA ALA D 552 31.91 -7.02 -21.71
C ALA D 552 33.33 -7.40 -21.32
N PRO D 553 33.74 -7.09 -20.09
CA PRO D 553 35.08 -7.46 -19.64
C PRO D 553 35.24 -8.97 -19.64
N PRO D 554 36.18 -9.49 -20.42
CA PRO D 554 36.34 -10.95 -20.51
C PRO D 554 36.67 -11.56 -19.17
N ASN D 555 36.04 -12.69 -18.88
CA ASN D 555 36.35 -13.49 -17.69
C ASN D 555 37.38 -14.56 -17.98
N VAL D 556 37.93 -14.57 -19.19
CA VAL D 556 38.93 -15.56 -19.61
C VAL D 556 40.13 -14.80 -20.16
N PHE D 557 41.32 -15.36 -19.92
CA PHE D 557 42.55 -14.76 -20.42
C PHE D 557 42.57 -14.91 -21.94
N ILE D 558 42.22 -13.84 -22.64
CA ILE D 558 42.09 -13.90 -24.10
C ILE D 558 43.43 -14.02 -24.81
N SER D 559 44.54 -13.78 -24.12
CA SER D 559 45.86 -13.84 -24.73
C SER D 559 46.55 -15.19 -24.53
N ASN D 560 45.86 -16.17 -23.96
CA ASN D 560 46.47 -17.48 -23.77
C ASN D 560 46.68 -18.16 -25.11
N ILE D 561 47.81 -18.88 -25.23
CA ILE D 561 48.15 -19.53 -26.49
C ILE D 561 47.60 -20.94 -26.61
N VAL D 562 47.11 -21.53 -25.52
CA VAL D 562 46.56 -22.88 -25.54
C VAL D 562 45.19 -22.81 -26.19
N GLU D 563 45.10 -23.26 -27.44
CA GLU D 563 43.80 -23.32 -28.11
C GLU D 563 42.91 -24.32 -27.41
N ASN D 564 41.63 -23.95 -27.26
CA ASN D 564 40.67 -24.73 -26.48
C ASN D 564 41.19 -24.93 -25.05
N TRP D 565 41.34 -23.81 -24.34
CA TRP D 565 41.91 -23.84 -23.00
C TRP D 565 41.09 -24.70 -22.06
N ASN D 566 39.76 -24.58 -22.11
CA ASN D 566 38.85 -25.46 -21.42
C ASN D 566 38.06 -26.25 -22.45
N ILE D 567 37.86 -27.54 -22.18
CA ILE D 567 37.25 -28.42 -23.17
C ILE D 567 35.75 -28.12 -23.19
N GLU D 568 35.34 -27.27 -24.14
CA GLU D 568 33.93 -26.96 -24.33
C GLU D 568 33.52 -26.93 -25.79
N ALA D 569 34.45 -27.12 -26.73
CA ALA D 569 34.16 -27.10 -28.15
C ALA D 569 34.32 -28.50 -28.72
N ASP D 570 33.32 -28.95 -29.46
CA ASP D 570 33.37 -30.27 -30.09
C ASP D 570 34.43 -30.29 -31.19
N ASN D 571 34.88 -31.50 -31.53
CA ASN D 571 35.93 -31.72 -32.53
C ASN D 571 37.21 -30.97 -32.13
N LEU D 572 37.76 -31.39 -31.00
CA LEU D 572 38.94 -30.74 -30.44
C LEU D 572 40.18 -31.08 -31.25
N GLU D 573 40.41 -30.31 -32.33
CA GLU D 573 41.60 -30.53 -33.15
C GLU D 573 42.90 -30.35 -32.38
N PRO D 574 43.09 -29.30 -31.56
CA PRO D 574 44.37 -29.20 -30.82
C PRO D 574 44.65 -30.39 -29.92
N TRP D 575 43.63 -30.97 -29.28
CA TRP D 575 43.81 -32.14 -28.43
C TRP D 575 43.75 -33.37 -29.32
N VAL D 576 44.91 -33.94 -29.63
CA VAL D 576 45.00 -35.09 -30.52
C VAL D 576 44.40 -36.31 -29.83
N ALA D 577 44.17 -37.37 -30.60
CA ALA D 577 43.55 -38.60 -30.10
C ALA D 577 44.62 -39.64 -29.82
N ASN D 578 44.53 -40.26 -28.65
CA ASN D 578 45.49 -41.29 -28.24
C ASN D 578 44.75 -42.56 -27.83
N ASN D 579 45.48 -43.49 -27.20
CA ASN D 579 44.87 -44.71 -26.68
C ASN D 579 43.72 -44.37 -25.73
N LYS D 580 42.84 -45.36 -25.52
CA LYS D 580 41.58 -45.15 -24.82
C LYS D 580 41.76 -44.84 -23.34
N ASN D 581 43.01 -44.86 -22.85
CA ASN D 581 43.27 -44.53 -21.45
C ASN D 581 42.98 -43.06 -21.16
N ALA D 582 42.94 -42.20 -22.18
CA ALA D 582 42.66 -40.78 -22.03
C ALA D 582 41.41 -40.43 -22.81
N TYR D 583 40.48 -39.74 -22.15
CA TYR D 583 39.24 -39.35 -22.81
C TYR D 583 38.66 -38.13 -22.12
N VAL D 584 37.71 -37.48 -22.79
CA VAL D 584 37.09 -36.25 -22.30
C VAL D 584 35.90 -36.65 -21.42
N ASP D 585 36.06 -36.51 -20.11
CA ASP D 585 34.95 -36.71 -19.19
C ASP D 585 34.02 -35.50 -19.28
N SER D 586 32.73 -35.76 -19.55
CA SER D 586 31.78 -34.68 -19.73
C SER D 586 31.35 -34.03 -18.41
N THR D 587 31.60 -34.69 -17.27
CA THR D 587 31.20 -34.12 -15.99
C THR D 587 32.30 -34.21 -14.93
N GLY D 588 33.54 -34.46 -15.32
CA GLY D 588 34.62 -34.60 -14.36
C GLY D 588 35.49 -33.36 -14.23
N GLY D 589 35.00 -32.22 -14.68
CA GLY D 589 35.78 -30.99 -14.63
C GLY D 589 34.99 -29.77 -14.24
N ILE D 590 35.45 -29.07 -13.19
CA ILE D 590 34.76 -27.90 -12.64
C ILE D 590 33.31 -28.27 -12.40
N GLU D 591 32.39 -27.63 -13.12
CA GLU D 591 30.98 -28.02 -13.10
C GLU D 591 30.73 -29.17 -14.08
N GLY D 592 30.89 -28.88 -15.38
CA GLY D 592 30.74 -29.88 -16.40
C GLY D 592 31.65 -29.72 -17.60
N SER D 593 32.81 -29.08 -17.41
CA SER D 593 33.60 -28.65 -18.55
C SER D 593 34.48 -29.75 -19.14
N LYS D 594 33.88 -30.93 -19.39
CA LYS D 594 34.42 -31.98 -20.25
C LYS D 594 35.94 -32.16 -20.07
N ALA D 595 36.37 -32.18 -18.82
CA ALA D 595 37.80 -32.18 -18.53
C ALA D 595 38.49 -33.44 -19.04
N LEU D 596 39.76 -33.31 -19.40
CA LEU D 596 40.53 -34.46 -19.81
C LEU D 596 40.72 -35.40 -18.62
N PHE D 597 40.62 -36.70 -18.87
CA PHE D 597 40.76 -37.70 -17.82
C PHE D 597 41.68 -38.81 -18.31
N THR D 598 42.65 -39.17 -17.46
CA THR D 598 43.60 -40.22 -17.75
C THR D 598 43.59 -41.24 -16.62
N GLN D 599 43.61 -42.53 -16.98
CA GLN D 599 43.58 -43.61 -16.02
C GLN D 599 44.88 -44.41 -15.98
N GLY D 600 45.43 -44.74 -17.14
CA GLY D 600 46.68 -45.48 -17.20
C GLY D 600 47.80 -44.66 -17.83
N ASP D 601 48.15 -44.98 -19.08
CA ASP D 601 49.16 -44.26 -19.83
C ASP D 601 48.55 -43.24 -20.78
N GLY D 602 47.42 -42.65 -20.41
CA GLY D 602 46.79 -41.67 -21.27
C GLY D 602 47.66 -40.43 -21.45
N GLU D 603 47.55 -39.84 -22.64
CA GLU D 603 48.42 -38.71 -23.00
C GLU D 603 47.67 -37.81 -23.97
N PHE D 604 47.29 -36.62 -23.52
CA PHE D 604 46.74 -35.59 -24.39
C PHE D 604 47.84 -34.60 -24.75
N SER D 605 48.24 -34.58 -26.01
CA SER D 605 49.32 -33.73 -26.48
C SER D 605 48.77 -32.70 -27.46
N GLN D 606 49.03 -31.42 -27.18
CA GLN D 606 48.57 -30.33 -28.03
C GLN D 606 49.77 -29.47 -28.40
N PHE D 607 50.00 -29.30 -29.70
CA PHE D 607 51.15 -28.54 -30.17
C PHE D 607 50.89 -27.04 -29.97
N ILE D 608 51.80 -26.37 -29.27
CA ILE D 608 51.67 -24.95 -28.99
C ILE D 608 52.98 -24.25 -29.33
N GLY D 609 53.85 -24.93 -30.08
CA GLY D 609 55.14 -24.36 -30.40
C GLY D 609 55.07 -23.13 -31.27
N ASP D 610 54.07 -23.06 -32.16
CA ASP D 610 53.96 -21.93 -33.07
C ASP D 610 53.75 -20.62 -32.32
N LYS D 611 52.89 -20.64 -31.31
CA LYS D 611 52.55 -19.44 -30.55
C LYS D 611 53.50 -19.17 -29.39
N LEU D 612 54.46 -20.05 -29.14
CA LEU D 612 55.37 -19.90 -28.01
C LEU D 612 56.53 -19.00 -28.43
N LYS D 613 56.56 -17.78 -27.88
CA LYS D 613 57.62 -16.83 -28.21
C LYS D 613 58.90 -17.20 -27.45
N PRO D 614 60.02 -17.36 -28.15
CA PRO D 614 61.28 -17.69 -27.46
C PRO D 614 61.77 -16.53 -26.60
N ASN D 615 62.56 -16.89 -25.59
CA ASN D 615 63.18 -15.93 -24.68
C ASN D 615 62.14 -15.04 -24.00
N THR D 616 61.03 -15.64 -23.59
CA THR D 616 59.98 -14.92 -22.89
C THR D 616 59.46 -15.76 -21.73
N ASP D 617 58.92 -15.09 -20.73
CA ASP D 617 58.40 -15.74 -19.53
C ASP D 617 56.93 -16.08 -19.71
N TYR D 618 56.51 -17.18 -19.10
CA TYR D 618 55.14 -17.68 -19.23
C TYR D 618 54.64 -18.17 -17.87
N ILE D 619 53.33 -18.38 -17.81
CA ILE D 619 52.68 -19.01 -16.66
C ILE D 619 51.83 -20.15 -17.17
N ILE D 620 51.86 -21.28 -16.46
CA ILE D 620 51.27 -22.53 -16.92
C ILE D 620 50.13 -22.94 -15.99
N GLN D 621 49.38 -21.96 -15.50
CA GLN D 621 48.27 -22.26 -14.60
C GLN D 621 47.28 -23.24 -15.22
N TYR D 622 46.89 -24.25 -14.45
CA TYR D 622 45.85 -25.18 -14.85
C TYR D 622 45.23 -25.79 -13.59
N THR D 623 44.07 -26.41 -13.78
CA THR D 623 43.33 -27.05 -12.69
C THR D 623 43.43 -28.57 -12.84
N VAL D 624 43.86 -29.23 -11.78
CA VAL D 624 44.07 -30.68 -11.81
C VAL D 624 43.44 -31.32 -10.59
N LYS D 625 43.17 -32.62 -10.70
CA LYS D 625 42.63 -33.42 -9.61
C LYS D 625 43.22 -34.82 -9.68
N GLY D 626 43.65 -35.34 -8.55
CA GLY D 626 44.21 -36.68 -8.49
C GLY D 626 45.72 -36.71 -8.50
N LYS D 627 46.30 -37.39 -9.48
CA LYS D 627 47.75 -37.49 -9.66
C LYS D 627 48.08 -37.10 -11.10
N PRO D 628 48.16 -35.80 -11.37
CA PRO D 628 48.38 -35.34 -12.74
C PRO D 628 49.83 -35.48 -13.18
N ALA D 629 50.03 -35.35 -14.49
CA ALA D 629 51.36 -35.36 -15.09
C ALA D 629 51.31 -34.42 -16.29
N ILE D 630 51.89 -33.24 -16.15
CA ILE D 630 51.73 -32.18 -17.14
C ILE D 630 53.08 -31.83 -17.75
N TYR D 631 53.94 -32.84 -17.93
CA TYR D 631 55.27 -32.61 -18.49
C TYR D 631 55.19 -31.86 -19.82
N LEU D 632 56.07 -30.89 -19.99
CA LEU D 632 56.12 -30.03 -21.18
C LEU D 632 57.36 -30.42 -21.97
N LYS D 633 57.18 -31.28 -22.97
CA LYS D 633 58.26 -31.74 -23.82
C LYS D 633 58.11 -31.15 -25.22
N ASN D 634 59.24 -31.07 -25.93
CA ASN D 634 59.27 -30.52 -27.28
C ASN D 634 59.27 -31.63 -28.33
N LYS D 635 58.17 -32.39 -28.35
CA LYS D 635 58.02 -33.52 -29.28
C LYS D 635 59.17 -34.50 -29.16
N ASN D 636 59.96 -34.64 -30.22
CA ASN D 636 61.14 -35.48 -30.19
C ASN D 636 62.17 -34.91 -29.23
N THR D 637 63.10 -35.76 -28.81
CA THR D 637 64.08 -35.42 -27.77
C THR D 637 63.36 -34.98 -26.49
N GLY D 638 62.65 -35.94 -25.90
CA GLY D 638 61.64 -35.66 -24.91
C GLY D 638 62.13 -35.16 -23.57
N TYR D 639 63.31 -34.55 -23.54
CA TYR D 639 63.77 -33.84 -22.36
C TYR D 639 62.76 -32.74 -22.01
N THR D 640 62.08 -32.88 -20.88
CA THR D 640 61.01 -31.98 -20.52
C THR D 640 61.56 -30.74 -19.84
N MET D 641 61.20 -29.56 -20.36
CA MET D 641 61.58 -28.29 -19.76
C MET D 641 60.67 -27.91 -18.59
N TYR D 642 59.56 -28.62 -18.39
CA TYR D 642 58.66 -28.37 -17.27
C TYR D 642 58.07 -29.70 -16.82
N GLU D 643 58.00 -29.89 -15.50
CA GLU D 643 57.47 -31.11 -14.92
C GLU D 643 56.49 -30.76 -13.80
N ASP D 644 55.52 -31.63 -13.59
CA ASP D 644 54.51 -31.48 -12.54
C ASP D 644 54.35 -32.79 -11.78
N THR D 645 55.47 -33.36 -11.36
CA THR D 645 55.45 -34.61 -10.61
C THR D 645 54.77 -34.40 -9.24
N ASN D 646 54.45 -35.51 -8.60
CA ASN D 646 53.79 -35.53 -7.28
C ASN D 646 52.43 -34.84 -7.46
N GLY D 647 51.96 -34.10 -6.45
CA GLY D 647 50.67 -33.44 -6.56
C GLY D 647 49.51 -34.39 -6.36
N SER D 648 49.40 -34.96 -5.16
CA SER D 648 48.39 -35.96 -4.84
C SER D 648 47.11 -35.35 -4.29
N SER D 649 46.80 -34.10 -4.66
CA SER D 649 45.58 -33.47 -4.19
C SER D 649 44.35 -34.18 -4.71
N GLU D 650 43.38 -34.43 -3.82
CA GLU D 650 42.17 -35.14 -4.19
C GLU D 650 41.13 -34.23 -4.85
N GLU D 651 41.25 -32.92 -4.68
CA GLU D 651 40.27 -31.97 -5.20
C GLU D 651 40.94 -31.02 -6.17
N PHE D 652 40.11 -30.38 -7.01
CA PHE D 652 40.60 -29.41 -7.98
C PHE D 652 41.26 -28.22 -7.29
N GLN D 653 42.38 -27.78 -7.85
CA GLN D 653 43.07 -26.60 -7.34
C GLN D 653 43.95 -26.03 -8.44
N THR D 654 44.36 -24.77 -8.26
CA THR D 654 45.18 -24.09 -9.23
C THR D 654 46.65 -24.43 -9.04
N ILE D 655 47.37 -24.60 -10.15
CA ILE D 655 48.78 -24.95 -10.13
C ILE D 655 49.58 -23.87 -10.85
N ALA D 656 49.14 -22.63 -10.72
CA ALA D 656 49.81 -21.51 -11.37
C ALA D 656 51.29 -21.45 -11.00
N VAL D 657 52.14 -21.66 -11.99
CA VAL D 657 53.59 -21.69 -11.80
C VAL D 657 54.25 -20.94 -12.93
N ASN D 658 55.26 -20.14 -12.60
CA ASN D 658 55.98 -19.36 -13.60
C ASN D 658 56.81 -20.28 -14.50
N TYR D 659 56.96 -19.87 -15.76
CA TYR D 659 57.72 -20.61 -16.74
C TYR D 659 58.66 -19.66 -17.47
N THR D 660 59.83 -20.17 -17.83
CA THR D 660 60.96 -19.36 -18.29
C THR D 660 61.54 -19.90 -19.59
N SER D 661 60.68 -20.16 -20.58
CA SER D 661 61.14 -20.61 -21.89
C SER D 661 62.12 -19.62 -22.49
N GLU D 662 63.38 -20.02 -22.61
CA GLU D 662 64.43 -19.12 -23.10
C GLU D 662 65.26 -19.76 -24.19
N THR D 663 65.34 -21.10 -24.20
CA THR D 663 66.23 -21.79 -25.12
C THR D 663 65.60 -22.01 -26.48
N ASP D 664 65.06 -20.94 -27.07
CA ASP D 664 64.49 -20.88 -28.42
C ASP D 664 63.81 -22.17 -28.84
N PRO D 665 62.73 -22.60 -28.17
CA PRO D 665 62.10 -23.88 -28.50
C PRO D 665 61.57 -23.92 -29.93
N SER D 666 60.67 -22.99 -30.27
CA SER D 666 60.09 -22.86 -31.60
C SER D 666 59.20 -24.05 -31.95
N GLN D 667 59.16 -25.06 -31.08
CA GLN D 667 58.28 -26.21 -31.25
C GLN D 667 58.21 -26.94 -29.92
N THR D 668 57.00 -27.08 -29.38
CA THR D 668 56.78 -27.72 -28.09
C THR D 668 55.28 -27.98 -27.93
N HIS D 669 54.93 -29.18 -27.48
CA HIS D 669 53.53 -29.54 -27.27
C HIS D 669 53.29 -29.80 -25.79
N LEU D 670 52.22 -29.20 -25.28
CA LEU D 670 51.80 -29.47 -23.91
C LEU D 670 51.26 -30.89 -23.82
N VAL D 671 51.72 -31.63 -22.81
CA VAL D 671 51.37 -33.03 -22.63
C VAL D 671 50.72 -33.19 -21.26
N PHE D 672 49.50 -33.73 -21.25
CA PHE D 672 48.77 -34.03 -20.03
C PHE D 672 48.68 -35.54 -19.89
N LYS D 673 49.20 -36.06 -18.77
CA LYS D 673 49.22 -37.50 -18.52
C LYS D 673 48.90 -37.74 -17.05
N SER D 674 49.15 -38.96 -16.60
CA SER D 674 48.96 -39.32 -15.20
C SER D 674 49.91 -40.45 -14.85
N GLN D 675 50.15 -40.60 -13.55
CA GLN D 675 50.94 -41.73 -13.07
C GLN D 675 50.13 -43.02 -13.19
N SER D 676 50.84 -44.12 -13.42
CA SER D 676 50.17 -45.41 -13.62
C SER D 676 49.42 -45.86 -12.39
N GLY D 677 49.86 -45.42 -11.19
CA GLY D 677 49.24 -45.88 -9.96
C GLY D 677 47.95 -45.19 -9.59
N TYR D 678 47.56 -44.13 -10.30
CA TYR D 678 46.35 -43.38 -9.98
C TYR D 678 45.72 -42.89 -11.27
N GLU D 679 44.73 -42.02 -11.14
CA GLU D 679 44.06 -41.37 -12.25
C GLU D 679 44.17 -39.87 -12.08
N ALA D 680 43.81 -39.13 -13.14
CA ALA D 680 43.97 -37.68 -13.11
C ALA D 680 42.91 -37.01 -13.98
N TRP D 681 42.42 -35.87 -13.50
CA TRP D 681 41.54 -34.98 -14.24
C TRP D 681 42.24 -33.65 -14.45
N GLY D 682 42.12 -33.11 -15.66
CA GLY D 682 42.74 -31.85 -15.99
C GLY D 682 41.83 -30.93 -16.79
N ASP D 683 41.85 -29.64 -16.45
CA ASP D 683 40.98 -28.67 -17.12
C ASP D 683 41.58 -27.28 -16.97
N ASN D 684 41.13 -26.37 -17.83
CA ASN D 684 41.53 -24.97 -17.81
C ASN D 684 43.04 -24.81 -17.96
N PHE D 685 43.54 -25.29 -19.10
CA PHE D 685 44.96 -25.19 -19.43
C PHE D 685 45.19 -23.86 -20.15
N ILE D 686 45.85 -22.92 -19.47
CA ILE D 686 46.12 -21.59 -20.02
C ILE D 686 47.61 -21.30 -19.87
N ILE D 687 48.22 -20.83 -20.95
CA ILE D 687 49.62 -20.41 -20.95
C ILE D 687 49.66 -18.98 -21.47
N LEU D 688 50.19 -18.07 -20.65
CA LEU D 688 50.10 -16.64 -20.91
C LEU D 688 51.49 -16.02 -21.02
N GLU D 689 51.60 -15.01 -21.87
CA GLU D 689 52.83 -14.24 -22.03
C GLU D 689 52.81 -13.09 -21.04
N CYS D 690 53.60 -13.22 -19.97
CA CYS D 690 53.68 -12.18 -18.96
C CYS D 690 54.82 -11.21 -19.26
N LYS D 691 54.88 -10.14 -18.48
CA LYS D 691 55.84 -9.06 -18.66
C LYS D 691 56.48 -8.68 -17.32
N ALA D 692 56.93 -9.68 -16.57
CA ALA D 692 57.52 -9.42 -15.26
C ALA D 692 58.79 -8.58 -15.40
N PHE D 693 59.01 -7.72 -14.42
CA PHE D 693 60.16 -6.82 -14.39
C PHE D 693 61.12 -7.21 -13.28
N GLU D 694 62.40 -6.98 -13.53
CA GLU D 694 63.46 -7.29 -12.59
C GLU D 694 64.10 -6.02 -12.06
N THR D 695 64.85 -6.15 -10.98
CA THR D 695 65.52 -5.01 -10.36
C THR D 695 66.76 -4.65 -11.16
N PRO D 696 66.88 -3.42 -11.65
CA PRO D 696 68.11 -3.02 -12.36
C PRO D 696 69.31 -3.03 -11.44
N GLU D 697 70.48 -3.32 -12.02
CA GLU D 697 71.71 -3.35 -11.24
C GLU D 697 72.06 -1.96 -10.71
N GLY D 698 71.91 -0.94 -11.53
CA GLY D 698 72.23 0.42 -11.14
C GLY D 698 73.59 0.85 -11.66
N PRO D 699 73.61 1.91 -12.46
CA PRO D 699 74.88 2.40 -13.00
C PRO D 699 75.81 2.92 -11.92
N GLU D 700 77.11 2.80 -12.18
CA GLU D 700 78.13 3.27 -11.26
C GLU D 700 78.32 4.77 -11.49
N LEU D 701 77.82 5.59 -10.55
CA LEU D 701 77.87 7.04 -10.73
C LEU D 701 79.30 7.56 -10.71
N ILE D 702 80.14 7.03 -9.82
CA ILE D 702 81.49 7.54 -9.59
C ILE D 702 82.49 6.51 -10.10
N LYS D 703 83.40 6.96 -10.96
CA LYS D 703 84.42 6.09 -11.51
C LYS D 703 85.77 6.79 -11.47
N PHE D 704 86.83 5.97 -11.47
CA PHE D 704 88.19 6.48 -11.31
C PHE D 704 88.75 6.98 -12.64
N ASP D 705 87.98 7.78 -13.36
CA ASP D 705 88.46 8.38 -14.61
C ASP D 705 88.07 9.84 -14.79
N ASP D 706 87.32 10.44 -13.87
CA ASP D 706 86.86 11.81 -14.02
C ASP D 706 87.15 12.64 -12.78
N TRP D 707 88.19 12.29 -12.03
CA TRP D 707 88.58 13.04 -10.84
C TRP D 707 89.28 14.32 -11.27
N ILE D 708 88.55 15.43 -11.26
CA ILE D 708 89.13 16.73 -11.58
C ILE D 708 89.84 17.27 -10.34
N SER D 709 91.13 16.95 -10.22
CA SER D 709 91.88 17.31 -9.02
C SER D 709 92.08 18.81 -8.93
N PHE D 710 91.94 19.34 -7.71
CA PHE D 710 92.18 20.74 -7.41
C PHE D 710 93.37 20.85 -6.46
N GLY D 711 94.20 21.87 -6.67
CA GLY D 711 95.36 22.04 -5.83
C GLY D 711 96.44 21.00 -6.13
N THR D 712 97.22 20.68 -5.10
CA THR D 712 98.32 19.74 -5.21
C THR D 712 97.91 18.41 -4.60
N THR D 713 98.05 17.33 -5.38
CA THR D 713 97.73 15.98 -4.93
C THR D 713 98.86 15.04 -5.30
N TYR D 714 98.97 13.95 -4.54
CA TYR D 714 100.03 12.95 -4.68
C TYR D 714 99.42 11.57 -4.85
N ILE D 715 98.47 11.45 -5.77
CA ILE D 715 97.75 10.20 -6.01
C ILE D 715 98.74 9.07 -6.29
N ARG D 716 98.73 8.06 -5.44
CA ARG D 716 99.64 6.91 -5.52
C ARG D 716 98.82 5.67 -5.83
N ASP D 717 99.01 5.12 -7.03
CA ASP D 717 98.29 3.92 -7.50
C ASP D 717 96.80 4.24 -7.43
N ASP D 718 95.98 3.42 -6.77
CA ASP D 718 94.55 3.68 -6.64
C ASP D 718 94.21 4.49 -5.40
N VAL D 719 95.20 4.92 -4.63
CA VAL D 719 94.97 5.64 -3.38
C VAL D 719 94.84 7.13 -3.67
N LEU D 720 93.77 7.73 -3.15
CA LEU D 720 93.57 9.18 -3.25
C LEU D 720 93.97 9.81 -1.93
N THR D 721 94.88 10.78 -1.98
CA THR D 721 95.40 11.43 -0.80
C THR D 721 95.15 12.93 -0.87
N ILE D 722 94.80 13.52 0.26
CA ILE D 722 94.51 14.93 0.35
C ILE D 722 95.76 15.67 0.82
N ASP D 723 95.77 16.99 0.64
CA ASP D 723 96.90 17.83 1.02
C ASP D 723 96.42 18.85 2.04
N PRO D 724 96.52 18.56 3.33
CA PRO D 724 96.15 19.55 4.35
C PRO D 724 97.06 20.77 4.29
N SER D 725 96.52 21.90 4.72
CA SER D 725 97.18 23.20 4.65
C SER D 725 97.47 23.63 3.22
N ARG D 726 96.74 23.06 2.25
CA ARG D 726 96.89 23.38 0.84
C ARG D 726 95.51 23.32 0.19
N GLY D 727 95.48 23.43 -1.13
CA GLY D 727 94.24 23.36 -1.87
C GLY D 727 94.00 21.99 -2.48
N GLY D 728 94.69 20.97 -1.95
CA GLY D 728 94.59 19.63 -2.51
C GLY D 728 93.39 18.85 -2.05
N TYR D 729 92.22 19.17 -2.59
CA TYR D 729 90.98 18.47 -2.27
C TYR D 729 90.38 17.89 -3.56
N PHE D 730 89.87 16.66 -3.45
CA PHE D 730 89.24 16.01 -4.60
C PHE D 730 87.80 16.49 -4.77
N ARG D 731 87.33 16.41 -6.00
CA ARG D 731 85.95 16.76 -6.32
C ARG D 731 85.56 16.08 -7.62
N GLN D 732 84.33 15.59 -7.68
CA GLN D 732 83.81 14.93 -8.88
C GLN D 732 82.30 15.05 -8.90
N SER D 733 81.76 15.37 -10.08
CA SER D 733 80.32 15.56 -10.21
C SER D 733 79.59 14.23 -10.11
N LEU D 734 78.33 14.30 -9.68
CA LEU D 734 77.47 13.14 -9.55
C LEU D 734 76.17 13.37 -10.31
N LYS D 735 75.75 12.39 -11.09
CA LYS D 735 74.50 12.48 -11.86
C LYS D 735 73.37 11.85 -11.03
N LEU D 736 73.00 12.57 -9.98
CA LEU D 736 71.97 12.10 -9.07
C LEU D 736 70.58 12.33 -9.66
N ASP D 737 69.57 11.77 -8.99
CA ASP D 737 68.20 11.82 -9.47
C ASP D 737 67.26 12.34 -8.39
N SER D 738 65.95 12.15 -8.60
CA SER D 738 64.94 12.55 -7.63
C SER D 738 64.91 11.55 -6.48
N TYR D 739 63.85 11.58 -5.67
CA TYR D 739 63.75 10.79 -4.45
C TYR D 739 64.25 9.37 -4.66
N SER D 740 65.32 9.01 -3.95
CA SER D 740 65.99 7.73 -4.11
C SER D 740 66.99 7.58 -2.99
N THR D 741 67.53 6.38 -2.86
CA THR D 741 68.54 6.06 -1.86
C THR D 741 69.81 5.58 -2.56
N TYR D 742 70.95 6.09 -2.13
CA TYR D 742 72.24 5.70 -2.69
C TYR D 742 73.13 5.16 -1.59
N ASN D 743 73.69 3.97 -1.81
CA ASN D 743 74.67 3.39 -0.90
C ASN D 743 76.06 3.79 -1.37
N LEU D 744 76.83 4.43 -0.48
CA LEU D 744 78.19 4.85 -0.77
C LEU D 744 79.14 4.10 0.16
N SER D 745 80.03 3.32 -0.43
CA SER D 745 81.02 2.56 0.32
C SER D 745 82.41 2.99 -0.12
N PHE D 746 83.26 3.30 0.86
CA PHE D 746 84.62 3.77 0.57
C PHE D 746 85.52 3.44 1.74
N SER D 747 86.82 3.43 1.47
CA SER D 747 87.84 3.22 2.48
C SER D 747 88.66 4.51 2.60
N PHE D 748 88.51 5.20 3.73
CA PHE D 748 89.18 6.47 3.94
C PHE D 748 90.02 6.41 5.21
N SER D 749 91.02 7.29 5.25
CA SER D 749 91.98 7.32 6.34
C SER D 749 92.57 8.73 6.43
N GLY D 750 93.37 8.94 7.46
CA GLY D 750 93.94 10.24 7.72
C GLY D 750 93.27 10.93 8.89
N LEU D 751 94.02 11.82 9.54
CA LEU D 751 93.51 12.50 10.72
C LEU D 751 92.44 13.51 10.31
N TRP D 752 91.21 13.30 10.79
CA TRP D 752 90.07 14.18 10.52
C TRP D 752 89.84 14.32 9.01
N ALA D 753 89.86 13.19 8.31
CA ALA D 753 89.55 13.17 6.89
C ALA D 753 88.03 13.27 6.71
N LYS D 754 87.59 14.30 5.99
CA LYS D 754 86.18 14.62 5.85
C LYS D 754 85.71 14.26 4.45
N VAL D 755 84.62 13.48 4.40
CA VAL D 755 83.96 13.07 3.16
C VAL D 755 82.58 13.71 3.16
N ILE D 756 82.27 14.46 2.11
CA ILE D 756 81.03 15.24 2.04
C ILE D 756 80.39 15.03 0.67
N ILE D 757 79.07 14.91 0.65
CA ILE D 757 78.28 15.06 -0.56
C ILE D 757 77.68 16.45 -0.51
N LYS D 758 78.13 17.34 -1.39
CA LYS D 758 77.85 18.76 -1.27
C LYS D 758 77.20 19.31 -2.54
N ASN D 759 76.22 20.19 -2.34
CA ASN D 759 75.58 20.94 -3.40
C ASN D 759 76.37 22.22 -3.65
N SER D 760 76.18 22.79 -4.86
CA SER D 760 76.85 24.04 -5.20
C SER D 760 76.44 25.16 -4.26
N HIS D 761 75.15 25.22 -3.90
CA HIS D 761 74.66 26.25 -3.00
C HIS D 761 75.09 26.03 -1.55
N GLY D 762 75.46 24.80 -1.19
CA GLY D 762 75.93 24.54 0.15
C GLY D 762 75.15 23.48 0.90
N VAL D 763 74.26 22.77 0.20
CA VAL D 763 73.46 21.73 0.82
C VAL D 763 74.29 20.45 0.92
N VAL D 764 74.33 19.87 2.11
CA VAL D 764 75.10 18.66 2.39
C VAL D 764 74.14 17.52 2.66
N LEU D 765 74.29 16.42 1.92
CA LEU D 765 73.45 15.25 2.08
C LEU D 765 74.09 14.16 2.92
N PHE D 766 75.42 14.14 3.02
CA PHE D 766 76.12 13.10 3.76
C PHE D 766 77.50 13.62 4.14
N GLU D 767 77.92 13.34 5.37
CA GLU D 767 79.22 13.76 5.86
C GLU D 767 79.77 12.70 6.80
N LYS D 768 81.09 12.51 6.75
CA LYS D 768 81.76 11.55 7.63
C LYS D 768 83.18 11.99 7.89
N VAL D 769 83.59 11.95 9.16
CA VAL D 769 84.93 12.32 9.58
C VAL D 769 85.47 11.22 10.49
N SER D 770 86.70 10.79 10.24
CA SER D 770 87.32 9.75 11.05
C SER D 770 87.94 10.35 12.31
N GLN D 771 87.77 9.65 13.43
CA GLN D 771 88.34 10.12 14.69
C GLN D 771 89.86 10.14 14.63
N GLN D 772 90.46 9.11 14.05
CA GLN D 772 91.92 9.06 13.85
C GLN D 772 92.20 8.68 12.41
N SER D 773 93.46 8.40 12.08
CA SER D 773 93.78 8.04 10.70
C SER D 773 93.25 6.65 10.37
N SER D 774 93.79 5.63 11.03
CA SER D 774 93.39 4.23 10.91
C SER D 774 93.22 3.86 9.42
N TYR D 775 92.33 2.91 9.12
CA TYR D 775 91.92 2.63 7.75
C TYR D 775 90.44 2.28 7.68
N VAL D 776 89.62 2.86 8.56
CA VAL D 776 88.23 2.46 8.68
C VAL D 776 87.48 2.75 7.38
N ASP D 777 86.54 1.88 7.04
CA ASP D 777 85.71 2.03 5.86
C ASP D 777 84.26 2.28 6.27
N ILE D 778 83.57 3.12 5.50
CA ILE D 778 82.20 3.51 5.79
C ILE D 778 81.32 3.08 4.62
N SER D 779 80.21 2.42 4.94
CA SER D 779 79.24 1.95 3.96
C SER D 779 77.85 2.48 4.28
N GLU D 780 77.76 3.77 4.58
CA GLU D 780 76.50 4.41 4.93
C GLU D 780 75.82 4.95 3.68
N SER D 781 74.49 4.99 3.72
CA SER D 781 73.67 5.44 2.61
C SER D 781 73.18 6.86 2.83
N PHE D 782 72.62 7.44 1.76
CA PHE D 782 72.06 8.78 1.82
C PHE D 782 70.90 8.88 0.84
N THR D 783 70.20 10.02 0.90
CA THR D 783 68.99 10.23 0.11
C THR D 783 69.02 11.62 -0.51
N THR D 784 68.72 11.70 -1.80
CA THR D 784 68.60 12.96 -2.51
C THR D 784 67.11 13.28 -2.66
N THR D 785 66.61 14.18 -1.81
CA THR D 785 65.17 14.40 -1.71
C THR D 785 64.57 14.97 -2.99
N SER D 786 64.87 16.21 -3.32
CA SER D 786 64.17 16.85 -4.43
C SER D 786 65.03 17.75 -5.31
N ASN D 787 66.34 17.85 -5.08
CA ASN D 787 67.13 18.83 -5.82
C ASN D 787 67.33 18.41 -7.27
N LYS D 788 68.04 17.30 -7.48
CA LYS D 788 68.32 16.78 -8.82
C LYS D 788 68.88 17.87 -9.74
N GLU D 789 69.74 18.72 -9.19
CA GLU D 789 70.34 19.81 -9.94
C GLU D 789 71.86 19.69 -10.06
N GLY D 790 72.55 19.52 -8.94
CA GLY D 790 73.99 19.38 -8.97
C GLY D 790 74.58 19.00 -7.62
N PHE D 791 75.43 17.99 -7.61
CA PHE D 791 76.09 17.56 -6.38
C PHE D 791 77.48 17.05 -6.73
N PHE D 792 78.37 17.07 -5.73
CA PHE D 792 79.73 16.60 -5.94
C PHE D 792 80.24 15.97 -4.65
N ILE D 793 81.26 15.11 -4.82
CA ILE D 793 81.87 14.42 -3.70
C ILE D 793 83.17 15.14 -3.34
N GLU D 794 83.24 15.62 -2.11
CA GLU D 794 84.37 16.40 -1.61
C GLU D 794 85.13 15.57 -0.58
N LEU D 795 86.42 15.37 -0.82
CA LEU D 795 87.32 14.70 0.10
C LEU D 795 88.35 15.73 0.55
N THR D 796 88.32 16.09 1.82
CA THR D 796 89.20 17.15 2.32
C THR D 796 89.54 16.86 3.77
N GLY D 797 90.07 17.88 4.46
CA GLY D 797 90.36 17.75 5.87
C GLY D 797 90.45 19.08 6.58
N ASP D 798 89.70 19.24 7.67
CA ASP D 798 89.78 20.47 8.46
C ASP D 798 91.13 20.58 9.15
N SER D 799 91.64 19.47 9.69
CA SER D 799 92.94 19.48 10.34
C SER D 799 94.04 19.63 9.29
N ARG D 800 94.96 20.56 9.55
CA ARG D 800 96.07 20.82 8.64
C ARG D 800 97.29 19.97 9.01
N GLY D 801 97.08 18.66 8.99
CA GLY D 801 98.10 17.73 9.45
C GLY D 801 98.48 16.64 8.46
N GLY D 802 98.36 15.38 8.88
CA GLY D 802 98.82 14.28 8.07
C GLY D 802 97.98 14.05 6.83
N PHE D 803 98.61 13.38 5.86
CA PHE D 803 97.94 13.09 4.60
C PHE D 803 96.90 11.98 4.79
N GLY D 804 95.70 12.21 4.26
CA GLY D 804 94.66 11.20 4.28
C GLY D 804 94.79 10.20 3.16
N SER D 805 93.93 9.20 3.19
CA SER D 805 93.87 8.17 2.17
C SER D 805 92.43 7.94 1.73
N PHE D 806 92.24 7.66 0.45
CA PHE D 806 90.93 7.38 -0.09
C PHE D 806 91.03 6.33 -1.18
N ARG D 807 90.25 5.27 -1.07
CA ARG D 807 90.29 4.20 -2.06
C ARG D 807 88.96 3.48 -2.08
N ASP D 808 88.63 2.89 -3.24
CA ASP D 808 87.46 2.04 -3.42
C ASP D 808 86.16 2.79 -3.10
N PHE D 809 85.98 3.91 -3.79
CA PHE D 809 84.73 4.66 -3.70
C PHE D 809 83.69 4.07 -4.63
N SER D 810 82.55 3.67 -4.07
CA SER D 810 81.48 3.04 -4.85
C SER D 810 80.15 3.61 -4.39
N MET D 811 79.42 4.24 -5.31
CA MET D 811 78.11 4.81 -5.04
C MET D 811 77.11 4.18 -5.99
N LYS D 812 76.18 3.38 -5.44
CA LYS D 812 75.20 2.67 -6.24
C LYS D 812 73.80 2.93 -5.70
N GLU D 813 72.86 3.14 -6.61
CA GLU D 813 71.47 3.35 -6.21
C GLU D 813 70.87 2.04 -5.71
N LYS D 814 70.10 2.12 -4.62
CA LYS D 814 69.44 0.97 -4.03
C LYS D 814 67.98 0.92 -4.48
N PHE D 815 67.52 -0.27 -4.82
CA PHE D 815 66.14 -0.47 -5.23
C PHE D 815 65.40 -1.42 -4.29
#